data_9IQO
#
_entry.id   9IQO
#
_cell.length_a   1.00
_cell.length_b   1.00
_cell.length_c   1.00
_cell.angle_alpha   90.00
_cell.angle_beta   90.00
_cell.angle_gamma   90.00
#
_symmetry.space_group_name_H-M   'P 1'
#
loop_
_entity.id
_entity.type
_entity.pdbx_description
1 polymer 'Ribulose bisphosphate carboxylase large chain'
2 polymer 'Ribulose bisphosphate carboxylase small subunit'
#
loop_
_entity_poly.entity_id
_entity_poly.type
_entity_poly.pdbx_seq_one_letter_code
_entity_poly.pdbx_strand_id
1 'polypeptide(L)'
;KTYSAGVKEYRETYWMPNYTPKDTDILACFKITPQPGVPREEAAAAVAAESSTGTWTTVWTDLLTDLDYYKGRAYAIEDV
PGDDTCFYAFIAYPIDLFEEGSVVNVFTSLVGNVFGFKAVRALRLEDVRFPIAYVMTCNGPPHGIQVERDILNKYGRPLL
GCTIKPKLGLSAKNYGRAVYECLRGGLDFTKDDENVNSQPFMRWRQRFDFVMEAIDKAERETGERKGHYLNVTAPTPEEM
YKRAEYAKEIGAPIIMHDYITGGFCANTGLAQWCRNNGVLLHIHRAMHAVLDRNPHHGIHFRVLTKILRLSGGDHLHTGT
VVGKLEGDRQATLGWIDLLRESYVKEDRSRGIFFDQDWGAMPGAFAVASGGIHVWHMPALVTIFGDDSVLQFGGGTLGHP
WGNAAGACANRVALEACIEARNQGIPIEKEGKEVLTKAAAHSPELKIAMETWKEIK
;
A,C,D,B,H,E,F,G
2 'polypeptide(L)'
;MQDYNSSLEDVNSRKFGTFSYLPAMDAERIRKQVEYIVSKGWNPAIEHTEPEHAFDHYWYMWKLPMFGETNVDAILKEAE
ACHKAHPNNHVRLIGYDNYAQTKGAEMVIYRGK
;
a,c,d,b,h,e,f,g
#
# COMPACT_ATOMS: atom_id res chain seq x y z
N LYS A 1 18.88 16.30 49.14
CA LYS A 1 19.81 15.18 49.06
C LYS A 1 20.98 15.52 48.14
N THR A 2 22.18 15.12 48.55
CA THR A 2 23.40 15.40 47.83
C THR A 2 23.94 14.11 47.21
N TYR A 3 24.91 14.26 46.33
CA TYR A 3 25.52 13.12 45.67
C TYR A 3 26.74 12.65 46.46
N SER A 4 26.70 11.39 46.89
CA SER A 4 27.82 10.75 47.56
C SER A 4 28.05 9.40 46.89
N ALA A 5 29.13 9.30 46.12
CA ALA A 5 29.44 8.07 45.41
C ALA A 5 29.78 6.95 46.38
N GLY A 6 29.54 5.73 45.94
CA GLY A 6 29.85 4.55 46.71
C GLY A 6 28.66 3.64 46.89
N VAL A 7 28.94 2.45 47.42
CA VAL A 7 27.94 1.42 47.61
C VAL A 7 27.24 1.64 48.95
N LYS A 8 25.91 1.56 48.93
CA LYS A 8 25.11 1.65 50.14
C LYS A 8 24.10 0.52 50.18
N GLU A 9 23.62 0.24 51.39
CA GLU A 9 22.63 -0.82 51.58
C GLU A 9 21.29 -0.41 50.98
N TYR A 10 20.54 -1.42 50.54
CA TYR A 10 19.21 -1.20 49.98
C TYR A 10 18.14 -0.99 51.05
N ARG A 11 18.40 -1.38 52.29
CA ARG A 11 17.35 -1.40 53.30
C ARG A 11 16.87 -0.01 53.66
N GLU A 12 17.77 0.97 53.75
CA GLU A 12 17.37 2.27 54.26
C GLU A 12 16.46 3.03 53.29
N THR A 13 16.52 2.72 52.00
CA THR A 13 15.71 3.42 51.01
C THR A 13 14.54 2.60 50.50
N TYR A 14 14.76 1.31 50.24
CA TYR A 14 13.76 0.48 49.58
C TYR A 14 12.97 -0.39 50.54
N TRP A 15 13.12 -0.20 51.84
CA TRP A 15 12.32 -0.90 52.84
C TRP A 15 11.53 0.12 53.63
N MET A 16 10.22 0.16 53.40
CA MET A 16 9.32 1.12 54.04
C MET A 16 8.17 0.36 54.69
N PRO A 17 8.38 -0.14 55.91
CA PRO A 17 7.32 -0.93 56.57
C PRO A 17 6.05 -0.15 56.85
N ASN A 18 6.11 1.18 56.88
CA ASN A 18 4.93 1.99 57.14
C ASN A 18 4.23 2.46 55.87
N TYR A 19 4.72 2.06 54.69
CA TYR A 19 4.10 2.48 53.45
C TYR A 19 2.74 1.82 53.30
N THR A 20 1.74 2.61 52.94
CA THR A 20 0.42 2.10 52.64
C THR A 20 0.25 2.04 51.13
N PRO A 21 0.04 0.87 50.55
CA PRO A 21 -0.07 0.78 49.08
C PRO A 21 -1.21 1.65 48.56
N LYS A 22 -0.94 2.33 47.45
CA LYS A 22 -1.97 3.11 46.79
C LYS A 22 -2.86 2.21 45.94
N ASP A 23 -4.06 2.71 45.63
CA ASP A 23 -4.99 1.95 44.82
C ASP A 23 -4.47 1.73 43.41
N THR A 24 -3.52 2.53 42.95
CA THR A 24 -2.94 2.37 41.63
C THR A 24 -1.62 1.63 41.63
N ASP A 25 -1.11 1.23 42.79
CA ASP A 25 0.16 0.53 42.85
C ASP A 25 0.02 -0.89 42.30
N ILE A 26 1.06 -1.35 41.61
CA ILE A 26 1.20 -2.76 41.33
C ILE A 26 1.87 -3.40 42.54
N LEU A 27 1.23 -4.42 43.11
CA LEU A 27 1.75 -5.11 44.27
C LEU A 27 2.27 -6.48 43.87
N ALA A 28 3.39 -6.88 44.45
CA ALA A 28 3.98 -8.18 44.18
C ALA A 28 4.28 -8.88 45.50
N CYS A 29 4.06 -10.18 45.53
CA CYS A 29 4.44 -11.02 46.66
C CYS A 29 5.55 -11.95 46.20
N PHE A 30 6.69 -11.90 46.88
CA PHE A 30 7.84 -12.73 46.56
C PHE A 30 8.11 -13.65 47.73
N LYS A 31 8.10 -14.96 47.49
CA LYS A 31 8.62 -15.90 48.46
C LYS A 31 10.14 -15.95 48.30
N ILE A 32 10.84 -15.46 49.31
CA ILE A 32 12.29 -15.25 49.26
C ILE A 32 12.93 -16.30 50.15
N THR A 33 13.87 -17.07 49.59
CA THR A 33 14.78 -17.90 50.33
C THR A 33 16.11 -17.18 50.35
N PRO A 34 16.43 -16.44 51.40
CA PRO A 34 17.59 -15.55 51.36
C PRO A 34 18.90 -16.29 51.57
N GLN A 35 19.97 -15.69 51.09
CA GLN A 35 21.32 -16.16 51.35
C GLN A 35 21.62 -16.07 52.84
N PRO A 36 22.27 -17.07 53.42
CA PRO A 36 22.53 -17.04 54.86
C PRO A 36 23.32 -15.80 55.28
N GLY A 37 22.94 -15.24 56.42
CA GLY A 37 23.55 -14.03 56.91
C GLY A 37 22.88 -12.75 56.46
N VAL A 38 22.05 -12.81 55.42
CA VAL A 38 21.36 -11.63 54.91
C VAL A 38 20.05 -11.48 55.67
N PRO A 39 19.81 -10.36 56.34
CA PRO A 39 18.54 -10.19 57.05
C PRO A 39 17.37 -10.10 56.09
N ARG A 40 16.18 -10.41 56.60
CA ARG A 40 14.99 -10.45 55.76
C ARG A 40 14.71 -9.10 55.12
N GLU A 41 14.80 -8.02 55.90
CA GLU A 41 14.52 -6.69 55.35
C GLU A 41 15.49 -6.32 54.26
N GLU A 42 16.77 -6.68 54.42
CA GLU A 42 17.74 -6.39 53.38
C GLU A 42 17.42 -7.14 52.10
N ALA A 43 17.01 -8.41 52.21
CA ALA A 43 16.67 -9.18 51.03
C ALA A 43 15.44 -8.59 50.33
N ALA A 44 14.42 -8.25 51.10
CA ALA A 44 13.22 -7.67 50.51
C ALA A 44 13.52 -6.33 49.83
N ALA A 45 14.31 -5.49 50.49
CA ALA A 45 14.67 -4.20 49.91
C ALA A 45 15.53 -4.38 48.67
N ALA A 46 16.41 -5.38 48.67
CA ALA A 46 17.20 -5.66 47.48
C ALA A 46 16.31 -6.08 46.32
N VAL A 47 15.31 -6.92 46.59
CA VAL A 47 14.39 -7.33 45.53
C VAL A 47 13.66 -6.11 44.99
N ALA A 48 13.16 -5.26 45.89
CA ALA A 48 12.43 -4.07 45.46
C ALA A 48 13.32 -3.15 44.61
N ALA A 49 14.55 -2.92 45.07
CA ALA A 49 15.45 -2.02 44.37
C ALA A 49 15.82 -2.56 42.99
N GLU A 50 16.21 -3.84 42.93
CA GLU A 50 16.65 -4.40 41.67
C GLU A 50 15.48 -4.54 40.69
N SER A 51 14.26 -4.66 41.21
CA SER A 51 13.10 -4.75 40.34
C SER A 51 12.57 -3.39 39.90
N SER A 52 12.88 -2.29 40.60
CA SER A 52 12.29 -1.04 40.14
C SER A 52 13.27 0.02 39.64
N THR A 53 14.10 0.55 40.52
CA THR A 53 14.96 1.69 40.18
C THR A 53 16.34 1.58 40.80
N GLY A 54 16.63 0.52 41.51
CA GLY A 54 17.88 0.43 42.25
C GLY A 54 19.08 0.18 41.36
N THR A 55 20.24 0.44 41.93
CA THR A 55 21.53 0.17 41.30
C THR A 55 22.53 -0.16 42.39
N TRP A 56 23.54 -0.95 42.03
CA TRP A 56 24.45 -1.50 43.03
C TRP A 56 25.30 -0.44 43.71
N THR A 57 25.49 0.71 43.09
CA THR A 57 26.24 1.81 43.68
C THR A 57 25.50 3.11 43.42
N THR A 58 25.70 4.08 44.30
CA THR A 58 24.98 5.35 44.16
C THR A 58 25.37 6.06 42.87
N VAL A 59 24.36 6.55 42.15
CA VAL A 59 24.57 7.28 40.91
C VAL A 59 23.96 8.67 41.07
N TRP A 60 24.65 9.67 40.51
CA TRP A 60 24.21 11.05 40.64
C TRP A 60 22.93 11.33 39.88
N THR A 61 22.67 10.59 38.80
CA THR A 61 21.47 10.83 38.01
C THR A 61 20.20 10.59 38.81
N ASP A 62 20.29 9.80 39.89
CA ASP A 62 19.15 9.64 40.78
C ASP A 62 18.62 10.98 41.26
N LEU A 63 19.51 11.95 41.46
CA LEU A 63 19.10 13.24 42.00
C LEU A 63 18.48 14.13 40.94
N LEU A 64 18.48 13.71 39.67
CA LEU A 64 17.75 14.45 38.65
C LEU A 64 16.26 14.14 38.66
N THR A 65 15.83 13.14 39.41
CA THR A 65 14.44 12.72 39.43
C THR A 65 14.01 12.48 40.88
N ASP A 66 12.75 12.11 41.04
CA ASP A 66 12.15 11.92 42.36
C ASP A 66 12.14 10.44 42.68
N LEU A 67 13.27 9.94 43.19
CA LEU A 67 13.37 8.55 43.59
C LEU A 67 12.40 8.18 44.69
N ASP A 68 12.06 9.11 45.58
CA ASP A 68 11.11 8.81 46.63
C ASP A 68 9.76 8.40 46.06
N TYR A 69 9.42 8.89 44.88
CA TYR A 69 8.17 8.49 44.26
C TYR A 69 8.33 7.24 43.40
N TYR A 70 9.31 7.24 42.50
CA TYR A 70 9.36 6.21 41.47
C TYR A 70 9.79 4.85 41.98
N LYS A 71 10.49 4.79 43.11
CA LYS A 71 11.07 3.53 43.55
C LYS A 71 9.99 2.51 43.93
N GLY A 72 10.31 1.24 43.73
CA GLY A 72 9.55 0.17 44.35
C GLY A 72 10.01 -0.02 45.78
N ARG A 73 9.08 -0.38 46.65
CA ARG A 73 9.37 -0.45 48.08
C ARG A 73 8.76 -1.70 48.68
N ALA A 74 9.53 -2.39 49.51
CA ALA A 74 9.00 -3.48 50.31
C ALA A 74 8.31 -2.90 51.54
N TYR A 75 7.06 -3.25 51.75
CA TYR A 75 6.27 -2.68 52.82
C TYR A 75 5.80 -3.70 53.85
N ALA A 76 6.04 -4.98 53.63
CA ALA A 76 5.60 -5.99 54.58
C ALA A 76 6.41 -7.26 54.39
N ILE A 77 6.65 -7.95 55.49
CA ILE A 77 7.28 -9.26 55.50
C ILE A 77 6.44 -10.18 56.38
N GLU A 78 6.15 -11.37 55.87
CA GLU A 78 5.40 -12.37 56.61
C GLU A 78 6.15 -13.70 56.57
N ASP A 79 5.81 -14.57 57.51
CA ASP A 79 6.37 -15.91 57.54
C ASP A 79 5.58 -16.82 56.61
N VAL A 80 6.27 -17.70 55.91
CA VAL A 80 5.61 -18.70 55.07
C VAL A 80 5.05 -19.79 55.99
N PRO A 81 3.74 -20.05 55.97
CA PRO A 81 3.19 -21.13 56.80
C PRO A 81 3.83 -22.47 56.50
N GLY A 82 4.37 -23.11 57.52
CA GLY A 82 5.11 -24.34 57.30
C GLY A 82 6.60 -24.07 57.15
N ASP A 83 7.06 -23.96 55.91
CA ASP A 83 8.49 -23.77 55.62
C ASP A 83 9.02 -22.50 56.29
N ASP A 84 10.15 -22.62 56.98
CA ASP A 84 10.76 -21.49 57.65
C ASP A 84 12.06 -21.02 56.99
N THR A 85 12.45 -21.65 55.89
CA THR A 85 13.65 -21.20 55.18
C THR A 85 13.37 -19.99 54.30
N CYS A 86 12.09 -19.71 54.06
CA CYS A 86 11.68 -18.61 53.20
C CYS A 86 10.69 -17.70 53.91
N PHE A 87 10.44 -16.55 53.31
CA PHE A 87 9.47 -15.59 53.84
C PHE A 87 8.81 -14.85 52.69
N TYR A 88 7.61 -14.35 52.93
CA TYR A 88 6.87 -13.57 51.95
C TYR A 88 7.27 -12.11 52.11
N ALA A 89 7.64 -11.47 51.01
CA ALA A 89 7.89 -10.03 50.97
C ALA A 89 6.87 -9.38 50.04
N PHE A 90 6.24 -8.32 50.51
CA PHE A 90 5.24 -7.60 49.73
C PHE A 90 5.85 -6.28 49.28
N ILE A 91 5.86 -6.05 47.98
CA ILE A 91 6.51 -4.90 47.38
C ILE A 91 5.50 -4.12 46.55
N ALA A 92 5.54 -2.81 46.67
CA ALA A 92 4.64 -1.93 45.92
C ALA A 92 5.44 -1.14 44.90
N TYR A 93 4.89 -1.03 43.69
CA TYR A 93 5.51 -0.30 42.61
C TYR A 93 4.49 0.74 42.13
N PRO A 94 4.87 1.99 42.01
CA PRO A 94 3.95 2.98 41.45
C PRO A 94 3.61 2.63 40.01
N ILE A 95 2.37 2.95 39.63
CA ILE A 95 1.90 2.63 38.29
C ILE A 95 2.71 3.34 37.22
N ASP A 96 3.35 4.47 37.55
CA ASP A 96 4.13 5.22 36.57
C ASP A 96 5.33 4.44 36.06
N LEU A 97 5.78 3.42 36.78
CA LEU A 97 6.97 2.69 36.39
C LEU A 97 6.78 1.88 35.11
N PHE A 98 5.55 1.66 34.67
CA PHE A 98 5.28 0.70 33.64
C PHE A 98 4.63 1.36 32.43
N GLU A 99 4.98 0.84 31.25
CA GLU A 99 4.25 1.21 30.05
C GLU A 99 2.82 0.70 30.15
N GLU A 100 1.87 1.56 29.79
CA GLU A 100 0.47 1.18 29.82
C GLU A 100 0.19 0.07 28.81
N GLY A 101 -0.67 -0.86 29.21
CA GLY A 101 -1.08 -1.92 28.30
C GLY A 101 0.05 -2.79 27.83
N SER A 102 1.04 -3.04 28.69
CA SER A 102 2.22 -3.82 28.33
C SER A 102 2.49 -4.84 29.42
N VAL A 103 1.92 -6.04 29.29
CA VAL A 103 2.31 -7.12 30.18
C VAL A 103 3.78 -7.46 29.98
N VAL A 104 4.30 -7.21 28.79
CA VAL A 104 5.73 -7.42 28.54
C VAL A 104 6.55 -6.57 29.50
N ASN A 105 6.19 -5.29 29.62
CA ASN A 105 6.97 -4.38 30.46
C ASN A 105 6.84 -4.74 31.94
N VAL A 106 5.62 -5.00 32.40
CA VAL A 106 5.42 -5.33 33.81
C VAL A 106 6.16 -6.61 34.16
N PHE A 107 6.05 -7.60 33.28
CA PHE A 107 6.74 -8.88 33.49
C PHE A 107 8.24 -8.69 33.52
N THR A 108 8.78 -7.94 32.56
CA THR A 108 10.22 -7.70 32.52
C THR A 108 10.69 -6.99 33.78
N SER A 109 9.91 -6.01 34.24
CA SER A 109 10.30 -5.28 35.44
C SER A 109 10.29 -6.17 36.67
N LEU A 110 9.27 -7.02 36.80
CA LEU A 110 9.15 -7.81 38.02
C LEU A 110 10.13 -8.96 38.04
N VAL A 111 10.30 -9.68 36.93
CA VAL A 111 11.06 -10.92 36.92
C VAL A 111 12.34 -10.80 36.11
N GLY A 112 12.71 -9.60 35.67
CA GLY A 112 13.81 -9.47 34.73
C GLY A 112 15.16 -9.89 35.30
N ASN A 113 15.49 -9.43 36.51
CA ASN A 113 16.81 -9.68 37.04
C ASN A 113 16.86 -10.10 38.50
N VAL A 114 15.78 -9.93 39.27
CA VAL A 114 15.85 -10.23 40.70
C VAL A 114 16.02 -11.71 40.98
N PHE A 115 15.64 -12.59 40.05
CA PHE A 115 15.73 -14.02 40.32
C PHE A 115 17.16 -14.52 40.33
N GLY A 116 18.09 -13.78 39.73
CA GLY A 116 19.49 -14.10 39.77
C GLY A 116 20.30 -13.32 40.78
N PHE A 117 19.65 -12.59 41.66
CA PHE A 117 20.37 -11.75 42.62
C PHE A 117 21.02 -12.62 43.69
N LYS A 118 22.31 -12.34 43.95
CA LYS A 118 23.09 -13.20 44.85
C LYS A 118 22.61 -13.13 46.29
N ALA A 119 21.87 -12.09 46.67
CA ALA A 119 21.42 -11.96 48.05
C ALA A 119 20.35 -12.98 48.41
N VAL A 120 19.76 -13.66 47.45
CA VAL A 120 18.72 -14.65 47.71
C VAL A 120 19.17 -16.00 47.18
N ARG A 121 18.92 -17.05 47.96
CA ARG A 121 19.15 -18.40 47.45
C ARG A 121 18.12 -18.75 46.40
N ALA A 122 16.84 -18.44 46.66
CA ALA A 122 15.79 -18.75 45.70
C ALA A 122 14.71 -17.68 45.80
N LEU A 123 13.92 -17.56 44.74
CA LEU A 123 12.92 -16.52 44.68
C LEU A 123 11.74 -17.04 43.87
N ARG A 124 10.54 -16.87 44.39
CA ARG A 124 9.34 -17.24 43.65
C ARG A 124 8.35 -16.09 43.67
N LEU A 125 7.93 -15.64 42.49
CA LEU A 125 6.88 -14.64 42.41
C LEU A 125 5.55 -15.35 42.62
N GLU A 126 4.92 -15.11 43.77
CA GLU A 126 3.70 -15.81 44.12
C GLU A 126 2.46 -15.14 43.54
N ASP A 127 2.38 -13.82 43.63
CA ASP A 127 1.17 -13.12 43.20
C ASP A 127 1.52 -11.69 42.85
N VAL A 128 0.72 -11.12 41.96
CA VAL A 128 0.86 -9.72 41.54
C VAL A 128 -0.53 -9.09 41.57
N ARG A 129 -0.64 -7.93 42.22
CA ARG A 129 -1.88 -7.17 42.21
C ARG A 129 -1.81 -6.16 41.08
N PHE A 130 -2.60 -6.39 40.03
CA PHE A 130 -2.73 -5.39 38.98
C PHE A 130 -3.86 -4.46 39.34
N PRO A 131 -3.60 -3.18 39.58
CA PRO A 131 -4.70 -2.26 39.91
C PRO A 131 -5.65 -2.13 38.73
N ILE A 132 -6.91 -1.83 39.03
CA ILE A 132 -7.90 -1.71 37.97
C ILE A 132 -7.49 -0.65 36.97
N ALA A 133 -6.81 0.40 37.41
CA ALA A 133 -6.34 1.43 36.50
C ALA A 133 -5.39 0.85 35.46
N TYR A 134 -4.51 -0.06 35.87
CA TYR A 134 -3.64 -0.68 34.89
C TYR A 134 -4.38 -1.73 34.07
N VAL A 135 -5.31 -2.46 34.70
CA VAL A 135 -6.06 -3.48 33.98
C VAL A 135 -6.79 -2.87 32.79
N MET A 136 -7.36 -1.68 32.99
CA MET A 136 -8.13 -1.05 31.91
C MET A 136 -7.27 -0.58 30.75
N THR A 137 -5.94 -0.52 30.91
CA THR A 137 -5.08 -0.19 29.78
C THR A 137 -4.74 -1.40 28.92
N CYS A 138 -5.07 -2.60 29.37
CA CYS A 138 -4.74 -3.81 28.64
C CYS A 138 -5.94 -4.29 27.83
N ASN A 139 -5.67 -4.90 26.68
CA ASN A 139 -6.76 -5.33 25.81
C ASN A 139 -7.58 -6.45 26.43
N GLY A 140 -6.93 -7.36 27.15
CA GLY A 140 -7.62 -8.48 27.73
C GLY A 140 -8.04 -9.48 26.67
N PRO A 141 -8.90 -10.43 27.05
CA PRO A 141 -9.35 -11.44 26.09
C PRO A 141 -10.01 -10.79 24.89
N PRO A 142 -9.75 -11.28 23.68
CA PRO A 142 -10.42 -10.70 22.52
C PRO A 142 -11.93 -10.77 22.59
N HIS A 143 -12.47 -11.86 23.15
CA HIS A 143 -13.92 -11.98 23.23
C HIS A 143 -14.42 -12.28 24.64
N GLY A 144 -13.79 -13.23 25.32
CA GLY A 144 -14.24 -13.63 26.63
C GLY A 144 -15.35 -14.68 26.58
N ILE A 145 -15.72 -15.15 27.77
CA ILE A 145 -16.58 -16.34 27.87
C ILE A 145 -17.94 -16.09 27.23
N GLN A 146 -18.59 -15.00 27.61
CA GLN A 146 -19.97 -14.79 27.16
C GLN A 146 -20.03 -14.53 25.66
N VAL A 147 -19.12 -13.70 25.16
CA VAL A 147 -19.09 -13.42 23.72
C VAL A 147 -18.80 -14.69 22.95
N GLU A 148 -17.88 -15.52 23.47
CA GLU A 148 -17.57 -16.77 22.79
C GLU A 148 -18.75 -17.72 22.77
N ARG A 149 -19.48 -17.82 23.89
CA ARG A 149 -20.66 -18.67 23.89
C ARG A 149 -21.70 -18.17 22.90
N ASP A 150 -21.85 -16.85 22.79
CA ASP A 150 -22.78 -16.30 21.82
C ASP A 150 -22.34 -16.61 20.39
N ILE A 151 -21.04 -16.49 20.12
CA ILE A 151 -20.52 -16.78 18.78
C ILE A 151 -20.73 -18.24 18.43
N LEU A 152 -20.43 -19.13 19.35
CA LEU A 152 -20.52 -20.56 19.10
C LEU A 152 -21.92 -21.11 19.31
N ASN A 153 -22.81 -20.33 19.91
CA ASN A 153 -24.17 -20.78 20.20
C ASN A 153 -24.17 -22.04 21.06
N LYS A 154 -23.34 -22.04 22.11
CA LYS A 154 -23.22 -23.17 23.01
C LYS A 154 -23.39 -22.69 24.44
N TYR A 155 -24.36 -23.26 25.15
CA TYR A 155 -24.72 -22.77 26.48
C TYR A 155 -24.98 -23.95 27.41
N GLY A 156 -24.82 -23.68 28.70
CA GLY A 156 -25.26 -24.59 29.73
C GLY A 156 -24.39 -25.80 29.95
N ARG A 157 -23.18 -25.82 29.41
CA ARG A 157 -22.30 -26.97 29.58
C ARG A 157 -20.88 -26.54 29.26
N PRO A 158 -19.90 -27.26 29.77
CA PRO A 158 -18.52 -27.07 29.28
C PRO A 158 -18.44 -27.46 27.82
N LEU A 159 -17.50 -26.83 27.12
CA LEU A 159 -17.20 -27.23 25.76
C LEU A 159 -16.26 -28.42 25.77
N LEU A 160 -16.30 -29.21 24.70
CA LEU A 160 -15.49 -30.42 24.58
C LEU A 160 -14.51 -30.26 23.43
N GLY A 161 -13.25 -30.60 23.69
CA GLY A 161 -12.21 -30.54 22.68
C GLY A 161 -11.38 -31.80 22.67
N CYS A 162 -10.44 -31.84 21.74
CA CYS A 162 -9.55 -32.98 21.58
C CYS A 162 -8.34 -32.55 20.78
N THR A 163 -7.15 -32.75 21.34
CA THR A 163 -5.92 -32.56 20.57
C THR A 163 -5.73 -33.75 19.64
N ILE A 164 -5.45 -33.48 18.37
CA ILE A 164 -5.17 -34.55 17.44
C ILE A 164 -3.82 -35.17 17.76
N LYS A 165 -3.79 -36.49 17.85
CA LYS A 165 -2.62 -37.30 18.11
C LYS A 165 -2.42 -38.29 16.96
N PRO A 166 -1.17 -38.70 16.67
CA PRO A 166 0.08 -38.35 17.35
C PRO A 166 0.40 -36.87 17.23
N LYS A 167 1.17 -36.33 18.19
CA LYS A 167 1.48 -34.91 18.17
C LYS A 167 2.08 -34.48 16.85
N LEU A 168 2.90 -35.34 16.25
CA LEU A 168 3.51 -35.06 14.96
C LEU A 168 3.50 -36.33 14.13
N GLY A 169 3.57 -36.16 12.82
CA GLY A 169 3.75 -37.26 11.90
C GLY A 169 2.61 -37.47 10.91
N LEU A 170 1.46 -36.86 11.12
CA LEU A 170 0.33 -37.04 10.22
C LEU A 170 0.41 -36.08 9.04
N SER A 171 0.02 -36.57 7.87
CA SER A 171 -0.14 -35.69 6.72
C SER A 171 -1.37 -34.82 6.92
N ALA A 172 -1.47 -33.76 6.12
CA ALA A 172 -2.57 -32.82 6.29
C ALA A 172 -3.91 -33.50 6.06
N LYS A 173 -4.02 -34.35 5.05
CA LYS A 173 -5.31 -34.98 4.77
C LYS A 173 -5.69 -35.98 5.87
N ASN A 174 -4.72 -36.78 6.33
CA ASN A 174 -5.01 -37.70 7.43
C ASN A 174 -5.36 -36.94 8.70
N TYR A 175 -4.65 -35.85 8.96
CA TYR A 175 -4.96 -34.97 10.07
C TYR A 175 -6.40 -34.48 9.98
N GLY A 176 -6.80 -34.00 8.81
CA GLY A 176 -8.16 -33.54 8.62
C GLY A 176 -9.18 -34.64 8.78
N ARG A 177 -8.84 -35.86 8.35
CA ARG A 177 -9.75 -36.99 8.55
C ARG A 177 -9.98 -37.24 10.04
N ALA A 178 -8.90 -37.22 10.82
CA ALA A 178 -9.03 -37.39 12.26
C ALA A 178 -9.88 -36.27 12.86
N VAL A 179 -9.66 -35.03 12.41
CA VAL A 179 -10.44 -33.90 12.88
C VAL A 179 -11.92 -34.11 12.57
N TYR A 180 -12.22 -34.53 11.35
CA TYR A 180 -13.59 -34.73 10.94
C TYR A 180 -14.27 -35.79 11.79
N GLU A 181 -13.58 -36.90 12.03
CA GLU A 181 -14.20 -37.96 12.83
C GLU A 181 -14.47 -37.48 14.26
N CYS A 182 -13.51 -36.79 14.86
CA CYS A 182 -13.74 -36.24 16.20
C CYS A 182 -14.93 -35.30 16.22
N LEU A 183 -14.96 -34.34 15.30
CA LEU A 183 -16.00 -33.32 15.32
C LEU A 183 -17.37 -33.92 15.05
N ARG A 184 -17.46 -34.86 14.10
CA ARG A 184 -18.74 -35.49 13.83
C ARG A 184 -19.18 -36.37 14.98
N GLY A 185 -18.26 -36.83 15.82
CA GLY A 185 -18.66 -37.62 16.97
C GLY A 185 -19.38 -36.84 18.05
N GLY A 186 -19.18 -35.53 18.12
CA GLY A 186 -19.88 -34.74 19.10
C GLY A 186 -19.03 -33.73 19.84
N LEU A 187 -17.73 -33.69 19.55
CA LEU A 187 -16.87 -32.68 20.16
C LEU A 187 -17.15 -31.32 19.55
N ASP A 188 -16.99 -30.28 20.38
CA ASP A 188 -17.09 -28.92 19.87
C ASP A 188 -15.83 -28.50 19.13
N PHE A 189 -14.67 -28.92 19.64
CA PHE A 189 -13.39 -28.44 19.14
C PHE A 189 -12.46 -29.61 18.90
N THR A 190 -11.56 -29.42 17.95
CA THR A 190 -10.32 -30.18 17.89
C THR A 190 -9.18 -29.19 18.01
N LYS A 191 -7.97 -29.70 18.18
CA LYS A 191 -6.87 -28.83 18.55
C LYS A 191 -5.59 -29.31 17.90
N ASP A 192 -4.82 -28.37 17.35
CA ASP A 192 -3.44 -28.66 16.99
C ASP A 192 -2.61 -28.85 18.25
N ASP A 193 -1.69 -29.81 18.20
CA ASP A 193 -0.72 -29.91 19.27
C ASP A 193 0.14 -28.65 19.31
N GLU A 194 0.74 -28.39 20.48
CA GLU A 194 1.50 -27.15 20.64
C GLU A 194 2.68 -27.08 19.69
N ASN A 195 3.27 -28.21 19.32
CA ASN A 195 4.41 -28.21 18.43
C ASN A 195 4.05 -28.43 16.97
N VAL A 196 2.76 -28.49 16.65
CA VAL A 196 2.31 -28.52 15.26
C VAL A 196 2.27 -27.07 14.79
N ASN A 197 3.29 -26.63 14.06
CA ASN A 197 3.24 -25.30 13.43
C ASN A 197 3.26 -25.42 11.92
N SER A 198 4.37 -25.86 11.32
CA SER A 198 4.44 -26.15 9.90
C SER A 198 5.64 -27.07 9.70
N GLN A 199 5.38 -28.35 9.59
CA GLN A 199 6.43 -29.33 9.49
C GLN A 199 6.56 -29.83 8.07
N PRO A 200 7.71 -30.40 7.71
CA PRO A 200 7.86 -30.94 6.35
C PRO A 200 6.81 -31.97 5.99
N PHE A 201 6.35 -32.77 6.95
CA PHE A 201 5.31 -33.75 6.65
C PHE A 201 3.92 -33.14 6.59
N MET A 202 3.72 -31.95 7.14
CA MET A 202 2.41 -31.31 7.07
C MET A 202 2.62 -29.80 7.12
N ARG A 203 2.67 -29.16 5.96
CA ARG A 203 2.82 -27.72 5.91
C ARG A 203 1.52 -27.05 6.35
N TRP A 204 1.66 -25.86 6.95
CA TRP A 204 0.55 -25.28 7.68
C TRP A 204 -0.63 -24.98 6.78
N ARG A 205 -0.38 -24.50 5.56
CA ARG A 205 -1.50 -24.16 4.68
C ARG A 205 -2.34 -25.38 4.35
N GLN A 206 -1.69 -26.52 4.10
CA GLN A 206 -2.42 -27.75 3.84
C GLN A 206 -3.23 -28.19 5.05
N ARG A 207 -2.63 -28.10 6.24
CA ARG A 207 -3.37 -28.45 7.45
C ARG A 207 -4.58 -27.56 7.63
N PHE A 208 -4.42 -26.26 7.42
CA PHE A 208 -5.54 -25.33 7.55
C PHE A 208 -6.64 -25.70 6.58
N ASP A 209 -6.27 -25.98 5.33
CA ASP A 209 -7.28 -26.30 4.31
C ASP A 209 -8.06 -27.56 4.67
N PHE A 210 -7.36 -28.63 5.03
CA PHE A 210 -8.06 -29.88 5.29
C PHE A 210 -8.82 -29.84 6.60
N VAL A 211 -8.33 -29.08 7.58
CA VAL A 211 -9.09 -28.88 8.81
C VAL A 211 -10.39 -28.15 8.51
N MET A 212 -10.34 -27.14 7.65
CA MET A 212 -11.58 -26.42 7.32
C MET A 212 -12.54 -27.32 6.55
N GLU A 213 -12.03 -28.17 5.67
CA GLU A 213 -12.88 -29.14 5.00
C GLU A 213 -13.57 -30.05 6.02
N ALA A 214 -12.80 -30.55 6.99
CA ALA A 214 -13.36 -31.40 8.03
C ALA A 214 -14.41 -30.67 8.85
N ILE A 215 -14.13 -29.41 9.21
CA ILE A 215 -15.06 -28.62 10.01
C ILE A 215 -16.37 -28.44 9.27
N ASP A 216 -16.29 -28.09 7.98
CA ASP A 216 -17.50 -27.88 7.20
C ASP A 216 -18.32 -29.16 7.13
N LYS A 217 -17.66 -30.29 6.85
CA LYS A 217 -18.40 -31.54 6.76
C LYS A 217 -19.06 -31.90 8.07
N ALA A 218 -18.34 -31.75 9.18
CA ALA A 218 -18.90 -32.10 10.49
C ALA A 218 -20.04 -31.17 10.87
N GLU A 219 -19.91 -29.87 10.58
CA GLU A 219 -21.00 -28.94 10.88
C GLU A 219 -22.24 -29.26 10.08
N ARG A 220 -22.08 -29.59 8.79
CA ARG A 220 -23.24 -29.95 7.99
C ARG A 220 -23.87 -31.25 8.49
N GLU A 221 -23.04 -32.19 8.95
CA GLU A 221 -23.55 -33.49 9.36
C GLU A 221 -24.29 -33.40 10.70
N THR A 222 -23.75 -32.65 11.65
CA THR A 222 -24.32 -32.60 12.99
C THR A 222 -25.25 -31.43 13.23
N GLY A 223 -25.15 -30.37 12.43
CA GLY A 223 -25.94 -29.18 12.68
C GLY A 223 -25.49 -28.36 13.86
N GLU A 224 -24.30 -28.64 14.40
CA GLU A 224 -23.74 -27.87 15.50
C GLU A 224 -22.46 -27.19 15.03
N ARG A 225 -22.20 -26.00 15.59
CA ARG A 225 -21.00 -25.27 15.23
C ARG A 225 -19.76 -26.00 15.73
N LYS A 226 -18.74 -26.06 14.89
CA LYS A 226 -17.51 -26.79 15.19
C LYS A 226 -16.33 -25.86 14.99
N GLY A 227 -15.22 -26.21 15.62
CA GLY A 227 -14.00 -25.44 15.47
C GLY A 227 -12.80 -26.34 15.63
N HIS A 228 -11.66 -25.79 15.24
CA HIS A 228 -10.38 -26.46 15.44
C HIS A 228 -9.35 -25.39 15.71
N TYR A 229 -8.66 -25.47 16.84
CA TYR A 229 -7.67 -24.44 17.15
C TYR A 229 -6.50 -24.61 16.19
N LEU A 230 -6.47 -23.80 15.15
CA LEU A 230 -5.35 -23.81 14.24
C LEU A 230 -4.18 -23.08 14.88
N ASN A 231 -3.07 -23.79 15.06
CA ASN A 231 -1.91 -23.22 15.71
C ASN A 231 -1.22 -22.24 14.76
N VAL A 232 -1.16 -20.97 15.14
CA VAL A 232 -0.48 -19.95 14.35
C VAL A 232 0.87 -19.60 14.95
N THR A 233 1.31 -20.31 15.99
CA THR A 233 2.65 -20.08 16.53
C THR A 233 3.67 -20.28 15.42
N ALA A 234 4.55 -19.31 15.25
CA ALA A 234 5.35 -19.21 14.05
C ALA A 234 6.72 -18.66 14.43
N PRO A 235 7.72 -18.83 13.55
CA PRO A 235 9.05 -18.30 13.86
C PRO A 235 9.10 -16.80 14.07
N THR A 236 8.31 -16.04 13.33
CA THR A 236 8.33 -14.59 13.33
C THR A 236 6.92 -14.05 13.45
N PRO A 237 6.75 -12.82 13.93
CA PRO A 237 5.41 -12.23 13.95
C PRO A 237 4.78 -12.13 12.58
N GLU A 238 5.57 -11.85 11.54
CA GLU A 238 5.02 -11.80 10.20
C GLU A 238 4.41 -13.13 9.80
N GLU A 239 5.11 -14.22 10.10
CA GLU A 239 4.58 -15.55 9.80
C GLU A 239 3.35 -15.86 10.63
N MET A 240 3.36 -15.49 11.91
CA MET A 240 2.20 -15.71 12.77
C MET A 240 0.99 -14.98 12.23
N TYR A 241 1.15 -13.71 11.85
CA TYR A 241 0.04 -12.94 11.32
C TYR A 241 -0.41 -13.48 9.97
N LYS A 242 0.53 -13.96 9.15
CA LYS A 242 0.14 -14.57 7.88
C LYS A 242 -0.74 -15.79 8.10
N ARG A 243 -0.36 -16.65 9.05
CA ARG A 243 -1.16 -17.83 9.32
C ARG A 243 -2.51 -17.45 9.92
N ALA A 244 -2.54 -16.46 10.81
CA ALA A 244 -3.81 -15.99 11.35
C ALA A 244 -4.70 -15.42 10.25
N GLU A 245 -4.11 -14.65 9.34
CA GLU A 245 -4.89 -14.07 8.24
C GLU A 245 -5.45 -15.15 7.35
N TYR A 246 -4.67 -16.19 7.06
CA TYR A 246 -5.20 -17.27 6.24
C TYR A 246 -6.31 -18.00 6.97
N ALA A 247 -6.16 -18.22 8.27
CA ALA A 247 -7.23 -18.85 9.04
C ALA A 247 -8.50 -18.03 8.96
N LYS A 248 -8.39 -16.71 9.08
CA LYS A 248 -9.55 -15.85 8.91
C LYS A 248 -10.12 -15.96 7.50
N GLU A 249 -9.24 -16.02 6.50
CA GLU A 249 -9.68 -16.05 5.11
C GLU A 249 -10.50 -17.29 4.81
N ILE A 250 -10.10 -18.44 5.36
CA ILE A 250 -10.82 -19.69 5.10
C ILE A 250 -11.97 -19.89 6.07
N GLY A 251 -12.24 -18.94 6.95
CA GLY A 251 -13.39 -19.03 7.83
C GLY A 251 -13.17 -19.75 9.13
N ALA A 252 -11.93 -19.91 9.57
CA ALA A 252 -11.68 -20.58 10.84
C ALA A 252 -12.21 -19.75 11.99
N PRO A 253 -13.04 -20.31 12.87
CA PRO A 253 -13.57 -19.51 13.99
C PRO A 253 -12.58 -19.29 15.11
N ILE A 254 -11.53 -20.09 15.22
CA ILE A 254 -10.65 -20.04 16.38
C ILE A 254 -9.24 -20.42 15.96
N ILE A 255 -8.26 -19.76 16.56
CA ILE A 255 -6.87 -20.09 16.36
C ILE A 255 -6.23 -20.29 17.74
N MET A 256 -4.97 -20.69 17.72
CA MET A 256 -4.27 -21.08 18.93
C MET A 256 -2.88 -20.50 18.92
N HIS A 257 -2.36 -20.17 20.10
CA HIS A 257 -1.02 -19.63 20.22
C HIS A 257 -0.40 -20.14 21.50
N ASP A 258 0.91 -20.42 21.47
CA ASP A 258 1.67 -20.77 22.65
C ASP A 258 2.27 -19.48 23.21
N TYR A 259 1.63 -18.92 24.23
CA TYR A 259 1.95 -17.56 24.63
C TYR A 259 3.25 -17.43 25.40
N ILE A 260 3.76 -18.51 25.99
CA ILE A 260 5.03 -18.43 26.68
C ILE A 260 6.20 -18.68 25.73
N THR A 261 6.11 -19.73 24.93
CA THR A 261 7.19 -20.02 23.98
C THR A 261 7.16 -19.08 22.78
N GLY A 262 5.97 -18.77 22.27
CA GLY A 262 5.87 -17.72 21.26
C GLY A 262 6.24 -16.36 21.83
N GLY A 263 5.87 -16.10 23.07
CA GLY A 263 6.25 -14.89 23.75
C GLY A 263 5.06 -13.96 23.97
N PHE A 264 5.20 -13.11 24.99
CA PHE A 264 4.10 -12.23 25.36
C PHE A 264 3.89 -11.13 24.33
N CYS A 265 4.94 -10.67 23.67
CA CYS A 265 4.79 -9.64 22.65
C CYS A 265 3.95 -10.16 21.50
N ALA A 266 4.32 -11.31 20.94
CA ALA A 266 3.56 -11.90 19.86
C ALA A 266 2.14 -12.23 20.32
N ASN A 267 2.00 -12.73 21.55
CA ASN A 267 0.67 -13.09 22.02
C ASN A 267 -0.23 -11.88 22.15
N THR A 268 0.28 -10.78 22.70
CA THR A 268 -0.53 -9.58 22.83
C THR A 268 -0.91 -9.04 21.46
N GLY A 269 0.04 -9.01 20.54
CA GLY A 269 -0.29 -8.60 19.19
C GLY A 269 -1.35 -9.48 18.57
N LEU A 270 -1.26 -10.79 18.78
CA LEU A 270 -2.24 -11.71 18.22
C LEU A 270 -3.60 -11.53 18.88
N ALA A 271 -3.63 -11.26 20.18
CA ALA A 271 -4.91 -11.05 20.85
C ALA A 271 -5.59 -9.80 20.32
N GLN A 272 -4.83 -8.73 20.11
CA GLN A 272 -5.41 -7.53 19.49
C GLN A 272 -5.87 -7.81 18.07
N TRP A 273 -5.09 -8.58 17.32
CA TRP A 273 -5.51 -8.97 15.97
C TRP A 273 -6.81 -9.77 16.01
N CYS A 274 -6.92 -10.69 16.96
CA CYS A 274 -8.13 -11.50 17.08
C CYS A 274 -9.33 -10.64 17.41
N ARG A 275 -9.16 -9.65 18.30
CA ARG A 275 -10.24 -8.71 18.55
C ARG A 275 -10.62 -7.96 17.29
N ASN A 276 -9.62 -7.51 16.53
CA ASN A 276 -9.88 -6.74 15.32
C ASN A 276 -10.49 -7.58 14.20
N ASN A 277 -10.36 -8.89 14.25
CA ASN A 277 -10.78 -9.75 13.14
C ASN A 277 -11.81 -10.78 13.56
N GLY A 278 -12.30 -10.73 14.79
CA GLY A 278 -13.38 -11.61 15.23
C GLY A 278 -13.04 -13.08 15.25
N VAL A 279 -11.81 -13.43 15.60
CA VAL A 279 -11.36 -14.81 15.67
C VAL A 279 -11.09 -15.15 17.13
N LEU A 280 -11.62 -16.28 17.59
CA LEU A 280 -11.37 -16.71 18.95
C LEU A 280 -9.91 -17.13 19.10
N LEU A 281 -9.37 -16.93 20.31
CA LEU A 281 -7.95 -17.19 20.58
C LEU A 281 -7.84 -18.19 21.72
N HIS A 282 -7.37 -19.39 21.39
CA HIS A 282 -7.07 -20.40 22.40
C HIS A 282 -5.59 -20.30 22.76
N ILE A 283 -5.29 -20.27 24.04
CA ILE A 283 -3.93 -20.08 24.52
C ILE A 283 -3.43 -21.38 25.12
N HIS A 284 -2.34 -21.89 24.58
CA HIS A 284 -1.66 -23.05 25.15
C HIS A 284 -0.50 -22.56 26.02
N ARG A 285 -0.32 -23.21 27.16
CA ARG A 285 0.64 -22.76 28.16
C ARG A 285 1.92 -23.60 28.13
N ALA A 286 2.39 -23.98 26.95
CA ALA A 286 3.63 -24.71 26.84
C ALA A 286 4.76 -23.94 27.52
N MET A 287 5.62 -24.68 28.23
CA MET A 287 6.76 -24.22 29.01
C MET A 287 6.34 -23.71 30.39
N HIS A 288 5.05 -23.71 30.73
CA HIS A 288 4.64 -23.17 32.03
C HIS A 288 5.35 -23.89 33.17
N ALA A 289 5.53 -25.21 33.05
CA ALA A 289 6.12 -25.99 34.13
C ALA A 289 7.58 -25.66 34.35
N VAL A 290 8.27 -25.13 33.35
CA VAL A 290 9.63 -24.64 33.57
C VAL A 290 9.62 -23.51 34.58
N LEU A 291 8.58 -22.67 34.53
CA LEU A 291 8.48 -21.50 35.39
C LEU A 291 7.83 -21.81 36.74
N ASP A 292 6.76 -22.62 36.75
CA ASP A 292 5.85 -22.66 37.89
C ASP A 292 5.94 -23.93 38.73
N ARG A 293 6.69 -24.94 38.31
CA ARG A 293 6.67 -26.21 39.04
C ARG A 293 7.40 -26.12 40.36
N ASN A 294 8.59 -25.52 40.36
CA ASN A 294 9.42 -25.51 41.56
C ASN A 294 8.80 -24.61 42.61
N PRO A 295 8.49 -25.13 43.80
CA PRO A 295 7.79 -24.32 44.81
C PRO A 295 8.64 -23.22 45.42
N HIS A 296 9.95 -23.22 45.20
CA HIS A 296 10.82 -22.22 45.81
C HIS A 296 11.47 -21.29 44.80
N HIS A 297 11.44 -21.61 43.52
CA HIS A 297 12.04 -20.76 42.51
C HIS A 297 11.16 -20.73 41.27
N GLY A 298 10.95 -19.53 40.75
CA GLY A 298 10.18 -19.38 39.54
C GLY A 298 9.00 -18.44 39.69
N ILE A 299 8.00 -18.62 38.85
CA ILE A 299 6.82 -17.76 38.84
C ILE A 299 5.60 -18.64 38.97
N HIS A 300 4.80 -18.41 39.99
CA HIS A 300 3.62 -19.23 40.20
C HIS A 300 2.66 -19.06 39.03
N PHE A 301 1.94 -20.14 38.73
CA PHE A 301 1.07 -20.11 37.55
C PHE A 301 -0.09 -19.13 37.72
N ARG A 302 -0.43 -18.71 38.94
CA ARG A 302 -1.49 -17.71 39.05
C ARG A 302 -1.04 -16.37 38.49
N VAL A 303 0.24 -16.04 38.63
CA VAL A 303 0.78 -14.84 38.00
C VAL A 303 0.71 -14.97 36.49
N LEU A 304 1.09 -16.13 35.95
CA LEU A 304 1.01 -16.34 34.51
C LEU A 304 -0.44 -16.30 34.03
N THR A 305 -1.38 -16.73 34.87
CA THR A 305 -2.79 -16.64 34.53
C THR A 305 -3.24 -15.20 34.42
N LYS A 306 -2.87 -14.38 35.40
CA LYS A 306 -3.20 -12.96 35.32
C LYS A 306 -2.57 -12.31 34.09
N ILE A 307 -1.31 -12.65 33.83
CA ILE A 307 -0.62 -12.10 32.68
C ILE A 307 -1.33 -12.48 31.39
N LEU A 308 -1.73 -13.74 31.27
CA LEU A 308 -2.42 -14.17 30.06
C LEU A 308 -3.76 -13.47 29.91
N ARG A 309 -4.50 -13.31 31.01
CA ARG A 309 -5.79 -12.64 30.90
C ARG A 309 -5.60 -11.20 30.43
N LEU A 310 -4.58 -10.52 30.93
CA LEU A 310 -4.31 -9.16 30.48
C LEU A 310 -3.83 -9.13 29.03
N SER A 311 -2.89 -10.02 28.69
CA SER A 311 -2.35 -10.06 27.34
C SER A 311 -3.42 -10.44 26.32
N GLY A 312 -4.28 -11.38 26.69
CA GLY A 312 -5.38 -11.70 25.83
C GLY A 312 -5.44 -13.16 25.45
N GLY A 313 -6.59 -13.78 25.71
CA GLY A 313 -6.85 -15.14 25.33
C GLY A 313 -8.28 -15.46 25.66
N ASP A 314 -8.97 -16.18 24.77
CA ASP A 314 -10.33 -16.58 25.07
C ASP A 314 -10.39 -17.89 25.83
N HIS A 315 -9.40 -18.76 25.64
CA HIS A 315 -9.21 -19.97 26.43
C HIS A 315 -7.82 -19.93 27.04
N LEU A 316 -7.66 -20.58 28.18
CA LEU A 316 -6.33 -20.78 28.75
C LEU A 316 -6.27 -22.14 29.39
N HIS A 317 -5.25 -22.92 29.05
CA HIS A 317 -5.01 -24.18 29.74
C HIS A 317 -4.70 -23.91 31.20
N THR A 318 -5.50 -24.50 32.09
CA THR A 318 -5.31 -24.32 33.52
C THR A 318 -4.90 -25.59 34.23
N GLY A 319 -4.73 -26.70 33.51
CA GLY A 319 -4.38 -27.95 34.11
C GLY A 319 -5.59 -28.66 34.71
N THR A 320 -5.41 -29.94 34.99
CA THR A 320 -6.41 -30.75 35.66
C THR A 320 -6.07 -30.88 37.13
N VAL A 321 -7.11 -30.83 37.97
CA VAL A 321 -6.94 -30.99 39.41
C VAL A 321 -6.76 -32.46 39.80
N VAL A 322 -7.19 -33.39 38.95
CA VAL A 322 -7.23 -34.80 39.34
C VAL A 322 -5.84 -35.27 39.74
N GLY A 323 -5.75 -35.86 40.92
CA GLY A 323 -4.48 -36.35 41.43
C GLY A 323 -3.62 -35.33 42.14
N LYS A 324 -4.16 -34.16 42.47
CA LYS A 324 -3.41 -33.11 43.13
C LYS A 324 -3.71 -33.08 44.63
N LEU A 325 -2.75 -32.56 45.39
CA LEU A 325 -2.93 -32.39 46.82
C LEU A 325 -3.89 -31.25 47.11
N GLU A 326 -4.30 -31.15 48.38
CA GLU A 326 -5.29 -30.14 48.75
C GLU A 326 -4.77 -28.73 48.51
N GLY A 327 -3.51 -28.47 48.85
CA GLY A 327 -2.93 -27.17 48.56
C GLY A 327 -2.88 -26.88 47.08
N ASP A 328 -2.47 -27.86 46.28
CA ASP A 328 -2.45 -27.71 44.83
C ASP A 328 -3.86 -27.58 44.27
N ARG A 329 -4.82 -28.35 44.80
CA ARG A 329 -6.21 -28.20 44.37
C ARG A 329 -6.74 -26.81 44.65
N GLN A 330 -6.46 -26.29 45.85
CA GLN A 330 -6.92 -24.94 46.19
C GLN A 330 -6.26 -23.90 45.31
N ALA A 331 -4.95 -24.04 45.06
CA ALA A 331 -4.28 -23.08 44.18
C ALA A 331 -4.87 -23.11 42.78
N THR A 332 -5.20 -24.30 42.28
CA THR A 332 -5.80 -24.41 40.96
C THR A 332 -7.16 -23.74 40.93
N LEU A 333 -7.99 -23.96 41.95
CA LEU A 333 -9.28 -23.28 42.01
C LEU A 333 -9.09 -21.77 42.05
N GLY A 334 -8.08 -21.31 42.78
CA GLY A 334 -7.82 -19.88 42.84
C GLY A 334 -7.46 -19.29 41.50
N TRP A 335 -6.57 -19.93 40.75
CA TRP A 335 -6.21 -19.34 39.47
C TRP A 335 -7.28 -19.53 38.41
N ILE A 336 -8.13 -20.54 38.55
CA ILE A 336 -9.31 -20.61 37.69
C ILE A 336 -10.23 -19.42 37.95
N ASP A 337 -10.43 -19.08 39.22
CA ASP A 337 -11.20 -17.88 39.55
C ASP A 337 -10.54 -16.63 38.98
N LEU A 338 -9.22 -16.52 39.10
CA LEU A 338 -8.51 -15.39 38.53
C LEU A 338 -8.71 -15.30 37.03
N LEU A 339 -8.80 -16.45 36.37
CA LEU A 339 -8.99 -16.45 34.92
C LEU A 339 -10.40 -16.05 34.54
N ARG A 340 -11.40 -16.39 35.35
CA ARG A 340 -12.78 -16.28 34.90
C ARG A 340 -13.61 -15.21 35.60
N GLU A 341 -13.26 -14.82 36.82
CA GLU A 341 -14.15 -13.98 37.61
C GLU A 341 -13.85 -12.50 37.42
N SER A 342 -14.86 -11.68 37.71
CA SER A 342 -14.70 -10.24 37.65
C SER A 342 -13.94 -9.68 38.85
N TYR A 343 -14.06 -10.33 39.99
CA TYR A 343 -13.38 -9.89 41.21
C TYR A 343 -13.01 -11.13 42.01
N VAL A 344 -11.76 -11.20 42.44
CA VAL A 344 -11.27 -12.33 43.22
C VAL A 344 -10.73 -11.79 44.54
N LYS A 345 -11.34 -12.19 45.64
CA LYS A 345 -10.93 -11.73 46.95
C LYS A 345 -9.67 -12.45 47.41
N GLU A 346 -8.92 -11.78 48.28
CA GLU A 346 -7.75 -12.39 48.89
C GLU A 346 -8.15 -13.66 49.63
N ASP A 347 -7.36 -14.72 49.44
CA ASP A 347 -7.64 -16.03 50.05
C ASP A 347 -6.30 -16.73 50.21
N ARG A 348 -5.74 -16.67 51.42
CA ARG A 348 -4.42 -17.24 51.65
C ARG A 348 -4.41 -18.75 51.45
N SER A 349 -5.53 -19.41 51.73
CA SER A 349 -5.60 -20.86 51.52
C SER A 349 -5.45 -21.22 50.05
N ARG A 350 -5.86 -20.32 49.17
CA ARG A 350 -5.70 -20.52 47.73
C ARG A 350 -4.42 -19.89 47.20
N GLY A 351 -3.59 -19.29 48.06
CA GLY A 351 -2.42 -18.59 47.60
C GLY A 351 -2.70 -17.25 46.95
N ILE A 352 -3.92 -16.73 47.09
CA ILE A 352 -4.28 -15.44 46.53
C ILE A 352 -3.97 -14.39 47.58
N PHE A 353 -2.85 -13.69 47.39
CA PHE A 353 -2.38 -12.74 48.40
C PHE A 353 -3.03 -11.37 48.27
N PHE A 354 -3.65 -11.07 47.13
CA PHE A 354 -4.22 -9.76 46.88
C PHE A 354 -5.62 -9.91 46.31
N ASP A 355 -6.47 -8.94 46.64
CA ASP A 355 -7.71 -8.79 45.90
C ASP A 355 -7.37 -8.39 44.46
N GLN A 356 -7.96 -9.09 43.50
CA GLN A 356 -7.74 -8.77 42.09
C GLN A 356 -9.07 -8.33 41.49
N ASP A 357 -9.14 -7.07 41.11
CA ASP A 357 -10.30 -6.51 40.43
C ASP A 357 -10.05 -6.54 38.93
N TRP A 358 -10.97 -7.15 38.19
CA TRP A 358 -10.88 -7.17 36.74
C TRP A 358 -11.83 -6.18 36.09
N GLY A 359 -12.68 -5.52 36.87
CA GLY A 359 -13.64 -4.61 36.28
C GLY A 359 -14.53 -5.33 35.29
N ALA A 360 -14.70 -4.72 34.12
CA ALA A 360 -15.52 -5.28 33.07
C ALA A 360 -14.73 -6.14 32.09
N MET A 361 -13.46 -6.37 32.35
CA MET A 361 -12.67 -7.21 31.47
C MET A 361 -13.21 -8.63 31.53
N PRO A 362 -13.61 -9.22 30.41
CA PRO A 362 -14.23 -10.55 30.46
C PRO A 362 -13.24 -11.61 30.89
N GLY A 363 -13.77 -12.69 31.42
CA GLY A 363 -12.95 -13.84 31.73
C GLY A 363 -12.75 -14.74 30.53
N ALA A 364 -11.81 -15.66 30.68
CA ALA A 364 -11.51 -16.64 29.64
C ALA A 364 -11.95 -18.02 30.10
N PHE A 365 -12.23 -18.89 29.13
CA PHE A 365 -12.52 -20.27 29.44
C PHE A 365 -11.30 -20.93 30.10
N ALA A 366 -11.56 -21.71 31.15
CA ALA A 366 -10.54 -22.55 31.74
C ALA A 366 -10.51 -23.86 30.98
N VAL A 367 -9.33 -24.31 30.59
CA VAL A 367 -9.18 -25.49 29.76
C VAL A 367 -8.57 -26.59 30.62
N ALA A 368 -9.24 -27.73 30.67
CA ALA A 368 -8.74 -28.91 31.36
C ALA A 368 -8.26 -29.92 30.32
N SER A 369 -7.07 -30.46 30.53
CA SER A 369 -6.50 -31.41 29.58
C SER A 369 -5.44 -32.24 30.29
N GLY A 370 -5.01 -33.30 29.63
CA GLY A 370 -3.91 -34.11 30.09
C GLY A 370 -4.31 -35.41 30.75
N GLY A 371 -4.27 -36.49 29.99
CA GLY A 371 -4.50 -37.82 30.53
C GLY A 371 -5.87 -38.02 31.13
N ILE A 372 -6.89 -37.33 30.66
CA ILE A 372 -8.23 -37.44 31.21
C ILE A 372 -9.08 -38.27 30.26
N HIS A 373 -10.09 -38.92 30.82
CA HIS A 373 -11.01 -39.74 30.03
C HIS A 373 -12.39 -39.67 30.70
N VAL A 374 -13.28 -40.57 30.27
CA VAL A 374 -14.68 -40.47 30.65
C VAL A 374 -14.86 -40.53 32.16
N TRP A 375 -14.06 -41.35 32.84
CA TRP A 375 -14.18 -41.48 34.29
C TRP A 375 -13.88 -40.19 35.02
N HIS A 376 -13.17 -39.27 34.38
CA HIS A 376 -12.90 -37.97 34.98
C HIS A 376 -14.03 -36.98 34.80
N MET A 377 -15.02 -37.30 33.95
CA MET A 377 -16.11 -36.36 33.67
C MET A 377 -16.78 -35.80 34.90
N PRO A 378 -17.17 -36.60 35.91
CA PRO A 378 -17.82 -36.02 37.08
C PRO A 378 -16.97 -34.97 37.77
N ALA A 379 -15.76 -35.37 38.18
CA ALA A 379 -14.88 -34.45 38.89
C ALA A 379 -14.67 -33.17 38.10
N LEU A 380 -14.32 -33.29 36.82
CA LEU A 380 -14.13 -32.11 35.98
C LEU A 380 -15.35 -31.20 36.04
N VAL A 381 -16.54 -31.78 35.83
CA VAL A 381 -17.75 -30.97 35.82
C VAL A 381 -17.93 -30.28 37.16
N THR A 382 -17.61 -30.98 38.25
CA THR A 382 -17.72 -30.39 39.57
C THR A 382 -16.69 -29.29 39.77
N ILE A 383 -15.49 -29.49 39.25
CA ILE A 383 -14.39 -28.58 39.57
C ILE A 383 -14.46 -27.32 38.72
N PHE A 384 -14.64 -27.49 37.41
CA PHE A 384 -14.55 -26.39 36.48
C PHE A 384 -15.87 -25.70 36.24
N GLY A 385 -16.99 -26.41 36.37
CA GLY A 385 -18.25 -25.77 36.08
C GLY A 385 -18.45 -25.62 34.58
N ASP A 386 -19.43 -24.78 34.23
CA ASP A 386 -19.84 -24.67 32.84
C ASP A 386 -18.79 -23.96 31.99
N ASP A 387 -18.16 -22.92 32.53
CA ASP A 387 -17.30 -22.04 31.72
C ASP A 387 -15.90 -22.64 31.61
N SER A 388 -15.84 -23.78 30.94
CA SER A 388 -14.59 -24.50 30.78
C SER A 388 -14.59 -25.26 29.47
N VAL A 389 -13.40 -25.62 29.03
CA VAL A 389 -13.22 -26.52 27.90
C VAL A 389 -12.49 -27.75 28.41
N LEU A 390 -13.08 -28.91 28.21
CA LEU A 390 -12.49 -30.18 28.62
C LEU A 390 -11.92 -30.85 27.38
N GLN A 391 -10.61 -31.07 27.37
CA GLN A 391 -9.93 -31.60 26.19
C GLN A 391 -9.51 -33.03 26.42
N PHE A 392 -9.96 -33.92 25.55
CA PHE A 392 -9.68 -35.35 25.60
C PHE A 392 -8.93 -35.72 24.32
N GLY A 393 -7.61 -35.57 24.33
CA GLY A 393 -6.83 -35.98 23.19
C GLY A 393 -6.77 -37.49 23.07
N GLY A 394 -6.04 -38.14 23.97
CA GLY A 394 -6.00 -39.58 23.98
C GLY A 394 -7.34 -40.21 24.32
N GLY A 395 -8.12 -39.55 25.18
CA GLY A 395 -9.41 -40.07 25.58
C GLY A 395 -10.42 -40.16 24.46
N THR A 396 -10.17 -39.50 23.33
CA THR A 396 -11.02 -39.58 22.17
C THR A 396 -10.41 -40.46 21.07
N LEU A 397 -9.15 -40.22 20.72
CA LEU A 397 -8.51 -41.00 19.68
C LEU A 397 -8.13 -42.39 20.14
N GLY A 398 -8.00 -42.60 21.45
CA GLY A 398 -7.71 -43.90 22.01
C GLY A 398 -8.92 -44.78 22.22
N HIS A 399 -10.10 -44.34 21.81
CA HIS A 399 -11.27 -45.17 21.88
C HIS A 399 -11.12 -46.37 20.96
N PRO A 400 -11.53 -47.57 21.38
CA PRO A 400 -11.35 -48.74 20.52
C PRO A 400 -12.11 -48.68 19.21
N TRP A 401 -13.14 -47.86 19.10
CA TRP A 401 -13.95 -47.78 17.88
C TRP A 401 -13.61 -46.55 17.03
N GLY A 402 -12.60 -45.78 17.40
CA GLY A 402 -12.18 -44.65 16.60
C GLY A 402 -12.63 -43.33 17.19
N ASN A 403 -12.34 -42.27 16.42
CA ASN A 403 -12.53 -40.91 16.92
C ASN A 403 -14.00 -40.55 17.10
N ALA A 404 -14.85 -40.94 16.15
CA ALA A 404 -16.25 -40.56 16.24
C ALA A 404 -16.92 -41.19 17.46
N ALA A 405 -16.66 -42.48 17.68
CA ALA A 405 -17.22 -43.16 18.85
C ALA A 405 -16.67 -42.59 20.14
N GLY A 406 -15.36 -42.29 20.19
CA GLY A 406 -14.79 -41.72 21.39
C GLY A 406 -15.34 -40.34 21.68
N ALA A 407 -15.52 -39.53 20.64
CA ALA A 407 -16.14 -38.22 20.80
C ALA A 407 -17.57 -38.35 21.30
N CYS A 408 -18.33 -39.30 20.75
CA CYS A 408 -19.69 -39.51 21.21
C CYS A 408 -19.72 -39.96 22.67
N ALA A 409 -18.79 -40.83 23.06
CA ALA A 409 -18.71 -41.28 24.44
C ALA A 409 -18.42 -40.11 25.37
N ASN A 410 -17.45 -39.27 25.01
CA ASN A 410 -17.14 -38.10 25.83
C ASN A 410 -18.33 -37.15 25.92
N ARG A 411 -19.01 -36.92 24.79
CA ARG A 411 -20.15 -36.02 24.78
C ARG A 411 -21.30 -36.57 25.63
N VAL A 412 -21.58 -37.86 25.53
CA VAL A 412 -22.62 -38.47 26.33
C VAL A 412 -22.27 -38.40 27.81
N ALA A 413 -21.01 -38.68 28.15
CA ALA A 413 -20.60 -38.60 29.55
C ALA A 413 -20.77 -37.19 30.08
N LEU A 414 -20.34 -36.19 29.30
CA LEU A 414 -20.48 -34.81 29.74
C LEU A 414 -21.93 -34.42 29.92
N GLU A 415 -22.78 -34.78 28.95
CA GLU A 415 -24.17 -34.37 29.03
C GLU A 415 -24.90 -35.09 30.16
N ALA A 416 -24.56 -36.36 30.40
CA ALA A 416 -25.13 -37.07 31.53
C ALA A 416 -24.72 -36.43 32.85
N CYS A 417 -23.44 -36.09 32.98
CA CYS A 417 -22.98 -35.44 34.20
C CYS A 417 -23.66 -34.09 34.39
N ILE A 418 -23.81 -33.33 33.31
CA ILE A 418 -24.44 -32.01 33.41
C ILE A 418 -25.91 -32.15 33.79
N GLU A 419 -26.63 -33.08 33.15
CA GLU A 419 -28.03 -33.27 33.49
C GLU A 419 -28.19 -33.71 34.94
N ALA A 420 -27.35 -34.64 35.39
CA ALA A 420 -27.42 -35.09 36.77
C ALA A 420 -27.11 -33.96 37.73
N ARG A 421 -26.12 -33.12 37.41
CA ARG A 421 -25.81 -31.97 38.25
C ARG A 421 -26.99 -31.00 38.31
N ASN A 422 -27.62 -30.74 37.17
CA ASN A 422 -28.78 -29.86 37.15
C ASN A 422 -29.93 -30.45 37.95
N GLN A 423 -30.04 -31.78 37.99
CA GLN A 423 -31.09 -32.43 38.77
C GLN A 423 -30.78 -32.44 40.27
N GLY A 424 -29.59 -32.02 40.67
CA GLY A 424 -29.22 -31.96 42.07
C GLY A 424 -28.41 -33.12 42.58
N ILE A 425 -28.08 -34.08 41.72
CA ILE A 425 -27.27 -35.24 42.14
C ILE A 425 -25.88 -34.75 42.55
N PRO A 426 -25.30 -35.28 43.63
CA PRO A 426 -23.88 -35.00 43.89
C PRO A 426 -22.98 -35.77 42.94
N ILE A 427 -22.46 -35.08 41.92
CA ILE A 427 -21.85 -35.75 40.78
C ILE A 427 -20.49 -36.34 41.16
N GLU A 428 -19.69 -35.62 41.92
CA GLU A 428 -18.37 -36.15 42.25
C GLU A 428 -18.46 -37.32 43.23
N LYS A 429 -19.48 -37.32 44.10
CA LYS A 429 -19.65 -38.40 45.05
C LYS A 429 -20.08 -39.68 44.35
N GLU A 430 -21.09 -39.59 43.49
CA GLU A 430 -21.61 -40.74 42.77
C GLU A 430 -21.52 -40.45 41.27
N GLY A 431 -20.32 -40.57 40.73
CA GLY A 431 -20.13 -40.38 39.31
C GLY A 431 -20.23 -41.69 38.58
N LYS A 432 -19.87 -42.77 39.27
CA LYS A 432 -19.91 -44.09 38.66
C LYS A 432 -21.32 -44.47 38.25
N GLU A 433 -22.31 -44.24 39.11
CA GLU A 433 -23.68 -44.62 38.75
C GLU A 433 -24.27 -43.71 37.68
N VAL A 434 -23.94 -42.43 37.70
CA VAL A 434 -24.40 -41.53 36.63
C VAL A 434 -23.84 -41.99 35.30
N LEU A 435 -22.54 -42.30 35.26
CA LEU A 435 -21.91 -42.76 34.04
C LEU A 435 -22.46 -44.10 33.60
N THR A 436 -22.74 -45.00 34.55
CA THR A 436 -23.27 -46.31 34.20
C THR A 436 -24.69 -46.20 33.63
N LYS A 437 -25.53 -45.38 34.25
CA LYS A 437 -26.87 -45.17 33.72
C LYS A 437 -26.81 -44.56 32.33
N ALA A 438 -25.88 -43.63 32.11
CA ALA A 438 -25.71 -43.09 30.77
C ALA A 438 -25.25 -44.15 29.79
N ALA A 439 -24.28 -44.97 30.19
CA ALA A 439 -23.74 -46.01 29.33
C ALA A 439 -24.76 -47.08 28.99
N ALA A 440 -25.81 -47.21 29.80
CA ALA A 440 -26.89 -48.12 29.45
C ALA A 440 -27.51 -47.77 28.10
N HIS A 441 -27.46 -46.50 27.70
CA HIS A 441 -28.00 -46.06 26.42
C HIS A 441 -26.94 -45.72 25.40
N SER A 442 -25.66 -45.79 25.75
CA SER A 442 -24.58 -45.41 24.84
C SER A 442 -23.52 -46.50 24.80
N PRO A 443 -23.53 -47.36 23.77
CA PRO A 443 -22.48 -48.37 23.66
C PRO A 443 -21.08 -47.79 23.58
N GLU A 444 -20.94 -46.63 22.92
CA GLU A 444 -19.64 -45.97 22.85
C GLU A 444 -19.14 -45.63 24.25
N LEU A 445 -20.02 -45.07 25.09
CA LEU A 445 -19.63 -44.75 26.45
C LEU A 445 -19.32 -46.00 27.25
N LYS A 446 -20.10 -47.07 27.06
CA LYS A 446 -19.85 -48.31 27.79
C LYS A 446 -18.46 -48.85 27.50
N ILE A 447 -18.12 -48.97 26.21
CA ILE A 447 -16.81 -49.51 25.88
C ILE A 447 -15.70 -48.54 26.23
N ALA A 448 -15.97 -47.23 26.22
CA ALA A 448 -14.98 -46.27 26.70
C ALA A 448 -14.70 -46.47 28.19
N MET A 449 -15.76 -46.68 28.98
CA MET A 449 -15.58 -46.92 30.40
C MET A 449 -14.82 -48.22 30.63
N GLU A 450 -15.02 -49.21 29.77
CA GLU A 450 -14.22 -50.44 29.88
C GLU A 450 -12.78 -50.22 29.46
N THR A 451 -12.52 -49.28 28.56
CA THR A 451 -11.17 -49.09 28.03
C THR A 451 -10.22 -48.55 29.08
N TRP A 452 -10.66 -47.56 29.86
CA TRP A 452 -9.81 -46.91 30.85
C TRP A 452 -10.40 -47.17 32.24
N LYS A 453 -9.52 -47.39 33.21
CA LYS A 453 -9.95 -47.80 34.53
C LYS A 453 -10.52 -46.63 35.32
N GLU A 454 -11.37 -46.94 36.28
CA GLU A 454 -11.90 -45.93 37.19
C GLU A 454 -10.78 -45.27 37.99
N ILE A 455 -10.95 -43.98 38.26
CA ILE A 455 -9.96 -43.19 38.98
C ILE A 455 -10.58 -42.76 40.31
N LYS A 456 -9.89 -43.09 41.40
CA LYS A 456 -10.32 -42.70 42.73
C LYS A 456 -9.17 -42.81 43.72
N MET B 1 -17.19 -53.83 17.74
CA MET B 1 -16.74 -52.66 16.99
C MET B 1 -17.74 -52.31 15.89
N GLN B 2 -18.46 -51.21 16.08
CA GLN B 2 -19.55 -50.85 15.18
C GLN B 2 -19.29 -49.49 14.55
N ASP B 3 -19.92 -49.29 13.38
CA ASP B 3 -19.89 -48.01 12.72
C ASP B 3 -20.66 -46.98 13.53
N TYR B 4 -20.23 -45.71 13.43
CA TYR B 4 -20.79 -44.68 14.29
C TYR B 4 -22.22 -44.32 13.94
N ASN B 5 -22.66 -44.52 12.70
CA ASN B 5 -24.03 -44.22 12.27
C ASN B 5 -24.34 -42.74 12.43
N SER B 6 -23.66 -41.95 11.60
CA SER B 6 -23.97 -40.54 11.41
C SER B 6 -23.65 -40.19 9.96
N SER B 7 -24.53 -39.45 9.32
CA SER B 7 -24.33 -39.14 7.91
C SER B 7 -25.06 -37.85 7.57
N LEU B 8 -24.67 -37.26 6.43
CA LEU B 8 -25.32 -36.04 5.98
C LEU B 8 -26.77 -36.28 5.59
N GLU B 9 -27.09 -37.42 5.00
CA GLU B 9 -28.45 -37.69 4.57
C GLU B 9 -29.36 -38.15 5.70
N ASP B 10 -28.83 -38.82 6.71
CA ASP B 10 -29.64 -39.29 7.83
C ASP B 10 -30.03 -38.09 8.70
N VAL B 11 -31.31 -37.74 8.69
CA VAL B 11 -31.78 -36.58 9.45
C VAL B 11 -31.64 -36.79 10.95
N ASN B 12 -31.60 -38.04 11.42
CA ASN B 12 -31.38 -38.30 12.83
C ASN B 12 -29.97 -37.97 13.28
N SER B 13 -29.06 -37.70 12.35
CA SER B 13 -27.69 -37.34 12.72
C SER B 13 -27.61 -35.92 13.27
N ARG B 14 -28.59 -35.06 12.98
CA ARG B 14 -28.54 -33.69 13.44
C ARG B 14 -28.69 -33.62 14.95
N LYS B 15 -27.90 -32.76 15.58
CA LYS B 15 -27.94 -32.53 17.01
C LYS B 15 -28.32 -31.08 17.27
N PHE B 16 -28.79 -30.82 18.48
CA PHE B 16 -29.38 -29.53 18.81
C PHE B 16 -28.88 -29.04 20.16
N GLY B 17 -27.58 -29.12 20.37
CA GLY B 17 -26.98 -28.55 21.56
C GLY B 17 -27.03 -29.46 22.77
N THR B 18 -27.05 -28.83 23.95
CA THR B 18 -26.94 -29.58 25.20
C THR B 18 -28.09 -30.57 25.35
N PHE B 19 -27.75 -31.78 25.77
CA PHE B 19 -28.64 -32.91 26.03
C PHE B 19 -29.20 -33.54 24.76
N SER B 20 -28.73 -33.14 23.58
CA SER B 20 -29.18 -33.79 22.36
C SER B 20 -28.51 -35.13 22.11
N TYR B 21 -27.45 -35.45 22.85
CA TYR B 21 -26.82 -36.77 22.79
C TYR B 21 -27.38 -37.73 23.82
N LEU B 22 -28.33 -37.29 24.62
CA LEU B 22 -29.07 -38.12 25.55
C LEU B 22 -30.43 -38.48 24.96
N PRO B 23 -31.11 -39.49 25.51
CA PRO B 23 -32.46 -39.79 25.04
C PRO B 23 -33.38 -38.58 25.21
N ALA B 24 -34.38 -38.51 24.35
CA ALA B 24 -35.31 -37.38 24.37
C ALA B 24 -35.93 -37.23 25.75
N MET B 25 -35.97 -35.99 26.24
CA MET B 25 -36.43 -35.75 27.60
C MET B 25 -37.92 -36.02 27.74
N ASP B 26 -38.29 -36.70 28.81
CA ASP B 26 -39.67 -36.91 29.18
C ASP B 26 -40.13 -35.77 30.10
N ALA B 27 -41.38 -35.85 30.58
CA ALA B 27 -41.94 -34.76 31.35
C ALA B 27 -41.18 -34.52 32.64
N GLU B 28 -40.79 -35.59 33.33
CA GLU B 28 -40.08 -35.43 34.60
C GLU B 28 -38.71 -34.79 34.40
N ARG B 29 -37.98 -35.19 33.37
CA ARG B 29 -36.68 -34.58 33.11
C ARG B 29 -36.82 -33.11 32.74
N ILE B 30 -37.83 -32.77 31.95
CA ILE B 30 -38.08 -31.37 31.61
C ILE B 30 -38.40 -30.58 32.87
N ARG B 31 -39.22 -31.15 33.76
CA ARG B 31 -39.55 -30.46 35.00
C ARG B 31 -38.31 -30.25 35.85
N LYS B 32 -37.43 -31.24 35.91
CA LYS B 32 -36.20 -31.08 36.69
C LYS B 32 -35.32 -29.98 36.12
N GLN B 33 -35.24 -29.90 34.79
CA GLN B 33 -34.47 -28.84 34.18
C GLN B 33 -35.07 -27.47 34.46
N VAL B 34 -36.41 -27.37 34.41
CA VAL B 34 -37.07 -26.11 34.74
C VAL B 34 -36.79 -25.74 36.20
N GLU B 35 -36.81 -26.72 37.08
CA GLU B 35 -36.52 -26.48 38.48
C GLU B 35 -35.09 -25.98 38.67
N TYR B 36 -34.15 -26.56 37.92
CA TYR B 36 -32.77 -26.09 37.99
C TYR B 36 -32.67 -24.64 37.54
N ILE B 37 -33.35 -24.30 36.44
CA ILE B 37 -33.32 -22.93 35.93
C ILE B 37 -33.87 -21.97 36.99
N VAL B 38 -34.99 -22.34 37.61
CA VAL B 38 -35.60 -21.48 38.63
C VAL B 38 -34.67 -21.35 39.83
N SER B 39 -34.07 -22.46 40.27
CA SER B 39 -33.19 -22.44 41.43
C SER B 39 -31.98 -21.56 41.20
N LYS B 40 -31.49 -21.50 39.95
CA LYS B 40 -30.38 -20.61 39.65
C LYS B 40 -30.79 -19.14 39.67
N GLY B 41 -32.08 -18.84 39.74
CA GLY B 41 -32.54 -17.48 39.61
C GLY B 41 -32.58 -16.97 38.19
N TRP B 42 -32.44 -17.85 37.21
CA TRP B 42 -32.47 -17.44 35.82
C TRP B 42 -33.90 -17.26 35.34
N ASN B 43 -34.04 -16.47 34.28
CA ASN B 43 -35.36 -16.16 33.75
C ASN B 43 -35.74 -17.18 32.68
N PRO B 44 -36.80 -17.95 32.86
CA PRO B 44 -37.15 -18.96 31.87
C PRO B 44 -37.66 -18.32 30.59
N ALA B 45 -37.39 -18.99 29.47
CA ALA B 45 -37.86 -18.53 28.18
C ALA B 45 -38.03 -19.74 27.27
N ILE B 46 -38.90 -19.58 26.28
CA ILE B 46 -39.20 -20.62 25.31
C ILE B 46 -38.89 -20.08 23.93
N GLU B 47 -38.09 -20.80 23.16
CA GLU B 47 -37.94 -20.50 21.76
C GLU B 47 -38.30 -21.72 20.93
N HIS B 48 -38.49 -21.49 19.63
CA HIS B 48 -38.83 -22.59 18.74
C HIS B 48 -38.40 -22.20 17.33
N THR B 49 -38.21 -23.22 16.49
CA THR B 49 -37.83 -22.98 15.11
C THR B 49 -38.16 -24.21 14.30
N GLU B 50 -38.30 -24.01 13.00
CA GLU B 50 -38.41 -25.13 12.08
C GLU B 50 -37.10 -25.91 12.11
N PRO B 51 -37.15 -27.24 12.03
CA PRO B 51 -35.91 -28.02 12.15
C PRO B 51 -34.86 -27.68 11.11
N GLU B 52 -35.26 -27.24 9.92
CA GLU B 52 -34.27 -26.88 8.89
C GLU B 52 -33.49 -25.64 9.28
N HIS B 53 -34.05 -24.79 10.14
CA HIS B 53 -33.41 -23.54 10.54
C HIS B 53 -32.83 -23.62 11.95
N ALA B 54 -32.59 -24.83 12.44
CA ALA B 54 -32.11 -24.99 13.81
C ALA B 54 -30.69 -24.49 14.01
N PHE B 55 -29.91 -24.33 12.94
CA PHE B 55 -28.55 -23.83 13.04
C PHE B 55 -28.49 -22.34 13.31
N ASP B 56 -29.59 -21.61 13.07
CA ASP B 56 -29.58 -20.16 13.16
C ASP B 56 -29.28 -19.70 14.58
N HIS B 57 -28.64 -18.55 14.69
CA HIS B 57 -28.40 -17.94 15.99
C HIS B 57 -29.70 -17.59 16.70
N TYR B 58 -30.68 -17.10 15.95
CA TYR B 58 -31.93 -16.62 16.52
C TYR B 58 -33.04 -17.57 16.12
N TRP B 59 -33.66 -18.19 17.13
CA TRP B 59 -34.89 -18.92 16.93
C TRP B 59 -36.06 -17.97 17.14
N TYR B 60 -37.27 -18.44 16.92
CA TYR B 60 -38.45 -17.63 17.22
C TYR B 60 -38.67 -17.62 18.71
N MET B 61 -38.80 -16.43 19.29
CA MET B 61 -39.19 -16.33 20.68
C MET B 61 -40.67 -16.64 20.81
N TRP B 62 -41.01 -17.51 21.76
CA TRP B 62 -42.40 -17.77 22.11
C TRP B 62 -42.80 -16.73 23.15
N LYS B 63 -43.52 -15.71 22.71
CA LYS B 63 -43.95 -14.58 23.56
C LYS B 63 -42.67 -13.93 24.11
N LEU B 64 -42.64 -13.59 25.39
CA LEU B 64 -41.49 -12.96 26.03
C LEU B 64 -40.92 -13.90 27.08
N PRO B 65 -39.65 -13.72 27.45
CA PRO B 65 -39.11 -14.49 28.57
C PRO B 65 -39.95 -14.25 29.83
N MET B 66 -40.19 -15.32 30.57
CA MET B 66 -40.99 -15.24 31.79
C MET B 66 -40.12 -14.70 32.91
N PHE B 67 -39.87 -13.39 32.84
CA PHE B 67 -38.97 -12.75 33.79
C PHE B 67 -39.50 -12.85 35.21
N GLY B 68 -38.62 -13.25 36.12
CA GLY B 68 -38.99 -13.39 37.52
C GLY B 68 -39.99 -14.49 37.82
N GLU B 69 -40.21 -15.40 36.88
CA GLU B 69 -41.20 -16.46 37.05
C GLU B 69 -40.55 -17.64 37.77
N THR B 70 -41.14 -18.02 38.90
CA THR B 70 -40.65 -19.14 39.68
C THR B 70 -41.62 -20.30 39.74
N ASN B 71 -42.79 -20.19 39.12
CA ASN B 71 -43.77 -21.27 39.11
C ASN B 71 -43.40 -22.25 38.01
N VAL B 72 -42.96 -23.44 38.40
CA VAL B 72 -42.51 -24.44 37.44
C VAL B 72 -43.66 -24.86 36.53
N ASP B 73 -44.87 -24.99 37.09
CA ASP B 73 -46.01 -25.43 36.31
C ASP B 73 -46.37 -24.42 35.23
N ALA B 74 -46.27 -23.12 35.53
CA ALA B 74 -46.54 -22.11 34.53
C ALA B 74 -45.55 -22.18 33.37
N ILE B 75 -44.27 -22.38 33.68
CA ILE B 75 -43.26 -22.51 32.64
C ILE B 75 -43.53 -23.74 31.79
N LEU B 76 -43.87 -24.86 32.43
CA LEU B 76 -44.16 -26.08 31.69
C LEU B 76 -45.37 -25.90 30.78
N LYS B 77 -46.41 -25.20 31.27
CA LYS B 77 -47.59 -24.99 30.44
C LYS B 77 -47.29 -24.05 29.29
N GLU B 78 -46.42 -23.07 29.48
CA GLU B 78 -46.01 -22.21 28.36
C GLU B 78 -45.26 -23.02 27.32
N ALA B 79 -44.35 -23.89 27.75
CA ALA B 79 -43.63 -24.73 26.80
C ALA B 79 -44.59 -25.65 26.05
N GLU B 80 -45.56 -26.22 26.76
CA GLU B 80 -46.54 -27.10 26.11
C GLU B 80 -47.39 -26.33 25.12
N ALA B 81 -47.76 -25.09 25.46
CA ALA B 81 -48.54 -24.26 24.55
C ALA B 81 -47.75 -23.96 23.28
N CYS B 82 -46.46 -23.63 23.44
CA CYS B 82 -45.62 -23.43 22.26
C CYS B 82 -45.54 -24.69 21.41
N HIS B 83 -45.41 -25.84 22.07
CA HIS B 83 -45.35 -27.10 21.33
C HIS B 83 -46.64 -27.36 20.56
N LYS B 84 -47.78 -27.09 21.18
CA LYS B 84 -49.06 -27.32 20.51
C LYS B 84 -49.27 -26.34 19.36
N ALA B 85 -48.87 -25.08 19.53
CA ALA B 85 -49.03 -24.11 18.46
C ALA B 85 -48.15 -24.41 17.26
N HIS B 86 -46.99 -25.01 17.49
CA HIS B 86 -46.03 -25.32 16.43
C HIS B 86 -45.56 -26.76 16.59
N PRO B 87 -46.43 -27.73 16.28
CA PRO B 87 -46.09 -29.14 16.55
C PRO B 87 -44.90 -29.67 15.76
N ASN B 88 -44.56 -29.05 14.63
CA ASN B 88 -43.45 -29.52 13.81
C ASN B 88 -42.13 -28.84 14.14
N ASN B 89 -42.11 -27.95 15.12
CA ASN B 89 -40.92 -27.18 15.43
C ASN B 89 -40.18 -27.76 16.63
N HIS B 90 -38.87 -27.60 16.63
CA HIS B 90 -38.10 -27.82 17.84
C HIS B 90 -38.46 -26.75 18.85
N VAL B 91 -38.62 -27.16 20.10
CA VAL B 91 -38.93 -26.24 21.19
C VAL B 91 -37.82 -26.32 22.22
N ARG B 92 -37.21 -25.18 22.49
CA ARG B 92 -36.06 -25.02 23.35
C ARG B 92 -36.45 -24.27 24.61
N LEU B 93 -35.98 -24.78 25.74
CA LEU B 93 -36.13 -24.15 27.04
C LEU B 93 -34.82 -23.45 27.39
N ILE B 94 -34.91 -22.21 27.85
CA ILE B 94 -33.75 -21.36 28.07
C ILE B 94 -33.83 -20.75 29.46
N GLY B 95 -32.70 -20.71 30.15
CA GLY B 95 -32.59 -19.91 31.34
C GLY B 95 -31.67 -18.73 31.10
N TYR B 96 -32.23 -17.52 31.04
CA TYR B 96 -31.43 -16.33 30.84
C TYR B 96 -30.79 -15.91 32.14
N ASP B 97 -29.47 -15.77 32.14
CA ASP B 97 -28.71 -15.25 33.27
C ASP B 97 -28.46 -13.77 32.99
N ASN B 98 -29.26 -12.90 33.62
CA ASN B 98 -29.14 -11.48 33.34
C ASN B 98 -27.89 -10.87 33.94
N TYR B 99 -27.30 -11.50 34.96
CA TYR B 99 -26.09 -10.95 35.56
C TYR B 99 -24.86 -11.19 34.69
N ALA B 100 -24.72 -12.39 34.14
CA ALA B 100 -23.67 -12.66 33.17
C ALA B 100 -24.06 -12.26 31.76
N GLN B 101 -25.33 -11.96 31.53
CA GLN B 101 -25.86 -11.67 30.20
C GLN B 101 -25.54 -12.81 29.23
N THR B 102 -25.88 -14.01 29.66
CA THR B 102 -25.72 -15.19 28.85
C THR B 102 -26.93 -16.08 29.10
N LYS B 103 -27.04 -17.12 28.29
CA LYS B 103 -28.01 -18.17 28.57
C LYS B 103 -27.35 -19.16 29.52
N GLY B 104 -27.80 -19.17 30.78
CA GLY B 104 -27.27 -20.12 31.72
C GLY B 104 -27.59 -21.55 31.34
N ALA B 105 -28.72 -21.76 30.67
CA ALA B 105 -29.12 -23.07 30.20
C ALA B 105 -29.87 -22.92 28.88
N GLU B 106 -29.73 -23.93 28.03
CA GLU B 106 -30.44 -23.97 26.76
C GLU B 106 -30.52 -25.42 26.33
N MET B 107 -31.74 -25.90 26.09
CA MET B 107 -31.91 -27.30 25.69
C MET B 107 -33.21 -27.45 24.93
N VAL B 108 -33.19 -28.31 23.91
CA VAL B 108 -34.39 -28.63 23.17
C VAL B 108 -35.21 -29.62 23.99
N ILE B 109 -36.40 -29.19 24.41
CA ILE B 109 -37.24 -30.04 25.25
C ILE B 109 -38.28 -30.75 24.39
N TYR B 110 -38.58 -30.20 23.22
CA TYR B 110 -39.49 -30.87 22.29
C TYR B 110 -38.81 -30.98 20.95
N ARG B 111 -38.59 -32.20 20.48
CA ARG B 111 -37.95 -32.40 19.20
C ARG B 111 -38.98 -32.42 18.09
N GLY B 112 -38.71 -31.66 17.03
CA GLY B 112 -39.58 -31.59 15.88
C GLY B 112 -39.23 -32.63 14.84
N LYS B 113 -39.65 -32.37 13.61
CA LYS B 113 -39.41 -33.22 12.45
C LYS B 113 -39.77 -34.69 12.71
N LYS C 1 51.05 -17.09 3.80
CA LYS C 1 52.31 -16.84 3.13
C LYS C 1 52.48 -15.38 2.75
N THR C 2 53.36 -15.13 1.79
CA THR C 2 53.68 -13.79 1.33
C THR C 2 53.09 -13.56 -0.06
N TYR C 3 53.11 -12.30 -0.48
CA TYR C 3 52.57 -11.92 -1.78
C TYR C 3 53.69 -11.95 -2.81
N SER C 4 53.51 -12.75 -3.86
CA SER C 4 54.43 -12.81 -4.98
C SER C 4 53.60 -12.71 -6.26
N ALA C 5 53.67 -11.56 -6.92
CA ALA C 5 52.90 -11.35 -8.13
C ALA C 5 53.39 -12.26 -9.25
N GLY C 6 52.48 -12.57 -10.18
CA GLY C 6 52.80 -13.38 -11.33
C GLY C 6 51.87 -14.56 -11.47
N VAL C 7 51.98 -15.21 -12.62
CA VAL C 7 51.13 -16.35 -12.96
C VAL C 7 51.73 -17.62 -12.38
N LYS C 8 50.89 -18.43 -11.75
CA LYS C 8 51.30 -19.73 -11.23
C LYS C 8 50.30 -20.79 -11.66
N GLU C 9 50.75 -22.04 -11.63
CA GLU C 9 49.89 -23.15 -12.01
C GLU C 9 48.80 -23.39 -10.97
N TYR C 10 47.68 -23.90 -11.43
CA TYR C 10 46.56 -24.22 -10.54
C TYR C 10 46.75 -25.54 -9.78
N ARG C 11 47.67 -26.39 -10.22
CA ARG C 11 47.75 -27.74 -9.68
C ARG C 11 48.23 -27.76 -8.23
N GLU C 12 49.18 -26.89 -7.88
CA GLU C 12 49.77 -26.99 -6.55
C GLU C 12 48.81 -26.57 -5.44
N THR C 13 47.83 -25.74 -5.74
CA THR C 13 46.88 -25.25 -4.74
C THR C 13 45.52 -25.93 -4.83
N TYR C 14 44.99 -26.12 -6.04
CA TYR C 14 43.63 -26.56 -6.22
C TYR C 14 43.51 -28.04 -6.53
N TRP C 15 44.60 -28.79 -6.45
CA TRP C 15 44.58 -30.25 -6.62
C TRP C 15 45.03 -30.88 -5.30
N MET C 16 44.08 -31.50 -4.60
CA MET C 16 44.33 -32.09 -3.28
C MET C 16 43.83 -33.53 -3.30
N PRO C 17 44.64 -34.45 -3.82
CA PRO C 17 44.19 -35.85 -3.92
C PRO C 17 43.92 -36.52 -2.58
N ASN C 18 44.45 -36.00 -1.49
CA ASN C 18 44.22 -36.57 -0.16
C ASN C 18 43.06 -35.91 0.58
N TYR C 19 42.38 -34.95 -0.04
CA TYR C 19 41.28 -34.28 0.64
C TYR C 19 40.11 -35.23 0.80
N THR C 20 39.55 -35.28 2.01
CA THR C 20 38.35 -36.06 2.26
C THR C 20 37.15 -35.11 2.28
N PRO C 21 36.18 -35.28 1.39
CA PRO C 21 35.06 -34.34 1.36
C PRO C 21 34.31 -34.32 2.69
N LYS C 22 33.95 -33.12 3.11
CA LYS C 22 33.14 -32.96 4.31
C LYS C 22 31.67 -33.25 4.01
N ASP C 23 30.92 -33.54 5.07
CA ASP C 23 29.50 -33.82 4.90
C ASP C 23 28.73 -32.60 4.42
N THR C 24 29.26 -31.40 4.59
CA THR C 24 28.61 -30.19 4.14
C THR C 24 29.14 -29.69 2.80
N ASP C 25 30.14 -30.35 2.22
CA ASP C 25 30.69 -29.90 0.96
C ASP C 25 29.71 -30.13 -0.18
N ILE C 26 29.69 -29.19 -1.13
CA ILE C 26 29.06 -29.44 -2.42
C ILE C 26 30.09 -30.15 -3.29
N LEU C 27 29.73 -31.30 -3.84
CA LEU C 27 30.62 -32.08 -4.68
C LEU C 27 30.14 -32.04 -6.12
N ALA C 28 31.07 -31.93 -7.04
CA ALA C 28 30.76 -31.90 -8.47
C ALA C 28 31.61 -32.92 -9.19
N CYS C 29 31.01 -33.60 -10.17
CA CYS C 29 31.72 -34.51 -11.05
C CYS C 29 31.71 -33.93 -12.46
N PHE C 30 32.88 -33.57 -12.95
CA PHE C 30 33.06 -33.00 -14.28
C PHE C 30 33.69 -34.06 -15.18
N LYS C 31 33.09 -34.31 -16.33
CA LYS C 31 33.74 -35.10 -17.37
C LYS C 31 34.57 -34.16 -18.22
N ILE C 32 35.89 -34.23 -18.09
CA ILE C 32 36.80 -33.26 -18.69
C ILE C 32 37.42 -33.87 -19.94
N THR C 33 37.27 -33.20 -21.07
CA THR C 33 38.03 -33.51 -22.27
C THR C 33 39.18 -32.53 -22.35
N PRO C 34 40.38 -32.87 -21.88
CA PRO C 34 41.44 -31.88 -21.75
C PRO C 34 42.05 -31.51 -23.09
N GLN C 35 42.56 -30.29 -23.14
CA GLN C 35 43.38 -29.83 -24.26
C GLN C 35 44.66 -30.67 -24.32
N PRO C 36 45.11 -31.04 -25.52
CA PRO C 36 46.31 -31.88 -25.62
C PRO C 36 47.51 -31.20 -24.98
N GLY C 37 48.33 -31.99 -24.29
CA GLY C 37 49.48 -31.49 -23.58
C GLY C 37 49.21 -31.07 -22.15
N VAL C 38 47.95 -30.87 -21.78
CA VAL C 38 47.58 -30.47 -20.43
C VAL C 38 47.38 -31.73 -19.59
N PRO C 39 48.13 -31.90 -18.50
CA PRO C 39 47.94 -33.09 -17.68
C PRO C 39 46.58 -33.08 -16.99
N ARG C 40 46.12 -34.27 -16.61
CA ARG C 40 44.79 -34.40 -16.04
C ARG C 40 44.65 -33.58 -14.76
N GLU C 41 45.65 -33.65 -13.88
CA GLU C 41 45.57 -32.93 -12.61
C GLU C 41 45.51 -31.42 -12.84
N GLU C 42 46.27 -30.91 -13.80
CA GLU C 42 46.20 -29.49 -14.11
C GLU C 42 44.82 -29.11 -14.63
N ALA C 43 44.23 -29.95 -15.48
CA ALA C 43 42.89 -29.68 -15.99
C ALA C 43 41.86 -29.70 -14.86
N ALA C 44 41.93 -30.73 -14.01
CA ALA C 44 41.01 -30.82 -12.89
C ALA C 44 41.19 -29.65 -11.93
N ALA C 45 42.44 -29.30 -11.62
CA ALA C 45 42.69 -28.18 -10.71
C ALA C 45 42.27 -26.86 -11.33
N ALA C 46 42.41 -26.72 -12.65
CA ALA C 46 41.95 -25.51 -13.31
C ALA C 46 40.44 -25.35 -13.21
N VAL C 47 39.70 -26.46 -13.37
CA VAL C 47 38.26 -26.40 -13.24
C VAL C 47 37.87 -26.03 -11.81
N ALA C 48 38.55 -26.62 -10.84
CA ALA C 48 38.28 -26.30 -9.43
C ALA C 48 38.57 -24.83 -9.14
N ALA C 49 39.69 -24.32 -9.65
CA ALA C 49 40.09 -22.95 -9.35
C ALA C 49 39.15 -21.94 -9.97
N GLU C 50 38.84 -22.10 -11.25
CA GLU C 50 38.05 -21.10 -11.95
C GLU C 50 36.60 -21.08 -11.45
N SER C 51 36.13 -22.19 -10.90
CA SER C 51 34.77 -22.26 -10.41
C SER C 51 34.60 -21.77 -8.98
N SER C 52 35.66 -21.65 -8.20
CA SER C 52 35.45 -21.24 -6.82
C SER C 52 36.10 -19.91 -6.42
N THR C 53 37.43 -19.86 -6.42
CA THR C 53 38.14 -18.69 -5.91
C THR C 53 39.38 -18.35 -6.73
N GLY C 54 39.65 -19.09 -7.79
CA GLY C 54 40.88 -18.92 -8.52
C GLY C 54 40.89 -17.69 -9.40
N THR C 55 42.10 -17.30 -9.79
CA THR C 55 42.32 -16.20 -10.70
C THR C 55 43.58 -16.50 -11.50
N TRP C 56 43.64 -15.94 -12.72
CA TRP C 56 44.70 -16.33 -13.65
C TRP C 56 46.09 -15.89 -13.19
N THR C 57 46.18 -14.90 -12.32
CA THR C 57 47.45 -14.45 -11.78
C THR C 57 47.30 -14.19 -10.29
N THR C 58 48.40 -14.33 -9.55
CA THR C 58 48.34 -14.17 -8.10
C THR C 58 47.91 -12.75 -7.72
N VAL C 59 46.97 -12.65 -6.78
CA VAL C 59 46.49 -11.36 -6.30
C VAL C 59 46.75 -11.28 -4.80
N TRP C 60 47.12 -10.07 -4.35
CA TRP C 60 47.47 -9.89 -2.94
C TRP C 60 46.27 -9.98 -2.02
N THR C 61 45.06 -9.71 -2.52
CA THR C 61 43.87 -9.78 -1.68
C THR C 61 43.60 -11.23 -1.26
N ASP C 62 44.22 -12.19 -1.93
CA ASP C 62 44.13 -13.59 -1.54
C ASP C 62 44.54 -13.76 -0.08
N LEU C 63 45.55 -13.01 0.36
CA LEU C 63 46.11 -13.19 1.68
C LEU C 63 45.33 -12.46 2.77
N LEU C 64 44.30 -11.71 2.39
CA LEU C 64 43.40 -11.14 3.39
C LEU C 64 42.40 -12.15 3.90
N THR C 65 42.32 -13.33 3.29
CA THR C 65 41.34 -14.33 3.66
C THR C 65 42.00 -15.71 3.68
N ASP C 66 41.22 -16.71 4.08
CA ASP C 66 41.72 -18.07 4.26
C ASP C 66 41.27 -18.91 3.06
N LEU C 67 42.00 -18.81 1.96
CA LEU C 67 41.63 -19.61 0.81
C LEU C 67 42.04 -21.07 0.94
N ASP C 68 42.85 -21.41 1.93
CA ASP C 68 43.00 -22.84 2.24
C ASP C 68 41.65 -23.44 2.61
N TYR C 69 40.75 -22.64 3.15
CA TYR C 69 39.41 -23.11 3.46
C TYR C 69 38.45 -22.87 2.30
N TYR C 70 38.39 -21.65 1.77
CA TYR C 70 37.31 -21.28 0.87
C TYR C 70 37.44 -21.91 -0.51
N LYS C 71 38.64 -22.29 -0.93
CA LYS C 71 38.84 -22.74 -2.29
C LYS C 71 38.08 -24.03 -2.58
N GLY C 72 37.67 -24.20 -3.83
CA GLY C 72 37.26 -25.51 -4.32
C GLY C 72 38.49 -26.30 -4.71
N ARG C 73 38.42 -27.62 -4.51
CA ARG C 73 39.58 -28.48 -4.70
C ARG C 73 39.18 -29.75 -5.44
N ALA C 74 39.99 -30.14 -6.41
CA ALA C 74 39.83 -31.44 -7.04
C ALA C 74 40.51 -32.48 -6.17
N TYR C 75 39.76 -33.51 -5.79
CA TYR C 75 40.27 -34.52 -4.88
C TYR C 75 40.34 -35.91 -5.49
N ALA C 76 39.85 -36.10 -6.70
CA ALA C 76 39.90 -37.43 -7.32
C ALA C 76 39.78 -37.27 -8.83
N ILE C 77 40.45 -38.18 -9.53
CA ILE C 77 40.34 -38.30 -10.98
C ILE C 77 40.10 -39.76 -11.31
N GLU C 78 39.12 -40.02 -12.18
CA GLU C 78 38.83 -41.37 -12.63
C GLU C 78 38.73 -41.41 -14.15
N ASP C 79 38.97 -42.60 -14.69
CA ASP C 79 38.82 -42.83 -16.12
C ASP C 79 37.35 -43.00 -16.46
N VAL C 80 36.95 -42.46 -17.61
CA VAL C 80 35.59 -42.65 -18.11
C VAL C 80 35.51 -44.05 -18.70
N PRO C 81 34.60 -44.92 -18.21
CA PRO C 81 34.48 -46.26 -18.78
C PRO C 81 34.19 -46.23 -20.26
N GLY C 82 35.05 -46.87 -21.06
CA GLY C 82 34.92 -46.78 -22.50
C GLY C 82 35.77 -45.66 -23.08
N ASP C 83 35.17 -44.50 -23.29
CA ASP C 83 35.85 -43.35 -23.88
C ASP C 83 37.07 -42.96 -23.08
N ASP C 84 38.24 -42.94 -23.74
CA ASP C 84 39.48 -42.57 -23.08
C ASP C 84 39.95 -41.17 -23.43
N THR C 85 39.17 -40.42 -24.21
CA THR C 85 39.56 -39.04 -24.52
C THR C 85 39.23 -38.10 -23.37
N CYS C 86 38.42 -38.56 -22.42
CA CYS C 86 37.98 -37.75 -21.29
C CYS C 86 38.20 -38.49 -19.98
N PHE C 87 38.07 -37.75 -18.89
CA PHE C 87 38.19 -38.31 -17.55
C PHE C 87 37.23 -37.60 -16.61
N TYR C 88 36.91 -38.26 -15.50
CA TYR C 88 36.04 -37.71 -14.47
C TYR C 88 36.90 -36.99 -13.44
N ALA C 89 36.56 -35.75 -13.14
CA ALA C 89 37.19 -35.01 -12.05
C ALA C 89 36.15 -34.75 -10.97
N PHE C 90 36.51 -35.06 -9.73
CA PHE C 90 35.64 -34.85 -8.58
C PHE C 90 36.16 -33.67 -7.80
N ILE C 91 35.33 -32.66 -7.62
CA ILE C 91 35.72 -31.41 -6.99
C ILE C 91 34.80 -31.13 -5.82
N ALA C 92 35.38 -30.70 -4.70
CA ALA C 92 34.64 -30.39 -3.49
C ALA C 92 34.66 -28.89 -3.25
N TYR C 93 33.50 -28.34 -2.91
CA TYR C 93 33.36 -26.93 -2.62
C TYR C 93 32.80 -26.78 -1.21
N PRO C 94 33.43 -25.98 -0.35
CA PRO C 94 32.85 -25.74 0.97
C PRO C 94 31.50 -25.06 0.85
N ILE C 95 30.60 -25.39 1.77
CA ILE C 95 29.25 -24.86 1.73
C ILE C 95 29.25 -23.34 1.89
N ASP C 96 30.28 -22.76 2.51
CA ASP C 96 30.34 -21.32 2.72
C ASP C 96 30.41 -20.54 1.42
N LEU C 97 30.82 -21.18 0.33
CA LEU C 97 30.99 -20.46 -0.92
C LEU C 97 29.68 -19.99 -1.53
N PHE C 98 28.55 -20.49 -1.06
CA PHE C 98 27.29 -20.30 -1.74
C PHE C 98 26.29 -19.58 -0.87
N GLU C 99 25.47 -18.75 -1.50
CA GLU C 99 24.31 -18.18 -0.83
C GLU C 99 23.33 -19.31 -0.49
N GLU C 100 22.83 -19.28 0.74
CA GLU C 100 21.86 -20.29 1.16
C GLU C 100 20.58 -20.17 0.35
N GLY C 101 19.99 -21.31 0.02
CA GLY C 101 18.71 -21.32 -0.66
C GLY C 101 18.73 -20.66 -2.02
N SER C 102 19.85 -20.77 -2.73
CA SER C 102 20.03 -20.10 -4.02
C SER C 102 20.60 -21.11 -5.01
N VAL C 103 19.72 -21.80 -5.73
CA VAL C 103 20.19 -22.62 -6.85
C VAL C 103 20.81 -21.73 -7.91
N VAL C 104 20.39 -20.47 -7.99
CA VAL C 104 20.99 -19.54 -8.94
C VAL C 104 22.48 -19.39 -8.64
N ASN C 105 22.81 -19.21 -7.37
CA ASN C 105 24.22 -19.00 -7.00
C ASN C 105 25.04 -20.25 -7.22
N VAL C 106 24.55 -21.40 -6.74
CA VAL C 106 25.30 -22.65 -6.89
C VAL C 106 25.50 -22.97 -8.35
N PHE C 107 24.45 -22.82 -9.14
CA PHE C 107 24.51 -23.08 -10.57
C PHE C 107 25.48 -22.12 -11.25
N THR C 108 25.39 -20.83 -10.91
CA THR C 108 26.31 -19.85 -11.49
C THR C 108 27.75 -20.18 -11.14
N SER C 109 28.00 -20.56 -9.89
CA SER C 109 29.38 -20.87 -9.48
C SER C 109 29.94 -22.06 -10.22
N LEU C 110 29.13 -23.11 -10.39
CA LEU C 110 29.65 -24.34 -10.99
C LEU C 110 29.84 -24.21 -12.48
N VAL C 111 28.88 -23.61 -13.18
CA VAL C 111 28.87 -23.62 -14.65
C VAL C 111 29.10 -22.23 -15.23
N GLY C 112 29.47 -21.26 -14.40
CA GLY C 112 29.53 -19.88 -14.87
C GLY C 112 30.57 -19.65 -15.94
N ASN C 113 31.80 -20.10 -15.71
CA ASN C 113 32.87 -19.79 -16.64
C ASN C 113 33.80 -20.95 -16.99
N VAL C 114 33.75 -22.07 -16.27
CA VAL C 114 34.68 -23.15 -16.53
C VAL C 114 34.45 -23.83 -17.88
N PHE C 115 33.24 -23.74 -18.43
CA PHE C 115 32.96 -24.41 -19.68
C PHE C 115 33.64 -23.76 -20.87
N GLY C 116 34.06 -22.51 -20.73
CA GLY C 116 34.82 -21.82 -21.75
C GLY C 116 36.30 -21.76 -21.51
N PHE C 117 36.81 -22.50 -20.52
CA PHE C 117 38.22 -22.43 -20.19
C PHE C 117 39.07 -23.10 -21.25
N LYS C 118 40.16 -22.44 -21.63
CA LYS C 118 40.99 -22.91 -22.73
C LYS C 118 41.70 -24.22 -22.43
N ALA C 119 41.88 -24.56 -21.16
CA ALA C 119 42.60 -25.79 -20.80
C ALA C 119 41.82 -27.04 -21.12
N VAL C 120 40.54 -26.95 -21.42
CA VAL C 120 39.70 -28.10 -21.71
C VAL C 120 39.13 -27.94 -23.11
N ARG C 121 39.11 -29.04 -23.87
CA ARG C 121 38.42 -29.04 -25.15
C ARG C 121 36.91 -29.05 -24.95
N ALA C 122 36.42 -29.89 -24.03
CA ALA C 122 35.01 -29.98 -23.74
C ALA C 122 34.86 -30.31 -22.26
N LEU C 123 33.70 -29.97 -21.72
CA LEU C 123 33.45 -30.15 -20.29
C LEU C 123 31.98 -30.46 -20.10
N ARG C 124 31.69 -31.50 -19.32
CA ARG C 124 30.31 -31.84 -18.99
C ARG C 124 30.19 -32.00 -17.48
N LEU C 125 29.27 -31.25 -16.89
CA LEU C 125 28.93 -31.41 -15.48
C LEU C 125 28.01 -32.63 -15.37
N GLU C 126 28.53 -33.71 -14.80
CA GLU C 126 27.78 -34.96 -14.76
C GLU C 126 26.86 -35.03 -13.55
N ASP C 127 27.34 -34.63 -12.37
CA ASP C 127 26.56 -34.79 -11.16
C ASP C 127 27.04 -33.77 -10.13
N VAL C 128 26.13 -33.40 -9.24
CA VAL C 128 26.43 -32.49 -8.14
C VAL C 128 25.84 -33.09 -6.87
N ARG C 129 26.66 -33.18 -5.82
CA ARG C 129 26.19 -33.63 -4.51
C ARG C 129 25.80 -32.40 -3.70
N PHE C 130 24.50 -32.21 -3.51
CA PHE C 130 24.03 -31.18 -2.61
C PHE C 130 23.94 -31.75 -1.21
N PRO C 131 24.74 -31.26 -0.26
CA PRO C 131 24.66 -31.80 1.10
C PRO C 131 23.31 -31.50 1.70
N ILE C 132 22.87 -32.35 2.63
CA ILE C 132 21.56 -32.16 3.23
C ILE C 132 21.49 -30.80 3.92
N ALA C 133 22.61 -30.30 4.43
CA ALA C 133 22.62 -28.98 5.04
C ALA C 133 22.23 -27.90 4.05
N TYR C 134 22.70 -28.02 2.81
CA TYR C 134 22.29 -27.03 1.81
C TYR C 134 20.87 -27.29 1.32
N VAL C 135 20.49 -28.57 1.20
CA VAL C 135 19.15 -28.90 0.72
C VAL C 135 18.09 -28.25 1.60
N MET C 136 18.30 -28.27 2.91
CA MET C 136 17.31 -27.72 3.83
C MET C 136 17.20 -26.20 3.77
N THR C 137 18.14 -25.51 3.12
CA THR C 137 17.99 -24.08 2.92
C THR C 137 17.13 -23.74 1.71
N CYS C 138 16.82 -24.72 0.87
CA CYS C 138 16.06 -24.48 -0.34
C CYS C 138 14.59 -24.81 -0.12
N ASN C 139 13.71 -24.07 -0.80
CA ASN C 139 12.28 -24.27 -0.59
C ASN C 139 11.81 -25.63 -1.09
N GLY C 140 12.37 -26.09 -2.21
CA GLY C 140 11.96 -27.35 -2.79
C GLY C 140 10.60 -27.24 -3.42
N PRO C 141 10.00 -28.37 -3.77
CA PRO C 141 8.68 -28.36 -4.40
C PRO C 141 7.67 -27.67 -3.51
N PRO C 142 6.79 -26.84 -4.09
CA PRO C 142 5.77 -26.19 -3.25
C PRO C 142 4.89 -27.17 -2.52
N HIS C 143 4.56 -28.31 -3.14
CA HIS C 143 3.70 -29.28 -2.47
C HIS C 143 4.29 -30.68 -2.45
N GLY C 144 4.82 -31.15 -3.58
CA GLY C 144 5.32 -32.50 -3.68
C GLY C 144 4.24 -33.51 -3.96
N ILE C 145 4.68 -34.76 -4.16
CA ILE C 145 3.80 -35.80 -4.70
C ILE C 145 2.63 -36.07 -3.77
N GLN C 146 2.92 -36.30 -2.49
CA GLN C 146 1.87 -36.73 -1.57
C GLN C 146 0.85 -35.62 -1.33
N VAL C 147 1.33 -34.40 -1.16
CA VAL C 147 0.42 -33.27 -0.96
C VAL C 147 -0.44 -33.06 -2.20
N GLU C 148 0.17 -33.17 -3.37
CA GLU C 148 -0.58 -32.99 -4.62
C GLU C 148 -1.67 -34.04 -4.78
N ARG C 149 -1.35 -35.30 -4.49
CA ARG C 149 -2.37 -36.35 -4.58
C ARG C 149 -3.52 -36.07 -3.62
N ASP C 150 -3.21 -35.58 -2.42
CA ASP C 150 -4.26 -35.22 -1.47
C ASP C 150 -5.09 -34.05 -1.98
N ILE C 151 -4.44 -33.04 -2.57
CA ILE C 151 -5.18 -31.91 -3.12
C ILE C 151 -6.09 -32.34 -4.25
N LEU C 152 -5.57 -33.17 -5.16
CA LEU C 152 -6.33 -33.60 -6.32
C LEU C 152 -7.23 -34.78 -6.03
N ASN C 153 -7.06 -35.45 -4.89
CA ASN C 153 -7.84 -36.63 -4.55
C ASN C 153 -7.69 -37.72 -5.60
N LYS C 154 -6.46 -37.96 -6.03
CA LYS C 154 -6.15 -38.96 -7.05
C LYS C 154 -5.07 -39.89 -6.52
N TYR C 155 -5.35 -41.18 -6.48
CA TYR C 155 -4.46 -42.15 -5.86
C TYR C 155 -4.38 -43.41 -6.70
N GLY C 156 -3.27 -44.12 -6.55
CA GLY C 156 -3.14 -45.46 -7.08
C GLY C 156 -2.90 -45.57 -8.56
N ARG C 157 -2.56 -44.47 -9.23
CA ARG C 157 -2.33 -44.50 -10.66
C ARG C 157 -1.54 -43.27 -11.06
N PRO C 158 -0.84 -43.32 -12.19
CA PRO C 158 -0.29 -42.08 -12.75
C PRO C 158 -1.41 -41.14 -13.14
N LEU C 159 -1.09 -39.86 -13.14
CA LEU C 159 -2.02 -38.86 -13.64
C LEU C 159 -1.88 -38.75 -15.16
N LEU C 160 -2.98 -38.39 -15.81
CA LEU C 160 -3.00 -38.27 -17.27
C LEU C 160 -3.14 -36.82 -17.66
N GLY C 161 -2.28 -36.37 -18.58
CA GLY C 161 -2.31 -35.01 -19.06
C GLY C 161 -2.33 -34.98 -20.58
N CYS C 162 -2.42 -33.77 -21.11
CA CYS C 162 -2.48 -33.57 -22.55
C CYS C 162 -2.18 -32.12 -22.88
N THR C 163 -1.17 -31.89 -23.69
CA THR C 163 -0.91 -30.55 -24.20
C THR C 163 -1.88 -30.25 -25.33
N ILE C 164 -2.52 -29.08 -25.27
CA ILE C 164 -3.42 -28.68 -26.34
C ILE C 164 -2.62 -28.37 -27.58
N LYS C 165 -3.05 -28.93 -28.71
CA LYS C 165 -2.44 -28.70 -30.00
C LYS C 165 -3.47 -28.13 -30.96
N PRO C 166 -3.07 -27.34 -31.96
CA PRO C 166 -1.69 -26.94 -32.32
C PRO C 166 -1.05 -26.08 -31.24
N LYS C 167 0.28 -26.08 -31.18
CA LYS C 167 0.97 -25.33 -30.13
C LYS C 167 0.55 -23.88 -30.12
N LEU C 168 0.38 -23.27 -31.29
CA LEU C 168 -0.07 -21.89 -31.39
C LEU C 168 -1.14 -21.81 -32.49
N GLY C 169 -1.98 -20.79 -32.39
CA GLY C 169 -2.92 -20.46 -33.44
C GLY C 169 -4.38 -20.51 -33.01
N LEU C 170 -4.70 -21.10 -31.88
CA LEU C 170 -6.10 -21.21 -31.45
C LEU C 170 -6.53 -19.97 -30.69
N SER C 171 -7.77 -19.55 -30.92
CA SER C 171 -8.36 -18.51 -30.09
C SER C 171 -8.66 -19.06 -28.71
N ALA C 172 -8.87 -18.15 -27.76
CA ALA C 172 -9.08 -18.56 -26.38
C ALA C 172 -10.30 -19.47 -26.24
N LYS C 173 -11.41 -19.11 -26.89
CA LYS C 173 -12.60 -19.93 -26.77
C LYS C 173 -12.42 -21.30 -27.43
N ASN C 174 -11.82 -21.33 -28.61
CA ASN C 174 -11.52 -22.62 -29.25
C ASN C 174 -10.55 -23.43 -28.41
N TYR C 175 -9.56 -22.75 -27.84
CA TYR C 175 -8.63 -23.41 -26.92
C TYR C 175 -9.38 -24.03 -25.75
N GLY C 176 -10.28 -23.28 -25.14
CA GLY C 176 -11.05 -23.80 -24.02
C GLY C 176 -11.95 -24.95 -24.42
N ARG C 177 -12.51 -24.90 -25.63
CA ARG C 177 -13.31 -26.02 -26.11
C ARG C 177 -12.49 -27.28 -26.20
N ALA C 178 -11.26 -27.19 -26.72
CA ALA C 178 -10.39 -28.34 -26.77
C ALA C 178 -10.06 -28.84 -25.36
N VAL C 179 -9.83 -27.91 -24.43
CA VAL C 179 -9.54 -28.29 -23.05
C VAL C 179 -10.73 -29.04 -22.46
N TYR C 180 -11.95 -28.52 -22.69
CA TYR C 180 -13.13 -29.15 -22.12
C TYR C 180 -13.31 -30.57 -22.63
N GLU C 181 -13.12 -30.77 -23.94
CA GLU C 181 -13.32 -32.10 -24.50
C GLU C 181 -12.31 -33.10 -23.95
N CYS C 182 -11.05 -32.69 -23.82
CA CYS C 182 -10.05 -33.58 -23.24
C CYS C 182 -10.40 -33.93 -21.80
N LEU C 183 -10.70 -32.92 -20.98
CA LEU C 183 -10.96 -33.17 -19.57
C LEU C 183 -12.20 -34.01 -19.35
N ARG C 184 -13.26 -33.75 -20.12
CA ARG C 184 -14.48 -34.52 -19.96
C ARG C 184 -14.31 -35.97 -20.40
N GLY C 185 -13.30 -36.26 -21.20
CA GLY C 185 -13.06 -37.62 -21.66
C GLY C 185 -12.36 -38.49 -20.65
N GLY C 186 -11.72 -37.91 -19.65
CA GLY C 186 -11.09 -38.72 -18.62
C GLY C 186 -9.69 -38.31 -18.23
N LEU C 187 -9.13 -37.31 -18.90
CA LEU C 187 -7.82 -36.81 -18.51
C LEU C 187 -7.92 -36.02 -17.22
N ASP C 188 -6.86 -36.12 -16.41
CA ASP C 188 -6.78 -35.30 -15.20
C ASP C 188 -6.39 -33.87 -15.53
N PHE C 189 -5.49 -33.69 -16.49
CA PHE C 189 -4.89 -32.40 -16.78
C PHE C 189 -4.92 -32.12 -18.27
N THR C 190 -5.00 -30.86 -18.60
CA THR C 190 -4.58 -30.36 -19.89
C THR C 190 -3.44 -29.38 -19.65
N LYS C 191 -2.78 -28.97 -20.72
CA LYS C 191 -1.53 -28.24 -20.57
C LYS C 191 -1.39 -27.20 -21.66
N ASP C 192 -0.97 -26.00 -21.27
CA ASP C 192 -0.50 -25.03 -22.26
C ASP C 192 0.82 -25.50 -22.84
N ASP C 193 0.99 -25.28 -24.14
CA ASP C 193 2.31 -25.50 -24.72
C ASP C 193 3.31 -24.52 -24.12
N GLU C 194 4.59 -24.89 -24.19
CA GLU C 194 5.62 -24.07 -23.54
C GLU C 194 5.69 -22.67 -24.12
N ASN C 195 5.36 -22.50 -25.39
CA ASN C 195 5.43 -21.18 -26.02
C ASN C 195 4.09 -20.45 -26.02
N VAL C 196 3.06 -21.02 -25.40
CA VAL C 196 1.79 -20.32 -25.21
C VAL C 196 1.96 -19.45 -23.96
N ASN C 197 2.22 -18.17 -24.14
CA ASN C 197 2.24 -17.25 -23.00
C ASN C 197 1.13 -16.21 -23.13
N SER C 198 1.22 -15.31 -24.10
CA SER C 198 0.14 -14.37 -24.39
C SER C 198 0.39 -13.87 -25.80
N GLN C 199 -0.32 -14.42 -26.75
CA GLN C 199 -0.11 -14.11 -28.15
C GLN C 199 -1.22 -13.22 -28.67
N PRO C 200 -1.00 -12.50 -29.77
CA PRO C 200 -2.07 -11.65 -30.32
C PRO C 200 -3.33 -12.43 -30.63
N PHE C 201 -3.22 -13.68 -31.06
CA PHE C 201 -4.42 -14.47 -31.35
C PHE C 201 -5.08 -15.02 -30.10
N MET C 202 -4.37 -15.07 -28.97
CA MET C 202 -4.98 -15.55 -27.73
C MET C 202 -4.25 -14.88 -26.56
N ARG C 203 -4.83 -13.80 -26.07
CA ARG C 203 -4.24 -13.12 -24.92
C ARG C 203 -4.45 -13.96 -23.66
N TRP C 204 -3.51 -13.85 -22.73
CA TRP C 204 -3.46 -14.81 -21.62
C TRP C 204 -4.71 -14.74 -20.76
N ARG C 205 -5.22 -13.54 -20.49
CA ARG C 205 -6.39 -13.45 -19.62
C ARG C 205 -7.59 -14.15 -20.24
N GLN C 206 -7.75 -14.04 -21.55
CA GLN C 206 -8.82 -14.76 -22.22
C GLN C 206 -8.62 -16.27 -22.15
N ARG C 207 -7.38 -16.72 -22.36
CA ARG C 207 -7.11 -18.15 -22.26
C ARG C 207 -7.39 -18.65 -20.85
N PHE C 208 -6.97 -17.89 -19.83
CA PHE C 208 -7.20 -18.31 -18.46
C PHE C 208 -8.70 -18.42 -18.18
N ASP C 209 -9.47 -17.45 -18.68
CA ASP C 209 -10.92 -17.45 -18.42
C ASP C 209 -11.60 -18.66 -19.04
N PHE C 210 -11.33 -18.92 -20.32
CA PHE C 210 -12.04 -20.00 -20.99
C PHE C 210 -11.55 -21.36 -20.56
N VAL C 211 -10.29 -21.46 -20.13
CA VAL C 211 -9.80 -22.71 -19.56
C VAL C 211 -10.56 -23.02 -18.27
N MET C 212 -10.76 -22.02 -17.43
CA MET C 212 -11.47 -22.26 -16.18
C MET C 212 -12.93 -22.60 -16.43
N GLU C 213 -13.52 -21.99 -17.45
CA GLU C 213 -14.87 -22.38 -17.86
C GLU C 213 -14.89 -23.84 -18.28
N ALA C 214 -13.88 -24.28 -19.04
CA ALA C 214 -13.79 -25.67 -19.44
C ALA C 214 -13.58 -26.59 -18.25
N ILE C 215 -12.73 -26.19 -17.32
CA ILE C 215 -12.44 -27.03 -16.16
C ILE C 215 -13.70 -27.23 -15.33
N ASP C 216 -14.44 -26.15 -15.09
CA ASP C 216 -15.64 -26.24 -14.27
C ASP C 216 -16.68 -27.16 -14.91
N LYS C 217 -16.88 -27.03 -16.21
CA LYS C 217 -17.86 -27.87 -16.88
C LYS C 217 -17.45 -29.35 -16.84
N ALA C 218 -16.17 -29.62 -17.07
CA ALA C 218 -15.70 -31.00 -17.05
C ALA C 218 -15.79 -31.61 -15.65
N GLU C 219 -15.45 -30.82 -14.63
CA GLU C 219 -15.53 -31.33 -13.26
C GLU C 219 -16.96 -31.66 -12.87
N ARG C 220 -17.91 -30.80 -13.23
CA ARG C 220 -19.31 -31.08 -12.93
C ARG C 220 -19.81 -32.29 -13.70
N GLU C 221 -19.34 -32.46 -14.93
CA GLU C 221 -19.82 -33.54 -15.77
C GLU C 221 -19.28 -34.88 -15.32
N THR C 222 -18.00 -34.94 -14.95
CA THR C 222 -17.35 -36.20 -14.59
C THR C 222 -17.33 -36.47 -13.09
N GLY C 223 -17.44 -35.44 -12.26
CA GLY C 223 -17.31 -35.63 -10.84
C GLY C 223 -15.90 -35.86 -10.36
N GLU C 224 -14.90 -35.64 -11.21
CA GLU C 224 -13.50 -35.78 -10.86
C GLU C 224 -12.83 -34.42 -10.95
N ARG C 225 -11.84 -34.21 -10.08
CA ARG C 225 -11.10 -32.95 -10.11
C ARG C 225 -10.26 -32.86 -11.37
N LYS C 226 -10.27 -31.67 -11.98
CA LYS C 226 -9.58 -31.43 -13.24
C LYS C 226 -8.67 -30.23 -13.08
N GLY C 227 -7.67 -30.15 -13.96
CA GLY C 227 -6.77 -29.03 -13.95
C GLY C 227 -6.25 -28.75 -15.34
N HIS C 228 -5.65 -27.59 -15.50
CA HIS C 228 -4.98 -27.22 -16.74
C HIS C 228 -3.78 -26.38 -16.36
N TYR C 229 -2.60 -26.80 -16.79
CA TYR C 229 -1.40 -26.04 -16.43
C TYR C 229 -1.43 -24.74 -17.21
N LEU C 230 -1.86 -23.67 -16.55
CA LEU C 230 -1.84 -22.36 -17.16
C LEU C 230 -0.40 -21.84 -17.16
N ASN C 231 0.13 -21.57 -18.35
CA ASN C 231 1.50 -21.12 -18.47
C ASN C 231 1.60 -19.66 -18.02
N VAL C 232 2.37 -19.41 -16.97
CA VAL C 232 2.59 -18.06 -16.48
C VAL C 232 3.96 -17.54 -16.89
N THR C 233 4.70 -18.28 -17.70
CA THR C 233 5.97 -17.77 -18.21
C THR C 233 5.73 -16.46 -18.93
N ALA C 234 6.51 -15.45 -18.57
CA ALA C 234 6.17 -14.08 -18.93
C ALA C 234 7.46 -13.32 -19.19
N PRO C 235 7.37 -12.17 -19.87
CA PRO C 235 8.60 -11.39 -20.13
C PRO C 235 9.32 -10.94 -18.87
N THR C 236 8.60 -10.59 -17.82
CA THR C 236 9.15 -10.03 -16.60
C THR C 236 8.56 -10.76 -15.39
N PRO C 237 9.25 -10.72 -14.25
CA PRO C 237 8.66 -11.31 -13.04
C PRO C 237 7.34 -10.68 -12.64
N GLU C 238 7.20 -9.37 -12.83
CA GLU C 238 5.93 -8.73 -12.51
C GLU C 238 4.80 -9.30 -13.35
N GLU C 239 5.06 -9.51 -14.63
CA GLU C 239 4.05 -10.12 -15.49
C GLU C 239 3.79 -11.57 -15.09
N MET C 240 4.85 -12.30 -14.73
CA MET C 240 4.69 -13.69 -14.31
C MET C 240 3.81 -13.78 -13.07
N TYR C 241 4.09 -12.93 -12.07
CA TYR C 241 3.30 -12.95 -10.84
C TYR C 241 1.88 -12.48 -11.09
N LYS C 242 1.70 -11.51 -11.99
CA LYS C 242 0.36 -11.06 -12.33
C LYS C 242 -0.47 -12.20 -12.91
N ARG C 243 0.11 -12.98 -13.81
CA ARG C 243 -0.61 -14.11 -14.38
C ARG C 243 -0.85 -15.19 -13.36
N ALA C 244 0.13 -15.44 -12.49
CA ALA C 244 -0.07 -16.38 -11.40
C ALA C 244 -1.18 -15.92 -10.46
N GLU C 245 -1.19 -14.63 -10.14
CA GLU C 245 -2.22 -14.11 -9.24
C GLU C 245 -3.61 -14.27 -9.85
N TYR C 246 -3.73 -14.00 -11.15
CA TYR C 246 -5.04 -14.15 -11.79
C TYR C 246 -5.46 -15.61 -11.82
N ALA C 247 -4.52 -16.52 -12.06
CA ALA C 247 -4.85 -17.93 -12.02
C ALA C 247 -5.37 -18.33 -10.65
N LYS C 248 -4.74 -17.84 -9.59
CA LYS C 248 -5.25 -18.07 -8.26
C LYS C 248 -6.62 -17.43 -8.06
N GLU C 249 -6.80 -16.22 -8.61
CA GLU C 249 -8.06 -15.51 -8.43
C GLU C 249 -9.22 -16.27 -9.04
N ILE C 250 -9.02 -16.87 -10.22
CA ILE C 250 -10.08 -17.60 -10.89
C ILE C 250 -10.17 -19.05 -10.45
N GLY C 251 -9.37 -19.47 -9.48
CA GLY C 251 -9.47 -20.80 -8.92
C GLY C 251 -8.68 -21.87 -9.65
N ALA C 252 -7.69 -21.50 -10.44
CA ALA C 252 -6.88 -22.51 -11.13
C ALA C 252 -6.07 -23.32 -10.11
N PRO C 253 -6.15 -24.64 -10.15
CA PRO C 253 -5.39 -25.44 -9.17
C PRO C 253 -3.92 -25.56 -9.49
N ILE C 254 -3.50 -25.31 -10.73
CA ILE C 254 -2.13 -25.59 -11.13
C ILE C 254 -1.72 -24.60 -12.21
N ILE C 255 -0.46 -24.19 -12.16
CA ILE C 255 0.12 -23.34 -13.18
C ILE C 255 1.41 -24.00 -13.67
N MET C 256 2.00 -23.40 -14.68
CA MET C 256 3.14 -23.99 -15.36
C MET C 256 4.19 -22.91 -15.61
N HIS C 257 5.46 -23.32 -15.59
CA HIS C 257 6.55 -22.39 -15.84
C HIS C 257 7.65 -23.12 -16.58
N ASP C 258 8.30 -22.42 -17.51
CA ASP C 258 9.48 -22.94 -18.20
C ASP C 258 10.70 -22.48 -17.42
N TYR C 259 11.25 -23.37 -16.58
CA TYR C 259 12.22 -22.93 -15.59
C TYR C 259 13.61 -22.65 -16.17
N ILE C 260 13.93 -23.18 -17.34
CA ILE C 260 15.22 -22.88 -17.94
C ILE C 260 15.16 -21.61 -18.77
N THR C 261 14.15 -21.50 -19.64
CA THR C 261 14.02 -20.30 -20.47
C THR C 261 13.50 -19.12 -19.66
N GLY C 262 12.54 -19.34 -18.78
CA GLY C 262 12.15 -18.30 -17.85
C GLY C 262 13.27 -17.96 -16.89
N GLY C 263 14.02 -18.96 -16.46
CA GLY C 263 15.17 -18.74 -15.62
C GLY C 263 14.94 -19.24 -14.20
N PHE C 264 16.06 -19.56 -13.54
CA PHE C 264 15.98 -20.13 -12.19
C PHE C 264 15.51 -19.10 -11.18
N CYS C 265 15.87 -17.83 -11.37
CA CYS C 265 15.43 -16.79 -10.44
C CYS C 265 13.91 -16.68 -10.45
N ALA C 266 13.32 -16.53 -11.63
CA ALA C 266 11.88 -16.46 -11.72
C ALA C 266 11.22 -17.73 -11.22
N ASN C 267 11.80 -18.89 -11.57
CA ASN C 267 11.20 -20.15 -11.14
C ASN C 267 11.20 -20.29 -9.63
N THR C 268 12.33 -19.99 -8.99
CA THR C 268 12.38 -20.09 -7.54
C THR C 268 11.38 -19.15 -6.89
N GLY C 269 11.29 -17.92 -7.38
CA GLY C 269 10.28 -17.01 -6.86
C GLY C 269 8.88 -17.54 -7.06
N LEU C 270 8.61 -18.12 -8.24
CA LEU C 270 7.29 -18.67 -8.49
C LEU C 270 7.01 -19.86 -7.59
N ALA C 271 8.02 -20.71 -7.37
CA ALA C 271 7.82 -21.87 -6.50
C ALA C 271 7.47 -21.44 -5.09
N GLN C 272 8.15 -20.42 -4.58
CA GLN C 272 7.81 -19.89 -3.27
C GLN C 272 6.42 -19.25 -3.28
N TRP C 273 6.09 -18.55 -4.36
CA TRP C 273 4.74 -18.00 -4.50
C TRP C 273 3.70 -19.10 -4.48
N CYS C 274 3.98 -20.20 -5.19
CA CYS C 274 3.03 -21.32 -5.24
C CYS C 274 2.83 -21.92 -3.85
N ARG C 275 3.91 -22.06 -3.08
CA ARG C 275 3.76 -22.53 -1.71
C ARG C 275 2.91 -21.58 -0.88
N ASN C 276 3.14 -20.27 -1.05
CA ASN C 276 2.42 -19.28 -0.27
C ASN C 276 0.95 -19.16 -0.68
N ASN C 277 0.59 -19.63 -1.87
CA ASN C 277 -0.75 -19.43 -2.39
C ASN C 277 -1.46 -20.74 -2.70
N GLY C 278 -0.86 -21.88 -2.39
CA GLY C 278 -1.51 -23.16 -2.55
C GLY C 278 -1.83 -23.55 -3.98
N VAL C 279 -0.96 -23.20 -4.92
CA VAL C 279 -1.15 -23.51 -6.33
C VAL C 279 -0.07 -24.50 -6.75
N LEU C 280 -0.48 -25.59 -7.41
CA LEU C 280 0.48 -26.55 -7.89
C LEU C 280 1.31 -25.95 -9.02
N LEU C 281 2.56 -26.41 -9.12
CA LEU C 281 3.52 -25.85 -10.08
C LEU C 281 4.03 -26.96 -10.99
N HIS C 282 3.64 -26.91 -12.25
CA HIS C 282 4.17 -27.82 -13.26
C HIS C 282 5.35 -27.17 -13.96
N ILE C 283 6.45 -27.88 -14.07
CA ILE C 283 7.68 -27.33 -14.63
C ILE C 283 7.93 -27.96 -15.98
N HIS C 284 8.04 -27.12 -17.00
CA HIS C 284 8.42 -27.55 -18.33
C HIS C 284 9.91 -27.30 -18.52
N ARG C 285 10.59 -28.23 -19.16
CA ARG C 285 12.05 -28.20 -19.27
C ARG C 285 12.50 -27.73 -20.65
N ALA C 286 11.80 -26.77 -21.25
CA ALA C 286 12.23 -26.22 -22.53
C ALA C 286 13.67 -25.73 -22.43
N MET C 287 14.43 -25.98 -23.51
CA MET C 287 15.85 -25.70 -23.69
C MET C 287 16.75 -26.75 -23.05
N HIS C 288 16.20 -27.76 -22.35
CA HIS C 288 17.07 -28.73 -21.68
C HIS C 288 18.04 -29.39 -22.67
N ALA C 289 17.56 -29.69 -23.88
CA ALA C 289 18.40 -30.39 -24.84
C ALA C 289 19.56 -29.54 -25.34
N VAL C 290 19.45 -28.22 -25.27
CA VAL C 290 20.60 -27.38 -25.56
C VAL C 290 21.72 -27.66 -24.57
N LEU C 291 21.35 -27.92 -23.32
CA LEU C 291 22.33 -28.16 -22.26
C LEU C 291 22.77 -29.61 -22.16
N ASP C 292 21.83 -30.56 -22.26
CA ASP C 292 22.09 -31.91 -21.80
C ASP C 292 22.28 -32.94 -22.91
N ARG C 293 22.08 -32.59 -24.17
CA ARG C 293 22.11 -33.60 -25.23
C ARG C 293 23.54 -34.05 -25.53
N ASN C 294 24.46 -33.11 -25.65
CA ASN C 294 25.82 -33.46 -26.06
C ASN C 294 26.53 -34.23 -24.95
N PRO C 295 27.00 -35.46 -25.22
CA PRO C 295 27.58 -36.27 -24.15
C PRO C 295 28.93 -35.78 -23.67
N HIS C 296 29.57 -34.84 -24.36
CA HIS C 296 30.88 -34.37 -23.97
C HIS C 296 30.91 -32.92 -23.53
N HIS C 297 29.85 -32.15 -23.81
CA HIS C 297 29.83 -30.75 -23.41
C HIS C 297 28.43 -30.39 -22.94
N GLY C 298 28.36 -29.69 -21.81
CA GLY C 298 27.09 -29.24 -21.30
C GLY C 298 26.83 -29.68 -19.88
N ILE C 299 25.56 -29.76 -19.51
CA ILE C 299 25.16 -30.12 -18.15
C ILE C 299 24.19 -31.27 -18.27
N HIS C 300 24.52 -32.39 -17.62
CA HIS C 300 23.65 -33.55 -17.68
C HIS C 300 22.31 -33.22 -17.05
N PHE C 301 21.25 -33.83 -17.59
CA PHE C 301 19.92 -33.51 -17.10
C PHE C 301 19.71 -33.92 -15.65
N ARG C 302 20.48 -34.89 -15.14
CA ARG C 302 20.32 -35.24 -13.74
C ARG C 302 20.74 -34.09 -12.83
N VAL C 303 21.66 -33.24 -13.28
CA VAL C 303 21.99 -32.03 -12.53
C VAL C 303 20.83 -31.05 -12.60
N LEU C 304 20.26 -30.87 -13.80
CA LEU C 304 19.11 -30.00 -13.95
C LEU C 304 17.91 -30.53 -13.17
N THR C 305 17.80 -31.85 -13.03
CA THR C 305 16.75 -32.43 -12.21
C THR C 305 16.92 -32.04 -10.74
N LYS C 306 18.14 -32.16 -10.23
CA LYS C 306 18.40 -31.77 -8.85
C LYS C 306 18.14 -30.29 -8.63
N ILE C 307 18.57 -29.46 -9.57
CA ILE C 307 18.36 -28.02 -9.47
C ILE C 307 16.88 -27.71 -9.41
N LEU C 308 16.09 -28.34 -10.28
CA LEU C 308 14.66 -28.06 -10.30
C LEU C 308 13.99 -28.48 -9.00
N ARG C 309 14.38 -29.63 -8.46
CA ARG C 309 13.76 -30.06 -7.21
C ARG C 309 14.07 -29.07 -6.09
N LEU C 310 15.29 -28.56 -6.05
CA LEU C 310 15.64 -27.56 -5.05
C LEU C 310 14.95 -26.23 -5.35
N SER C 311 14.97 -25.80 -6.62
CA SER C 311 14.33 -24.55 -6.98
C SER C 311 12.82 -24.61 -6.73
N GLY C 312 12.21 -25.74 -7.04
CA GLY C 312 10.81 -25.92 -6.73
C GLY C 312 9.96 -26.23 -7.94
N GLY C 313 9.25 -27.35 -7.85
CA GLY C 313 8.29 -27.74 -8.87
C GLY C 313 7.56 -28.96 -8.38
N ASP C 314 6.26 -29.02 -8.63
CA ASP C 314 5.49 -30.20 -8.25
C ASP C 314 5.53 -31.27 -9.33
N HIS C 315 5.67 -30.88 -10.59
CA HIS C 315 5.90 -31.78 -11.70
C HIS C 315 7.18 -31.36 -12.40
N LEU C 316 7.83 -32.32 -13.04
CA LEU C 316 8.97 -32.02 -13.91
C LEU C 316 8.97 -32.97 -15.09
N HIS C 317 9.05 -32.42 -16.29
CA HIS C 317 9.22 -33.25 -17.48
C HIS C 317 10.55 -33.99 -17.40
N THR C 318 10.48 -35.31 -17.45
CA THR C 318 11.68 -36.14 -17.37
C THR C 318 11.97 -36.90 -18.66
N GLY C 319 11.16 -36.72 -19.69
CA GLY C 319 11.36 -37.40 -20.94
C GLY C 319 10.80 -38.82 -20.93
N THR C 320 10.74 -39.41 -22.11
CA THR C 320 10.31 -40.78 -22.29
C THR C 320 11.50 -41.66 -22.63
N VAL C 321 11.47 -42.90 -22.13
CA VAL C 321 12.50 -43.88 -22.43
C VAL C 321 12.47 -44.34 -23.87
N VAL C 322 11.29 -44.45 -24.48
CA VAL C 322 11.20 -45.01 -25.84
C VAL C 322 12.05 -44.17 -26.78
N GLY C 323 12.90 -44.84 -27.55
CA GLY C 323 13.83 -44.16 -28.44
C GLY C 323 15.15 -43.81 -27.83
N LYS C 324 15.47 -44.32 -26.64
CA LYS C 324 16.74 -44.04 -25.98
C LYS C 324 17.59 -45.29 -25.90
N LEU C 325 18.90 -45.09 -25.85
CA LEU C 325 19.84 -46.20 -25.73
C LEU C 325 19.75 -46.82 -24.35
N GLU C 326 20.30 -48.04 -24.23
CA GLU C 326 20.24 -48.75 -22.96
C GLU C 326 21.00 -48.01 -21.86
N GLY C 327 22.13 -47.40 -22.21
CA GLY C 327 22.80 -46.52 -21.27
C GLY C 327 21.96 -45.30 -20.93
N ASP C 328 21.22 -44.79 -21.90
CA ASP C 328 20.31 -43.66 -21.64
C ASP C 328 19.08 -44.11 -20.87
N ARG C 329 18.66 -45.37 -21.04
CA ARG C 329 17.58 -45.91 -20.22
C ARG C 329 17.93 -45.87 -18.74
N GLN C 330 19.13 -46.33 -18.39
CA GLN C 330 19.51 -46.33 -16.98
C GLN C 330 19.65 -44.92 -16.45
N ALA C 331 20.22 -44.00 -17.23
CA ALA C 331 20.36 -42.63 -16.79
C ALA C 331 18.99 -42.00 -16.51
N THR C 332 18.01 -42.30 -17.36
CA THR C 332 16.66 -41.78 -17.14
C THR C 332 16.07 -42.30 -15.84
N LEU C 333 16.23 -43.58 -15.56
CA LEU C 333 15.74 -44.13 -14.30
C LEU C 333 16.46 -43.47 -13.12
N GLY C 334 17.71 -43.09 -13.32
CA GLY C 334 18.45 -42.44 -12.24
C GLY C 334 17.87 -41.08 -11.88
N TRP C 335 17.64 -40.22 -12.87
CA TRP C 335 17.16 -38.89 -12.54
C TRP C 335 15.68 -38.87 -12.18
N ILE C 336 14.92 -39.89 -12.58
CA ILE C 336 13.57 -40.04 -12.05
C ILE C 336 13.62 -40.32 -10.55
N ASP C 337 14.56 -41.16 -10.12
CA ASP C 337 14.75 -41.39 -8.70
C ASP C 337 15.20 -40.12 -7.99
N LEU C 338 16.11 -39.36 -8.60
CA LEU C 338 16.55 -38.11 -8.00
C LEU C 338 15.39 -37.13 -7.83
N LEU C 339 14.41 -37.19 -8.73
CA LEU C 339 13.28 -36.27 -8.66
C LEU C 339 12.29 -36.67 -7.58
N ARG C 340 12.16 -37.96 -7.27
CA ARG C 340 11.06 -38.45 -6.47
C ARG C 340 11.45 -39.04 -5.13
N GLU C 341 12.66 -39.56 -4.99
CA GLU C 341 13.02 -40.33 -3.82
C GLU C 341 13.61 -39.45 -2.72
N SER C 342 13.51 -39.94 -1.49
CA SER C 342 14.10 -39.23 -0.36
C SER C 342 15.61 -39.42 -0.28
N TYR C 343 16.11 -40.53 -0.78
CA TYR C 343 17.54 -40.83 -0.76
C TYR C 343 17.88 -41.65 -1.99
N VAL C 344 18.92 -41.24 -2.71
CA VAL C 344 19.35 -41.92 -3.91
C VAL C 344 20.81 -42.32 -3.72
N LYS C 345 21.07 -43.62 -3.73
CA LYS C 345 22.42 -44.12 -3.53
C LYS C 345 23.24 -43.97 -4.80
N GLU C 346 24.55 -43.88 -4.62
CA GLU C 346 25.47 -43.84 -5.75
C GLU C 346 25.29 -45.09 -6.61
N ASP C 347 25.24 -44.89 -7.92
CA ASP C 347 25.03 -45.99 -8.88
C ASP C 347 25.69 -45.57 -10.18
N ARG C 348 26.91 -46.07 -10.41
CA ARG C 348 27.66 -45.66 -11.60
C ARG C 348 26.96 -46.10 -12.88
N SER C 349 26.24 -47.22 -12.85
CA SER C 349 25.53 -47.67 -14.03
C SER C 349 24.45 -46.68 -14.45
N ARG C 350 23.90 -45.94 -13.48
CA ARG C 350 22.92 -44.90 -13.75
C ARG C 350 23.54 -43.52 -13.90
N GLY C 351 24.86 -43.42 -13.82
CA GLY C 351 25.51 -42.13 -13.84
C GLY C 351 25.37 -41.33 -12.57
N ILE C 352 24.93 -41.95 -11.49
CA ILE C 352 24.76 -41.27 -10.20
C ILE C 352 26.08 -41.42 -9.45
N PHE C 353 26.89 -40.36 -9.46
CA PHE C 353 28.23 -40.42 -8.89
C PHE C 353 28.25 -40.19 -7.39
N PHE C 354 27.17 -39.66 -6.83
CA PHE C 354 27.14 -39.31 -5.41
C PHE C 354 25.84 -39.80 -4.81
N ASP C 355 25.90 -40.17 -3.53
CA ASP C 355 24.68 -40.33 -2.76
C ASP C 355 24.02 -38.97 -2.61
N GLN C 356 22.72 -38.90 -2.91
CA GLN C 356 21.97 -37.66 -2.78
C GLN C 356 20.91 -37.85 -1.70
N ASP C 357 21.06 -37.15 -0.60
CA ASP C 357 20.07 -37.15 0.47
C ASP C 357 19.16 -35.95 0.29
N TRP C 358 17.86 -36.21 0.25
CA TRP C 358 16.88 -35.15 0.18
C TRP C 358 16.20 -34.87 1.51
N GLY C 359 16.48 -35.67 2.53
CA GLY C 359 15.82 -35.48 3.80
C GLY C 359 14.32 -35.58 3.65
N ALA C 360 13.61 -34.64 4.23
CA ALA C 360 12.16 -34.60 4.18
C ALA C 360 11.63 -33.77 3.03
N MET C 361 12.50 -33.28 2.16
CA MET C 361 12.04 -32.51 1.01
C MET C 361 11.24 -33.42 0.10
N PRO C 362 9.99 -33.09 -0.20
CA PRO C 362 9.16 -34.01 -0.99
C PRO C 362 9.67 -34.12 -2.42
N GLY C 363 9.33 -35.24 -3.06
CA GLY C 363 9.64 -35.41 -4.45
C GLY C 363 8.58 -34.79 -5.34
N ALA C 364 8.91 -34.70 -6.62
CA ALA C 364 8.00 -34.16 -7.62
C ALA C 364 7.55 -35.27 -8.56
N PHE C 365 6.38 -35.10 -9.15
CA PHE C 365 5.92 -36.02 -10.17
C PHE C 365 6.87 -36.01 -11.35
N ALA C 366 7.18 -37.20 -11.85
CA ALA C 366 7.92 -37.33 -13.10
C ALA C 366 6.92 -37.28 -14.25
N VAL C 367 7.19 -36.43 -15.23
CA VAL C 367 6.26 -36.22 -16.34
C VAL C 367 6.85 -36.87 -17.58
N ALA C 368 6.05 -37.75 -18.20
CA ALA C 368 6.41 -38.39 -19.45
C ALA C 368 5.59 -37.77 -20.57
N SER C 369 6.26 -37.41 -21.66
CA SER C 369 5.58 -36.80 -22.79
C SER C 369 6.42 -36.97 -24.04
N GLY C 370 5.81 -36.66 -25.19
CA GLY C 370 6.52 -36.64 -26.44
C GLY C 370 6.27 -37.83 -27.32
N GLY C 371 5.36 -37.68 -28.27
CA GLY C 371 5.12 -38.71 -29.27
C GLY C 371 4.64 -40.04 -28.72
N ILE C 372 3.95 -40.04 -27.60
CA ILE C 372 3.49 -41.28 -26.98
C ILE C 372 2.00 -41.43 -27.24
N HIS C 373 1.54 -42.68 -27.25
CA HIS C 373 0.14 -42.99 -27.46
C HIS C 373 -0.20 -44.24 -26.68
N VAL C 374 -1.37 -44.83 -26.97
CA VAL C 374 -1.92 -45.89 -26.13
C VAL C 374 -0.97 -47.09 -26.08
N TRP C 375 -0.30 -47.39 -27.19
CA TRP C 375 0.60 -48.54 -27.22
C TRP C 375 1.77 -48.38 -26.28
N HIS C 376 2.10 -47.15 -25.87
CA HIS C 376 3.17 -46.92 -24.92
C HIS C 376 2.75 -47.10 -23.48
N MET C 377 1.44 -47.18 -23.21
CA MET C 377 0.96 -47.28 -21.84
C MET C 377 1.62 -48.38 -21.01
N PRO C 378 1.75 -49.62 -21.51
CA PRO C 378 2.39 -50.65 -20.68
C PRO C 378 3.83 -50.31 -20.30
N ALA C 379 4.59 -49.77 -21.24
CA ALA C 379 5.97 -49.39 -20.94
C ALA C 379 6.02 -48.23 -19.95
N LEU C 380 5.16 -47.23 -20.15
CA LEU C 380 5.17 -46.05 -19.29
C LEU C 380 4.83 -46.41 -17.85
N VAL C 381 3.81 -47.26 -17.67
CA VAL C 381 3.40 -47.66 -16.33
C VAL C 381 4.53 -48.41 -15.64
N THR C 382 5.20 -49.31 -16.38
CA THR C 382 6.30 -50.08 -15.80
C THR C 382 7.47 -49.20 -15.42
N ILE C 383 7.89 -48.30 -16.30
CA ILE C 383 9.06 -47.47 -16.06
C ILE C 383 8.78 -46.44 -14.96
N PHE C 384 7.66 -45.73 -15.06
CA PHE C 384 7.43 -44.58 -14.21
C PHE C 384 6.72 -44.93 -12.91
N GLY C 385 5.87 -45.95 -12.92
CA GLY C 385 5.14 -46.23 -11.70
C GLY C 385 4.02 -45.22 -11.48
N ASP C 386 3.49 -45.23 -10.27
CA ASP C 386 2.30 -44.44 -9.97
C ASP C 386 2.60 -42.95 -9.93
N ASP C 387 3.75 -42.56 -9.38
CA ASP C 387 4.01 -41.14 -9.11
C ASP C 387 4.56 -40.47 -10.37
N SER C 388 3.69 -40.39 -11.37
CA SER C 388 4.08 -39.81 -12.63
C SER C 388 2.86 -39.18 -13.29
N VAL C 389 3.13 -38.29 -14.24
CA VAL C 389 2.11 -37.73 -15.10
C VAL C 389 2.45 -38.12 -16.53
N LEU C 390 1.51 -38.78 -17.20
CA LEU C 390 1.70 -39.19 -18.58
C LEU C 390 0.92 -38.24 -19.47
N GLN C 391 1.62 -37.54 -20.35
CA GLN C 391 1.02 -36.50 -21.18
C GLN C 391 0.91 -36.97 -22.62
N PHE C 392 -0.30 -36.97 -23.14
CA PHE C 392 -0.60 -37.39 -24.51
C PHE C 392 -1.19 -36.19 -25.24
N GLY C 393 -0.33 -35.36 -25.81
CA GLY C 393 -0.80 -34.24 -26.59
C GLY C 393 -1.41 -34.69 -27.90
N GLY C 394 -0.56 -35.13 -28.83
CA GLY C 394 -1.06 -35.67 -30.08
C GLY C 394 -1.87 -36.94 -29.89
N GLY C 395 -1.51 -37.75 -28.90
CA GLY C 395 -2.21 -38.99 -28.64
C GLY C 395 -3.66 -38.82 -28.22
N THR C 396 -4.04 -37.61 -27.81
CA THR C 396 -5.43 -37.31 -27.46
C THR C 396 -6.14 -36.49 -28.52
N LEU C 397 -5.54 -35.37 -28.95
CA LEU C 397 -6.13 -34.55 -30.00
C LEU C 397 -6.13 -35.25 -31.35
N GLY C 398 -5.22 -36.21 -31.56
CA GLY C 398 -5.12 -36.93 -32.80
C GLY C 398 -5.99 -38.15 -32.92
N HIS C 399 -6.85 -38.39 -31.93
CA HIS C 399 -7.80 -39.49 -32.03
C HIS C 399 -8.80 -39.19 -33.15
N PRO C 400 -9.18 -40.20 -33.93
CA PRO C 400 -10.12 -39.94 -35.05
C PRO C 400 -11.47 -39.45 -34.61
N TRP C 401 -11.87 -39.67 -33.37
CA TRP C 401 -13.18 -39.25 -32.89
C TRP C 401 -13.13 -38.00 -32.02
N GLY C 402 -11.98 -37.36 -31.90
CA GLY C 402 -11.87 -36.11 -31.17
C GLY C 402 -11.24 -36.32 -29.80
N ASN C 403 -11.22 -35.21 -29.04
CA ASN C 403 -10.49 -35.18 -27.78
C ASN C 403 -11.14 -36.07 -26.72
N ALA C 404 -12.46 -36.01 -26.59
CA ALA C 404 -13.13 -36.75 -25.53
C ALA C 404 -12.93 -38.24 -25.70
N ALA C 405 -13.08 -38.74 -26.93
CA ALA C 405 -12.81 -40.16 -27.19
C ALA C 405 -11.34 -40.48 -26.98
N GLY C 406 -10.45 -39.61 -27.46
CA GLY C 406 -9.03 -39.85 -27.27
C GLY C 406 -8.64 -39.84 -25.81
N ALA C 407 -9.23 -38.94 -25.03
CA ALA C 407 -8.99 -38.93 -23.59
C ALA C 407 -9.50 -40.21 -22.95
N CYS C 408 -10.69 -40.66 -23.35
CA CYS C 408 -11.24 -41.89 -22.79
C CYS C 408 -10.38 -43.09 -23.14
N ALA C 409 -9.87 -43.14 -24.37
CA ALA C 409 -9.01 -44.24 -24.78
C ALA C 409 -7.75 -44.29 -23.93
N ASN C 410 -7.12 -43.14 -23.72
CA ASN C 410 -5.93 -43.10 -22.88
C ASN C 410 -6.25 -43.47 -21.43
N ARG C 411 -7.39 -42.98 -20.92
CA ARG C 411 -7.77 -43.30 -19.55
C ARG C 411 -8.06 -44.78 -19.38
N VAL C 412 -8.76 -45.39 -20.35
CA VAL C 412 -9.03 -46.82 -20.29
C VAL C 412 -7.74 -47.61 -20.39
N ALA C 413 -6.84 -47.21 -21.30
CA ALA C 413 -5.57 -47.90 -21.45
C ALA C 413 -4.76 -47.84 -20.17
N LEU C 414 -4.73 -46.67 -19.52
CA LEU C 414 -3.97 -46.54 -18.29
C LEU C 414 -4.57 -47.41 -17.19
N GLU C 415 -5.90 -47.35 -17.02
CA GLU C 415 -6.53 -48.09 -15.93
C GLU C 415 -6.45 -49.60 -16.17
N ALA C 416 -6.53 -50.02 -17.42
CA ALA C 416 -6.34 -51.44 -17.73
C ALA C 416 -4.93 -51.89 -17.39
N CYS C 417 -3.93 -51.08 -17.75
CA CYS C 417 -2.55 -51.42 -17.42
C CYS C 417 -2.33 -51.43 -15.91
N ILE C 418 -2.91 -50.46 -15.20
CA ILE C 418 -2.75 -50.41 -13.75
C ILE C 418 -3.41 -51.60 -13.10
N GLU C 419 -4.64 -51.92 -13.50
CA GLU C 419 -5.33 -53.06 -12.91
C GLU C 419 -4.58 -54.36 -13.20
N ALA C 420 -4.10 -54.53 -14.42
CA ALA C 420 -3.33 -55.72 -14.75
C ALA C 420 -2.03 -55.77 -13.95
N ARG C 421 -1.38 -54.62 -13.78
CA ARG C 421 -0.16 -54.59 -12.96
C ARG C 421 -0.47 -54.97 -11.52
N ASN C 422 -1.57 -54.45 -10.97
CA ASN C 422 -1.94 -54.79 -9.60
C ASN C 422 -2.26 -56.28 -9.47
N GLN C 423 -2.72 -56.91 -10.55
CA GLN C 423 -3.04 -58.33 -10.52
C GLN C 423 -1.81 -59.20 -10.68
N GLY C 424 -0.64 -58.62 -10.92
CA GLY C 424 0.58 -59.38 -11.05
C GLY C 424 1.00 -59.70 -12.48
N ILE C 425 0.23 -59.26 -13.46
CA ILE C 425 0.58 -59.51 -14.87
C ILE C 425 1.88 -58.78 -15.19
N PRO C 426 2.81 -59.38 -15.94
CA PRO C 426 3.94 -58.59 -16.45
C PRO C 426 3.51 -57.69 -17.59
N ILE C 427 3.34 -56.41 -17.29
CA ILE C 427 2.65 -55.52 -18.21
C ILE C 427 3.49 -55.19 -19.43
N GLU C 428 4.79 -54.96 -19.24
CA GLU C 428 5.62 -54.61 -20.40
C GLU C 428 5.83 -55.81 -21.31
N LYS C 429 5.83 -57.03 -20.76
CA LYS C 429 6.00 -58.22 -21.58
C LYS C 429 4.76 -58.48 -22.43
N GLU C 430 3.58 -58.45 -21.81
CA GLU C 430 2.33 -58.67 -22.53
C GLU C 430 1.48 -57.41 -22.37
N GLY C 431 1.80 -56.39 -23.16
CA GLY C 431 1.04 -55.17 -23.13
C GLY C 431 -0.04 -55.20 -24.18
N LYS C 432 0.26 -55.88 -25.29
CA LYS C 432 -0.72 -55.99 -26.37
C LYS C 432 -1.98 -56.70 -25.92
N GLU C 433 -1.84 -57.81 -25.19
CA GLU C 433 -3.01 -58.55 -24.75
C GLU C 433 -3.78 -57.82 -23.67
N VAL C 434 -3.09 -57.11 -22.78
CA VAL C 434 -3.78 -56.30 -21.78
C VAL C 434 -4.59 -55.20 -22.47
N LEU C 435 -3.98 -54.50 -23.43
CA LEU C 435 -4.67 -53.46 -24.15
C LEU C 435 -5.80 -54.04 -25.01
N THR C 436 -5.54 -55.17 -25.67
CA THR C 436 -6.56 -55.77 -26.52
C THR C 436 -7.79 -56.18 -25.72
N LYS C 437 -7.59 -56.79 -24.55
CA LYS C 437 -8.71 -57.17 -23.71
C LYS C 437 -9.50 -55.94 -23.26
N ALA C 438 -8.80 -54.86 -22.92
CA ALA C 438 -9.48 -53.63 -22.55
C ALA C 438 -10.24 -53.04 -23.73
N ALA C 439 -9.66 -53.11 -24.93
CA ALA C 439 -10.30 -52.56 -26.11
C ALA C 439 -11.61 -53.25 -26.45
N ALA C 440 -11.82 -54.46 -25.91
CA ALA C 440 -13.08 -55.16 -26.16
C ALA C 440 -14.26 -54.42 -25.54
N HIS C 441 -14.03 -53.71 -24.44
CA HIS C 441 -15.09 -52.95 -23.80
C HIS C 441 -15.02 -51.46 -24.07
N SER C 442 -14.01 -51.00 -24.81
CA SER C 442 -13.82 -49.57 -25.08
C SER C 442 -13.65 -49.35 -26.57
N PRO C 443 -14.70 -48.96 -27.29
CA PRO C 443 -14.53 -48.63 -28.71
C PRO C 443 -13.54 -47.51 -28.95
N GLU C 444 -13.47 -46.54 -28.04
CA GLU C 444 -12.50 -45.46 -28.18
C GLU C 444 -11.08 -46.00 -28.15
N LEU C 445 -10.79 -46.92 -27.24
CA LEU C 445 -9.46 -47.51 -27.18
C LEU C 445 -9.19 -48.37 -28.42
N LYS C 446 -10.19 -49.09 -28.90
CA LYS C 446 -9.99 -49.98 -30.04
C LYS C 446 -9.53 -49.21 -31.27
N ILE C 447 -10.22 -48.11 -31.59
CA ILE C 447 -9.85 -47.34 -32.77
C ILE C 447 -8.57 -46.55 -32.52
N ALA C 448 -8.30 -46.19 -31.27
CA ALA C 448 -7.02 -45.56 -30.94
C ALA C 448 -5.86 -46.50 -31.25
N MET C 449 -6.02 -47.78 -30.90
CA MET C 449 -4.96 -48.75 -31.18
C MET C 449 -4.74 -48.93 -32.68
N GLU C 450 -5.80 -48.75 -33.47
CA GLU C 450 -5.66 -48.85 -34.91
C GLU C 450 -5.03 -47.59 -35.50
N THR C 451 -5.22 -46.44 -34.85
CA THR C 451 -4.73 -45.18 -35.40
C THR C 451 -3.21 -45.13 -35.41
N TRP C 452 -2.56 -45.58 -34.35
CA TRP C 452 -1.12 -45.53 -34.21
C TRP C 452 -0.57 -46.95 -34.10
N LYS C 453 0.58 -47.17 -34.74
CA LYS C 453 1.11 -48.51 -34.87
C LYS C 453 1.66 -49.03 -33.54
N GLU C 454 1.62 -50.35 -33.39
CA GLU C 454 2.19 -51.00 -32.21
C GLU C 454 3.68 -50.70 -32.10
N ILE C 455 4.14 -50.50 -30.87
CA ILE C 455 5.53 -50.24 -30.57
C ILE C 455 6.06 -51.38 -29.72
N LYS C 456 7.14 -52.01 -30.17
CA LYS C 456 7.73 -53.11 -29.43
C LYS C 456 9.26 -53.01 -29.41
N LYS D 1 27.70 21.12 -41.61
CA LYS D 1 27.66 22.52 -42.01
C LYS D 1 27.97 23.45 -40.84
N THR D 2 27.89 24.75 -41.10
CA THR D 2 28.25 25.78 -40.13
C THR D 2 26.99 26.50 -39.64
N TYR D 3 27.16 27.28 -38.58
CA TYR D 3 26.07 28.03 -38.00
C TYR D 3 26.01 29.42 -38.62
N SER D 4 24.87 29.74 -39.22
CA SER D 4 24.60 31.07 -39.76
C SER D 4 23.23 31.51 -39.26
N ALA D 5 23.23 32.46 -38.33
CA ALA D 5 21.97 32.94 -37.75
C ALA D 5 21.14 33.66 -38.79
N GLY D 6 19.83 33.66 -38.58
CA GLY D 6 18.90 34.36 -39.45
C GLY D 6 17.82 33.44 -39.98
N VAL D 7 16.83 34.06 -40.61
CA VAL D 7 15.66 33.36 -41.12
C VAL D 7 15.97 32.82 -42.51
N LYS D 8 15.62 31.57 -42.75
CA LYS D 8 15.76 30.94 -44.05
C LYS D 8 14.46 30.25 -44.43
N GLU D 9 14.29 30.03 -45.73
CA GLU D 9 13.10 29.35 -46.22
C GLU D 9 13.10 27.88 -45.83
N TYR D 10 11.90 27.33 -45.67
CA TYR D 10 11.75 25.92 -45.34
C TYR D 10 11.93 25.00 -46.53
N ARG D 11 11.84 25.51 -47.76
CA ARG D 11 11.79 24.65 -48.93
C ARG D 11 13.11 23.93 -49.17
N GLU D 12 14.24 24.59 -48.96
CA GLU D 12 15.51 23.99 -49.32
C GLU D 12 15.88 22.79 -48.46
N THR D 13 15.35 22.71 -47.24
CA THR D 13 15.69 21.62 -46.33
C THR D 13 14.56 20.62 -46.17
N TYR D 14 13.31 21.08 -46.05
CA TYR D 14 12.19 20.22 -45.71
C TYR D 14 11.37 19.80 -46.92
N TRP D 15 11.82 20.10 -48.13
CA TRP D 15 11.15 19.64 -49.35
C TRP D 15 12.13 18.74 -50.11
N MET D 16 11.84 17.44 -50.12
CA MET D 16 12.69 16.44 -50.76
C MET D 16 11.85 15.60 -51.72
N PRO D 17 11.62 16.10 -52.93
CA PRO D 17 10.76 15.36 -53.87
C PRO D 17 11.30 14.00 -54.27
N ASN D 18 12.60 13.74 -54.10
CA ASN D 18 13.17 12.46 -54.45
C ASN D 18 13.26 11.50 -53.26
N TYR D 19 12.75 11.90 -52.10
CA TYR D 19 12.82 11.02 -50.93
C TYR D 19 11.87 9.84 -51.11
N THR D 20 12.37 8.64 -50.84
CA THR D 20 11.55 7.44 -50.85
C THR D 20 11.19 7.08 -49.43
N PRO D 21 9.91 7.06 -49.06
CA PRO D 21 9.55 6.77 -47.68
C PRO D 21 10.05 5.40 -47.24
N LYS D 22 10.57 5.34 -46.02
CA LYS D 22 10.99 4.07 -45.44
C LYS D 22 9.78 3.31 -44.92
N ASP D 23 9.96 2.00 -44.76
CA ASP D 23 8.88 1.18 -44.24
C ASP D 23 8.53 1.51 -42.80
N THR D 24 9.41 2.17 -42.08
CA THR D 24 9.15 2.57 -40.70
C THR D 24 8.71 4.02 -40.58
N ASP D 25 8.64 4.76 -41.68
CA ASP D 25 8.23 6.16 -41.61
C ASP D 25 6.75 6.28 -41.30
N ILE D 26 6.39 7.28 -40.51
CA ILE D 26 5.00 7.71 -40.40
C ILE D 26 4.75 8.67 -41.56
N LEU D 27 3.73 8.38 -42.36
CA LEU D 27 3.39 9.21 -43.50
C LEU D 27 2.10 9.97 -43.22
N ALA D 28 2.05 11.22 -43.63
CA ALA D 28 0.87 12.05 -43.46
C ALA D 28 0.51 12.69 -44.79
N CYS D 29 -0.79 12.79 -45.05
CA CYS D 29 -1.31 13.51 -46.20
C CYS D 29 -2.06 14.73 -45.68
N PHE D 30 -1.65 15.91 -46.12
CA PHE D 30 -2.28 17.17 -45.73
C PHE D 30 -2.90 17.81 -46.96
N LYS D 31 -4.21 18.08 -46.90
CA LYS D 31 -4.83 18.93 -47.89
C LYS D 31 -4.58 20.38 -47.46
N ILE D 32 -3.79 21.09 -48.26
CA ILE D 32 -3.31 22.42 -47.93
C ILE D 32 -4.02 23.42 -48.82
N THR D 33 -4.67 24.41 -48.21
CA THR D 33 -5.15 25.59 -48.90
C THR D 33 -4.17 26.71 -48.56
N PRO D 34 -3.20 26.99 -49.43
CA PRO D 34 -2.12 27.89 -49.05
C PRO D 34 -2.53 29.35 -49.14
N GLN D 35 -1.79 30.17 -48.39
CA GLN D 35 -1.93 31.61 -48.46
C GLN D 35 -1.51 32.10 -49.84
N PRO D 36 -2.23 33.04 -50.44
CA PRO D 36 -1.90 33.48 -51.79
C PRO D 36 -0.49 34.01 -51.89
N GLY D 37 0.19 33.68 -52.99
CA GLY D 37 1.57 34.05 -53.20
C GLY D 37 2.58 33.04 -52.69
N VAL D 38 2.17 32.13 -51.83
CA VAL D 38 3.08 31.11 -51.29
C VAL D 38 3.07 29.92 -52.24
N PRO D 39 4.23 29.52 -52.77
CA PRO D 39 4.26 28.36 -53.68
C PRO D 39 3.92 27.07 -52.92
N ARG D 40 3.48 26.08 -53.68
CA ARG D 40 3.04 24.82 -53.08
C ARG D 40 4.17 24.16 -52.31
N GLU D 41 5.36 24.10 -52.90
CA GLU D 41 6.47 23.44 -52.24
C GLU D 41 6.84 24.14 -50.94
N GLU D 42 6.80 25.47 -50.92
CA GLU D 42 7.08 26.20 -49.69
C GLU D 42 6.05 25.88 -48.61
N ALA D 43 4.78 25.80 -48.98
CA ALA D 43 3.75 25.47 -47.99
C ALA D 43 3.94 24.06 -47.44
N ALA D 44 4.19 23.10 -48.33
CA ALA D 44 4.41 21.72 -47.89
C ALA D 44 5.63 21.61 -46.99
N ALA D 45 6.73 22.26 -47.37
CA ALA D 45 7.93 22.23 -46.55
C ALA D 45 7.71 22.92 -45.21
N ALA D 46 6.93 24.00 -45.20
CA ALA D 46 6.61 24.66 -43.93
C ALA D 46 5.82 23.74 -43.02
N VAL D 47 4.85 23.01 -43.59
CA VAL D 47 4.08 22.07 -42.78
C VAL D 47 4.99 20.99 -42.21
N ALA D 48 5.87 20.45 -43.06
CA ALA D 48 6.80 19.42 -42.59
C ALA D 48 7.71 19.92 -41.48
N ALA D 49 8.27 21.12 -41.68
CA ALA D 49 9.20 21.68 -40.70
C ALA D 49 8.51 21.97 -39.38
N GLU D 50 7.36 22.64 -39.43
CA GLU D 50 6.67 23.00 -38.20
C GLU D 50 6.12 21.78 -37.48
N SER D 51 5.85 20.70 -38.22
CA SER D 51 5.37 19.49 -37.59
C SER D 51 6.49 18.60 -37.06
N SER D 52 7.73 18.74 -37.53
CA SER D 52 8.73 17.81 -37.01
C SER D 52 9.86 18.43 -36.20
N THR D 53 10.72 19.24 -36.84
CA THR D 53 11.91 19.75 -36.18
C THR D 53 12.21 21.19 -36.55
N GLY D 54 11.37 21.82 -37.35
CA GLY D 54 11.68 23.14 -37.85
C GLY D 54 11.52 24.23 -36.81
N THR D 55 12.12 25.37 -37.12
CA THR D 55 12.01 26.58 -36.32
C THR D 55 12.09 27.78 -37.24
N TRP D 56 11.47 28.88 -36.82
CA TRP D 56 11.30 30.02 -37.71
C TRP D 56 12.63 30.70 -38.07
N THR D 57 13.67 30.52 -37.26
CA THR D 57 14.98 31.07 -37.55
C THR D 57 16.03 30.02 -37.23
N THR D 58 17.17 30.11 -37.91
CA THR D 58 18.22 29.12 -37.74
C THR D 58 18.75 29.14 -36.31
N VAL D 59 18.90 27.95 -35.71
CA VAL D 59 19.41 27.81 -34.36
C VAL D 59 20.67 26.95 -34.41
N TRP D 60 21.65 27.29 -33.57
CA TRP D 60 22.91 26.58 -33.59
C TRP D 60 22.81 25.17 -33.03
N THR D 61 21.88 24.92 -32.09
CA THR D 61 21.73 23.59 -31.54
C THR D 61 21.34 22.58 -32.61
N ASP D 62 20.82 23.06 -33.73
CA ASP D 62 20.54 22.21 -34.88
C ASP D 62 21.76 21.38 -35.25
N LEU D 63 22.95 21.97 -35.15
CA LEU D 63 24.16 21.30 -35.57
C LEU D 63 24.71 20.35 -34.52
N LEU D 64 24.08 20.27 -33.35
CA LEU D 64 24.47 19.25 -32.38
C LEU D 64 23.88 17.89 -32.72
N THR D 65 22.97 17.81 -33.68
CA THR D 65 22.28 16.58 -34.00
C THR D 65 22.19 16.43 -35.52
N ASP D 66 21.65 15.30 -35.95
CA ASP D 66 21.56 14.95 -37.37
C ASP D 66 20.13 15.19 -37.85
N LEU D 67 19.83 16.45 -38.16
CA LEU D 67 18.49 16.73 -38.67
C LEU D 67 18.31 16.33 -40.12
N ASP D 68 19.38 15.98 -40.83
CA ASP D 68 19.18 15.31 -42.11
C ASP D 68 18.41 14.02 -41.92
N TYR D 69 18.55 13.40 -40.75
CA TYR D 69 17.78 12.21 -40.42
C TYR D 69 16.46 12.54 -39.74
N TYR D 70 16.51 13.34 -38.67
CA TYR D 70 15.35 13.48 -37.80
C TYR D 70 14.22 14.29 -38.42
N LYS D 71 14.49 15.14 -39.39
CA LYS D 71 13.48 16.05 -39.90
C LYS D 71 12.35 15.31 -40.59
N GLY D 72 11.15 15.88 -40.54
CA GLY D 72 10.09 15.48 -41.43
C GLY D 72 10.26 16.18 -42.77
N ARG D 73 9.88 15.49 -43.84
CA ARG D 73 10.12 16.00 -45.18
C ARG D 73 8.89 15.79 -46.05
N ALA D 74 8.55 16.82 -46.82
CA ALA D 74 7.54 16.66 -47.86
C ALA D 74 8.17 16.05 -49.09
N TYR D 75 7.61 14.95 -49.56
CA TYR D 75 8.20 14.21 -50.67
C TYR D 75 7.30 14.14 -51.89
N ALA D 76 6.07 14.65 -51.83
CA ALA D 76 5.19 14.59 -52.98
C ALA D 76 4.10 15.63 -52.82
N ILE D 77 3.68 16.19 -53.96
CA ILE D 77 2.55 17.10 -54.03
C ILE D 77 1.65 16.64 -55.17
N GLU D 78 0.35 16.55 -54.89
CA GLU D 78 -0.63 16.18 -55.90
C GLU D 78 -1.76 17.20 -55.91
N ASP D 79 -2.49 17.21 -57.02
CA ASP D 79 -3.66 18.06 -57.14
C ASP D 79 -4.87 17.39 -56.50
N VAL D 80 -5.69 18.16 -55.82
CA VAL D 80 -6.94 17.64 -55.27
C VAL D 80 -7.93 17.51 -56.42
N PRO D 81 -8.46 16.31 -56.68
CA PRO D 81 -9.45 16.17 -57.75
C PRO D 81 -10.65 17.07 -57.55
N GLY D 82 -10.95 17.91 -58.55
CA GLY D 82 -11.98 18.91 -58.37
C GLY D 82 -11.42 20.23 -57.93
N ASP D 83 -11.44 20.48 -56.62
CA ASP D 83 -10.98 21.74 -56.05
C ASP D 83 -9.56 22.08 -56.45
N ASP D 84 -9.33 23.31 -56.89
CA ASP D 84 -7.99 23.75 -57.26
C ASP D 84 -7.39 24.75 -56.29
N THR D 85 -8.12 25.13 -55.24
CA THR D 85 -7.58 26.04 -54.25
C THR D 85 -6.66 25.32 -53.27
N CYS D 86 -6.73 23.99 -53.24
CA CYS D 86 -5.93 23.19 -52.32
C CYS D 86 -5.15 22.13 -53.07
N PHE D 87 -4.19 21.52 -52.38
CA PHE D 87 -3.39 20.44 -52.94
C PHE D 87 -3.01 19.47 -51.83
N TYR D 88 -2.74 18.23 -52.20
CA TYR D 88 -2.31 17.21 -51.26
C TYR D 88 -0.79 17.26 -51.14
N ALA D 89 -0.29 17.32 -49.91
CA ALA D 89 1.13 17.21 -49.64
C ALA D 89 1.37 15.96 -48.82
N PHE D 90 2.34 15.16 -49.24
CA PHE D 90 2.69 13.92 -48.55
C PHE D 90 4.00 14.15 -47.82
N ILE D 91 3.99 13.91 -46.51
CA ILE D 91 5.13 14.19 -45.65
C ILE D 91 5.52 12.91 -44.91
N ALA D 92 6.80 12.66 -44.83
CA ALA D 92 7.34 11.49 -44.14
C ALA D 92 8.08 11.93 -42.89
N TYR D 93 7.85 11.20 -41.80
CA TYR D 93 8.49 11.46 -40.52
C TYR D 93 9.19 10.18 -40.09
N PRO D 94 10.47 10.25 -39.72
CA PRO D 94 11.12 9.04 -39.20
C PRO D 94 10.45 8.58 -37.92
N ILE D 95 10.44 7.26 -37.72
CA ILE D 95 9.79 6.70 -36.55
C ILE D 95 10.45 7.16 -35.25
N ASP D 96 11.73 7.55 -35.31
CA ASP D 96 12.43 7.99 -34.11
C ASP D 96 11.85 9.26 -33.51
N LEU D 97 11.08 10.02 -34.28
CA LEU D 97 10.56 11.28 -33.78
C LEU D 97 9.50 11.11 -32.69
N PHE D 98 8.98 9.91 -32.52
CA PHE D 98 7.79 9.72 -31.69
C PHE D 98 8.08 8.78 -30.53
N GLU D 99 7.44 9.07 -29.40
CA GLU D 99 7.43 8.11 -28.31
C GLU D 99 6.67 6.85 -28.73
N GLU D 100 7.24 5.71 -28.43
CA GLU D 100 6.59 4.44 -28.77
C GLU D 100 5.29 4.30 -28.00
N GLY D 101 4.28 3.73 -28.66
CA GLY D 101 3.02 3.45 -28.01
C GLY D 101 2.32 4.68 -27.48
N SER D 102 2.44 5.81 -28.18
CA SER D 102 1.87 7.08 -27.72
C SER D 102 1.14 7.73 -28.88
N VAL D 103 -0.16 7.44 -29.03
CA VAL D 103 -0.97 8.20 -29.98
C VAL D 103 -1.02 9.65 -29.57
N VAL D 104 -0.88 9.93 -28.27
CA VAL D 104 -0.83 11.32 -27.81
C VAL D 104 0.33 12.04 -28.47
N ASN D 105 1.51 11.42 -28.48
CA ASN D 105 2.69 12.08 -29.03
C ASN D 105 2.58 12.24 -30.54
N VAL D 106 2.18 11.19 -31.24
CA VAL D 106 2.09 11.29 -32.70
C VAL D 106 1.06 12.34 -33.10
N PHE D 107 -0.08 12.33 -32.40
CA PHE D 107 -1.14 13.29 -32.67
C PHE D 107 -0.67 14.71 -32.41
N THR D 108 -0.01 14.92 -31.26
CA THR D 108 0.50 16.25 -30.94
C THR D 108 1.51 16.71 -31.97
N SER D 109 2.39 15.82 -32.41
CA SER D 109 3.39 16.20 -33.39
C SER D 109 2.75 16.58 -34.73
N LEU D 110 1.76 15.81 -35.17
CA LEU D 110 1.18 16.05 -36.48
C LEU D 110 0.28 17.27 -36.49
N VAL D 111 -0.56 17.44 -35.47
CA VAL D 111 -1.60 18.47 -35.51
C VAL D 111 -1.37 19.55 -34.47
N GLY D 112 -0.22 19.56 -33.81
CA GLY D 112 -0.03 20.46 -32.67
C GLY D 112 -0.05 21.93 -33.05
N ASN D 113 0.67 22.30 -34.10
CA ASN D 113 0.79 23.72 -34.41
C ASN D 113 0.67 24.07 -35.89
N VAL D 114 0.73 23.12 -36.81
CA VAL D 114 0.73 23.45 -38.23
C VAL D 114 -0.62 24.00 -38.69
N PHE D 115 -1.71 23.70 -37.98
CA PHE D 115 -3.02 24.16 -38.43
C PHE D 115 -3.20 25.66 -38.25
N GLY D 116 -2.40 26.29 -37.40
CA GLY D 116 -2.42 27.73 -37.24
C GLY D 116 -1.32 28.46 -37.97
N PHE D 117 -0.58 27.79 -38.83
CA PHE D 117 0.54 28.42 -39.51
C PHE D 117 0.05 29.42 -40.55
N LYS D 118 0.66 30.60 -40.56
CA LYS D 118 0.19 31.69 -41.41
C LYS D 118 0.39 31.40 -42.89
N ALA D 119 1.30 30.49 -43.25
CA ALA D 119 1.56 30.21 -44.66
C ALA D 119 0.41 29.49 -45.35
N VAL D 120 -0.55 28.97 -44.61
CA VAL D 120 -1.67 28.23 -45.18
C VAL D 120 -2.96 28.90 -44.76
N ARG D 121 -3.89 29.02 -45.71
CA ARG D 121 -5.23 29.49 -45.37
C ARG D 121 -5.98 28.42 -44.58
N ALA D 122 -5.91 27.17 -45.03
CA ALA D 122 -6.59 26.09 -44.33
C ALA D 122 -5.75 24.82 -44.47
N LEU D 123 -6.01 23.88 -43.57
CA LEU D 123 -5.22 22.66 -43.54
C LEU D 123 -6.10 21.54 -43.03
N ARG D 124 -6.09 20.41 -43.72
CA ARG D 124 -6.83 19.24 -43.28
C ARG D 124 -5.93 18.02 -43.31
N LEU D 125 -5.77 17.35 -42.18
CA LEU D 125 -5.05 16.09 -42.14
C LEU D 125 -5.98 15.01 -42.69
N GLU D 126 -5.67 14.51 -43.88
CA GLU D 126 -6.54 13.55 -44.54
C GLU D 126 -6.24 12.12 -44.11
N ASP D 127 -4.97 11.75 -44.01
CA ASP D 127 -4.63 10.37 -43.72
C ASP D 127 -3.24 10.31 -43.10
N VAL D 128 -3.01 9.28 -42.29
CA VAL D 128 -1.72 9.03 -41.67
C VAL D 128 -1.39 7.56 -41.85
N ARG D 129 -0.19 7.27 -42.34
CA ARG D 129 0.29 5.90 -42.45
C ARG D 129 1.08 5.56 -41.19
N PHE D 130 0.50 4.72 -40.34
CA PHE D 130 1.24 4.21 -39.20
C PHE D 130 1.98 2.95 -39.61
N PRO D 131 3.30 2.93 -39.62
CA PRO D 131 4.02 1.72 -40.01
C PRO D 131 3.74 0.61 -39.01
N ILE D 132 3.82 -0.63 -39.49
CA ILE D 132 3.54 -1.76 -38.62
C ILE D 132 4.46 -1.76 -37.41
N ALA D 133 5.69 -1.28 -37.58
CA ALA D 133 6.62 -1.20 -36.46
C ALA D 133 6.07 -0.30 -35.36
N TYR D 134 5.45 0.81 -35.73
CA TYR D 134 4.85 1.66 -34.71
C TYR D 134 3.55 1.06 -34.19
N VAL D 135 2.76 0.44 -35.07
CA VAL D 135 1.50 -0.16 -34.66
C VAL D 135 1.73 -1.18 -33.55
N MET D 136 2.79 -1.98 -33.67
CA MET D 136 3.04 -3.01 -32.67
C MET D 136 3.47 -2.45 -31.32
N THR D 137 3.82 -1.17 -31.23
CA THR D 137 4.11 -0.58 -29.94
C THR D 137 2.87 -0.10 -29.20
N CYS D 138 1.72 -0.07 -29.86
CA CYS D 138 0.49 0.43 -29.28
C CYS D 138 -0.35 -0.74 -28.78
N ASN D 139 -1.10 -0.49 -27.69
CA ASN D 139 -1.89 -1.57 -27.09
C ASN D 139 -3.02 -2.01 -28.01
N GLY D 140 -3.64 -1.07 -28.71
CA GLY D 140 -4.75 -1.39 -29.56
C GLY D 140 -5.99 -1.71 -28.76
N PRO D 141 -7.02 -2.26 -29.42
CA PRO D 141 -8.25 -2.60 -28.71
C PRO D 141 -7.98 -3.56 -27.57
N PRO D 142 -8.61 -3.37 -26.41
CA PRO D 142 -8.39 -4.31 -25.31
C PRO D 142 -8.77 -5.73 -25.67
N HIS D 143 -9.83 -5.92 -26.46
CA HIS D 143 -10.23 -7.27 -26.82
C HIS D 143 -10.36 -7.48 -28.33
N GLY D 144 -11.02 -6.56 -29.02
CA GLY D 144 -11.27 -6.72 -30.43
C GLY D 144 -12.50 -7.55 -30.73
N ILE D 145 -12.84 -7.63 -32.02
CA ILE D 145 -14.13 -8.16 -32.44
C ILE D 145 -14.29 -9.62 -32.03
N GLN D 146 -13.30 -10.44 -32.35
CA GLN D 146 -13.46 -11.89 -32.13
C GLN D 146 -13.50 -12.21 -30.65
N VAL D 147 -12.60 -11.61 -29.87
CA VAL D 147 -12.58 -11.85 -28.43
C VAL D 147 -13.89 -11.38 -27.82
N GLU D 148 -14.40 -10.24 -28.27
CA GLU D 148 -15.66 -9.74 -27.74
C GLU D 148 -16.81 -10.67 -28.06
N ARG D 149 -16.87 -11.18 -29.29
CA ARG D 149 -17.92 -12.12 -29.64
C ARG D 149 -17.84 -13.37 -28.78
N ASP D 150 -16.62 -13.85 -28.52
CA ASP D 150 -16.45 -15.01 -27.65
C ASP D 150 -16.92 -14.71 -26.23
N ILE D 151 -16.59 -13.52 -25.71
CA ILE D 151 -17.00 -13.15 -24.36
C ILE D 151 -18.50 -13.07 -24.26
N LEU D 152 -19.14 -12.43 -25.24
CA LEU D 152 -20.58 -12.23 -25.22
C LEU D 152 -21.36 -13.41 -25.75
N ASN D 153 -20.68 -14.36 -26.39
CA ASN D 153 -21.34 -15.53 -26.97
C ASN D 153 -22.40 -15.11 -27.99
N LYS D 154 -22.04 -14.17 -28.85
CA LYS D 154 -22.95 -13.65 -29.88
C LYS D 154 -22.26 -13.73 -31.23
N TYR D 155 -22.87 -14.43 -32.18
CA TYR D 155 -22.25 -14.70 -33.46
C TYR D 155 -23.26 -14.54 -34.59
N GLY D 156 -22.74 -14.26 -35.78
CA GLY D 156 -23.54 -14.33 -36.99
C GLY D 156 -24.47 -13.18 -37.22
N ARG D 157 -24.34 -12.08 -36.48
CA ARG D 157 -25.23 -10.95 -36.65
C ARG D 157 -24.58 -9.73 -36.03
N PRO D 158 -24.98 -8.54 -36.45
CA PRO D 158 -24.60 -7.33 -35.70
C PRO D 158 -25.23 -7.37 -34.31
N LEU D 159 -24.55 -6.71 -33.37
CA LEU D 159 -25.11 -6.53 -32.05
C LEU D 159 -26.08 -5.35 -32.07
N LEU D 160 -27.02 -5.35 -31.14
CA LEU D 160 -28.03 -4.31 -31.06
C LEU D 160 -27.90 -3.57 -29.74
N GLY D 161 -27.92 -2.23 -29.81
CA GLY D 161 -27.82 -1.39 -28.64
C GLY D 161 -28.88 -0.31 -28.66
N CYS D 162 -28.88 0.48 -27.58
CA CYS D 162 -29.82 1.57 -27.44
C CYS D 162 -29.31 2.52 -26.38
N THR D 163 -29.16 3.78 -26.73
CA THR D 163 -28.87 4.81 -25.74
C THR D 163 -30.14 5.15 -24.99
N ILE D 164 -30.05 5.18 -23.66
CA ILE D 164 -31.20 5.54 -22.86
C ILE D 164 -31.48 7.03 -23.03
N LYS D 165 -32.74 7.37 -23.29
CA LYS D 165 -33.22 8.72 -23.44
C LYS D 165 -34.30 8.99 -22.42
N PRO D 166 -34.49 10.25 -21.98
CA PRO D 166 -33.76 11.47 -22.37
C PRO D 166 -32.30 11.42 -21.98
N LYS D 167 -31.45 12.17 -22.69
CA LYS D 167 -30.01 12.12 -22.41
C LYS D 167 -29.74 12.42 -20.95
N LEU D 168 -30.46 13.35 -20.34
CA LEU D 168 -30.31 13.69 -18.95
C LEU D 168 -31.69 13.85 -18.33
N GLY D 169 -31.76 13.69 -17.01
CA GLY D 169 -32.95 13.98 -16.25
C GLY D 169 -33.55 12.79 -15.51
N LEU D 170 -33.16 11.56 -15.85
CA LEU D 170 -33.73 10.40 -15.19
C LEU D 170 -33.00 10.08 -13.89
N SER D 171 -33.75 9.66 -12.88
CA SER D 171 -33.15 9.13 -11.68
C SER D 171 -32.54 7.76 -11.96
N ALA D 172 -31.68 7.31 -11.05
CA ALA D 172 -30.97 6.06 -11.27
C ALA D 172 -31.94 4.89 -11.40
N LYS D 173 -32.96 4.84 -10.55
CA LYS D 173 -33.88 3.71 -10.61
C LYS D 173 -34.73 3.74 -11.88
N ASN D 174 -35.22 4.92 -12.27
CA ASN D 174 -35.97 5.01 -13.53
C ASN D 174 -35.08 4.68 -14.72
N TYR D 175 -33.83 5.15 -14.68
CA TYR D 175 -32.85 4.80 -15.69
C TYR D 175 -32.69 3.29 -15.80
N GLY D 176 -32.53 2.63 -14.66
CA GLY D 176 -32.40 1.19 -14.66
C GLY D 176 -33.64 0.48 -15.14
N ARG D 177 -34.82 1.03 -14.85
CA ARG D 177 -36.05 0.45 -15.37
C ARG D 177 -36.08 0.50 -16.89
N ALA D 178 -35.70 1.64 -17.46
CA ALA D 178 -35.63 1.76 -18.91
C ALA D 178 -34.62 0.77 -19.47
N VAL D 179 -33.46 0.63 -18.82
CA VAL D 179 -32.45 -0.32 -19.27
C VAL D 179 -33.01 -1.73 -19.25
N TYR D 180 -33.70 -2.09 -18.18
CA TYR D 180 -34.24 -3.43 -18.06
C TYR D 180 -35.25 -3.71 -19.16
N GLU D 181 -36.14 -2.76 -19.43
CA GLU D 181 -37.14 -2.99 -20.47
C GLU D 181 -36.47 -3.17 -21.83
N CYS D 182 -35.50 -2.31 -22.16
CA CYS D 182 -34.79 -2.47 -23.42
C CYS D 182 -34.12 -3.83 -23.52
N LEU D 183 -33.36 -4.21 -22.49
CA LEU D 183 -32.60 -5.45 -22.56
C LEU D 183 -33.51 -6.67 -22.62
N ARG D 184 -34.59 -6.68 -21.84
CA ARG D 184 -35.52 -7.80 -21.89
C ARG D 184 -36.25 -7.85 -23.22
N GLY D 185 -36.35 -6.74 -23.94
CA GLY D 185 -36.99 -6.77 -25.25
C GLY D 185 -36.20 -7.49 -26.31
N GLY D 186 -34.88 -7.59 -26.15
CA GLY D 186 -34.08 -8.31 -27.13
C GLY D 186 -32.80 -7.62 -27.55
N LEU D 187 -32.55 -6.42 -27.04
CA LEU D 187 -31.30 -5.74 -27.32
C LEU D 187 -30.15 -6.41 -26.58
N ASP D 188 -28.97 -6.38 -27.21
CA ASP D 188 -27.77 -6.87 -26.55
C ASP D 188 -27.25 -5.86 -25.54
N PHE D 189 -27.32 -4.57 -25.88
CA PHE D 189 -26.69 -3.53 -25.11
C PHE D 189 -27.66 -2.40 -24.87
N THR D 190 -27.46 -1.71 -23.76
CA THR D 190 -27.95 -0.36 -23.59
C THR D 190 -26.73 0.53 -23.36
N LYS D 191 -26.95 1.84 -23.37
CA LYS D 191 -25.82 2.76 -23.41
C LYS D 191 -26.14 4.01 -22.62
N ASP D 192 -25.16 4.44 -21.82
CA ASP D 192 -25.22 5.79 -21.26
C ASP D 192 -25.01 6.81 -22.36
N ASP D 193 -25.76 7.91 -22.28
CA ASP D 193 -25.45 9.02 -23.18
C ASP D 193 -24.07 9.57 -22.87
N GLU D 194 -23.48 10.24 -23.85
CA GLU D 194 -22.10 10.71 -23.71
C GLU D 194 -21.96 11.70 -22.56
N ASN D 195 -23.00 12.47 -22.26
CA ASN D 195 -22.91 13.45 -21.18
C ASN D 195 -23.46 12.94 -19.85
N VAL D 196 -23.86 11.66 -19.79
CA VAL D 196 -24.22 11.04 -18.51
C VAL D 196 -22.92 10.59 -17.86
N ASN D 197 -22.42 11.37 -16.91
CA ASN D 197 -21.27 10.93 -16.12
C ASN D 197 -21.65 10.76 -14.65
N SER D 198 -21.94 11.84 -13.94
CA SER D 198 -22.46 11.77 -12.58
C SER D 198 -23.13 13.10 -12.31
N GLN D 199 -24.44 13.13 -12.42
CA GLN D 199 -25.19 14.37 -12.28
C GLN D 199 -25.91 14.41 -10.94
N PRO D 200 -26.28 15.59 -10.47
CA PRO D 200 -27.01 15.67 -9.19
C PRO D 200 -28.28 14.84 -9.17
N PHE D 201 -28.98 14.72 -10.30
CA PHE D 201 -30.18 13.91 -10.35
C PHE D 201 -29.89 12.42 -10.46
N MET D 202 -28.69 12.03 -10.85
CA MET D 202 -28.34 10.61 -10.93
C MET D 202 -26.84 10.48 -10.74
N ARG D 203 -26.44 10.21 -9.50
CA ARG D 203 -25.02 10.01 -9.21
C ARG D 203 -24.57 8.67 -9.78
N TRP D 204 -23.29 8.61 -10.17
CA TRP D 204 -22.83 7.51 -11.00
C TRP D 204 -22.94 6.17 -10.29
N ARG D 205 -22.65 6.13 -8.99
CA ARG D 205 -22.70 4.84 -8.29
C ARG D 205 -24.12 4.27 -8.28
N GLN D 206 -25.12 5.12 -8.09
CA GLN D 206 -26.51 4.68 -8.14
C GLN D 206 -26.88 4.18 -9.53
N ARG D 207 -26.45 4.89 -10.57
CA ARG D 207 -26.73 4.45 -11.92
C ARG D 207 -26.09 3.10 -12.19
N PHE D 208 -24.84 2.92 -11.77
CA PHE D 208 -24.15 1.65 -11.97
C PHE D 208 -24.91 0.53 -11.27
N ASP D 209 -25.32 0.76 -10.03
CA ASP D 209 -26.03 -0.27 -9.27
C ASP D 209 -27.33 -0.67 -9.94
N PHE D 210 -28.16 0.30 -10.31
CA PHE D 210 -29.45 -0.05 -10.87
C PHE D 210 -29.33 -0.60 -12.28
N VAL D 211 -28.33 -0.16 -13.03
CA VAL D 211 -28.07 -0.77 -14.33
C VAL D 211 -27.70 -2.23 -14.17
N MET D 212 -26.86 -2.55 -13.17
CA MET D 212 -26.49 -3.95 -12.98
C MET D 212 -27.69 -4.77 -12.53
N GLU D 213 -28.56 -4.20 -11.71
CA GLU D 213 -29.79 -4.89 -11.35
C GLU D 213 -30.63 -5.20 -12.60
N ALA D 214 -30.77 -4.21 -13.47
CA ALA D 214 -31.52 -4.40 -14.71
C ALA D 214 -30.88 -5.47 -15.58
N ILE D 215 -29.55 -5.43 -15.71
CA ILE D 215 -28.84 -6.39 -16.54
C ILE D 215 -29.06 -7.81 -16.02
N ASP D 216 -28.94 -7.99 -14.71
CA ASP D 216 -29.13 -9.31 -14.14
C ASP D 216 -30.55 -9.82 -14.40
N LYS D 217 -31.55 -8.96 -14.17
CA LYS D 217 -32.92 -9.40 -14.39
C LYS D 217 -33.16 -9.77 -15.85
N ALA D 218 -32.67 -8.95 -16.77
CA ALA D 218 -32.89 -9.22 -18.19
C ALA D 218 -32.16 -10.48 -18.64
N GLU D 219 -30.94 -10.70 -18.15
CA GLU D 219 -30.20 -11.91 -18.51
C GLU D 219 -30.91 -13.15 -17.99
N ARG D 220 -31.42 -13.10 -16.75
CA ARG D 220 -32.16 -14.24 -16.24
C ARG D 220 -33.44 -14.48 -17.02
N GLU D 221 -34.10 -13.40 -17.45
CA GLU D 221 -35.38 -13.53 -18.13
C GLU D 221 -35.21 -14.07 -19.55
N THR D 222 -34.22 -13.59 -20.28
CA THR D 222 -34.04 -13.95 -21.68
C THR D 222 -33.06 -15.09 -21.90
N GLY D 223 -32.16 -15.35 -20.96
CA GLY D 223 -31.14 -16.35 -21.18
C GLY D 223 -30.04 -15.94 -22.12
N GLU D 224 -29.97 -14.65 -22.48
CA GLU D 224 -28.92 -14.13 -23.34
C GLU D 224 -28.08 -13.14 -22.54
N ARG D 225 -26.79 -13.08 -22.88
CA ARG D 225 -25.90 -12.14 -22.20
C ARG D 225 -26.26 -10.71 -22.58
N LYS D 226 -26.26 -9.83 -21.58
CA LYS D 226 -26.65 -8.45 -21.75
C LYS D 226 -25.55 -7.55 -21.22
N GLY D 227 -25.54 -6.31 -21.69
CA GLY D 227 -24.58 -5.34 -21.22
C GLY D 227 -25.15 -3.95 -21.29
N HIS D 228 -24.48 -3.03 -20.61
CA HIS D 228 -24.82 -1.62 -20.67
C HIS D 228 -23.52 -0.84 -20.59
N TYR D 229 -23.26 0.00 -21.58
CA TYR D 229 -22.02 0.76 -21.56
C TYR D 229 -22.11 1.78 -20.46
N LEU D 230 -21.50 1.47 -19.31
CA LEU D 230 -21.45 2.43 -18.22
C LEU D 230 -20.40 3.48 -18.54
N ASN D 231 -20.81 4.74 -18.61
CA ASN D 231 -19.90 5.80 -18.95
C ASN D 231 -19.00 6.11 -17.76
N VAL D 232 -17.70 5.93 -17.94
CA VAL D 232 -16.72 6.23 -16.91
C VAL D 232 -15.99 7.54 -17.19
N THR D 233 -16.40 8.27 -18.23
CA THR D 233 -15.81 9.58 -18.48
C THR D 233 -15.98 10.44 -17.25
N ALA D 234 -14.90 11.04 -16.80
CA ALA D 234 -14.85 11.62 -15.47
C ALA D 234 -13.98 12.87 -15.50
N PRO D 235 -14.10 13.75 -14.50
CA PRO D 235 -13.26 14.95 -14.49
C PRO D 235 -11.76 14.67 -14.47
N THR D 236 -11.33 13.63 -13.77
CA THR D 236 -9.92 13.32 -13.57
C THR D 236 -9.68 11.85 -13.85
N PRO D 237 -8.44 11.47 -14.18
CA PRO D 237 -8.15 10.04 -14.36
C PRO D 237 -8.42 9.22 -13.12
N GLU D 238 -8.19 9.77 -11.93
CA GLU D 238 -8.49 9.02 -10.71
C GLU D 238 -9.97 8.70 -10.63
N GLU D 239 -10.82 9.67 -10.95
CA GLU D 239 -12.26 9.42 -10.94
C GLU D 239 -12.66 8.43 -12.02
N MET D 240 -12.07 8.54 -13.21
CA MET D 240 -12.36 7.60 -14.28
C MET D 240 -12.00 6.18 -13.88
N TYR D 241 -10.82 6.00 -13.29
CA TYR D 241 -10.41 4.67 -12.86
C TYR D 241 -11.27 4.17 -11.70
N LYS D 242 -11.68 5.07 -10.80
CA LYS D 242 -12.58 4.65 -9.73
C LYS D 242 -13.89 4.12 -10.28
N ARG D 243 -14.47 4.82 -11.25
CA ARG D 243 -15.72 4.37 -11.83
C ARG D 243 -15.53 3.06 -12.60
N ALA D 244 -14.42 2.94 -13.33
CA ALA D 244 -14.13 1.68 -14.02
C ALA D 244 -13.96 0.53 -13.03
N GLU D 245 -13.26 0.79 -11.92
CA GLU D 245 -13.06 -0.25 -10.91
C GLU D 245 -14.37 -0.68 -10.29
N TYR D 246 -15.26 0.28 -10.03
CA TYR D 246 -16.57 -0.09 -9.48
C TYR D 246 -17.38 -0.89 -10.50
N ALA D 247 -17.32 -0.50 -11.77
CA ALA D 247 -18.00 -1.27 -12.80
C ALA D 247 -17.49 -2.70 -12.83
N LYS D 248 -16.17 -2.88 -12.74
CA LYS D 248 -15.62 -4.22 -12.65
C LYS D 248 -16.09 -4.95 -11.40
N GLU D 249 -16.15 -4.23 -10.28
CA GLU D 249 -16.52 -4.85 -9.00
C GLU D 249 -17.93 -5.39 -9.04
N ILE D 250 -18.86 -4.66 -9.66
CA ILE D 250 -20.25 -5.10 -9.73
C ILE D 250 -20.51 -6.02 -10.91
N GLY D 251 -19.49 -6.38 -11.68
CA GLY D 251 -19.65 -7.34 -12.75
C GLY D 251 -20.07 -6.77 -14.08
N ALA D 252 -19.90 -5.48 -14.30
CA ALA D 252 -20.26 -4.89 -15.59
C ALA D 252 -19.36 -5.44 -16.68
N PRO D 253 -19.91 -5.97 -17.78
CA PRO D 253 -19.05 -6.51 -18.84
C PRO D 253 -18.44 -5.45 -19.72
N ILE D 254 -18.97 -4.24 -19.75
CA ILE D 254 -18.53 -3.25 -20.72
C ILE D 254 -18.70 -1.86 -20.12
N ILE D 255 -17.74 -0.98 -20.43
CA ILE D 255 -17.80 0.41 -20.04
C ILE D 255 -17.62 1.26 -21.29
N MET D 256 -17.75 2.57 -21.10
CA MET D 256 -17.76 3.50 -22.21
C MET D 256 -16.91 4.71 -21.85
N HIS D 257 -16.28 5.30 -22.87
CA HIS D 257 -15.47 6.48 -22.67
C HIS D 257 -15.60 7.39 -23.89
N ASP D 258 -15.60 8.69 -23.64
CA ASP D 258 -15.58 9.68 -24.72
C ASP D 258 -14.11 10.04 -24.97
N TYR D 259 -13.52 9.43 -26.00
CA TYR D 259 -12.07 9.49 -26.14
C TYR D 259 -11.54 10.82 -26.64
N ILE D 260 -12.37 11.64 -27.27
CA ILE D 260 -11.91 12.95 -27.70
C ILE D 260 -12.07 13.98 -26.61
N THR D 261 -13.25 14.04 -25.98
CA THR D 261 -13.48 15.01 -24.91
C THR D 261 -12.79 14.58 -23.63
N GLY D 262 -12.83 13.30 -23.29
CA GLY D 262 -12.02 12.81 -22.19
C GLY D 262 -10.54 12.94 -22.47
N GLY D 263 -10.14 12.69 -23.71
CA GLY D 263 -8.77 12.87 -24.12
C GLY D 263 -8.08 11.54 -24.41
N PHE D 264 -7.07 11.63 -25.26
CA PHE D 264 -6.37 10.42 -25.70
C PHE D 264 -5.54 9.81 -24.57
N CYS D 265 -5.00 10.63 -23.68
CA CYS D 265 -4.23 10.09 -22.56
C CYS D 265 -5.10 9.23 -21.67
N ALA D 266 -6.23 9.79 -21.22
CA ALA D 266 -7.16 9.03 -20.39
C ALA D 266 -7.68 7.81 -21.14
N ASN D 267 -7.97 7.97 -22.43
CA ASN D 267 -8.51 6.84 -23.18
C ASN D 267 -7.50 5.71 -23.30
N THR D 268 -6.24 6.03 -23.59
CA THR D 268 -5.23 4.99 -23.69
C THR D 268 -5.03 4.30 -22.34
N GLY D 269 -4.98 5.08 -21.27
CA GLY D 269 -4.89 4.47 -19.95
C GLY D 269 -6.06 3.56 -19.67
N LEU D 270 -7.27 3.99 -20.05
CA LEU D 270 -8.45 3.18 -19.82
C LEU D 270 -8.45 1.92 -20.67
N ALA D 271 -7.96 2.01 -21.90
CA ALA D 271 -7.90 0.83 -22.76
C ALA D 271 -6.93 -0.20 -22.19
N GLN D 272 -5.79 0.26 -21.68
CA GLN D 272 -4.87 -0.66 -21.02
C GLN D 272 -5.48 -1.24 -19.76
N TRP D 273 -6.20 -0.43 -18.99
CA TRP D 273 -6.90 -0.92 -17.82
C TRP D 273 -7.92 -1.99 -18.20
N CYS D 274 -8.66 -1.75 -19.28
CA CYS D 274 -9.67 -2.71 -19.74
C CYS D 274 -9.03 -4.02 -20.15
N ARG D 275 -7.89 -3.94 -20.83
CA ARG D 275 -7.16 -5.17 -21.14
C ARG D 275 -6.74 -5.89 -19.87
N ASN D 276 -6.24 -5.14 -18.89
CA ASN D 276 -5.77 -5.74 -17.65
C ASN D 276 -6.90 -6.30 -16.79
N ASN D 277 -8.13 -5.85 -17.00
CA ASN D 277 -9.24 -6.22 -16.12
C ASN D 277 -10.37 -6.92 -16.86
N GLY D 278 -10.20 -7.22 -18.14
CA GLY D 278 -11.19 -7.99 -18.88
C GLY D 278 -12.53 -7.32 -19.06
N VAL D 279 -12.55 -6.01 -19.23
CA VAL D 279 -13.77 -5.24 -19.41
C VAL D 279 -13.79 -4.69 -20.83
N LEU D 280 -14.89 -4.88 -21.53
CA LEU D 280 -15.02 -4.33 -22.87
C LEU D 280 -15.09 -2.81 -22.82
N LEU D 281 -14.57 -2.17 -23.87
CA LEU D 281 -14.48 -0.71 -23.92
C LEU D 281 -15.22 -0.20 -25.15
N HIS D 282 -16.33 0.49 -24.92
CA HIS D 282 -17.06 1.15 -25.99
C HIS D 282 -16.60 2.60 -26.05
N ILE D 283 -16.27 3.06 -27.26
CA ILE D 283 -15.72 4.40 -27.43
C ILE D 283 -16.77 5.27 -28.12
N HIS D 284 -17.13 6.36 -27.48
CA HIS D 284 -18.00 7.36 -28.07
C HIS D 284 -17.14 8.48 -28.64
N ARG D 285 -17.52 8.97 -29.82
CA ARG D 285 -16.71 9.94 -30.55
C ARG D 285 -17.25 11.36 -30.42
N ALA D 286 -17.76 11.72 -29.24
CA ALA D 286 -18.23 13.07 -29.01
C ALA D 286 -17.13 14.07 -29.36
N MET D 287 -17.53 15.17 -29.99
CA MET D 287 -16.70 16.28 -30.49
C MET D 287 -16.05 15.96 -31.83
N HIS D 288 -16.25 14.77 -32.39
CA HIS D 288 -15.59 14.44 -33.66
C HIS D 288 -15.93 15.45 -34.74
N ALA D 289 -17.19 15.90 -34.79
CA ALA D 289 -17.62 16.82 -35.84
C ALA D 289 -16.96 18.18 -35.75
N VAL D 290 -16.48 18.58 -34.57
CA VAL D 290 -15.70 19.80 -34.48
C VAL D 290 -14.44 19.66 -35.30
N LEU D 291 -13.85 18.47 -35.32
CA LEU D 291 -12.59 18.22 -36.02
C LEU D 291 -12.79 17.85 -37.49
N ASP D 292 -13.78 17.02 -37.80
CA ASP D 292 -13.80 16.32 -39.08
C ASP D 292 -14.85 16.81 -40.06
N ARG D 293 -15.74 17.71 -39.66
CA ARG D 293 -16.84 18.09 -40.55
C ARG D 293 -16.36 18.98 -41.70
N ASN D 294 -15.55 19.97 -41.39
CA ASN D 294 -15.14 20.94 -42.40
C ASN D 294 -14.22 20.28 -43.43
N PRO D 295 -14.57 20.28 -44.71
CA PRO D 295 -13.76 19.56 -45.70
C PRO D 295 -12.41 20.21 -45.99
N HIS D 296 -12.18 21.44 -45.54
CA HIS D 296 -10.94 22.13 -45.83
C HIS D 296 -10.09 22.40 -44.60
N HIS D 297 -10.63 22.25 -43.40
CA HIS D 297 -9.86 22.49 -42.19
C HIS D 297 -10.23 21.47 -41.14
N GLY D 298 -9.21 20.90 -40.49
CA GLY D 298 -9.46 19.96 -39.43
C GLY D 298 -8.76 18.63 -39.64
N ILE D 299 -9.29 17.58 -39.04
CA ILE D 299 -8.71 16.25 -39.11
C ILE D 299 -9.79 15.30 -39.59
N HIS D 300 -9.54 14.61 -40.70
CA HIS D 300 -10.53 13.70 -41.23
C HIS D 300 -10.79 12.58 -40.24
N PHE D 301 -12.03 12.10 -40.23
CA PHE D 301 -12.38 11.08 -39.24
C PHE D 301 -11.66 9.76 -39.46
N ARG D 302 -11.11 9.50 -40.65
CA ARG D 302 -10.34 8.27 -40.81
C ARG D 302 -9.05 8.32 -39.98
N VAL D 303 -8.45 9.49 -39.85
CA VAL D 303 -7.30 9.64 -38.96
C VAL D 303 -7.71 9.38 -37.52
N LEU D 304 -8.84 9.95 -37.10
CA LEU D 304 -9.32 9.70 -35.75
C LEU D 304 -9.65 8.24 -35.54
N THR D 305 -10.12 7.56 -36.58
CA THR D 305 -10.39 6.13 -36.49
C THR D 305 -9.11 5.34 -36.25
N LYS D 306 -8.07 5.65 -37.03
CA LYS D 306 -6.79 5.00 -36.81
C LYS D 306 -6.26 5.27 -35.41
N ILE D 307 -6.37 6.53 -34.97
CA ILE D 307 -5.89 6.91 -33.65
C ILE D 307 -6.64 6.13 -32.58
N LEU D 308 -7.97 6.01 -32.72
CA LEU D 308 -8.74 5.27 -31.72
C LEU D 308 -8.37 3.80 -31.71
N ARG D 309 -8.17 3.21 -32.89
CA ARG D 309 -7.81 1.79 -32.92
C ARG D 309 -6.47 1.57 -32.23
N LEU D 310 -5.51 2.47 -32.43
CA LEU D 310 -4.23 2.34 -31.75
C LEU D 310 -4.37 2.60 -30.25
N SER D 311 -5.09 3.66 -29.88
CA SER D 311 -5.26 4.00 -28.47
C SER D 311 -6.02 2.90 -27.73
N GLY D 312 -7.04 2.35 -28.36
CA GLY D 312 -7.73 1.24 -27.78
C GLY D 312 -9.21 1.47 -27.63
N GLY D 313 -9.99 0.55 -28.18
CA GLY D 313 -11.42 0.56 -28.04
C GLY D 313 -11.98 -0.70 -28.67
N ASP D 314 -12.96 -1.33 -28.04
CA ASP D 314 -13.58 -2.49 -28.63
C ASP D 314 -14.72 -2.14 -29.57
N HIS D 315 -15.38 -1.01 -29.33
CA HIS D 315 -16.35 -0.44 -30.24
C HIS D 315 -15.94 0.98 -30.57
N LEU D 316 -16.31 1.45 -31.76
CA LEU D 316 -16.13 2.85 -32.08
C LEU D 316 -17.31 3.32 -32.91
N HIS D 317 -17.92 4.44 -32.49
CA HIS D 317 -18.96 5.05 -33.30
C HIS D 317 -18.37 5.51 -34.63
N THR D 318 -18.92 4.98 -35.72
CA THR D 318 -18.47 5.33 -37.06
C THR D 318 -19.49 6.13 -37.84
N GLY D 319 -20.63 6.46 -37.24
CA GLY D 319 -21.66 7.20 -37.92
C GLY D 319 -22.53 6.31 -38.79
N THR D 320 -23.69 6.84 -39.14
CA THR D 320 -24.61 6.16 -40.04
C THR D 320 -24.39 6.69 -41.46
N VAL D 321 -24.37 5.76 -42.42
CA VAL D 321 -24.18 6.12 -43.82
C VAL D 321 -25.43 6.75 -44.43
N VAL D 322 -26.61 6.47 -43.87
CA VAL D 322 -27.87 6.89 -44.48
C VAL D 322 -27.89 8.41 -44.61
N GLY D 323 -28.22 8.90 -45.80
CA GLY D 323 -28.30 10.32 -46.05
C GLY D 323 -27.00 10.98 -46.44
N LYS D 324 -25.97 10.22 -46.77
CA LYS D 324 -24.66 10.76 -47.11
C LYS D 324 -24.47 10.77 -48.62
N LEU D 325 -23.64 11.69 -49.09
CA LEU D 325 -23.31 11.76 -50.51
C LEU D 325 -22.42 10.59 -50.91
N GLU D 326 -22.20 10.47 -52.22
CA GLU D 326 -21.44 9.34 -52.75
C GLU D 326 -20.01 9.33 -52.22
N GLY D 327 -19.36 10.49 -52.19
CA GLY D 327 -18.03 10.57 -51.62
C GLY D 327 -18.01 10.25 -50.14
N ASP D 328 -19.00 10.75 -49.42
CA ASP D 328 -19.10 10.47 -47.98
C ASP D 328 -19.39 9.00 -47.72
N ARG D 329 -20.24 8.38 -48.55
CA ARG D 329 -20.46 6.94 -48.46
C ARG D 329 -19.15 6.17 -48.56
N GLN D 330 -18.34 6.48 -49.58
CA GLN D 330 -17.09 5.78 -49.78
C GLN D 330 -16.12 6.04 -48.64
N ALA D 331 -16.05 7.28 -48.17
CA ALA D 331 -15.16 7.60 -47.06
C ALA D 331 -15.55 6.82 -45.81
N THR D 332 -16.87 6.71 -45.55
CA THR D 332 -17.33 5.96 -44.40
C THR D 332 -16.97 4.48 -44.52
N LEU D 333 -17.17 3.90 -45.71
CA LEU D 333 -16.77 2.51 -45.90
C LEU D 333 -15.27 2.34 -45.68
N GLY D 334 -14.49 3.31 -46.13
CA GLY D 334 -13.05 3.24 -45.94
C GLY D 334 -12.65 3.25 -44.49
N TRP D 335 -13.21 4.15 -43.70
CA TRP D 335 -12.80 4.18 -42.30
C TRP D 335 -13.40 3.03 -41.49
N ILE D 336 -14.53 2.47 -41.92
CA ILE D 336 -14.99 1.23 -41.31
C ILE D 336 -13.98 0.12 -41.56
N ASP D 337 -13.47 0.02 -42.79
CA ASP D 337 -12.42 -0.95 -43.06
C ASP D 337 -11.18 -0.69 -42.21
N LEU D 338 -10.79 0.57 -42.08
CA LEU D 338 -9.64 0.90 -41.24
C LEU D 338 -9.87 0.48 -39.80
N LEU D 339 -11.11 0.57 -39.33
CA LEU D 339 -11.41 0.18 -37.95
C LEU D 339 -11.38 -1.33 -37.78
N ARG D 340 -11.78 -2.10 -38.80
CA ARG D 340 -12.03 -3.51 -38.59
C ARG D 340 -11.04 -4.46 -39.27
N GLU D 341 -10.38 -4.04 -40.34
CA GLU D 341 -9.62 -4.98 -41.14
C GLU D 341 -8.16 -5.06 -40.69
N SER D 342 -7.53 -6.18 -41.05
CA SER D 342 -6.11 -6.38 -40.74
C SER D 342 -5.21 -5.60 -41.69
N TYR D 343 -5.67 -5.39 -42.92
CA TYR D 343 -4.89 -4.66 -43.92
C TYR D 343 -5.85 -3.91 -44.82
N VAL D 344 -5.58 -2.63 -45.02
CA VAL D 344 -6.43 -1.78 -45.85
C VAL D 344 -5.56 -1.20 -46.96
N LYS D 345 -5.88 -1.54 -48.20
CA LYS D 345 -5.11 -1.06 -49.34
C LYS D 345 -5.46 0.38 -49.66
N GLU D 346 -4.51 1.07 -50.28
CA GLU D 346 -4.75 2.43 -50.75
C GLU D 346 -5.92 2.45 -51.72
N ASP D 347 -6.81 3.42 -51.55
CA ASP D 347 -8.01 3.54 -52.38
C ASP D 347 -8.39 5.02 -52.39
N ARG D 348 -7.99 5.73 -53.46
CA ARG D 348 -8.23 7.15 -53.53
C ARG D 348 -9.72 7.48 -53.55
N SER D 349 -10.54 6.59 -54.12
CA SER D 349 -11.98 6.83 -54.14
C SER D 349 -12.55 6.85 -52.74
N ARG D 350 -11.94 6.13 -51.81
CA ARG D 350 -12.34 6.13 -50.41
C ARG D 350 -11.57 7.13 -49.57
N GLY D 351 -10.67 7.90 -50.18
CA GLY D 351 -9.83 8.81 -49.42
C GLY D 351 -8.72 8.14 -48.65
N ILE D 352 -8.45 6.86 -48.93
CA ILE D 352 -7.39 6.13 -48.26
C ILE D 352 -6.12 6.34 -49.08
N PHE D 353 -5.25 7.22 -48.60
CA PHE D 353 -4.06 7.59 -49.35
C PHE D 353 -2.90 6.64 -49.15
N PHE D 354 -2.95 5.81 -48.12
CA PHE D 354 -1.84 4.92 -47.79
C PHE D 354 -2.37 3.53 -47.49
N ASP D 355 -1.57 2.53 -47.83
CA ASP D 355 -1.81 1.19 -47.31
C ASP D 355 -1.61 1.22 -45.81
N GLN D 356 -2.58 0.68 -45.06
CA GLN D 356 -2.49 0.62 -43.61
C GLN D 356 -2.43 -0.85 -43.21
N ASP D 357 -1.30 -1.27 -42.66
CA ASP D 357 -1.14 -2.61 -42.13
C ASP D 357 -1.38 -2.57 -40.63
N TRP D 358 -2.29 -3.43 -40.16
CA TRP D 358 -2.54 -3.55 -38.73
C TRP D 358 -1.91 -4.78 -38.13
N GLY D 359 -1.31 -5.64 -38.95
CA GLY D 359 -0.73 -6.86 -38.41
C GLY D 359 -1.79 -7.69 -37.72
N ALA D 360 -1.45 -8.16 -36.52
CA ALA D 360 -2.35 -8.97 -35.73
C ALA D 360 -3.18 -8.15 -34.76
N MET D 361 -3.10 -6.83 -34.82
CA MET D 361 -3.90 -6.00 -33.94
C MET D 361 -5.37 -6.19 -34.30
N PRO D 362 -6.22 -6.60 -33.36
CA PRO D 362 -7.61 -6.88 -33.71
C PRO D 362 -8.36 -5.61 -34.10
N GLY D 363 -9.42 -5.81 -34.87
CA GLY D 363 -10.29 -4.70 -35.20
C GLY D 363 -11.33 -4.46 -34.12
N ALA D 364 -12.00 -3.32 -34.22
CA ALA D 364 -13.05 -2.96 -33.30
C ALA D 364 -14.40 -3.00 -34.02
N PHE D 365 -15.46 -3.20 -33.25
CA PHE D 365 -16.80 -3.11 -33.80
C PHE D 365 -17.06 -1.70 -34.32
N ALA D 366 -17.67 -1.62 -35.50
CA ALA D 366 -18.17 -0.35 -36.02
C ALA D 366 -19.56 -0.13 -35.46
N VAL D 367 -19.82 1.06 -34.93
CA VAL D 367 -21.07 1.36 -34.26
C VAL D 367 -21.85 2.32 -35.13
N ALA D 368 -23.07 1.95 -35.47
CA ALA D 368 -23.98 2.81 -36.22
C ALA D 368 -25.04 3.35 -35.27
N SER D 369 -25.28 4.65 -35.33
CA SER D 369 -26.24 5.28 -34.45
C SER D 369 -26.70 6.60 -35.07
N GLY D 370 -27.75 7.15 -34.50
CA GLY D 370 -28.21 8.48 -34.87
C GLY D 370 -29.42 8.48 -35.77
N GLY D 371 -30.60 8.67 -35.17
CA GLY D 371 -31.83 8.83 -35.94
C GLY D 371 -32.20 7.65 -36.81
N ILE D 372 -31.82 6.44 -36.41
CA ILE D 372 -32.11 5.26 -37.21
C ILE D 372 -33.24 4.49 -36.56
N HIS D 373 -33.99 3.75 -37.38
CA HIS D 373 -35.11 2.95 -36.90
C HIS D 373 -35.21 1.70 -37.78
N VAL D 374 -36.33 0.99 -37.66
CA VAL D 374 -36.45 -0.33 -38.27
C VAL D 374 -36.28 -0.26 -39.78
N TRP D 375 -36.78 0.80 -40.40
CA TRP D 375 -36.68 0.92 -41.86
C TRP D 375 -35.24 1.01 -42.33
N HIS D 376 -34.31 1.40 -41.45
CA HIS D 376 -32.90 1.44 -41.79
C HIS D 376 -32.22 0.08 -41.68
N MET D 377 -32.89 -0.91 -41.07
CA MET D 377 -32.25 -2.22 -40.86
C MET D 377 -31.63 -2.81 -42.11
N PRO D 378 -32.30 -2.86 -43.27
CA PRO D 378 -31.66 -3.45 -44.45
C PRO D 378 -30.36 -2.77 -44.81
N ALA D 379 -30.41 -1.46 -45.05
CA ALA D 379 -29.22 -0.73 -45.45
C ALA D 379 -28.08 -0.94 -44.46
N LEU D 380 -28.36 -0.75 -43.17
CA LEU D 380 -27.33 -0.97 -42.15
C LEU D 380 -26.71 -2.34 -42.29
N VAL D 381 -27.54 -3.38 -42.39
CA VAL D 381 -27.01 -4.74 -42.48
C VAL D 381 -26.15 -4.88 -43.72
N THR D 382 -26.57 -4.25 -44.81
CA THR D 382 -25.78 -4.30 -46.04
C THR D 382 -24.48 -3.55 -45.89
N ILE D 383 -24.51 -2.41 -45.20
CA ILE D 383 -23.35 -1.53 -45.18
C ILE D 383 -22.31 -2.01 -44.18
N PHE D 384 -22.76 -2.33 -42.97
CA PHE D 384 -21.84 -2.63 -41.89
C PHE D 384 -21.49 -4.10 -41.79
N GLY D 385 -22.38 -4.99 -42.23
CA GLY D 385 -22.08 -6.39 -42.08
C GLY D 385 -22.25 -6.84 -40.63
N ASP D 386 -21.71 -8.02 -40.34
CA ASP D 386 -21.93 -8.65 -39.05
C ASP D 386 -21.17 -7.93 -37.93
N ASP D 387 -19.95 -7.48 -38.20
CA ASP D 387 -19.08 -6.98 -37.13
C ASP D 387 -19.38 -5.50 -36.86
N SER D 388 -20.59 -5.28 -36.36
CA SER D 388 -21.04 -3.93 -36.09
C SER D 388 -22.01 -3.95 -34.92
N VAL D 389 -22.20 -2.78 -34.33
CA VAL D 389 -23.23 -2.56 -33.31
C VAL D 389 -24.17 -1.50 -33.86
N LEU D 390 -25.44 -1.82 -33.95
CA LEU D 390 -26.46 -0.89 -34.42
C LEU D 390 -27.21 -0.37 -33.20
N GLN D 391 -27.17 0.94 -32.99
CA GLN D 391 -27.74 1.54 -31.79
C GLN D 391 -29.00 2.32 -32.15
N PHE D 392 -30.10 1.96 -31.51
CA PHE D 392 -31.40 2.58 -31.72
C PHE D 392 -31.83 3.20 -30.39
N GLY D 393 -31.41 4.44 -30.15
CA GLY D 393 -31.85 5.12 -28.96
C GLY D 393 -33.31 5.51 -29.03
N GLY D 394 -33.63 6.50 -29.87
CA GLY D 394 -35.01 6.87 -30.08
C GLY D 394 -35.82 5.78 -30.74
N GLY D 395 -35.20 5.00 -31.62
CA GLY D 395 -35.89 3.93 -32.32
C GLY D 395 -36.38 2.83 -31.41
N THR D 396 -35.89 2.76 -30.18
CA THR D 396 -36.36 1.79 -29.20
C THR D 396 -37.26 2.43 -28.16
N LEU D 397 -36.82 3.54 -27.55
CA LEU D 397 -37.61 4.19 -26.53
C LEU D 397 -38.81 4.93 -27.10
N GLY D 398 -38.77 5.27 -28.38
CA GLY D 398 -39.85 5.94 -29.06
C GLY D 398 -40.91 5.01 -29.62
N HIS D 399 -40.81 3.72 -29.37
CA HIS D 399 -41.85 2.79 -29.78
C HIS D 399 -43.13 3.09 -29.02
N PRO D 400 -44.28 3.03 -29.68
CA PRO D 400 -45.54 3.35 -28.98
C PRO D 400 -45.88 2.43 -27.84
N TRP D 401 -45.32 1.22 -27.80
CA TRP D 401 -45.62 0.26 -26.75
C TRP D 401 -44.53 0.16 -25.69
N GLY D 402 -43.52 1.02 -25.75
CA GLY D 402 -42.49 1.04 -24.73
C GLY D 402 -41.20 0.39 -25.20
N ASN D 403 -40.26 0.31 -24.25
CA ASN D 403 -38.90 -0.12 -24.57
C ASN D 403 -38.83 -1.59 -24.96
N ALA D 404 -39.54 -2.46 -24.25
CA ALA D 404 -39.45 -3.87 -24.53
C ALA D 404 -39.98 -4.19 -25.92
N ALA D 405 -41.12 -3.62 -26.28
CA ALA D 405 -41.67 -3.84 -27.61
C ALA D 405 -40.78 -3.24 -28.69
N GLY D 406 -40.22 -2.06 -28.46
CA GLY D 406 -39.33 -1.47 -29.45
C GLY D 406 -38.07 -2.28 -29.63
N ALA D 407 -37.52 -2.79 -28.53
CA ALA D 407 -36.36 -3.66 -28.61
C ALA D 407 -36.69 -4.93 -29.38
N CYS D 408 -37.85 -5.52 -29.10
CA CYS D 408 -38.25 -6.73 -29.83
C CYS D 408 -38.43 -6.44 -31.31
N ALA D 409 -39.01 -5.28 -31.65
CA ALA D 409 -39.18 -4.90 -33.05
C ALA D 409 -37.82 -4.76 -33.74
N ASN D 410 -36.88 -4.08 -33.10
CA ASN D 410 -35.55 -3.93 -33.67
C ASN D 410 -34.87 -5.28 -33.83
N ARG D 411 -34.98 -6.15 -32.83
CA ARG D 411 -34.36 -7.46 -32.89
C ARG D 411 -34.96 -8.32 -34.00
N VAL D 412 -36.29 -8.29 -34.14
CA VAL D 412 -36.94 -9.05 -35.20
C VAL D 412 -36.54 -8.51 -36.56
N ALA D 413 -36.49 -7.19 -36.71
CA ALA D 413 -36.08 -6.61 -37.99
C ALA D 413 -34.65 -7.03 -38.33
N LEU D 414 -33.75 -6.95 -37.35
CA LEU D 414 -32.36 -7.34 -37.60
C LEU D 414 -32.26 -8.81 -37.99
N GLU D 415 -32.96 -9.68 -37.25
CA GLU D 415 -32.83 -11.10 -37.51
C GLU D 415 -33.47 -11.48 -38.84
N ALA D 416 -34.57 -10.82 -39.20
CA ALA D 416 -35.18 -11.04 -40.51
C ALA D 416 -34.24 -10.60 -41.63
N CYS D 417 -33.63 -9.43 -41.47
CA CYS D 417 -32.69 -8.97 -42.48
C CYS D 417 -31.49 -9.91 -42.59
N ILE D 418 -30.98 -10.40 -41.46
CA ILE D 418 -29.83 -11.28 -41.48
C ILE D 418 -30.20 -12.61 -42.13
N GLU D 419 -31.35 -13.18 -41.78
CA GLU D 419 -31.76 -14.45 -42.39
C GLU D 419 -31.97 -14.29 -43.89
N ALA D 420 -32.60 -13.19 -44.30
CA ALA D 420 -32.80 -12.97 -45.73
C ALA D 420 -31.48 -12.78 -46.45
N ARG D 421 -30.53 -12.08 -45.83
CA ARG D 421 -29.21 -11.93 -46.43
C ARG D 421 -28.51 -13.27 -46.56
N ASN D 422 -28.60 -14.11 -45.53
CA ASN D 422 -27.99 -15.44 -45.59
C ASN D 422 -28.65 -16.28 -46.66
N GLN D 423 -29.94 -16.07 -46.91
CA GLN D 423 -30.64 -16.81 -47.96
C GLN D 423 -30.33 -16.30 -49.36
N GLY D 424 -29.59 -15.20 -49.48
CA GLY D 424 -29.22 -14.67 -50.77
C GLY D 424 -30.08 -13.54 -51.28
N ILE D 425 -31.09 -13.12 -50.53
CA ILE D 425 -31.95 -12.02 -50.96
C ILE D 425 -31.13 -10.73 -51.03
N PRO D 426 -31.33 -9.89 -52.05
CA PRO D 426 -30.71 -8.55 -52.01
C PRO D 426 -31.44 -7.66 -51.03
N ILE D 427 -30.85 -7.47 -49.85
CA ILE D 427 -31.57 -6.88 -48.74
C ILE D 427 -31.80 -5.38 -48.94
N GLU D 428 -30.81 -4.67 -49.46
CA GLU D 428 -31.00 -3.23 -49.64
C GLU D 428 -31.99 -2.93 -50.75
N LYS D 429 -32.06 -3.79 -51.77
CA LYS D 429 -33.01 -3.56 -52.86
C LYS D 429 -34.44 -3.81 -52.40
N GLU D 430 -34.69 -4.95 -51.75
CA GLU D 430 -36.02 -5.29 -51.26
C GLU D 430 -35.94 -5.43 -49.74
N GLY D 431 -35.92 -4.29 -49.05
CA GLY D 431 -35.93 -4.30 -47.62
C GLY D 431 -37.34 -4.21 -47.11
N LYS D 432 -38.18 -3.50 -47.87
CA LYS D 432 -39.58 -3.35 -47.49
C LYS D 432 -40.29 -4.68 -47.43
N GLU D 433 -40.09 -5.56 -48.42
CA GLU D 433 -40.78 -6.84 -48.41
C GLU D 433 -40.24 -7.77 -47.31
N VAL D 434 -38.93 -7.76 -47.06
CA VAL D 434 -38.39 -8.57 -45.97
C VAL D 434 -38.97 -8.11 -44.65
N LEU D 435 -38.99 -6.79 -44.42
CA LEU D 435 -39.52 -6.26 -43.19
C LEU D 435 -41.02 -6.54 -43.05
N THR D 436 -41.76 -6.45 -44.16
CA THR D 436 -43.20 -6.71 -44.11
C THR D 436 -43.49 -8.18 -43.79
N LYS D 437 -42.75 -9.10 -44.44
CA LYS D 437 -42.92 -10.51 -44.13
C LYS D 437 -42.59 -10.80 -42.68
N ALA D 438 -41.55 -10.14 -42.15
CA ALA D 438 -41.22 -10.30 -40.74
C ALA D 438 -42.33 -9.75 -39.85
N ALA D 439 -42.84 -8.57 -40.19
CA ALA D 439 -43.89 -7.92 -39.40
C ALA D 439 -45.18 -8.71 -39.40
N ALA D 440 -45.37 -9.57 -40.40
CA ALA D 440 -46.53 -10.46 -40.39
C ALA D 440 -46.56 -11.32 -39.14
N HIS D 441 -45.40 -11.63 -38.56
CA HIS D 441 -45.31 -12.44 -37.36
C HIS D 441 -44.96 -11.65 -36.10
N SER D 442 -44.72 -10.35 -36.22
CA SER D 442 -44.29 -9.53 -35.08
C SER D 442 -45.14 -8.27 -35.01
N PRO D 443 -46.14 -8.22 -34.13
CA PRO D 443 -46.92 -6.98 -33.98
C PRO D 443 -46.08 -5.79 -33.56
N GLU D 444 -45.05 -6.02 -32.73
CA GLU D 444 -44.16 -4.94 -32.35
C GLU D 444 -43.49 -4.34 -33.57
N LEU D 445 -42.98 -5.19 -34.46
CA LEU D 445 -42.34 -4.69 -35.68
C LEU D 445 -43.34 -3.99 -36.58
N LYS D 446 -44.56 -4.51 -36.68
CA LYS D 446 -45.57 -3.88 -37.53
C LYS D 446 -45.86 -2.46 -37.07
N ILE D 447 -46.14 -2.29 -35.77
CA ILE D 447 -46.45 -0.95 -35.29
C ILE D 447 -45.22 -0.06 -35.30
N ALA D 448 -44.02 -0.63 -35.15
CA ALA D 448 -42.81 0.17 -35.30
C ALA D 448 -42.67 0.70 -36.72
N MET D 449 -42.95 -0.15 -37.71
CA MET D 449 -42.90 0.28 -39.10
C MET D 449 -43.94 1.36 -39.37
N GLU D 450 -45.09 1.26 -38.71
CA GLU D 450 -46.10 2.32 -38.85
C GLU D 450 -45.67 3.61 -38.15
N THR D 451 -44.86 3.50 -37.09
CA THR D 451 -44.51 4.68 -36.31
C THR D 451 -43.59 5.63 -37.07
N TRP D 452 -42.59 5.09 -37.75
CA TRP D 452 -41.60 5.90 -38.47
C TRP D 452 -41.73 5.62 -39.96
N LYS D 453 -41.59 6.68 -40.75
CA LYS D 453 -41.86 6.60 -42.18
C LYS D 453 -40.74 5.85 -42.90
N GLU D 454 -41.10 5.27 -44.05
CA GLU D 454 -40.11 4.61 -44.90
C GLU D 454 -39.10 5.62 -45.42
N ILE D 455 -37.90 5.14 -45.69
CA ILE D 455 -36.79 5.98 -46.14
C ILE D 455 -36.65 5.83 -47.65
N LYS D 456 -36.66 6.96 -48.35
CA LYS D 456 -36.51 6.97 -49.81
C LYS D 456 -35.05 7.11 -50.21
N LYS E 1 -5.08 53.59 2.84
CA LYS E 1 -4.78 54.64 3.80
C LYS E 1 -3.43 54.42 4.48
N THR E 2 -3.24 55.06 5.62
CA THR E 2 -1.98 55.03 6.35
C THR E 2 -2.14 54.21 7.64
N TYR E 3 -0.99 53.88 8.23
CA TYR E 3 -0.97 53.09 9.46
C TYR E 3 -0.95 54.02 10.66
N SER E 4 -1.94 53.89 11.53
CA SER E 4 -2.01 54.62 12.78
C SER E 4 -2.32 53.63 13.89
N ALA E 5 -1.31 53.33 14.71
CA ALA E 5 -1.48 52.36 15.79
C ALA E 5 -2.45 52.88 16.83
N GLY E 6 -3.10 51.95 17.52
CA GLY E 6 -4.03 52.28 18.59
C GLY E 6 -5.38 51.65 18.38
N VAL E 7 -6.19 51.73 19.42
CA VAL E 7 -7.52 51.13 19.45
C VAL E 7 -8.51 52.09 18.82
N LYS E 8 -9.35 51.57 17.93
CA LYS E 8 -10.42 52.34 17.31
C LYS E 8 -11.73 51.56 17.40
N GLU E 9 -12.83 52.29 17.28
CA GLU E 9 -14.14 51.66 17.34
C GLU E 9 -14.41 50.83 16.09
N TYR E 10 -15.22 49.79 16.26
CA TYR E 10 -15.60 48.92 15.16
C TYR E 10 -16.67 49.52 14.26
N ARG E 11 -17.40 50.53 14.75
CA ARG E 11 -18.60 50.99 14.05
C ARG E 11 -18.26 51.66 12.71
N GLU E 12 -17.18 52.44 12.66
CA GLU E 12 -16.91 53.23 11.47
C GLU E 12 -16.51 52.36 10.27
N THR E 13 -15.96 51.18 10.50
CA THR E 13 -15.51 50.32 9.42
C THR E 13 -16.44 49.14 9.17
N TYR E 14 -16.94 48.51 10.22
CA TYR E 14 -17.69 47.26 10.09
C TYR E 14 -19.20 47.46 10.14
N TRP E 15 -19.68 48.69 10.16
CA TRP E 15 -21.11 48.98 10.09
C TRP E 15 -21.39 49.74 8.81
N MET E 16 -22.04 49.09 7.85
CA MET E 16 -22.33 49.66 6.55
C MET E 16 -23.82 49.51 6.26
N PRO E 17 -24.65 50.41 6.78
CA PRO E 17 -26.10 50.28 6.60
C PRO E 17 -26.56 50.37 5.15
N ASN E 18 -25.75 50.92 4.26
CA ASN E 18 -26.11 51.03 2.85
C ASN E 18 -25.58 49.87 2.02
N TYR E 19 -24.90 48.90 2.62
CA TYR E 19 -24.36 47.78 1.87
C TYR E 19 -25.50 46.90 1.38
N THR E 20 -25.44 46.53 0.10
CA THR E 20 -26.38 45.60 -0.48
C THR E 20 -25.72 44.24 -0.58
N PRO E 21 -26.24 43.21 0.10
CA PRO E 21 -25.57 41.90 0.06
C PRO E 21 -25.47 41.37 -1.37
N LYS E 22 -24.32 40.79 -1.67
CA LYS E 22 -24.12 40.16 -2.97
C LYS E 22 -24.75 38.77 -2.98
N ASP E 23 -25.00 38.26 -4.18
CA ASP E 23 -25.59 36.94 -4.31
C ASP E 23 -24.66 35.84 -3.81
N THR E 24 -23.36 36.11 -3.71
CA THR E 24 -22.40 35.13 -3.20
C THR E 24 -22.06 35.34 -1.74
N ASP E 25 -22.60 36.36 -1.09
CA ASP E 25 -22.29 36.60 0.31
C ASP E 25 -22.93 35.54 1.20
N ILE E 26 -22.21 35.16 2.25
CA ILE E 26 -22.82 34.43 3.35
C ILE E 26 -23.44 35.45 4.29
N LEU E 27 -24.73 35.30 4.56
CA LEU E 27 -25.44 36.22 5.43
C LEU E 27 -25.74 35.54 6.77
N ALA E 28 -25.62 36.29 7.85
CA ALA E 28 -25.89 35.78 9.18
C ALA E 28 -26.81 36.74 9.90
N CYS E 29 -27.75 36.19 10.66
CA CYS E 29 -28.61 36.97 11.54
C CYS E 29 -28.26 36.62 12.97
N PHE E 30 -27.89 37.63 13.75
CA PHE E 30 -27.53 37.46 15.16
C PHE E 30 -28.54 38.21 16.01
N LYS E 31 -29.19 37.49 16.93
CA LYS E 31 -29.95 38.14 17.98
C LYS E 31 -28.98 38.55 19.08
N ILE E 32 -28.80 39.85 19.25
CA ILE E 32 -27.78 40.41 20.13
C ILE E 32 -28.49 41.02 21.35
N THR E 33 -28.07 40.57 22.53
CA THR E 33 -28.42 41.22 23.79
C THR E 33 -27.19 41.99 24.22
N PRO E 34 -27.10 43.28 23.93
CA PRO E 34 -25.85 44.01 24.12
C PRO E 34 -25.62 44.38 25.57
N GLN E 35 -24.35 44.60 25.90
CA GLN E 35 -23.95 45.13 27.19
C GLN E 35 -24.52 46.53 27.36
N PRO E 36 -25.01 46.88 28.55
CA PRO E 36 -25.63 48.19 28.74
C PRO E 36 -24.65 49.31 28.43
N GLY E 37 -25.15 50.36 27.77
CA GLY E 37 -24.35 51.48 27.35
C GLY E 37 -23.74 51.34 25.97
N VAL E 38 -23.70 50.13 25.42
CA VAL E 38 -23.15 49.90 24.09
C VAL E 38 -24.26 50.12 23.06
N PRO E 39 -24.08 51.03 22.10
CA PRO E 39 -25.12 51.24 21.10
C PRO E 39 -25.27 50.03 20.19
N ARG E 40 -26.44 49.92 19.57
CA ARG E 40 -26.74 48.75 18.74
C ARG E 40 -25.75 48.62 17.59
N GLU E 41 -25.47 49.74 16.90
CA GLU E 41 -24.57 49.67 15.76
C GLU E 41 -23.17 49.25 16.18
N GLU E 42 -22.70 49.72 17.33
CA GLU E 42 -21.40 49.30 17.81
C GLU E 42 -21.36 47.81 18.09
N ALA E 43 -22.42 47.27 18.70
CA ALA E 43 -22.46 45.85 18.98
C ALA E 43 -22.47 45.03 17.68
N ALA E 44 -23.30 45.44 16.73
CA ALA E 44 -23.36 44.72 15.46
C ALA E 44 -22.02 44.77 14.72
N ALA E 45 -21.40 45.95 14.69
CA ALA E 45 -20.10 46.08 14.03
C ALA E 45 -19.03 45.26 14.74
N ALA E 46 -19.10 45.20 16.08
CA ALA E 46 -18.16 44.38 16.82
C ALA E 46 -18.33 42.91 16.47
N VAL E 47 -19.58 42.45 16.37
CA VAL E 47 -19.82 41.06 15.98
C VAL E 47 -19.24 40.80 14.60
N ALA E 48 -19.51 41.70 13.65
CA ALA E 48 -19.01 41.53 12.30
C ALA E 48 -17.49 41.49 12.26
N ALA E 49 -16.84 42.41 12.98
CA ALA E 49 -15.39 42.50 12.97
C ALA E 49 -14.77 41.26 13.60
N GLU E 50 -15.25 40.87 14.77
CA GLU E 50 -14.66 39.73 15.46
C GLU E 50 -14.93 38.43 14.73
N SER E 51 -16.01 38.38 13.95
CA SER E 51 -16.29 37.18 13.18
C SER E 51 -15.57 37.13 11.84
N SER E 52 -15.11 38.26 11.30
CA SER E 52 -14.48 38.13 9.98
C SER E 52 -12.99 38.47 9.92
N THR E 53 -12.63 39.74 10.15
CA THR E 53 -11.26 40.19 9.96
C THR E 53 -10.81 41.17 11.01
N GLY E 54 -11.65 41.48 11.99
CA GLY E 54 -11.34 42.53 12.93
C GLY E 54 -10.30 42.12 13.95
N THR E 55 -9.75 43.13 14.60
CA THR E 55 -8.80 42.96 15.69
C THR E 55 -8.97 44.12 16.66
N TRP E 56 -8.64 43.88 17.92
CA TRP E 56 -8.96 44.84 18.97
C TRP E 56 -8.16 46.15 18.84
N THR E 57 -7.03 46.13 18.15
CA THR E 57 -6.24 47.33 17.92
C THR E 57 -5.76 47.33 16.47
N THR E 58 -5.53 48.52 15.93
CA THR E 58 -5.13 48.64 14.53
C THR E 58 -3.79 47.95 14.29
N VAL E 59 -3.71 47.17 13.22
CA VAL E 59 -2.49 46.47 12.85
C VAL E 59 -2.09 46.92 11.44
N TRP E 60 -0.78 47.05 11.23
CA TRP E 60 -0.29 47.55 9.95
C TRP E 60 -0.49 46.55 8.81
N THR E 61 -0.46 45.25 9.12
CA THR E 61 -0.65 44.24 8.07
C THR E 61 -2.01 44.38 7.41
N ASP E 62 -2.94 45.05 8.08
CA ASP E 62 -4.24 45.36 7.49
C ASP E 62 -4.07 46.02 6.13
N LEU E 63 -3.06 46.90 6.01
CA LEU E 63 -2.87 47.67 4.79
C LEU E 63 -2.15 46.89 3.71
N LEU E 64 -1.72 45.66 3.98
CA LEU E 64 -1.17 44.82 2.93
C LEU E 64 -2.26 44.18 2.09
N THR E 65 -3.52 44.28 2.49
CA THR E 65 -4.61 43.63 1.80
C THR E 65 -5.80 44.58 1.72
N ASP E 66 -6.85 44.13 1.03
CA ASP E 66 -8.04 44.94 0.76
C ASP E 66 -9.15 44.52 1.71
N LEU E 67 -9.10 45.04 2.94
CA LEU E 67 -10.17 44.70 3.87
C LEU E 67 -11.45 45.47 3.62
N ASP E 68 -11.43 46.48 2.75
CA ASP E 68 -12.70 47.00 2.26
C ASP E 68 -13.50 45.90 1.58
N TYR E 69 -12.81 44.92 1.00
CA TYR E 69 -13.49 43.79 0.40
C TYR E 69 -13.68 42.64 1.39
N TYR E 70 -12.60 42.23 2.06
CA TYR E 70 -12.63 40.97 2.80
C TYR E 70 -13.46 41.04 4.07
N LYS E 71 -13.65 42.23 4.65
CA LYS E 71 -14.30 42.33 5.95
C LYS E 71 -15.75 41.86 5.89
N GLY E 72 -16.22 41.32 7.02
CA GLY E 72 -17.64 41.16 7.23
C GLY E 72 -18.23 42.48 7.71
N ARG E 73 -19.47 42.74 7.32
CA ARG E 73 -20.09 44.03 7.60
C ARG E 73 -21.52 43.83 8.06
N ALA E 74 -21.91 44.56 9.11
CA ALA E 74 -23.30 44.62 9.51
C ALA E 74 -24.01 45.64 8.62
N TYR E 75 -25.09 45.21 7.98
CA TYR E 75 -25.79 46.06 7.03
C TYR E 75 -27.23 46.36 7.43
N ALA E 76 -27.73 45.77 8.51
CA ALA E 76 -29.10 46.03 8.92
C ALA E 76 -29.27 45.68 10.38
N ILE E 77 -30.12 46.45 11.06
CA ILE E 77 -30.53 46.17 12.43
C ILE E 77 -32.04 46.27 12.50
N GLU E 78 -32.66 45.26 13.12
CA GLU E 78 -34.11 45.24 13.31
C GLU E 78 -34.43 44.97 14.76
N ASP E 79 -35.65 45.31 15.15
CA ASP E 79 -36.13 45.03 16.49
C ASP E 79 -36.65 43.60 16.57
N VAL E 80 -36.37 42.92 17.68
CA VAL E 80 -36.92 41.59 17.91
C VAL E 80 -38.39 41.77 18.31
N PRO E 81 -39.33 41.17 17.60
CA PRO E 81 -40.75 41.29 17.98
C PRO E 81 -40.99 40.78 19.39
N GLY E 82 -41.56 41.63 20.25
CA GLY E 82 -41.70 41.27 21.64
C GLY E 82 -40.55 41.80 22.48
N ASP E 83 -39.55 40.95 22.71
CA ASP E 83 -38.41 41.29 23.56
C ASP E 83 -37.70 42.56 23.08
N ASP E 84 -37.42 43.47 23.99
CA ASP E 84 -36.72 44.71 23.65
C ASP E 84 -35.30 44.75 24.18
N THR E 85 -34.86 43.71 24.90
CA THR E 85 -33.49 43.70 25.39
C THR E 85 -32.51 43.28 24.30
N CYS E 86 -33.02 42.72 23.21
CA CYS E 86 -32.19 42.23 22.11
C CYS E 86 -32.65 42.82 20.79
N PHE E 87 -31.80 42.68 19.78
CA PHE E 87 -32.11 43.15 18.43
C PHE E 87 -31.45 42.22 17.42
N TYR E 88 -32.01 42.17 16.22
CA TYR E 88 -31.47 41.38 15.13
C TYR E 88 -30.44 42.22 14.38
N ALA E 89 -29.26 41.66 14.18
CA ALA E 89 -28.23 42.26 13.35
C ALA E 89 -27.96 41.35 12.15
N PHE E 90 -27.96 41.92 10.97
CA PHE E 90 -27.72 41.17 9.73
C PHE E 90 -26.33 41.52 9.24
N ILE E 91 -25.49 40.51 9.06
CA ILE E 91 -24.10 40.68 8.71
C ILE E 91 -23.80 39.90 7.44
N ALA E 92 -23.07 40.52 6.53
CA ALA E 92 -22.68 39.90 5.27
C ALA E 92 -21.19 39.63 5.26
N TYR E 93 -20.81 38.45 4.78
CA TYR E 93 -19.43 38.03 4.68
C TYR E 93 -19.17 37.65 3.23
N PRO E 94 -18.12 38.18 2.61
CA PRO E 94 -17.79 37.74 1.25
C PRO E 94 -17.45 36.26 1.23
N ILE E 95 -17.80 35.60 0.12
CA ILE E 95 -17.57 34.17 0.01
C ILE E 95 -16.08 33.83 0.06
N ASP E 96 -15.21 34.78 -0.27
CA ASP E 96 -13.77 34.53 -0.26
C ASP E 96 -13.23 34.24 1.13
N LEU E 97 -13.97 34.62 2.17
CA LEU E 97 -13.47 34.45 3.53
C LEU E 97 -13.38 32.98 3.95
N PHE E 98 -14.02 32.08 3.23
CA PHE E 98 -14.22 30.72 3.70
C PHE E 98 -13.57 29.71 2.76
N GLU E 99 -13.05 28.64 3.35
CA GLU E 99 -12.63 27.50 2.57
C GLU E 99 -13.85 26.86 1.90
N GLU E 100 -13.72 26.55 0.62
CA GLU E 100 -14.81 25.91 -0.10
C GLU E 100 -15.10 24.54 0.46
N GLY E 101 -16.38 24.19 0.51
CA GLY E 101 -16.78 22.87 0.96
C GLY E 101 -16.38 22.55 2.38
N SER E 102 -16.39 23.54 3.26
CA SER E 102 -15.95 23.38 4.64
C SER E 102 -16.97 24.01 5.57
N VAL E 103 -17.96 23.22 6.01
CA VAL E 103 -18.84 23.71 7.06
C VAL E 103 -18.05 23.94 8.34
N VAL E 104 -16.95 23.22 8.52
CA VAL E 104 -16.09 23.46 9.67
C VAL E 104 -15.60 24.89 9.67
N ASN E 105 -15.11 25.35 8.52
CA ASN E 105 -14.55 26.70 8.44
C ASN E 105 -15.62 27.77 8.62
N VAL E 106 -16.76 27.61 7.94
CA VAL E 106 -17.83 28.61 8.05
C VAL E 106 -18.32 28.68 9.48
N PHE E 107 -18.52 27.52 10.10
CA PHE E 107 -18.97 27.45 11.48
C PHE E 107 -17.97 28.11 12.42
N THR E 108 -16.69 27.78 12.26
CA THR E 108 -15.67 28.36 13.11
C THR E 108 -15.62 29.87 12.95
N SER E 109 -15.74 30.36 11.72
CA SER E 109 -15.71 31.79 11.49
C SER E 109 -16.90 32.49 12.14
N LEU E 110 -18.09 31.91 12.01
CA LEU E 110 -19.29 32.58 12.50
C LEU E 110 -19.39 32.52 14.02
N VAL E 111 -19.12 31.37 14.63
CA VAL E 111 -19.40 31.16 16.04
C VAL E 111 -18.13 30.99 16.85
N GLY E 112 -16.96 31.21 16.26
CA GLY E 112 -15.72 30.87 16.93
C GLY E 112 -15.46 31.69 18.19
N ASN E 113 -15.62 33.00 18.10
CA ASN E 113 -15.26 33.84 19.24
C ASN E 113 -16.25 34.95 19.59
N VAL E 114 -17.22 35.26 18.73
CA VAL E 114 -18.10 36.38 18.99
C VAL E 114 -19.04 36.11 20.17
N PHE E 115 -19.30 34.85 20.50
CA PHE E 115 -20.24 34.56 21.58
C PHE E 115 -19.68 34.91 22.95
N GLY E 116 -18.37 35.03 23.07
CA GLY E 116 -17.75 35.45 24.31
C GLY E 116 -17.31 36.90 24.34
N PHE E 117 -17.73 37.70 23.36
CA PHE E 117 -17.28 39.08 23.28
C PHE E 117 -17.95 39.91 24.36
N LYS E 118 -17.16 40.75 25.02
CA LYS E 118 -17.63 41.51 26.17
C LYS E 118 -18.69 42.54 25.81
N ALA E 119 -18.75 42.98 24.55
CA ALA E 119 -19.71 44.02 24.16
C ALA E 119 -21.15 43.53 24.17
N VAL E 120 -21.38 42.22 24.25
CA VAL E 120 -22.72 41.67 24.21
C VAL E 120 -22.94 40.87 25.49
N ARG E 121 -24.14 41.02 26.07
CA ARG E 121 -24.52 40.15 27.18
C ARG E 121 -24.83 38.75 26.69
N ALA E 122 -25.55 38.64 25.57
CA ALA E 122 -25.89 37.33 25.03
C ALA E 122 -25.94 37.44 23.51
N LEU E 123 -25.79 36.30 22.85
CA LEU E 123 -25.74 36.27 21.40
C LEU E 123 -26.32 34.96 20.93
N ARG E 124 -27.22 35.01 19.95
CA ARG E 124 -27.78 33.82 19.36
C ARG E 124 -27.71 33.91 17.85
N LEU E 125 -27.06 32.94 17.21
CA LEU E 125 -27.05 32.87 15.76
C LEU E 125 -28.39 32.28 15.33
N GLU E 126 -29.24 33.12 14.72
CA GLU E 126 -30.57 32.70 14.36
C GLU E 126 -30.61 32.01 13.00
N ASP E 127 -29.91 32.56 12.01
CA ASP E 127 -30.01 32.03 10.66
C ASP E 127 -28.75 32.41 9.89
N VAL E 128 -28.42 31.58 8.91
CA VAL E 128 -27.29 31.82 8.02
C VAL E 128 -27.75 31.57 6.58
N ARG E 129 -27.48 32.52 5.70
CA ARG E 129 -27.77 32.36 4.28
C ARG E 129 -26.53 31.81 3.60
N PHE E 130 -26.58 30.55 3.20
CA PHE E 130 -25.51 29.99 2.39
C PHE E 130 -25.82 30.24 0.92
N PRO E 131 -25.03 31.02 0.21
CA PRO E 131 -25.32 31.26 -1.20
C PRO E 131 -25.19 29.97 -1.99
N ILE E 132 -25.93 29.87 -3.08
CA ILE E 132 -25.90 28.66 -3.88
C ILE E 132 -24.48 28.36 -4.36
N ALA E 133 -23.68 29.39 -4.60
CA ALA E 133 -22.30 29.19 -5.02
C ALA E 133 -21.52 28.43 -3.95
N TYR E 134 -21.76 28.75 -2.68
CA TYR E 134 -21.08 27.99 -1.62
C TYR E 134 -21.72 26.63 -1.43
N VAL E 135 -23.05 26.54 -1.56
CA VAL E 135 -23.73 25.27 -1.39
C VAL E 135 -23.18 24.23 -2.35
N MET E 136 -22.92 24.63 -3.60
CA MET E 136 -22.43 23.69 -4.60
C MET E 136 -21.02 23.21 -4.34
N THR E 137 -20.27 23.85 -3.43
CA THR E 137 -18.96 23.33 -3.06
C THR E 137 -19.01 22.26 -1.99
N CYS E 138 -20.17 22.05 -1.37
CA CYS E 138 -20.31 21.10 -0.29
C CYS E 138 -20.89 19.79 -0.82
N ASN E 139 -20.48 18.68 -0.21
CA ASN E 139 -20.92 17.37 -0.69
C ASN E 139 -22.41 17.17 -0.48
N GLY E 140 -22.95 17.66 0.64
CA GLY E 140 -24.34 17.47 0.94
C GLY E 140 -24.63 16.04 1.34
N PRO E 141 -25.92 15.68 1.41
CA PRO E 141 -26.29 14.32 1.78
C PRO E 141 -25.66 13.31 0.84
N PRO E 142 -25.15 12.20 1.35
CA PRO E 142 -24.58 11.18 0.45
C PRO E 142 -25.59 10.66 -0.56
N HIS E 143 -26.86 10.52 -0.17
CA HIS E 143 -27.85 10.02 -1.11
C HIS E 143 -29.07 10.91 -1.23
N GLY E 144 -29.62 11.36 -0.11
CA GLY E 144 -30.83 12.15 -0.13
C GLY E 144 -32.09 11.30 -0.18
N ILE E 145 -33.23 11.99 -0.10
CA ILE E 145 -34.51 11.30 0.14
C ILE E 145 -34.85 10.36 -1.01
N GLN E 146 -34.78 10.86 -2.25
CA GLN E 146 -35.25 10.06 -3.38
C GLN E 146 -34.34 8.87 -3.62
N VAL E 147 -33.02 9.09 -3.58
CA VAL E 147 -32.08 7.99 -3.77
C VAL E 147 -32.26 6.96 -2.67
N GLU E 148 -32.47 7.41 -1.43
CA GLU E 148 -32.67 6.47 -0.33
C GLU E 148 -33.94 5.66 -0.50
N ARG E 149 -35.03 6.30 -0.93
CA ARG E 149 -36.25 5.55 -1.17
C ARG E 149 -36.05 4.52 -2.27
N ASP E 150 -35.30 4.87 -3.31
CA ASP E 150 -35.01 3.92 -4.38
C ASP E 150 -34.17 2.75 -3.86
N ILE E 151 -33.18 3.04 -3.02
CA ILE E 151 -32.33 1.99 -2.47
C ILE E 151 -33.14 1.05 -1.60
N LEU E 152 -33.98 1.61 -0.74
CA LEU E 152 -34.76 0.81 0.20
C LEU E 152 -36.04 0.26 -0.40
N ASN E 153 -36.43 0.75 -1.58
CA ASN E 153 -37.67 0.32 -2.23
C ASN E 153 -38.88 0.58 -1.33
N LYS E 154 -38.93 1.75 -0.72
CA LYS E 154 -40.01 2.14 0.18
C LYS E 154 -40.59 3.47 -0.27
N TYR E 155 -41.89 3.51 -0.55
CA TYR E 155 -42.51 4.69 -1.12
C TYR E 155 -43.87 4.93 -0.47
N GLY E 156 -44.29 6.18 -0.53
CA GLY E 156 -45.66 6.54 -0.18
C GLY E 156 -45.97 6.59 1.29
N ARG E 157 -44.96 6.56 2.16
CA ARG E 157 -45.20 6.58 3.59
C ARG E 157 -43.93 7.00 4.29
N PRO E 158 -44.03 7.52 5.51
CA PRO E 158 -42.83 7.68 6.33
C PRO E 158 -42.23 6.32 6.66
N LEU E 159 -40.92 6.31 6.85
CA LEU E 159 -40.26 5.11 7.33
C LEU E 159 -40.42 5.00 8.84
N LEU E 160 -40.35 3.77 9.35
CA LEU E 160 -40.52 3.51 10.77
C LEU E 160 -39.22 2.97 11.34
N GLY E 161 -38.78 3.54 12.45
CA GLY E 161 -37.58 3.11 13.11
C GLY E 161 -37.82 2.92 14.60
N CYS E 162 -36.75 2.50 15.28
CA CYS E 162 -36.85 2.20 16.70
C CYS E 162 -35.43 2.10 17.27
N THR E 163 -35.16 2.90 18.30
CA THR E 163 -33.91 2.77 19.03
C THR E 163 -34.02 1.60 20.00
N ILE E 164 -33.02 0.73 20.00
CA ILE E 164 -33.01 -0.39 20.92
C ILE E 164 -32.77 0.13 22.32
N LYS E 165 -33.60 -0.31 23.26
CA LYS E 165 -33.49 0.04 24.67
C LYS E 165 -33.32 -1.22 25.49
N PRO E 166 -32.65 -1.16 26.65
CA PRO E 166 -32.04 0.02 27.30
C PRO E 166 -30.90 0.60 26.49
N LYS E 167 -30.62 1.89 26.66
CA LYS E 167 -29.57 2.53 25.89
C LYS E 167 -28.25 1.79 26.00
N LEU E 168 -27.94 1.29 27.19
CA LEU E 168 -26.73 0.52 27.41
C LEU E 168 -27.05 -0.68 28.29
N GLY E 169 -26.22 -1.71 28.20
CA GLY E 169 -26.28 -2.84 29.09
C GLY E 169 -26.56 -4.18 28.42
N LEU E 170 -27.00 -4.18 27.16
CA LEU E 170 -27.31 -5.42 26.49
C LEU E 170 -26.06 -6.03 25.85
N SER E 171 -25.96 -7.36 25.90
CA SER E 171 -24.93 -8.04 25.15
C SER E 171 -25.26 -8.00 23.66
N ALA E 172 -24.26 -8.30 22.83
CA ALA E 172 -24.45 -8.21 21.40
C ALA E 172 -25.55 -9.14 20.92
N LYS E 173 -25.59 -10.37 21.43
CA LYS E 173 -26.60 -11.32 20.96
C LYS E 173 -28.00 -10.91 21.41
N ASN E 174 -28.14 -10.47 22.66
CA ASN E 174 -29.45 -10.00 23.12
C ASN E 174 -29.88 -8.75 22.36
N TYR E 175 -28.93 -7.86 22.10
CA TYR E 175 -29.18 -6.69 21.26
C TYR E 175 -29.71 -7.11 19.90
N GLY E 176 -29.05 -8.06 19.27
CA GLY E 176 -29.49 -8.54 17.97
C GLY E 176 -30.85 -9.21 18.02
N ARG E 177 -31.15 -9.91 19.12
CA ARG E 177 -32.48 -10.50 19.28
C ARG E 177 -33.55 -9.43 19.32
N ALA E 178 -33.30 -8.36 20.08
CA ALA E 178 -34.24 -7.25 20.11
C ALA E 178 -34.40 -6.63 18.73
N VAL E 179 -33.29 -6.45 18.02
CA VAL E 179 -33.33 -5.89 16.67
C VAL E 179 -34.18 -6.77 15.76
N TYR E 180 -33.97 -8.09 15.84
CA TYR E 180 -34.70 -9.01 14.99
C TYR E 180 -36.20 -8.95 15.27
N GLU E 181 -36.58 -8.92 16.54
CA GLU E 181 -37.99 -8.87 16.87
C GLU E 181 -38.63 -7.58 16.35
N CYS E 182 -37.97 -6.44 16.56
CA CYS E 182 -38.48 -5.18 16.05
C CYS E 182 -38.65 -5.22 14.53
N LEU E 183 -37.60 -5.66 13.83
CA LEU E 183 -37.65 -5.62 12.37
C LEU E 183 -38.68 -6.59 11.81
N ARG E 184 -38.78 -7.79 12.38
CA ARG E 184 -39.79 -8.74 11.92
C ARG E 184 -41.20 -8.26 12.24
N GLY E 185 -41.36 -7.39 13.24
CA GLY E 185 -42.68 -6.87 13.51
C GLY E 185 -43.22 -5.92 12.47
N GLY E 186 -42.36 -5.28 11.69
CA GLY E 186 -42.83 -4.39 10.65
C GLY E 186 -42.10 -3.07 10.55
N LEU E 187 -41.14 -2.83 11.43
CA LEU E 187 -40.34 -1.62 11.34
C LEU E 187 -39.38 -1.71 10.18
N ASP E 188 -39.10 -0.55 9.57
CA ASP E 188 -38.08 -0.49 8.54
C ASP E 188 -36.68 -0.49 9.12
N PHE E 189 -36.50 0.20 10.25
CA PHE E 189 -35.18 0.43 10.81
C PHE E 189 -35.20 0.12 12.29
N THR E 190 -34.04 -0.29 12.79
CA THR E 190 -33.71 -0.18 14.20
C THR E 190 -32.49 0.72 14.31
N LYS E 191 -32.15 1.10 15.53
CA LYS E 191 -31.17 2.16 15.70
C LYS E 191 -30.34 1.89 16.94
N ASP E 192 -29.02 2.07 16.81
CA ASP E 192 -28.18 2.15 17.99
C ASP E 192 -28.46 3.45 18.73
N ASP E 193 -28.44 3.38 20.06
CA ASP E 193 -28.48 4.61 20.83
C ASP E 193 -27.23 5.43 20.56
N GLU E 194 -27.33 6.74 20.80
CA GLU E 194 -26.23 7.64 20.48
C GLU E 194 -24.97 7.29 21.25
N ASN E 195 -25.09 6.75 22.47
CA ASN E 195 -23.92 6.43 23.26
C ASN E 195 -23.50 4.97 23.13
N VAL E 196 -24.15 4.20 22.27
CA VAL E 196 -23.70 2.84 21.94
C VAL E 196 -22.61 2.98 20.89
N ASN E 197 -21.35 2.90 21.30
CA ASN E 197 -20.26 2.87 20.32
C ASN E 197 -19.51 1.55 20.39
N SER E 198 -18.79 1.28 21.49
CA SER E 198 -18.17 -0.01 21.71
C SER E 198 -17.89 -0.09 23.21
N GLN E 199 -18.74 -0.79 23.92
CA GLN E 199 -18.64 -0.86 25.36
C GLN E 199 -18.11 -2.21 25.80
N PRO E 200 -17.57 -2.31 27.00
CA PRO E 200 -17.08 -3.61 27.47
C PRO E 200 -18.13 -4.71 27.44
N PHE E 201 -19.39 -4.37 27.69
CA PHE E 201 -20.46 -5.37 27.65
C PHE E 201 -20.90 -5.69 26.23
N MET E 202 -20.59 -4.85 25.25
CA MET E 202 -20.96 -5.14 23.87
C MET E 202 -19.95 -4.43 22.97
N ARG E 203 -18.94 -5.17 22.52
CA ARG E 203 -17.96 -4.59 21.62
C ARG E 203 -18.58 -4.44 20.24
N TRP E 204 -18.11 -3.42 19.51
CA TRP E 204 -18.82 -2.99 18.32
C TRP E 204 -18.87 -4.07 17.25
N ARG E 205 -17.79 -4.82 17.07
CA ARG E 205 -17.79 -5.84 16.03
C ARG E 205 -18.85 -6.91 16.29
N GLN E 206 -19.01 -7.32 17.55
CA GLN E 206 -20.05 -8.28 17.90
C GLN E 206 -21.43 -7.71 17.65
N ARG E 207 -21.65 -6.45 18.02
CA ARG E 207 -22.95 -5.83 17.77
C ARG E 207 -23.24 -5.78 16.28
N PHE E 208 -22.26 -5.40 15.48
CA PHE E 208 -22.45 -5.33 14.03
C PHE E 208 -22.82 -6.71 13.49
N ASP E 209 -22.09 -7.75 13.93
CA ASP E 209 -22.36 -9.10 13.44
C ASP E 209 -23.77 -9.55 13.77
N PHE E 210 -24.18 -9.41 15.03
CA PHE E 210 -25.48 -9.93 15.41
C PHE E 210 -26.61 -9.08 14.87
N VAL E 211 -26.38 -7.78 14.70
CA VAL E 211 -27.37 -6.94 14.03
C VAL E 211 -27.57 -7.39 12.59
N MET E 212 -26.47 -7.71 11.89
CA MET E 212 -26.62 -8.17 10.51
C MET E 212 -27.33 -9.51 10.45
N GLU E 213 -27.06 -10.40 11.41
CA GLU E 213 -27.80 -11.65 11.48
C GLU E 213 -29.30 -11.38 11.64
N ALA E 214 -29.64 -10.47 12.55
CA ALA E 214 -31.04 -10.12 12.77
C ALA E 214 -31.67 -9.53 11.51
N ILE E 215 -30.94 -8.64 10.83
CA ILE E 215 -31.46 -8.00 9.63
C ILE E 215 -31.74 -9.04 8.56
N ASP E 216 -30.81 -9.96 8.36
CA ASP E 216 -31.00 -10.99 7.34
C ASP E 216 -32.22 -11.84 7.66
N LYS E 217 -32.35 -12.27 8.92
CA LYS E 217 -33.49 -13.10 9.27
C LYS E 217 -34.80 -12.35 9.07
N ALA E 218 -34.86 -11.10 9.50
CA ALA E 218 -36.09 -10.32 9.37
C ALA E 218 -36.44 -10.07 7.91
N GLU E 219 -35.43 -9.77 7.08
CA GLU E 219 -35.68 -9.55 5.65
C GLU E 219 -36.19 -10.81 4.98
N ARG E 220 -35.61 -11.96 5.31
CA ARG E 220 -36.12 -13.21 4.74
C ARG E 220 -37.53 -13.51 5.22
N GLU E 221 -37.83 -13.18 6.47
CA GLU E 221 -39.14 -13.51 7.02
C GLU E 221 -40.24 -12.62 6.46
N THR E 222 -39.97 -11.33 6.33
CA THR E 222 -40.99 -10.38 5.91
C THR E 222 -40.97 -10.07 4.42
N GLY E 223 -39.87 -10.30 3.74
CA GLY E 223 -39.77 -9.93 2.35
C GLY E 223 -39.63 -8.44 2.10
N GLU E 224 -39.37 -7.66 3.15
CA GLU E 224 -39.15 -6.23 3.03
C GLU E 224 -37.72 -5.90 3.43
N ARG E 225 -37.15 -4.88 2.79
CA ARG E 225 -35.79 -4.46 3.12
C ARG E 225 -35.76 -3.86 4.53
N LYS E 226 -34.73 -4.22 5.28
CA LYS E 226 -34.58 -3.80 6.66
C LYS E 226 -33.21 -3.17 6.85
N GLY E 227 -33.09 -2.37 7.89
CA GLY E 227 -31.82 -1.76 8.21
C GLY E 227 -31.71 -1.52 9.70
N HIS E 228 -30.49 -1.23 10.12
CA HIS E 228 -30.22 -0.85 11.49
C HIS E 228 -29.09 0.16 11.47
N TYR E 229 -29.32 1.34 12.04
CA TYR E 229 -28.29 2.36 12.02
C TYR E 229 -27.18 1.91 12.96
N LEU E 230 -26.12 1.35 12.39
CA LEU E 230 -24.96 0.98 13.18
C LEU E 230 -24.18 2.24 13.51
N ASN E 231 -24.01 2.52 14.79
CA ASN E 231 -23.32 3.71 15.21
C ASN E 231 -21.82 3.53 15.01
N VAL E 232 -21.23 4.37 14.16
CA VAL E 232 -19.79 4.34 13.92
C VAL E 232 -19.08 5.47 14.64
N THR E 233 -19.79 6.24 15.45
CA THR E 233 -19.14 7.27 16.25
C THR E 233 -18.05 6.63 17.10
N ALA E 234 -16.86 7.19 17.04
CA ALA E 234 -15.67 6.50 17.52
C ALA E 234 -14.72 7.52 18.12
N PRO E 235 -13.75 7.08 18.93
CA PRO E 235 -12.80 8.04 19.51
C PRO E 235 -11.99 8.81 18.48
N THR E 236 -11.63 8.19 17.37
CA THR E 236 -10.74 8.75 16.37
C THR E 236 -11.33 8.54 14.99
N PRO E 237 -10.95 9.36 14.01
CA PRO E 237 -11.42 9.11 12.64
C PRO E 237 -11.02 7.77 12.10
N GLU E 238 -9.83 7.27 12.46
CA GLU E 238 -9.42 5.95 12.02
C GLU E 238 -10.37 4.89 12.52
N GLU E 239 -10.76 4.98 13.79
CA GLU E 239 -11.71 4.02 14.34
C GLU E 239 -13.08 4.15 13.70
N MET E 240 -13.52 5.39 13.46
CA MET E 240 -14.80 5.61 12.80
C MET E 240 -14.82 4.99 11.42
N TYR E 241 -13.76 5.21 10.64
CA TYR E 241 -13.69 4.65 9.30
C TYR E 241 -13.57 3.13 9.35
N LYS E 242 -12.85 2.59 10.34
CA LYS E 242 -12.78 1.14 10.48
C LYS E 242 -14.16 0.55 10.71
N ARG E 243 -14.94 1.15 11.60
CA ARG E 243 -16.27 0.64 11.87
C ARG E 243 -17.18 0.80 10.65
N ALA E 244 -17.07 1.92 9.95
CA ALA E 244 -17.84 2.10 8.72
C ALA E 244 -17.46 1.05 7.68
N GLU E 245 -16.16 0.80 7.53
CA GLU E 245 -15.71 -0.19 6.56
C GLU E 245 -16.21 -1.58 6.91
N TYR E 246 -16.21 -1.93 8.20
CA TYR E 246 -16.75 -3.23 8.57
C TYR E 246 -18.25 -3.31 8.31
N ALA E 247 -18.97 -2.23 8.59
CA ALA E 247 -20.39 -2.21 8.29
C ALA E 247 -20.63 -2.42 6.80
N LYS E 248 -19.83 -1.78 5.96
CA LYS E 248 -19.93 -2.02 4.52
C LYS E 248 -19.59 -3.46 4.18
N GLU E 249 -18.57 -4.01 4.83
CA GLU E 249 -18.11 -5.36 4.52
C GLU E 249 -19.19 -6.39 4.80
N ILE E 250 -19.93 -6.22 5.91
CA ILE E 250 -20.97 -7.17 6.27
C ILE E 250 -22.31 -6.85 5.62
N GLY E 251 -22.36 -5.85 4.75
CA GLY E 251 -23.56 -5.55 4.01
C GLY E 251 -24.57 -4.65 4.71
N ALA E 252 -24.14 -3.89 5.70
CA ALA E 252 -25.06 -2.98 6.37
C ALA E 252 -25.49 -1.88 5.42
N PRO E 253 -26.80 -1.64 5.25
CA PRO E 253 -27.23 -0.59 4.33
C PRO E 253 -27.10 0.81 4.88
N ILE E 254 -26.99 0.98 6.19
CA ILE E 254 -27.06 2.30 6.79
C ILE E 254 -26.22 2.32 8.06
N ILE E 255 -25.54 3.44 8.29
CA ILE E 255 -24.80 3.67 9.50
C ILE E 255 -25.26 4.98 10.12
N MET E 256 -24.73 5.28 11.30
CA MET E 256 -25.18 6.41 12.08
C MET E 256 -23.97 7.13 12.66
N HIS E 257 -24.10 8.44 12.81
CA HIS E 257 -23.04 9.24 13.39
C HIS E 257 -23.64 10.37 14.20
N ASP E 258 -23.00 10.69 15.32
CA ASP E 258 -23.39 11.85 16.13
C ASP E 258 -22.55 13.04 15.65
N TYR E 259 -23.14 13.88 14.82
CA TYR E 259 -22.35 14.87 14.09
C TYR E 259 -21.89 16.04 14.94
N ILE E 260 -22.55 16.31 16.06
CA ILE E 260 -22.09 17.39 16.92
C ILE E 260 -21.04 16.92 17.90
N THR E 261 -21.29 15.80 18.58
CA THR E 261 -20.31 15.28 19.53
C THR E 261 -19.13 14.63 18.82
N GLY E 262 -19.39 13.86 17.76
CA GLY E 262 -18.30 13.39 16.93
C GLY E 262 -17.57 14.52 16.25
N GLY E 263 -18.30 15.54 15.82
CA GLY E 263 -17.70 16.71 15.25
C GLY E 263 -17.97 16.82 13.75
N PHE E 264 -17.92 18.06 13.27
CA PHE E 264 -18.25 18.32 11.87
C PHE E 264 -17.18 17.78 10.92
N CYS E 265 -15.92 17.78 11.34
CA CYS E 265 -14.86 17.26 10.50
C CYS E 265 -15.07 15.77 10.25
N ALA E 266 -15.23 15.00 11.32
CA ALA E 266 -15.48 13.58 11.18
C ALA E 266 -16.77 13.32 10.41
N ASN E 267 -17.80 14.12 10.68
CA ASN E 267 -19.07 13.89 10.00
C ASN E 267 -18.96 14.14 8.51
N THR E 268 -18.29 15.22 8.11
CA THR E 268 -18.13 15.49 6.68
C THR E 268 -17.31 14.40 6.01
N GLY E 269 -16.23 13.97 6.66
CA GLY E 269 -15.47 12.86 6.11
C GLY E 269 -16.31 11.62 5.97
N LEU E 270 -17.14 11.33 6.97
CA LEU E 270 -17.98 10.14 6.91
C LEU E 270 -19.05 10.27 5.83
N ALA E 271 -19.60 11.46 5.63
CA ALA E 271 -20.60 11.65 4.58
C ALA E 271 -19.98 11.43 3.22
N GLN E 272 -18.77 11.94 3.00
CA GLN E 272 -18.08 11.66 1.74
C GLN E 272 -17.77 10.18 1.58
N TRP E 273 -17.36 9.53 2.67
CA TRP E 273 -17.13 8.09 2.63
C TRP E 273 -18.41 7.34 2.27
N CYS E 274 -19.53 7.75 2.85
CA CYS E 274 -20.81 7.10 2.57
C CYS E 274 -21.20 7.28 1.11
N ARG E 275 -20.97 8.47 0.56
CA ARG E 275 -21.20 8.65 -0.88
C ARG E 275 -20.31 7.73 -1.69
N ASN E 276 -19.04 7.62 -1.31
CA ASN E 276 -18.09 6.80 -2.05
C ASN E 276 -18.37 5.31 -1.91
N ASN E 277 -19.10 4.89 -0.88
CA ASN E 277 -19.28 3.47 -0.59
C ASN E 277 -20.73 3.04 -0.60
N GLY E 278 -21.65 3.93 -0.96
CA GLY E 278 -23.05 3.57 -1.10
C GLY E 278 -23.75 3.15 0.17
N VAL E 279 -23.40 3.76 1.30
CA VAL E 279 -23.99 3.46 2.59
C VAL E 279 -24.80 4.66 3.04
N LEU E 280 -26.03 4.42 3.46
CA LEU E 280 -26.86 5.50 3.97
C LEU E 280 -26.31 6.01 5.30
N LEU E 281 -26.51 7.30 5.57
CA LEU E 281 -25.95 7.95 6.75
C LEU E 281 -27.08 8.58 7.56
N HIS E 282 -27.34 8.01 8.73
CA HIS E 282 -28.29 8.58 9.67
C HIS E 282 -27.54 9.47 10.66
N ILE E 283 -28.02 10.68 10.85
CA ILE E 283 -27.33 11.65 11.69
C ILE E 283 -28.13 11.85 12.97
N HIS E 284 -27.49 11.60 14.10
CA HIS E 284 -28.06 11.88 15.40
C HIS E 284 -27.54 13.22 15.89
N ARG E 285 -28.43 14.01 16.50
CA ARG E 285 -28.10 15.38 16.89
C ARG E 285 -27.82 15.51 18.37
N ALA E 286 -27.16 14.52 18.96
CA ALA E 286 -26.77 14.60 20.36
C ALA E 286 -25.99 15.89 20.60
N MET E 287 -26.26 16.51 21.74
CA MET E 287 -25.71 17.79 22.21
C MET E 287 -26.42 19.00 21.61
N HIS E 288 -27.38 18.81 20.69
CA HIS E 288 -28.00 19.96 20.05
C HIS E 288 -28.61 20.91 21.08
N ALA E 289 -29.23 20.38 22.13
CA ALA E 289 -29.89 21.21 23.12
C ALA E 289 -28.94 22.07 23.93
N VAL E 290 -27.67 21.66 24.02
CA VAL E 290 -26.68 22.53 24.66
C VAL E 290 -26.54 23.82 23.85
N LEU E 291 -26.64 23.72 22.53
CA LEU E 291 -26.47 24.86 21.64
C LEU E 291 -27.76 25.64 21.41
N ASP E 292 -28.89 24.96 21.24
CA ASP E 292 -30.06 25.57 20.63
C ASP E 292 -31.21 25.84 21.59
N ARG E 293 -31.14 25.37 22.84
CA ARG E 293 -32.29 25.48 23.72
C ARG E 293 -32.49 26.91 24.20
N ASN E 294 -31.42 27.57 24.62
CA ASN E 294 -31.54 28.89 25.22
C ASN E 294 -31.95 29.91 24.16
N PRO E 295 -33.08 30.61 24.32
CA PRO E 295 -33.54 31.52 23.26
C PRO E 295 -32.70 32.77 23.11
N HIS E 296 -31.80 33.06 24.03
CA HIS E 296 -31.00 34.28 23.95
C HIS E 296 -29.52 34.02 23.75
N HIS E 297 -29.05 32.79 23.92
CA HIS E 297 -27.64 32.49 23.74
C HIS E 297 -27.49 31.13 23.08
N GLY E 298 -26.63 31.06 22.07
CA GLY E 298 -26.37 29.81 21.41
C GLY E 298 -26.60 29.87 19.91
N ILE E 299 -26.86 28.72 19.31
CA ILE E 299 -27.05 28.62 17.88
C ILE E 299 -28.39 27.94 17.63
N HIS E 300 -29.27 28.61 16.91
CA HIS E 300 -30.58 28.04 16.64
C HIS E 300 -30.45 26.76 15.84
N PHE E 301 -31.36 25.82 16.09
CA PHE E 301 -31.24 24.52 15.43
C PHE E 301 -31.45 24.61 13.92
N ARG E 302 -32.05 25.68 13.40
CA ARG E 302 -32.15 25.78 11.94
C ARG E 302 -30.77 25.98 11.31
N VAL E 303 -29.88 26.69 12.00
CA VAL E 303 -28.51 26.81 11.52
C VAL E 303 -27.83 25.46 11.54
N LEU E 304 -28.00 24.70 12.62
CA LEU E 304 -27.42 23.36 12.70
C LEU E 304 -28.02 22.45 11.64
N THR E 305 -29.28 22.65 11.28
CA THR E 305 -29.90 21.88 10.22
C THR E 305 -29.25 22.17 8.87
N LYS E 306 -29.06 23.46 8.57
CA LYS E 306 -28.37 23.82 7.34
C LYS E 306 -26.96 23.25 7.31
N ILE E 307 -26.26 23.36 8.44
CA ILE E 307 -24.90 22.85 8.53
C ILE E 307 -24.88 21.35 8.28
N LEU E 308 -25.81 20.62 8.88
CA LEU E 308 -25.84 19.17 8.68
C LEU E 308 -26.14 18.82 7.23
N ARG E 309 -27.08 19.54 6.61
CA ARG E 309 -27.40 19.24 5.21
C ARG E 309 -26.18 19.46 4.33
N LEU E 310 -25.42 20.52 4.58
CA LEU E 310 -24.21 20.75 3.81
C LEU E 310 -23.14 19.72 4.11
N SER E 311 -22.92 19.43 5.40
CA SER E 311 -21.90 18.47 5.79
C SER E 311 -22.23 17.07 5.29
N GLY E 312 -23.50 16.70 5.34
CA GLY E 312 -23.91 15.45 4.78
C GLY E 312 -24.61 14.54 5.76
N GLY E 313 -25.81 14.12 5.38
CA GLY E 313 -26.57 13.16 6.15
C GLY E 313 -27.81 12.80 5.37
N ASP E 314 -28.18 11.52 5.38
CA ASP E 314 -29.40 11.12 4.70
C ASP E 314 -30.63 11.25 5.59
N HIS E 315 -30.44 11.11 6.90
CA HIS E 315 -31.46 11.38 7.89
C HIS E 315 -30.93 12.42 8.87
N LEU E 316 -31.82 13.21 9.45
CA LEU E 316 -31.44 14.09 10.54
C LEU E 316 -32.56 14.15 11.55
N HIS E 317 -32.24 13.92 12.82
CA HIS E 317 -33.21 14.11 13.89
C HIS E 317 -33.63 15.56 13.94
N THR E 318 -34.93 15.80 13.77
CA THR E 318 -35.47 17.15 13.81
C THR E 318 -36.35 17.41 15.02
N GLY E 319 -36.50 16.44 15.92
CA GLY E 319 -37.33 16.60 17.08
C GLY E 319 -38.79 16.36 16.79
N THR E 320 -39.55 16.20 17.86
CA THR E 320 -41.00 16.04 17.78
C THR E 320 -41.67 17.35 18.10
N VAL E 321 -42.70 17.66 17.31
CA VAL E 321 -43.46 18.90 17.47
C VAL E 321 -44.38 18.85 18.68
N VAL E 322 -44.82 17.66 19.10
CA VAL E 322 -45.81 17.54 20.16
C VAL E 322 -45.27 18.17 21.44
N GLY E 323 -46.09 19.02 22.06
CA GLY E 323 -45.71 19.69 23.29
C GLY E 323 -44.91 20.96 23.11
N LYS E 324 -44.84 21.51 21.90
CA LYS E 324 -44.07 22.71 21.63
C LYS E 324 -45.00 23.92 21.53
N LEU E 325 -44.43 25.10 21.78
CA LEU E 325 -45.18 26.33 21.65
C LEU E 325 -45.50 26.63 20.18
N GLU E 326 -46.40 27.58 19.98
CA GLU E 326 -46.81 27.95 18.62
C GLU E 326 -45.62 28.47 17.81
N GLY E 327 -44.80 29.32 18.43
CA GLY E 327 -43.58 29.74 17.76
C GLY E 327 -42.62 28.58 17.53
N ASP E 328 -42.53 27.68 18.51
CA ASP E 328 -41.68 26.49 18.36
C ASP E 328 -42.21 25.56 17.28
N ARG E 329 -43.53 25.40 17.19
CA ARG E 329 -44.13 24.63 16.09
C ARG E 329 -43.70 25.17 14.74
N GLN E 330 -43.83 26.49 14.56
CA GLN E 330 -43.49 27.10 13.29
C GLN E 330 -42.00 26.98 13.01
N ALA E 331 -41.16 27.18 14.03
CA ALA E 331 -39.72 27.04 13.83
C ALA E 331 -39.36 25.62 13.41
N THR E 332 -40.02 24.63 14.02
CA THR E 332 -39.76 23.24 13.63
C THR E 332 -40.17 22.98 12.20
N LEU E 333 -41.33 23.47 11.79
CA LEU E 333 -41.74 23.31 10.39
C LEU E 333 -40.74 23.98 9.46
N GLY E 334 -40.23 25.14 9.86
CA GLY E 334 -39.26 25.84 9.03
C GLY E 334 -37.98 25.06 8.85
N TRP E 335 -37.44 24.52 9.94
CA TRP E 335 -36.19 23.79 9.76
C TRP E 335 -36.39 22.42 9.12
N ILE E 336 -37.58 21.83 9.23
CA ILE E 336 -37.89 20.65 8.43
C ILE E 336 -37.85 20.99 6.95
N ASP E 337 -38.45 22.13 6.57
CA ASP E 337 -38.37 22.59 5.19
C ASP E 337 -36.93 22.83 4.77
N LEU E 338 -36.13 23.44 5.64
CA LEU E 338 -34.72 23.67 5.32
C LEU E 338 -33.99 22.35 5.10
N LEU E 339 -34.38 21.32 5.84
CA LEU E 339 -33.73 20.02 5.69
C LEU E 339 -34.14 19.33 4.39
N ARG E 340 -35.38 19.52 3.94
CA ARG E 340 -35.90 18.68 2.88
C ARG E 340 -36.14 19.38 1.54
N GLU E 341 -36.34 20.69 1.53
CA GLU E 341 -36.79 21.36 0.32
C GLU E 341 -35.63 21.87 -0.51
N SER E 342 -35.90 22.07 -1.80
CA SER E 342 -34.91 22.62 -2.71
C SER E 342 -34.76 24.13 -2.55
N TYR E 343 -35.83 24.81 -2.14
CA TYR E 343 -35.80 26.26 -1.95
C TYR E 343 -36.74 26.60 -0.82
N VAL E 344 -36.26 27.40 0.14
CA VAL E 344 -37.05 27.80 1.28
C VAL E 344 -37.09 29.33 1.30
N LYS E 345 -38.29 29.87 1.17
CA LYS E 345 -38.46 31.31 1.15
C LYS E 345 -38.37 31.89 2.56
N GLU E 346 -37.98 33.16 2.63
CA GLU E 346 -37.96 33.87 3.90
C GLU E 346 -39.35 33.87 4.52
N ASP E 347 -39.41 33.59 5.82
CA ASP E 347 -40.67 33.51 6.55
C ASP E 347 -40.37 33.86 8.00
N ARG E 348 -40.64 35.12 8.37
CA ARG E 348 -40.31 35.58 9.71
C ARG E 348 -41.10 34.83 10.78
N SER E 349 -42.32 34.40 10.45
CA SER E 349 -43.11 33.64 11.42
C SER E 349 -42.45 32.32 11.77
N ARG E 350 -41.69 31.76 10.84
CA ARG E 350 -40.95 30.53 11.06
C ARG E 350 -39.52 30.78 11.52
N GLY E 351 -39.12 32.03 11.69
CA GLY E 351 -37.75 32.35 12.02
C GLY E 351 -36.78 32.22 10.87
N ILE E 352 -37.29 32.08 9.64
CA ILE E 352 -36.44 31.96 8.47
C ILE E 352 -36.18 33.38 7.96
N PHE E 353 -34.99 33.90 8.26
CA PHE E 353 -34.67 35.28 7.93
C PHE E 353 -34.18 35.47 6.51
N PHE E 354 -33.77 34.39 5.85
CA PHE E 354 -33.20 34.47 4.52
C PHE E 354 -33.82 33.42 3.61
N ASP E 355 -33.94 33.76 2.34
CA ASP E 355 -34.21 32.73 1.34
C ASP E 355 -33.01 31.79 1.28
N GLN E 356 -33.26 30.49 1.34
CA GLN E 356 -32.20 29.50 1.26
C GLN E 356 -32.42 28.68 -0.01
N ASP E 357 -31.50 28.81 -0.96
CA ASP E 357 -31.52 28.02 -2.17
C ASP E 357 -30.58 26.83 -1.99
N TRP E 358 -31.11 25.63 -2.23
CA TRP E 358 -30.30 24.43 -2.18
C TRP E 358 -29.93 23.91 -3.55
N GLY E 359 -30.47 24.51 -4.61
CA GLY E 359 -30.19 24.02 -5.94
C GLY E 359 -30.63 22.57 -6.08
N ALA E 360 -29.75 21.75 -6.64
CA ALA E 360 -30.03 20.35 -6.84
C ALA E 360 -29.54 19.47 -5.69
N MET E 361 -29.05 20.07 -4.62
CA MET E 361 -28.60 19.29 -3.48
C MET E 361 -29.81 18.61 -2.86
N PRO E 362 -29.82 17.28 -2.75
CA PRO E 362 -31.01 16.58 -2.25
C PRO E 362 -31.27 16.89 -0.79
N GLY E 363 -32.53 16.74 -0.40
CA GLY E 363 -32.89 16.87 0.99
C GLY E 363 -32.66 15.58 1.76
N ALA E 364 -32.72 15.69 3.08
CA ALA E 364 -32.57 14.55 3.97
C ALA E 364 -33.90 14.24 4.63
N PHE E 365 -34.07 12.99 5.03
CA PHE E 365 -35.24 12.62 5.81
C PHE E 365 -35.25 13.37 7.13
N ALA E 366 -36.42 13.86 7.51
CA ALA E 366 -36.62 14.42 8.84
C ALA E 366 -36.99 13.28 9.78
N VAL E 367 -36.33 13.21 10.93
CA VAL E 367 -36.51 12.11 11.86
C VAL E 367 -37.24 12.64 13.08
N ALA E 368 -38.36 12.00 13.41
CA ALA E 368 -39.12 12.31 14.61
C ALA E 368 -38.89 11.21 15.63
N SER E 369 -38.57 11.61 16.87
CA SER E 369 -38.31 10.65 17.92
C SER E 369 -38.50 11.32 19.27
N GLY E 370 -38.58 10.50 20.31
CA GLY E 370 -38.63 11.01 21.67
C GLY E 370 -40.00 10.92 22.32
N GLY E 371 -40.21 9.87 23.09
CA GLY E 371 -41.44 9.74 23.87
C GLY E 371 -42.70 9.68 23.06
N ILE E 372 -42.66 9.14 21.85
CA ILE E 372 -43.84 9.07 21.00
C ILE E 372 -44.34 7.64 20.95
N HIS E 373 -45.63 7.50 20.70
CA HIS E 373 -46.26 6.19 20.61
C HIS E 373 -47.40 6.27 19.60
N VAL E 374 -48.26 5.25 19.58
CA VAL E 374 -49.24 5.10 18.51
C VAL E 374 -50.17 6.30 18.46
N TRP E 375 -50.54 6.84 19.62
CA TRP E 375 -51.46 7.97 19.66
C TRP E 375 -50.89 9.20 18.97
N HIS E 376 -49.58 9.28 18.81
CA HIS E 376 -48.96 10.38 18.10
C HIS E 376 -48.96 10.19 16.58
N MET E 377 -49.29 8.99 16.10
CA MET E 377 -49.23 8.71 14.65
C MET E 377 -49.96 9.74 13.81
N PRO E 378 -51.21 10.13 14.11
CA PRO E 378 -51.87 11.12 13.25
C PRO E 378 -51.09 12.42 13.13
N ALA E 379 -50.82 13.06 14.27
CA ALA E 379 -50.11 14.33 14.27
C ALA E 379 -48.81 14.23 13.48
N LEU E 380 -47.99 13.23 13.81
CA LEU E 380 -46.73 13.03 13.09
C LEU E 380 -46.95 12.98 11.59
N VAL E 381 -47.90 12.16 11.15
CA VAL E 381 -48.14 12.01 9.72
C VAL E 381 -48.55 13.35 9.13
N THR E 382 -49.34 14.12 9.87
CA THR E 382 -49.76 15.43 9.40
C THR E 382 -48.58 16.40 9.36
N ILE E 383 -47.70 16.34 10.35
CA ILE E 383 -46.67 17.35 10.47
C ILE E 383 -45.52 17.06 9.52
N PHE E 384 -45.04 15.82 9.51
CA PHE E 384 -43.83 15.49 8.78
C PHE E 384 -44.09 15.06 7.34
N GLY E 385 -45.26 14.51 7.06
CA GLY E 385 -45.49 14.04 5.71
C GLY E 385 -44.73 12.75 5.44
N ASP E 386 -44.63 12.41 4.15
CA ASP E 386 -44.07 11.12 3.76
C ASP E 386 -42.57 11.07 3.98
N ASP E 387 -41.85 12.16 3.71
CA ASP E 387 -40.39 12.12 3.70
C ASP E 387 -39.84 12.31 5.11
N SER E 388 -40.12 11.32 5.95
CA SER E 388 -39.72 11.38 7.34
C SER E 388 -39.48 9.97 7.84
N VAL E 389 -38.75 9.89 8.95
CA VAL E 389 -38.56 8.65 9.69
C VAL E 389 -39.13 8.88 11.08
N LEU E 390 -40.08 8.05 11.48
CA LEU E 390 -40.69 8.14 12.80
C LEU E 390 -40.09 7.03 13.66
N GLN E 391 -39.44 7.41 14.75
CA GLN E 391 -38.71 6.46 15.58
C GLN E 391 -39.44 6.26 16.89
N PHE E 392 -39.77 5.00 17.18
CA PHE E 392 -40.48 4.61 18.39
C PHE E 392 -39.58 3.67 19.17
N GLY E 393 -38.70 4.22 20.00
CA GLY E 393 -37.87 3.37 20.84
C GLY E 393 -38.67 2.71 21.94
N GLY E 394 -39.08 3.50 22.93
CA GLY E 394 -39.93 2.97 23.98
C GLY E 394 -41.28 2.52 23.47
N GLY E 395 -41.81 3.19 22.45
CA GLY E 395 -43.11 2.84 21.91
C GLY E 395 -43.16 1.47 21.25
N THR E 396 -42.00 0.87 20.97
CA THR E 396 -41.94 -0.47 20.42
C THR E 396 -41.48 -1.51 21.45
N LEU E 397 -40.36 -1.25 22.13
CA LEU E 397 -39.87 -2.15 23.16
C LEU E 397 -40.80 -2.18 24.37
N GLY E 398 -41.55 -1.12 24.61
CA GLY E 398 -42.45 -1.02 25.73
C GLY E 398 -43.82 -1.61 25.51
N HIS E 399 -44.06 -2.22 24.36
CA HIS E 399 -45.32 -2.89 24.12
C HIS E 399 -45.45 -4.09 25.07
N PRO E 400 -46.64 -4.33 25.63
CA PRO E 400 -46.78 -5.44 26.58
C PRO E 400 -46.51 -6.82 25.99
N TRP E 401 -46.59 -6.97 24.67
CA TRP E 401 -46.38 -8.26 24.03
C TRP E 401 -45.00 -8.38 23.38
N GLY E 402 -44.13 -7.41 23.57
CA GLY E 402 -42.77 -7.50 23.06
C GLY E 402 -42.57 -6.66 21.81
N ASN E 403 -41.36 -6.81 21.25
CA ASN E 403 -40.93 -5.93 20.16
C ASN E 403 -41.71 -6.19 18.88
N ALA E 404 -41.94 -7.46 18.53
CA ALA E 404 -42.61 -7.74 17.27
C ALA E 404 -44.03 -7.19 17.26
N ALA E 405 -44.76 -7.39 18.36
CA ALA E 405 -46.11 -6.87 18.46
C ALA E 405 -46.13 -5.35 18.47
N GLY E 406 -45.19 -4.72 19.18
CA GLY E 406 -45.14 -3.27 19.20
C GLY E 406 -44.80 -2.69 17.84
N ALA E 407 -43.89 -3.34 17.12
CA ALA E 407 -43.56 -2.93 15.77
C ALA E 407 -44.76 -3.06 14.86
N CYS E 408 -45.48 -4.18 14.98
CA CYS E 408 -46.68 -4.37 14.16
C CYS E 408 -47.73 -3.32 14.48
N ALA E 409 -47.89 -2.98 15.76
CA ALA E 409 -48.86 -1.96 16.15
C ALA E 409 -48.49 -0.61 15.54
N ASN E 410 -47.20 -0.24 15.63
CA ASN E 410 -46.78 1.03 15.05
C ASN E 410 -46.95 1.03 13.54
N ARG E 411 -46.63 -0.09 12.88
CA ARG E 411 -46.77 -0.17 11.43
C ARG E 411 -48.23 -0.07 11.01
N VAL E 412 -49.12 -0.76 11.73
CA VAL E 412 -50.54 -0.70 11.42
C VAL E 412 -51.07 0.71 11.65
N ALA E 413 -50.67 1.35 12.74
CA ALA E 413 -51.11 2.72 13.00
C ALA E 413 -50.64 3.65 11.88
N LEU E 414 -49.38 3.52 11.48
CA LEU E 414 -48.86 4.38 10.41
C LEU E 414 -49.60 4.15 9.11
N GLU E 415 -49.82 2.89 8.75
CA GLU E 415 -50.46 2.60 7.48
C GLU E 415 -51.92 3.01 7.48
N ALA E 416 -52.60 2.86 8.61
CA ALA E 416 -53.97 3.33 8.73
C ALA E 416 -54.04 4.85 8.59
N CYS E 417 -53.13 5.56 9.26
CA CYS E 417 -53.11 7.00 9.14
C CYS E 417 -52.82 7.44 7.71
N ILE E 418 -51.88 6.75 7.05
CA ILE E 418 -51.53 7.12 5.68
C ILE E 418 -52.69 6.85 4.74
N GLU E 419 -53.35 5.69 4.88
CA GLU E 419 -54.49 5.40 4.02
C GLU E 419 -55.62 6.38 4.24
N ALA E 420 -55.90 6.73 5.50
CA ALA E 420 -56.95 7.69 5.78
C ALA E 420 -56.59 9.06 5.22
N ARG E 421 -55.32 9.47 5.32
CA ARG E 421 -54.90 10.74 4.74
C ARG E 421 -55.06 10.73 3.23
N ASN E 422 -54.68 9.63 2.58
CA ASN E 422 -54.85 9.53 1.14
C ASN E 422 -56.32 9.57 0.74
N GLN E 423 -57.20 9.05 1.60
CA GLN E 423 -58.63 9.08 1.33
C GLN E 423 -59.24 10.46 1.58
N GLY E 424 -58.48 11.40 2.13
CA GLY E 424 -58.97 12.74 2.37
C GLY E 424 -59.44 13.02 3.77
N ILE E 425 -59.36 12.05 4.67
CA ILE E 425 -59.78 12.26 6.07
C ILE E 425 -58.88 13.30 6.71
N PRO E 426 -59.40 14.22 7.51
CA PRO E 426 -58.51 15.07 8.32
C PRO E 426 -57.93 14.29 9.49
N ILE E 427 -56.67 13.88 9.35
CA ILE E 427 -56.10 12.89 10.25
C ILE E 427 -55.84 13.47 11.64
N GLU E 428 -55.34 14.70 11.72
CA GLU E 428 -55.05 15.24 13.04
C GLU E 428 -56.32 15.57 13.81
N LYS E 429 -57.39 15.93 13.11
CA LYS E 429 -58.65 16.23 13.78
C LYS E 429 -59.29 14.97 14.33
N GLU E 430 -59.39 13.92 13.51
CA GLU E 430 -59.99 12.65 13.93
C GLU E 430 -58.94 11.56 13.78
N GLY E 431 -58.02 11.52 14.73
CA GLY E 431 -57.01 10.47 14.71
C GLY E 431 -57.48 9.31 15.57
N LYS E 432 -58.27 9.63 16.60
CA LYS E 432 -58.77 8.58 17.47
C LYS E 432 -59.65 7.59 16.72
N GLU E 433 -60.54 8.08 15.86
CA GLU E 433 -61.42 7.17 15.13
C GLU E 433 -60.66 6.35 14.09
N VAL E 434 -59.69 6.96 13.41
CA VAL E 434 -58.89 6.22 12.45
C VAL E 434 -58.12 5.11 13.16
N LEU E 435 -57.50 5.45 14.30
CA LEU E 435 -56.75 4.46 15.05
C LEU E 435 -57.65 3.37 15.61
N THR E 436 -58.86 3.73 16.05
CA THR E 436 -59.79 2.75 16.59
C THR E 436 -60.28 1.78 15.51
N LYS E 437 -60.62 2.32 14.33
CA LYS E 437 -61.02 1.46 13.23
C LYS E 437 -59.88 0.53 12.83
N ALA E 438 -58.65 1.03 12.84
CA ALA E 438 -57.51 0.17 12.55
C ALA E 438 -57.35 -0.90 13.62
N ALA E 439 -57.47 -0.52 14.89
CA ALA E 439 -57.29 -1.45 16.00
C ALA E 439 -58.37 -2.52 16.01
N ALA E 440 -59.51 -2.27 15.37
CA ALA E 440 -60.51 -3.30 15.24
C ALA E 440 -59.96 -4.54 14.54
N HIS E 441 -58.97 -4.38 13.67
CA HIS E 441 -58.36 -5.50 12.96
C HIS E 441 -56.96 -5.85 13.45
N SER E 442 -56.43 -5.12 14.44
CA SER E 442 -55.07 -5.34 14.91
C SER E 442 -55.06 -5.41 16.43
N PRO E 443 -55.03 -6.61 17.02
CA PRO E 443 -54.93 -6.71 18.48
C PRO E 443 -53.70 -6.04 19.05
N GLU E 444 -52.58 -6.11 18.34
CA GLU E 444 -51.37 -5.44 18.78
C GLU E 444 -51.61 -3.94 18.92
N LEU E 445 -52.24 -3.34 17.91
CA LEU E 445 -52.54 -1.91 17.98
C LEU E 445 -53.52 -1.60 19.10
N LYS E 446 -54.52 -2.45 19.29
CA LYS E 446 -55.50 -2.21 20.35
C LYS E 446 -54.84 -2.17 21.71
N ILE E 447 -54.02 -3.17 22.02
CA ILE E 447 -53.38 -3.18 23.33
C ILE E 447 -52.32 -2.10 23.44
N ALA E 448 -51.69 -1.72 22.32
CA ALA E 448 -50.77 -0.59 22.36
C ALA E 448 -51.52 0.70 22.71
N MET E 449 -52.69 0.91 22.12
CA MET E 449 -53.49 2.08 22.43
C MET E 449 -53.92 2.07 23.89
N GLU E 450 -54.18 0.88 24.43
CA GLU E 450 -54.49 0.79 25.86
C GLU E 450 -53.27 1.05 26.73
N THR E 451 -52.08 0.76 26.23
CA THR E 451 -50.88 0.86 27.06
C THR E 451 -50.52 2.30 27.38
N TRP E 452 -50.60 3.19 26.38
CA TRP E 452 -50.20 4.58 26.56
C TRP E 452 -51.40 5.49 26.39
N LYS E 453 -51.40 6.59 27.14
CA LYS E 453 -52.57 7.46 27.21
C LYS E 453 -52.79 8.21 25.90
N GLU E 454 -54.06 8.52 25.64
CA GLU E 454 -54.41 9.34 24.49
C GLU E 454 -53.77 10.72 24.59
N ILE E 455 -53.39 11.26 23.44
CA ILE E 455 -52.74 12.56 23.35
C ILE E 455 -53.64 13.51 22.59
N LYS E 456 -53.89 14.68 23.16
CA LYS E 456 -54.68 15.70 22.50
C LYS E 456 -54.16 17.10 22.81
N LYS F 1 1.72 -52.40 14.52
CA LYS F 1 1.16 -52.80 13.23
C LYS F 1 -0.36 -52.86 13.28
N THR F 2 -0.90 -53.29 14.41
CA THR F 2 -2.34 -53.35 14.62
C THR F 2 -2.74 -52.40 15.75
N TYR F 3 -4.01 -52.02 15.76
CA TYR F 3 -4.52 -51.08 16.74
C TYR F 3 -5.06 -51.83 17.95
N SER F 4 -4.49 -51.54 19.11
CA SER F 4 -4.97 -52.07 20.39
C SER F 4 -5.10 -50.91 21.36
N ALA F 5 -6.34 -50.53 21.65
CA ALA F 5 -6.58 -49.42 22.54
C ALA F 5 -6.12 -49.75 23.96
N GLY F 6 -5.78 -48.70 24.71
CA GLY F 6 -5.37 -48.84 26.10
C GLY F 6 -4.02 -48.20 26.36
N VAL F 7 -3.70 -48.11 27.64
CA VAL F 7 -2.47 -47.47 28.11
C VAL F 7 -1.34 -48.48 28.06
N LYS F 8 -0.20 -48.06 27.53
CA LYS F 8 1.00 -48.88 27.50
C LYS F 8 2.20 -48.07 27.99
N GLU F 9 3.23 -48.78 28.43
CA GLU F 9 4.43 -48.12 28.92
C GLU F 9 5.20 -47.47 27.78
N TYR F 10 5.90 -46.39 28.09
CA TYR F 10 6.72 -45.68 27.13
C TYR F 10 8.04 -46.37 26.85
N ARG F 11 8.49 -47.29 27.72
CA ARG F 11 9.85 -47.81 27.64
C ARG F 11 10.06 -48.67 26.40
N GLU F 12 9.07 -49.47 26.02
CA GLU F 12 9.28 -50.43 24.94
C GLU F 12 9.42 -49.76 23.58
N THR F 13 8.83 -48.58 23.39
CA THR F 13 8.88 -47.89 22.11
C THR F 13 9.86 -46.75 22.07
N TYR F 14 9.93 -45.94 23.14
CA TYR F 14 10.69 -44.70 23.13
C TYR F 14 12.04 -44.83 23.82
N TRP F 15 12.45 -46.04 24.20
CA TRP F 15 13.77 -46.28 24.77
C TRP F 15 14.52 -47.21 23.84
N MET F 16 15.52 -46.69 23.14
CA MET F 16 16.29 -47.43 22.15
C MET F 16 17.78 -47.28 22.47
N PRO F 17 18.29 -48.08 23.41
CA PRO F 17 19.69 -47.94 23.80
C PRO F 17 20.68 -48.23 22.68
N ASN F 18 20.27 -48.92 21.63
CA ASN F 18 21.16 -49.23 20.52
C ASN F 18 21.06 -48.22 19.38
N TYR F 19 20.24 -47.20 19.53
CA TYR F 19 20.09 -46.21 18.46
C TYR F 19 21.36 -45.38 18.33
N THR F 20 21.83 -45.22 17.10
CA THR F 20 22.95 -44.34 16.82
C THR F 20 22.43 -43.02 16.26
N PRO F 21 22.66 -41.90 16.92
CA PRO F 21 22.11 -40.64 16.43
C PRO F 21 22.60 -40.32 15.02
N LYS F 22 21.69 -39.84 14.20
CA LYS F 22 22.03 -39.40 12.86
C LYS F 22 22.66 -38.01 12.90
N ASP F 23 23.38 -37.68 11.84
CA ASP F 23 24.02 -36.37 11.77
C ASP F 23 23.00 -35.24 11.68
N THR F 24 21.77 -35.53 11.30
CA THR F 24 20.72 -34.52 11.23
C THR F 24 19.81 -34.52 12.44
N ASP F 25 20.02 -35.42 13.39
CA ASP F 25 19.16 -35.45 14.57
C ASP F 25 19.43 -34.26 15.48
N ILE F 26 18.37 -33.75 16.08
CA ILE F 26 18.49 -32.84 17.21
C ILE F 26 18.66 -33.70 18.46
N LEU F 27 19.73 -33.48 19.21
CA LEU F 27 20.00 -34.23 20.41
C LEU F 27 19.76 -33.36 21.64
N ALA F 28 19.19 -33.95 22.68
CA ALA F 28 18.93 -33.24 23.91
C ALA F 28 19.46 -34.06 25.08
N CYS F 29 20.03 -33.36 26.06
CA CYS F 29 20.44 -33.98 27.31
C CYS F 29 19.55 -33.44 28.42
N PHE F 30 18.88 -34.33 29.13
CA PHE F 30 17.99 -33.98 30.22
C PHE F 30 18.55 -34.55 31.52
N LYS F 31 18.80 -33.69 32.50
CA LYS F 31 19.06 -34.16 33.85
C LYS F 31 17.72 -34.43 34.51
N ILE F 32 17.44 -35.69 34.78
CA ILE F 32 16.14 -36.15 35.26
C ILE F 32 16.29 -36.53 36.72
N THR F 33 15.45 -35.94 37.57
CA THR F 33 15.24 -36.39 38.93
C THR F 33 13.92 -37.14 38.94
N PRO F 34 13.93 -38.47 38.85
CA PRO F 34 12.68 -39.19 38.63
C PRO F 34 11.87 -39.35 39.91
N GLN F 35 10.59 -39.55 39.73
CA GLN F 35 9.69 -39.87 40.82
C GLN F 35 10.06 -41.23 41.40
N PRO F 36 10.04 -41.39 42.72
CA PRO F 36 10.47 -42.66 43.33
C PRO F 36 9.64 -43.83 42.81
N GLY F 37 10.33 -44.95 42.57
CA GLY F 37 9.70 -46.13 42.02
C GLY F 37 9.72 -46.21 40.51
N VAL F 38 9.97 -45.10 39.82
CA VAL F 38 10.01 -45.09 38.36
C VAL F 38 11.42 -45.42 37.92
N PRO F 39 11.61 -46.47 37.12
CA PRO F 39 12.97 -46.80 36.66
C PRO F 39 13.50 -45.73 35.71
N ARG F 40 14.83 -45.68 35.60
CA ARG F 40 15.47 -44.64 34.80
C ARG F 40 15.04 -44.70 33.35
N GLU F 41 15.01 -45.91 32.77
CA GLU F 41 14.65 -46.06 31.37
C GLU F 41 13.23 -45.61 31.12
N GLU F 42 12.32 -45.92 32.05
CA GLU F 42 10.94 -45.47 31.90
C GLU F 42 10.84 -43.96 31.92
N ALA F 43 11.58 -43.30 32.82
CA ALA F 43 11.55 -41.85 32.88
C ALA F 43 12.11 -41.23 31.60
N ALA F 44 13.24 -41.75 31.11
CA ALA F 44 13.83 -41.23 29.89
C ALA F 44 12.89 -41.43 28.70
N ALA F 45 12.29 -42.61 28.59
CA ALA F 45 11.37 -42.88 27.50
C ALA F 45 10.13 -42.00 27.59
N ALA F 46 9.65 -41.74 28.81
CA ALA F 46 8.52 -40.85 28.99
C ALA F 46 8.86 -39.44 28.53
N VAL F 47 10.07 -38.97 28.86
CA VAL F 47 10.48 -37.64 28.41
C VAL F 47 10.52 -37.60 26.89
N ALA F 48 11.12 -38.62 26.27
CA ALA F 48 11.20 -38.67 24.83
C ALA F 48 9.83 -38.68 24.17
N ALA F 49 8.92 -39.52 24.70
CA ALA F 49 7.59 -39.64 24.13
C ALA F 49 6.81 -38.35 24.26
N GLU F 50 6.80 -37.77 25.46
CA GLU F 50 6.01 -36.56 25.68
C GLU F 50 6.59 -35.38 24.92
N SER F 51 7.90 -35.40 24.65
CA SER F 51 8.50 -34.32 23.89
C SER F 51 8.38 -34.50 22.38
N SER F 52 8.13 -35.71 21.88
CA SER F 52 8.08 -35.79 20.42
C SER F 52 6.73 -36.18 19.82
N THR F 53 6.27 -37.41 20.07
CA THR F 53 5.08 -37.92 19.40
C THR F 53 4.21 -38.77 20.33
N GLY F 54 4.59 -38.91 21.58
CA GLY F 54 3.89 -39.81 22.46
C GLY F 54 2.55 -39.28 22.92
N THR F 55 1.74 -40.20 23.43
CA THR F 55 0.45 -39.89 24.02
C THR F 55 0.19 -40.90 25.13
N TRP F 56 -0.62 -40.49 26.12
CA TRP F 56 -0.77 -41.28 27.33
C TRP F 56 -1.48 -42.61 27.08
N THR F 57 -2.25 -42.72 26.00
CA THR F 57 -2.92 -43.97 25.65
C THR F 57 -2.77 -44.21 24.15
N THR F 58 -2.81 -45.46 23.75
CA THR F 58 -2.61 -45.80 22.35
C THR F 58 -3.72 -45.21 21.48
N VAL F 59 -3.33 -44.58 20.37
CA VAL F 59 -4.27 -43.99 19.43
C VAL F 59 -4.07 -44.64 18.07
N TRP F 60 -5.19 -44.87 17.37
CA TRP F 60 -5.13 -45.56 16.08
C TRP F 60 -4.46 -44.72 15.01
N THR F 61 -4.53 -43.39 15.12
CA THR F 61 -3.94 -42.54 14.10
C THR F 61 -2.42 -42.72 14.00
N ASP F 62 -1.80 -43.24 15.06
CA ASP F 62 -0.38 -43.56 14.99
C ASP F 62 -0.08 -44.48 13.82
N LEU F 63 -1.01 -45.39 13.50
CA LEU F 63 -0.77 -46.35 12.44
C LEU F 63 -0.98 -45.76 11.06
N LEU F 64 -1.43 -44.51 10.97
CA LEU F 64 -1.48 -43.84 9.68
C LEU F 64 -0.14 -43.28 9.26
N THR F 65 0.85 -43.29 10.16
CA THR F 65 2.15 -42.69 9.88
C THR F 65 3.24 -43.64 10.33
N ASP F 66 4.49 -43.24 10.09
CA ASP F 66 5.65 -44.07 10.41
C ASP F 66 6.19 -43.61 11.76
N LEU F 67 5.59 -44.14 12.82
CA LEU F 67 6.00 -43.80 14.18
C LEU F 67 7.44 -44.19 14.45
N ASP F 68 7.92 -45.30 13.90
CA ASP F 68 9.30 -45.71 14.11
C ASP F 68 10.28 -44.66 13.64
N TYR F 69 9.91 -43.86 12.63
CA TYR F 69 10.80 -42.81 12.18
C TYR F 69 10.63 -41.53 12.97
N TYR F 70 9.38 -41.04 13.10
CA TYR F 70 9.16 -39.70 13.60
C TYR F 70 9.41 -39.56 15.10
N LYS F 71 9.34 -40.65 15.86
CA LYS F 71 9.40 -40.55 17.30
C LYS F 71 10.77 -40.05 17.78
N GLY F 72 10.75 -39.34 18.90
CA GLY F 72 11.98 -39.10 19.64
C GLY F 72 12.29 -40.31 20.51
N ARG F 73 13.57 -40.58 20.69
CA ARG F 73 14.00 -41.79 21.38
C ARG F 73 15.13 -41.49 22.34
N ALA F 74 15.04 -42.04 23.54
CA ALA F 74 16.16 -42.00 24.47
C ALA F 74 17.14 -43.12 24.11
N TYR F 75 18.39 -42.76 23.90
CA TYR F 75 19.39 -43.72 23.45
C TYR F 75 20.53 -43.92 24.43
N ALA F 76 20.58 -43.16 25.52
CA ALA F 76 21.66 -43.31 26.48
C ALA F 76 21.24 -42.74 27.81
N ILE F 77 21.72 -43.38 28.88
CA ILE F 77 21.55 -42.89 30.24
C ILE F 77 22.92 -42.92 30.92
N GLU F 78 23.27 -41.82 31.58
CA GLU F 78 24.51 -41.72 32.33
C GLU F 78 24.23 -41.23 33.73
N ASP F 79 25.18 -41.48 34.62
CA ASP F 79 25.09 -40.99 35.99
C ASP F 79 25.58 -39.56 36.05
N VAL F 80 24.90 -38.74 36.84
CA VAL F 80 25.35 -37.37 37.09
C VAL F 80 26.51 -37.44 38.07
N PRO F 81 27.70 -36.92 37.71
CA PRO F 81 28.82 -36.94 38.66
C PRO F 81 28.48 -36.23 39.95
N GLY F 82 28.66 -36.89 41.08
CA GLY F 82 28.22 -36.34 42.35
C GLY F 82 26.83 -36.80 42.72
N ASP F 83 25.83 -35.98 42.40
CA ASP F 83 24.44 -36.26 42.76
C ASP F 83 23.97 -37.59 42.19
N ASP F 84 23.33 -38.41 43.03
CA ASP F 84 22.80 -39.70 42.60
C ASP F 84 21.28 -39.72 42.51
N THR F 85 20.61 -38.62 42.86
CA THR F 85 19.16 -38.59 42.74
C THR F 85 18.72 -38.30 41.31
N CYS F 86 19.64 -37.84 40.47
CA CYS F 86 19.34 -37.52 39.08
C CYS F 86 20.28 -38.29 38.14
N PHE F 87 19.89 -38.33 36.87
CA PHE F 87 20.70 -38.97 35.84
C PHE F 87 20.53 -38.22 34.53
N TYR F 88 21.53 -38.33 33.67
CA TYR F 88 21.49 -37.71 32.34
C TYR F 88 20.82 -38.68 31.38
N ALA F 89 19.83 -38.21 30.65
CA ALA F 89 19.20 -38.96 29.57
C ALA F 89 19.47 -38.24 28.25
N PHE F 90 19.93 -38.98 27.26
CA PHE F 90 20.22 -38.42 25.94
C PHE F 90 19.13 -38.89 24.99
N ILE F 91 18.48 -37.93 24.33
CA ILE F 91 17.33 -38.20 23.49
C ILE F 91 17.59 -37.63 22.11
N ALA F 92 17.26 -38.40 21.08
CA ALA F 92 17.43 -37.98 19.69
C ALA F 92 16.07 -37.76 19.05
N TYR F 93 15.96 -36.67 18.30
CA TYR F 93 14.74 -36.32 17.59
C TYR F 93 15.10 -36.17 16.13
N PRO F 94 14.37 -36.80 15.22
CA PRO F 94 14.63 -36.58 13.79
C PRO F 94 14.37 -35.13 13.42
N ILE F 95 15.16 -34.64 12.47
CA ILE F 95 15.03 -33.25 12.05
C ILE F 95 13.66 -32.95 11.47
N ASP F 96 12.96 -33.96 10.94
CA ASP F 96 11.65 -33.75 10.34
C ASP F 96 10.62 -33.27 11.34
N LEU F 97 10.86 -33.48 12.64
CA LEU F 97 9.87 -33.12 13.64
C LEU F 97 9.66 -31.61 13.77
N PHE F 98 10.57 -30.81 13.23
CA PHE F 98 10.60 -29.39 13.55
C PHE F 98 10.41 -28.56 12.29
N GLU F 99 9.73 -27.43 12.45
CA GLU F 99 9.69 -26.43 11.41
C GLU F 99 11.09 -25.85 11.21
N GLU F 100 11.49 -25.73 9.95
CA GLU F 100 12.80 -25.18 9.64
C GLU F 100 12.89 -23.73 10.07
N GLY F 101 14.05 -23.34 10.57
CA GLY F 101 14.29 -21.95 10.94
C GLY F 101 13.36 -21.44 12.02
N SER F 102 12.97 -22.29 12.97
CA SER F 102 12.02 -21.94 14.01
C SER F 102 12.57 -22.40 15.35
N VAL F 103 13.32 -21.53 16.03
CA VAL F 103 13.70 -21.82 17.41
C VAL F 103 12.45 -21.89 18.28
N VAL F 104 11.40 -21.19 17.90
CA VAL F 104 10.14 -21.27 18.63
C VAL F 104 9.64 -22.71 18.64
N ASN F 105 9.65 -23.35 17.47
CA ASN F 105 9.13 -24.72 17.37
C ASN F 105 10.00 -25.71 18.12
N VAL F 106 11.32 -25.62 17.94
CA VAL F 106 12.22 -26.56 18.61
C VAL F 106 12.10 -26.41 20.12
N PHE F 107 12.06 -25.15 20.58
CA PHE F 107 11.94 -24.88 22.01
C PHE F 107 10.62 -25.42 22.55
N THR F 108 9.52 -25.15 21.84
CA THR F 108 8.23 -25.64 22.30
C THR F 108 8.20 -27.15 22.36
N SER F 109 8.79 -27.81 21.36
CA SER F 109 8.81 -29.27 21.35
C SER F 109 9.61 -29.82 22.51
N LEU F 110 10.77 -29.22 22.79
CA LEU F 110 11.65 -29.79 23.81
C LEU F 110 11.15 -29.50 25.21
N VAL F 111 10.69 -28.29 25.48
CA VAL F 111 10.38 -27.86 26.84
C VAL F 111 8.90 -27.61 27.05
N GLY F 112 8.06 -27.95 26.07
CA GLY F 112 6.66 -27.55 26.13
C GLY F 112 5.91 -28.18 27.28
N ASN F 113 6.05 -29.49 27.47
CA ASN F 113 5.22 -30.16 28.47
C ASN F 113 5.96 -31.17 29.34
N VAL F 114 7.18 -31.58 29.00
CA VAL F 114 7.86 -32.62 29.76
C VAL F 114 8.25 -32.16 31.16
N PHE F 115 8.40 -30.85 31.38
CA PHE F 115 8.83 -30.38 32.69
C PHE F 115 7.75 -30.54 33.75
N GLY F 116 6.50 -30.68 33.35
CA GLY F 116 5.42 -30.94 34.27
C GLY F 116 4.98 -32.38 34.35
N PHE F 117 5.75 -33.30 33.76
CA PHE F 117 5.34 -34.71 33.74
C PHE F 117 5.49 -35.31 35.13
N LYS F 118 4.46 -36.06 35.54
CA LYS F 118 4.42 -36.61 36.89
C LYS F 118 5.48 -37.67 37.14
N ALA F 119 6.03 -38.29 36.09
CA ALA F 119 7.01 -39.34 36.28
C ALA F 119 8.36 -38.83 36.75
N VAL F 120 8.58 -37.52 36.72
CA VAL F 120 9.86 -36.94 37.13
C VAL F 120 9.59 -35.96 38.27
N ARG F 121 10.44 -36.02 39.29
CA ARG F 121 10.40 -34.99 40.33
C ARG F 121 10.89 -33.65 39.79
N ALA F 122 11.98 -33.67 39.03
CA ALA F 122 12.53 -32.45 38.47
C ALA F 122 13.19 -32.77 37.14
N LEU F 123 13.34 -31.74 36.31
CA LEU F 123 13.88 -31.93 34.98
C LEU F 123 14.65 -30.68 34.59
N ARG F 124 15.86 -30.86 34.07
CA ARG F 124 16.65 -29.75 33.59
C ARG F 124 17.19 -30.06 32.20
N LEU F 125 16.87 -29.22 31.24
CA LEU F 125 17.45 -29.35 29.91
C LEU F 125 18.87 -28.80 29.96
N GLU F 126 19.86 -29.68 29.88
CA GLU F 126 21.25 -29.27 30.02
C GLU F 126 21.84 -28.81 28.71
N ASP F 127 21.59 -29.51 27.62
CA ASP F 127 22.22 -29.18 26.35
C ASP F 127 21.37 -29.71 25.21
N VAL F 128 21.49 -29.05 24.07
CA VAL F 128 20.80 -29.44 22.84
C VAL F 128 21.81 -29.39 21.70
N ARG F 129 21.88 -30.48 20.93
CA ARG F 129 22.72 -30.51 19.74
C ARG F 129 21.87 -30.11 18.54
N PHE F 130 22.12 -28.92 18.01
CA PHE F 130 21.48 -28.51 16.77
C PHE F 130 22.36 -28.96 15.62
N PRO F 131 21.88 -29.88 14.77
CA PRO F 131 22.71 -30.31 13.64
C PRO F 131 22.94 -29.14 12.68
N ILE F 132 24.06 -29.19 11.97
CA ILE F 132 24.39 -28.10 11.06
C ILE F 132 23.30 -27.92 10.03
N ALA F 133 22.63 -29.01 9.63
CA ALA F 133 21.54 -28.90 8.67
C ALA F 133 20.41 -28.03 9.22
N TYR F 134 20.11 -28.15 10.51
CA TYR F 134 19.10 -27.26 11.07
C TYR F 134 19.64 -25.87 11.31
N VAL F 135 20.91 -25.76 11.71
CA VAL F 135 21.51 -24.45 11.95
C VAL F 135 21.43 -23.59 10.70
N MET F 136 21.68 -24.18 9.54
CA MET F 136 21.65 -23.41 8.30
C MET F 136 20.27 -22.93 7.90
N THR F 137 19.20 -23.45 8.51
CA THR F 137 17.87 -22.93 8.23
C THR F 137 17.53 -21.71 9.07
N CYS F 138 18.33 -21.38 10.07
CA CYS F 138 18.07 -20.27 10.96
C CYS F 138 18.85 -19.05 10.52
N ASN F 139 18.27 -17.86 10.75
CA ASN F 139 18.90 -16.63 10.30
C ASN F 139 20.19 -16.36 11.06
N GLY F 140 20.22 -16.66 12.36
CA GLY F 140 21.38 -16.38 13.16
C GLY F 140 21.53 -14.90 13.43
N PRO F 141 22.69 -14.50 13.95
CA PRO F 141 22.91 -13.08 14.24
C PRO F 141 22.76 -12.25 12.98
N PRO F 142 22.12 -11.08 13.08
CA PRO F 142 21.98 -10.23 11.89
C PRO F 142 23.33 -9.84 11.30
N HIS F 143 24.34 -9.60 12.14
CA HIS F 143 25.63 -9.21 11.61
C HIS F 143 26.78 -10.08 12.12
N GLY F 144 26.82 -10.34 13.42
CA GLY F 144 27.91 -11.08 14.00
C GLY F 144 29.11 -10.22 14.33
N ILE F 145 30.10 -10.84 14.97
CA ILE F 145 31.20 -10.10 15.59
C ILE F 145 32.00 -9.32 14.55
N GLN F 146 32.42 -9.99 13.49
CA GLN F 146 33.32 -9.36 12.54
C GLN F 146 32.62 -8.24 11.77
N VAL F 147 31.39 -8.49 11.33
CA VAL F 147 30.64 -7.47 10.62
C VAL F 147 30.39 -6.28 11.53
N GLU F 148 30.08 -6.54 12.79
CA GLU F 148 29.85 -5.44 13.73
C GLU F 148 31.11 -4.62 13.96
N ARG F 149 32.26 -5.28 14.11
CA ARG F 149 33.51 -4.54 14.27
C ARG F 149 33.79 -3.69 13.04
N ASP F 150 33.51 -4.22 11.85
CA ASP F 150 33.70 -3.44 10.64
C ASP F 150 32.76 -2.24 10.59
N ILE F 151 31.50 -2.44 10.99
CA ILE F 151 30.53 -1.34 11.00
C ILE F 151 30.97 -0.25 11.98
N LEU F 152 31.36 -0.65 13.17
CA LEU F 152 31.73 0.30 14.21
C LEU F 152 33.15 0.79 14.10
N ASN F 153 33.97 0.15 13.27
CA ASN F 153 35.38 0.51 13.11
C ASN F 153 36.12 0.44 14.45
N LYS F 154 35.89 -0.65 15.20
CA LYS F 154 36.51 -0.85 16.49
C LYS F 154 37.17 -2.22 16.51
N TYR F 155 38.47 -2.26 16.78
CA TYR F 155 39.24 -3.48 16.69
C TYR F 155 40.21 -3.59 17.86
N GLY F 156 40.58 -4.82 18.16
CA GLY F 156 41.68 -5.08 19.07
C GLY F 156 41.38 -4.90 20.54
N ARG F 157 40.11 -4.79 20.92
CA ARG F 157 39.75 -4.59 22.31
C ARG F 157 38.29 -4.94 22.49
N PRO F 158 37.88 -5.27 23.71
CA PRO F 158 36.45 -5.34 24.00
C PRO F 158 35.82 -3.97 23.86
N LEU F 159 34.53 -3.97 23.52
CA LEU F 159 33.77 -2.73 23.50
C LEU F 159 33.32 -2.40 24.92
N LEU F 160 33.07 -1.12 25.17
CA LEU F 160 32.67 -0.65 26.48
C LEU F 160 31.27 -0.05 26.40
N GLY F 161 30.42 -0.43 27.35
CA GLY F 161 29.06 0.06 27.41
C GLY F 161 28.71 0.49 28.82
N CYS F 162 27.49 1.01 28.95
CA CYS F 162 26.98 1.46 30.24
C CYS F 162 25.47 1.57 30.16
N THR F 163 24.78 0.89 31.06
CA THR F 163 23.35 1.09 31.19
C THR F 163 23.08 2.38 31.93
N ILE F 164 22.19 3.21 31.39
CA ILE F 164 21.82 4.44 32.07
C ILE F 164 21.01 4.11 33.30
N LYS F 165 21.37 4.70 34.43
CA LYS F 165 20.73 4.57 35.72
C LYS F 165 20.31 5.94 36.22
N PRO F 166 19.24 6.03 37.01
CA PRO F 166 18.39 4.97 37.54
C PRO F 166 17.64 4.24 36.43
N LYS F 167 17.29 2.98 36.66
CA LYS F 167 16.63 2.19 35.63
C LYS F 167 15.40 2.91 35.10
N LEU F 168 14.64 3.57 35.96
CA LEU F 168 13.48 4.32 35.56
C LEU F 168 13.46 5.64 36.32
N GLY F 169 12.78 6.62 35.75
CA GLY F 169 12.51 7.88 36.41
C GLY F 169 13.07 9.10 35.72
N LEU F 170 13.98 8.94 34.76
CA LEU F 170 14.58 10.10 34.10
C LEU F 170 13.71 10.56 32.93
N SER F 171 13.64 11.86 32.75
CA SER F 171 13.01 12.40 31.55
C SER F 171 13.92 12.16 30.35
N ALA F 172 13.34 12.30 29.16
CA ALA F 172 14.09 12.01 27.95
C ALA F 172 15.31 12.89 27.81
N LYS F 173 15.18 14.19 28.10
CA LYS F 173 16.32 15.08 27.94
C LYS F 173 17.40 14.79 28.98
N ASN F 174 17.03 14.55 30.23
CA ASN F 174 18.02 14.18 31.25
C ASN F 174 18.68 12.85 30.90
N TYR F 175 17.89 11.90 30.42
CA TYR F 175 18.42 10.64 29.94
C TYR F 175 19.47 10.86 28.85
N GLY F 176 19.14 11.70 27.88
CA GLY F 176 20.09 11.99 26.81
C GLY F 176 21.33 12.70 27.31
N ARG F 177 21.17 13.56 28.31
CA ARG F 177 22.35 14.21 28.89
C ARG F 177 23.28 13.18 29.52
N ALA F 178 22.72 12.23 30.26
CA ALA F 178 23.53 11.17 30.84
C ALA F 178 24.21 10.36 29.75
N VAL F 179 23.48 10.04 28.68
CA VAL F 179 24.04 9.30 27.56
C VAL F 179 25.21 10.07 26.95
N TYR F 180 25.03 11.37 26.74
CA TYR F 180 26.07 12.18 26.13
C TYR F 180 27.31 12.20 26.99
N GLU F 181 27.15 12.38 28.30
CA GLU F 181 28.33 12.41 29.17
C GLU F 181 29.07 11.08 29.14
N CYS F 182 28.35 9.97 29.22
CA CYS F 182 28.99 8.67 29.14
C CYS F 182 29.75 8.50 27.83
N LEU F 183 29.09 8.78 26.71
CA LEU F 183 29.70 8.54 25.41
C LEU F 183 30.91 9.45 25.19
N ARG F 184 30.81 10.72 25.57
CA ARG F 184 31.94 11.62 25.42
C ARG F 184 33.08 11.24 26.35
N GLY F 185 32.82 10.53 27.44
CA GLY F 185 33.89 10.09 28.30
C GLY F 185 34.77 9.01 27.72
N GLY F 186 34.27 8.24 26.76
CA GLY F 186 35.09 7.22 26.13
C GLY F 186 34.43 5.88 25.95
N LEU F 187 33.19 5.74 26.40
CA LEU F 187 32.46 4.51 26.18
C LEU F 187 32.04 4.39 24.72
N ASP F 188 31.99 3.15 24.24
CA ASP F 188 31.48 2.90 22.89
C ASP F 188 29.96 2.96 22.87
N PHE F 189 29.32 2.44 23.91
CA PHE F 189 27.89 2.25 23.93
C PHE F 189 27.30 2.78 25.22
N THR F 190 26.06 3.20 25.14
CA THR F 190 25.20 3.29 26.30
C THR F 190 24.01 2.38 26.05
N LYS F 191 23.19 2.17 27.08
CA LYS F 191 22.19 1.13 27.00
C LYS F 191 20.94 1.55 27.75
N ASP F 192 19.78 1.31 27.13
CA ASP F 192 18.53 1.38 27.87
C ASP F 192 18.46 0.21 28.84
N ASP F 193 17.91 0.48 30.03
CA ASP F 193 17.61 -0.63 30.92
C ASP F 193 16.54 -1.52 30.30
N GLU F 194 16.50 -2.77 30.75
CA GLU F 194 15.59 -3.74 30.15
C GLU F 194 14.13 -3.32 30.29
N ASN F 195 13.77 -2.61 31.36
CA ASN F 195 12.40 -2.20 31.56
C ASN F 195 12.11 -0.79 31.06
N VAL F 196 13.08 -0.14 30.43
CA VAL F 196 12.83 1.14 29.75
C VAL F 196 12.26 0.82 28.38
N ASN F 197 10.94 0.90 28.24
CA ASN F 197 10.33 0.77 26.91
C ASN F 197 9.65 2.06 26.49
N SER F 198 8.57 2.46 27.14
CA SER F 198 7.94 3.76 26.91
C SER F 198 7.09 4.04 28.14
N GLN F 199 7.61 4.86 29.03
CA GLN F 199 6.95 5.13 30.27
C GLN F 199 6.33 6.52 30.26
N PRO F 200 5.35 6.79 31.12
CA PRO F 200 4.75 8.13 31.15
C PRO F 200 5.77 9.23 31.40
N PHE F 201 6.82 8.97 32.18
CA PHE F 201 7.83 9.99 32.41
C PHE F 201 8.82 10.13 31.26
N MET F 202 8.91 9.13 30.38
CA MET F 202 9.80 9.23 29.23
C MET F 202 9.22 8.37 28.11
N ARG F 203 8.49 8.99 27.21
CA ARG F 203 7.93 8.27 26.07
C ARG F 203 9.05 7.92 25.09
N TRP F 204 8.88 6.80 24.39
CA TRP F 204 10.00 6.21 23.66
C TRP F 204 10.50 7.13 22.56
N ARG F 205 9.61 7.83 21.86
CA ARG F 205 10.06 8.68 20.76
C ARG F 205 10.97 9.80 21.27
N GLN F 206 10.61 10.39 22.41
CA GLN F 206 11.45 11.43 23.00
C GLN F 206 12.80 10.88 23.42
N ARG F 207 12.81 9.68 24.03
CA ARG F 207 14.08 9.08 24.40
C ARG F 207 14.94 8.82 23.19
N PHE F 208 14.35 8.29 22.12
CA PHE F 208 15.10 8.02 20.90
C PHE F 208 15.70 9.31 20.36
N ASP F 209 14.91 10.38 20.31
CA ASP F 209 15.38 11.65 19.77
C ASP F 209 16.55 12.20 20.58
N PHE F 210 16.41 12.25 21.90
CA PHE F 210 17.47 12.86 22.69
C PHE F 210 18.70 11.97 22.77
N VAL F 211 18.52 10.66 22.72
CA VAL F 211 19.66 9.76 22.63
C VAL F 211 20.43 10.00 21.34
N MET F 212 19.73 10.19 20.23
CA MET F 212 20.43 10.43 18.98
C MET F 212 21.15 11.78 18.99
N GLU F 213 20.54 12.79 19.63
CA GLU F 213 21.22 14.06 19.81
C GLU F 213 22.52 13.87 20.59
N ALA F 214 22.45 13.10 21.69
CA ALA F 214 23.62 12.84 22.49
C ALA F 214 24.69 12.08 21.70
N ILE F 215 24.26 11.09 20.92
CA ILE F 215 25.20 10.29 20.14
C ILE F 215 25.92 11.16 19.13
N ASP F 216 25.17 12.02 18.43
CA ASP F 216 25.78 12.89 17.44
C ASP F 216 26.80 13.82 18.09
N LYS F 217 26.43 14.43 19.22
CA LYS F 217 27.36 15.34 19.87
C LYS F 217 28.62 14.62 20.32
N ALA F 218 28.46 13.44 20.93
CA ALA F 218 29.63 12.70 21.41
C ALA F 218 30.52 12.24 20.26
N GLU F 219 29.93 11.79 19.15
CA GLU F 219 30.71 11.37 18.00
C GLU F 219 31.50 12.54 17.41
N ARG F 220 30.86 13.70 17.31
CA ARG F 220 31.58 14.87 16.81
C ARG F 220 32.70 15.27 17.76
N GLU F 221 32.46 15.15 19.06
CA GLU F 221 33.44 15.59 20.04
C GLU F 221 34.65 14.67 20.10
N THR F 222 34.42 13.36 20.07
CA THR F 222 35.49 12.39 20.24
C THR F 222 36.07 11.87 18.94
N GLY F 223 35.33 11.96 17.84
CA GLY F 223 35.79 11.38 16.59
C GLY F 223 35.71 9.87 16.53
N GLU F 224 35.03 9.24 17.48
CA GLU F 224 34.84 7.80 17.50
C GLU F 224 33.35 7.50 17.34
N ARG F 225 33.06 6.37 16.69
CA ARG F 225 31.67 5.97 16.51
C ARG F 225 31.06 5.58 17.84
N LYS F 226 29.82 6.02 18.07
CA LYS F 226 29.12 5.79 19.32
C LYS F 226 27.77 5.17 19.03
N GLY F 227 27.21 4.52 20.04
CA GLY F 227 25.91 3.92 19.91
C GLY F 227 25.20 3.91 21.24
N HIS F 228 23.90 3.64 21.18
CA HIS F 228 23.10 3.47 22.38
C HIS F 228 22.05 2.42 22.06
N TYR F 229 22.00 1.34 22.83
CA TYR F 229 21.02 0.30 22.55
C TYR F 229 19.65 0.84 22.88
N LEU F 230 18.93 1.28 21.87
CA LEU F 230 17.56 1.73 22.06
C LEU F 230 16.66 0.51 22.22
N ASN F 231 16.00 0.42 23.37
CA ASN F 231 15.15 -0.73 23.65
C ASN F 231 13.86 -0.63 22.84
N VAL F 232 13.64 -1.59 21.95
CA VAL F 232 12.42 -1.64 21.15
C VAL F 232 11.45 -2.68 21.68
N THR F 233 11.75 -3.30 22.82
CA THR F 233 10.80 -4.22 23.44
C THR F 233 9.48 -3.49 23.67
N ALA F 234 8.40 -4.10 23.21
CA ALA F 234 7.14 -3.38 23.07
C ALA F 234 6.00 -4.34 23.38
N PRO F 235 4.80 -3.81 23.67
CA PRO F 235 3.66 -4.70 23.95
C PRO F 235 3.31 -5.64 22.81
N THR F 236 3.43 -5.18 21.57
CA THR F 236 3.01 -5.92 20.39
C THR F 236 4.11 -5.90 19.35
N PRO F 237 4.13 -6.86 18.43
CA PRO F 237 5.12 -6.80 17.35
C PRO F 237 5.00 -5.56 16.49
N GLU F 238 3.78 -5.06 16.27
CA GLU F 238 3.63 -3.83 15.51
C GLU F 238 4.33 -2.68 16.19
N GLU F 239 4.18 -2.56 17.51
CA GLU F 239 4.85 -1.51 18.24
C GLU F 239 6.37 -1.69 18.23
N MET F 240 6.83 -2.94 18.38
CA MET F 240 8.26 -3.21 18.34
C MET F 240 8.85 -2.79 17.00
N TYR F 241 8.18 -3.17 15.90
CA TYR F 241 8.67 -2.80 14.58
C TYR F 241 8.58 -1.31 14.35
N LYS F 242 7.56 -0.65 14.88
CA LYS F 242 7.47 0.80 14.76
C LYS F 242 8.66 1.47 15.44
N ARG F 243 9.00 1.02 16.65
CA ARG F 243 10.13 1.62 17.35
C ARG F 243 11.44 1.31 16.63
N ALA F 244 11.60 0.09 16.12
CA ALA F 244 12.79 -0.24 15.34
C ALA F 244 12.88 0.62 14.10
N GLU F 245 11.76 0.82 13.40
CA GLU F 245 11.76 1.64 12.19
C GLU F 245 12.13 3.06 12.51
N TYR F 246 11.63 3.60 13.62
CA TYR F 246 12.00 4.97 13.98
C TYR F 246 13.48 5.05 14.34
N ALA F 247 14.00 4.05 15.04
CA ALA F 247 15.42 4.03 15.34
C ALA F 247 16.25 4.04 14.05
N LYS F 248 15.84 3.24 13.07
CA LYS F 248 16.51 3.27 11.77
C LYS F 248 16.38 4.64 11.11
N GLU F 249 15.20 5.24 11.21
CA GLU F 249 14.94 6.52 10.55
C GLU F 249 15.85 7.61 11.09
N ILE F 250 16.08 7.63 12.41
CA ILE F 250 16.92 8.66 13.01
C ILE F 250 18.39 8.29 13.00
N GLY F 251 18.76 7.16 12.40
CA GLY F 251 20.15 6.80 12.26
C GLY F 251 20.76 6.04 13.41
N ALA F 252 19.94 5.42 14.25
CA ALA F 252 20.50 4.65 15.36
C ALA F 252 21.24 3.43 14.83
N PRO F 253 22.49 3.22 15.23
CA PRO F 253 23.23 2.05 14.73
C PRO F 253 22.84 0.75 15.38
N ILE F 254 22.21 0.77 16.55
CA ILE F 254 21.99 -0.45 17.31
C ILE F 254 20.72 -0.30 18.12
N ILE F 255 19.97 -1.39 18.23
CA ILE F 255 18.79 -1.47 19.06
C ILE F 255 18.92 -2.66 19.99
N MET F 256 17.96 -2.79 20.90
CA MET F 256 18.03 -3.78 21.95
C MET F 256 16.67 -4.45 22.10
N HIS F 257 16.68 -5.73 22.48
CA HIS F 257 15.45 -6.46 22.69
C HIS F 257 15.64 -7.44 23.83
N ASP F 258 14.60 -7.62 24.64
CA ASP F 258 14.59 -8.63 25.69
C ASP F 258 13.99 -9.89 25.10
N TYR F 259 14.83 -10.84 24.71
CA TYR F 259 14.36 -11.94 23.87
C TYR F 259 13.57 -13.00 24.63
N ILE F 260 13.71 -13.08 25.95
CA ILE F 260 12.92 -14.03 26.70
C ILE F 260 11.58 -13.46 27.09
N THR F 261 11.57 -12.23 27.64
CA THR F 261 10.31 -11.61 28.04
C THR F 261 9.54 -11.11 26.83
N GLY F 262 10.22 -10.50 25.86
CA GLY F 262 9.57 -10.18 24.61
C GLY F 262 9.13 -11.43 23.86
N GLY F 263 9.94 -12.47 23.90
CA GLY F 263 9.58 -13.74 23.33
C GLY F 263 10.43 -14.06 22.10
N PHE F 264 10.55 -15.35 21.83
CA PHE F 264 11.40 -15.81 20.73
C PHE F 264 10.81 -15.45 19.38
N CYS F 265 9.49 -15.43 19.25
CA CYS F 265 8.87 -15.07 17.97
C CYS F 265 9.21 -13.63 17.61
N ALA F 266 8.95 -12.70 18.53
CA ALA F 266 9.28 -11.30 18.30
C ALA F 266 10.78 -11.13 18.09
N ASN F 267 11.59 -11.84 18.86
CA ASN F 267 13.03 -11.68 18.72
C ASN F 267 13.52 -12.15 17.36
N THR F 268 13.03 -13.29 16.89
CA THR F 268 13.44 -13.78 15.58
C THR F 268 13.00 -12.82 14.48
N GLY F 269 11.76 -12.34 14.57
CA GLY F 269 11.32 -11.35 13.62
C GLY F 269 12.19 -10.10 13.63
N LEU F 270 12.57 -9.65 14.83
CA LEU F 270 13.40 -8.46 14.94
C LEU F 270 14.79 -8.71 14.40
N ALA F 271 15.34 -9.91 14.63
CA ALA F 271 16.67 -10.21 14.10
C ALA F 271 16.66 -10.20 12.59
N GLN F 272 15.62 -10.78 11.98
CA GLN F 272 15.51 -10.72 10.53
C GLN F 272 15.33 -9.28 10.04
N TRP F 273 14.54 -8.50 10.77
CA TRP F 273 14.39 -7.09 10.43
C TRP F 273 15.73 -6.36 10.50
N CYS F 274 16.52 -6.65 11.54
CA CYS F 274 17.82 -6.01 11.69
C CYS F 274 18.75 -6.38 10.56
N ARG F 275 18.73 -7.64 10.14
CA ARG F 275 19.50 -8.03 8.96
C ARG F 275 19.03 -7.26 7.73
N ASN F 276 17.72 -7.14 7.56
CA ASN F 276 17.19 -6.46 6.39
C ASN F 276 17.42 -4.96 6.40
N ASN F 277 17.70 -4.38 7.56
CA ASN F 277 17.78 -2.92 7.69
C ASN F 277 19.14 -2.46 8.21
N GLY F 278 20.09 -3.36 8.37
CA GLY F 278 21.44 -2.98 8.76
C GLY F 278 21.58 -2.36 10.12
N VAL F 279 20.80 -2.82 11.10
CA VAL F 279 20.82 -2.30 12.45
C VAL F 279 21.35 -3.40 13.37
N LEU F 280 22.32 -3.06 14.20
CA LEU F 280 22.83 -4.03 15.15
C LEU F 280 21.79 -4.35 16.21
N LEU F 281 21.83 -5.58 16.72
CA LEU F 281 20.83 -6.07 17.66
C LEU F 281 21.51 -6.53 18.94
N HIS F 282 21.29 -5.80 20.02
CA HIS F 282 21.77 -6.19 21.34
C HIS F 282 20.66 -6.95 22.05
N ILE F 283 20.99 -8.11 22.60
CA ILE F 283 19.99 -8.96 23.23
C ILE F 283 20.20 -8.94 24.73
N HIS F 284 19.17 -8.55 25.46
CA HIS F 284 19.17 -8.62 26.92
C HIS F 284 18.46 -9.89 27.34
N ARG F 285 18.99 -10.56 28.36
CA ARG F 285 18.50 -11.86 28.77
C ARG F 285 17.65 -11.79 30.02
N ALA F 286 16.82 -10.75 30.14
CA ALA F 286 15.91 -10.63 31.27
C ALA F 286 15.06 -11.89 31.39
N MET F 287 14.86 -12.33 32.63
CA MET F 287 14.12 -13.52 33.04
C MET F 287 14.95 -14.80 32.91
N HIS F 288 16.19 -14.72 32.43
CA HIS F 288 16.98 -15.93 32.27
C HIS F 288 17.10 -16.70 33.58
N ALA F 289 17.26 -15.99 34.70
CA ALA F 289 17.46 -16.65 35.98
C ALA F 289 16.23 -17.41 36.46
N VAL F 290 15.05 -17.05 35.99
CA VAL F 290 13.87 -17.85 36.28
C VAL F 290 14.02 -19.24 35.70
N LEU F 291 14.64 -19.33 34.52
CA LEU F 291 14.81 -20.60 33.81
C LEU F 291 16.06 -21.36 34.24
N ASP F 292 17.18 -20.67 34.43
CA ASP F 292 18.48 -21.33 34.45
C ASP F 292 19.14 -21.42 35.82
N ARG F 293 18.59 -20.77 36.85
CA ARG F 293 19.30 -20.72 38.12
C ARG F 293 19.24 -22.06 38.85
N ASN F 294 18.08 -22.68 38.89
CA ASN F 294 17.91 -23.90 39.68
C ASN F 294 18.67 -25.04 39.03
N PRO F 295 19.61 -25.68 39.73
CA PRO F 295 20.43 -26.72 39.10
C PRO F 295 19.69 -28.00 38.80
N HIS F 296 18.48 -28.18 39.32
CA HIS F 296 17.75 -29.42 39.10
C HIS F 296 16.48 -29.24 38.29
N HIS F 297 16.02 -28.02 38.09
CA HIS F 297 14.81 -27.79 37.31
C HIS F 297 14.99 -26.55 36.46
N GLY F 298 14.60 -26.65 35.19
CA GLY F 298 14.67 -25.52 34.29
C GLY F 298 15.46 -25.80 33.04
N ILE F 299 15.98 -24.74 32.44
CA ILE F 299 16.73 -24.83 31.19
C ILE F 299 18.07 -24.16 31.41
N HIS F 300 19.15 -24.90 31.21
CA HIS F 300 20.48 -24.34 31.42
C HIS F 300 20.71 -23.19 30.44
N PHE F 301 21.48 -22.20 30.90
CA PHE F 301 21.68 -21.03 30.06
C PHE F 301 22.47 -21.32 28.80
N ARG F 302 23.20 -22.43 28.72
CA ARG F 302 23.87 -22.75 27.46
C ARG F 302 22.86 -23.07 26.36
N VAL F 303 21.74 -23.71 26.73
CA VAL F 303 20.67 -23.95 25.78
C VAL F 303 20.08 -22.62 25.32
N LEU F 304 19.83 -21.71 26.25
CA LEU F 304 19.31 -20.39 25.88
C LEU F 304 20.30 -19.62 25.03
N THR F 305 21.60 -19.83 25.25
CA THR F 305 22.62 -19.21 24.42
C THR F 305 22.55 -19.72 22.99
N LYS F 306 22.46 -21.04 22.83
CA LYS F 306 22.31 -21.59 21.49
C LYS F 306 21.04 -21.08 20.81
N ILE F 307 19.94 -21.04 21.57
CA ILE F 307 18.68 -20.57 21.03
C ILE F 307 18.81 -19.13 20.58
N LEU F 308 19.44 -18.28 21.39
CA LEU F 308 19.60 -16.88 21.01
C LEU F 308 20.46 -16.74 19.77
N ARG F 309 21.56 -17.51 19.68
CA ARG F 309 22.41 -17.41 18.51
C ARG F 309 21.64 -17.80 17.25
N LEU F 310 20.81 -18.83 17.33
CA LEU F 310 20.01 -19.22 16.18
C LEU F 310 18.93 -18.18 15.87
N SER F 311 18.23 -17.71 16.91
CA SER F 311 17.16 -16.73 16.72
C SER F 311 17.72 -15.42 16.18
N GLY F 312 18.87 -15.01 16.69
CA GLY F 312 19.51 -13.84 16.15
C GLY F 312 19.79 -12.77 17.19
N GLY F 313 21.05 -12.38 17.28
CA GLY F 313 21.46 -11.29 18.13
C GLY F 313 22.92 -11.01 17.87
N ASP F 314 23.30 -9.74 17.84
CA ASP F 314 24.71 -9.40 17.65
C ASP F 314 25.47 -9.35 18.97
N HIS F 315 24.77 -9.04 20.06
CA HIS F 315 25.31 -9.14 21.41
C HIS F 315 24.39 -10.03 22.22
N LEU F 316 24.96 -10.69 23.23
CA LEU F 316 24.14 -11.42 24.19
C LEU F 316 24.76 -11.29 25.57
N HIS F 317 23.95 -10.89 26.55
CA HIS F 317 24.42 -10.90 27.92
C HIS F 317 24.74 -12.32 28.35
N THR F 318 25.98 -12.53 28.79
CA THR F 318 26.42 -13.84 29.22
C THR F 318 26.74 -13.90 30.71
N GLY F 319 26.58 -12.81 31.43
CA GLY F 319 26.89 -12.77 32.84
C GLY F 319 28.37 -12.54 33.10
N THR F 320 28.66 -12.12 34.31
CA THR F 320 30.04 -11.94 34.76
C THR F 320 30.48 -13.15 35.56
N VAL F 321 31.72 -13.59 35.30
CA VAL F 321 32.28 -14.74 35.98
C VAL F 321 32.69 -14.42 37.41
N VAL F 322 33.04 -13.17 37.71
CA VAL F 322 33.60 -12.82 39.00
C VAL F 322 32.61 -13.19 40.09
N GLY F 323 33.08 -13.90 41.11
CA GLY F 323 32.23 -14.34 42.20
C GLY F 323 31.51 -15.65 41.97
N LYS F 324 31.88 -16.40 40.94
CA LYS F 324 31.22 -17.66 40.63
C LYS F 324 32.09 -18.84 41.05
N LEU F 325 31.45 -19.99 41.24
CA LEU F 325 32.18 -21.20 41.60
C LEU F 325 32.95 -21.74 40.40
N GLU F 326 33.85 -22.68 40.68
CA GLU F 326 34.72 -23.21 39.63
C GLU F 326 33.92 -23.92 38.55
N GLY F 327 32.92 -24.71 38.95
CA GLY F 327 32.03 -25.31 37.96
C GLY F 327 31.25 -24.27 37.18
N ASP F 328 30.79 -23.23 37.88
CA ASP F 328 30.09 -22.13 37.22
C ASP F 328 31.01 -21.36 36.28
N ARG F 329 32.27 -21.15 36.68
CA ARG F 329 33.25 -20.56 35.78
C ARG F 329 33.38 -21.34 34.49
N GLN F 330 33.53 -22.66 34.60
CA GLN F 330 33.70 -23.49 33.42
C GLN F 330 32.44 -23.47 32.55
N ALA F 331 31.26 -23.54 33.18
CA ALA F 331 30.03 -23.48 32.41
C ALA F 331 29.91 -22.16 31.66
N THR F 332 30.30 -21.06 32.31
CA THR F 332 30.25 -19.75 31.66
C THR F 332 31.20 -19.69 30.47
N LEU F 333 32.42 -20.19 30.64
CA LEU F 333 33.35 -20.24 29.53
C LEU F 333 32.79 -21.08 28.38
N GLY F 334 32.12 -22.18 28.72
CA GLY F 334 31.55 -23.02 27.69
C GLY F 334 30.47 -22.31 26.90
N TRP F 335 29.55 -21.63 27.57
CA TRP F 335 28.50 -20.97 26.80
C TRP F 335 28.98 -19.71 26.10
N ILE F 336 30.05 -19.07 26.60
CA ILE F 336 30.68 -18.01 25.82
C ILE F 336 31.24 -18.58 24.51
N ASP F 337 31.90 -19.73 24.59
CA ASP F 337 32.37 -20.39 23.37
C ASP F 337 31.21 -20.73 22.45
N LEU F 338 30.11 -21.24 23.00
CA LEU F 338 28.95 -21.55 22.19
C LEU F 338 28.40 -20.30 21.51
N LEU F 339 28.49 -19.16 22.17
CA LEU F 339 28.00 -17.92 21.59
C LEU F 339 28.92 -17.41 20.48
N ARG F 340 30.22 -17.63 20.59
CA ARG F 340 31.15 -16.94 19.72
C ARG F 340 31.88 -17.83 18.71
N GLU F 341 32.03 -19.12 18.97
CA GLU F 341 32.91 -19.93 18.16
C GLU F 341 32.16 -20.60 17.01
N SER F 342 32.92 -20.98 15.98
CA SER F 342 32.36 -21.70 14.84
C SER F 342 32.11 -23.16 15.15
N TYR F 343 32.90 -23.74 16.05
CA TYR F 343 32.75 -25.14 16.42
C TYR F 343 33.15 -25.29 17.87
N VAL F 344 32.31 -25.96 18.65
CA VAL F 344 32.56 -26.16 20.08
C VAL F 344 32.54 -27.66 20.33
N LYS F 345 33.68 -28.19 20.76
CA LYS F 345 33.79 -29.62 21.03
C LYS F 345 33.14 -29.98 22.35
N GLU F 346 32.71 -31.23 22.45
CA GLU F 346 32.16 -31.75 23.69
C GLU F 346 33.18 -31.61 24.81
N ASP F 347 32.73 -31.14 25.97
CA ASP F 347 33.60 -30.92 27.12
C ASP F 347 32.73 -31.06 28.37
N ARG F 348 32.79 -32.24 28.99
CA ARG F 348 31.93 -32.50 30.14
C ARG F 348 32.26 -31.58 31.31
N SER F 349 33.52 -31.17 31.45
CA SER F 349 33.88 -30.25 32.52
C SER F 349 33.18 -28.92 32.38
N ARG F 350 32.87 -28.53 31.15
CA ARG F 350 32.14 -27.29 30.88
C ARG F 350 30.64 -27.53 30.76
N GLY F 351 30.17 -28.76 30.94
CA GLY F 351 28.78 -29.07 30.74
C GLY F 351 28.35 -29.12 29.29
N ILE F 352 29.30 -29.16 28.36
CA ILE F 352 28.99 -29.24 26.93
C ILE F 352 28.91 -30.72 26.58
N PHE F 353 27.69 -31.23 26.45
CA PHE F 353 27.49 -32.65 26.24
C PHE F 353 27.60 -33.06 24.77
N PHE F 354 27.53 -32.10 23.85
CA PHE F 354 27.54 -32.40 22.43
C PHE F 354 28.50 -31.47 21.72
N ASP F 355 29.11 -31.99 20.65
CA ASP F 355 29.78 -31.11 19.71
C ASP F 355 28.74 -30.22 19.04
N GLN F 356 28.98 -28.92 19.00
CA GLN F 356 28.07 -27.99 18.35
C GLN F 356 28.81 -27.35 17.18
N ASP F 357 28.34 -27.66 15.98
CA ASP F 357 28.87 -27.05 14.76
C ASP F 357 27.98 -25.88 14.38
N TRP F 358 28.59 -24.71 14.20
CA TRP F 358 27.86 -23.54 13.75
C TRP F 358 28.10 -23.24 12.28
N GLY F 359 29.00 -23.97 11.62
CA GLY F 359 29.29 -23.69 10.24
C GLY F 359 29.79 -22.27 10.08
N ALA F 360 29.24 -21.57 9.10
CA ALA F 360 29.61 -20.19 8.82
C ALA F 360 28.74 -19.19 9.54
N MET F 361 27.83 -19.63 10.39
CA MET F 361 27.00 -18.70 11.14
C MET F 361 27.87 -17.90 12.08
N PRO F 362 27.87 -16.57 11.98
CA PRO F 362 28.79 -15.78 12.81
C PRO F 362 28.43 -15.86 14.29
N GLY F 363 29.43 -15.61 15.11
CA GLY F 363 29.20 -15.52 16.54
C GLY F 363 28.72 -14.14 16.95
N ALA F 364 28.25 -14.05 18.19
CA ALA F 364 27.80 -12.80 18.76
C ALA F 364 28.75 -12.36 19.85
N PHE F 365 28.78 -11.05 20.10
CA PHE F 365 29.56 -10.54 21.22
C PHE F 365 29.01 -11.08 22.52
N ALA F 366 29.91 -11.48 23.42
CA ALA F 366 29.55 -11.82 24.78
C ALA F 366 29.55 -10.55 25.60
N VAL F 367 28.48 -10.33 26.36
CA VAL F 367 28.31 -9.10 27.12
C VAL F 367 28.47 -9.41 28.59
N ALA F 368 29.39 -8.71 29.25
CA ALA F 368 29.59 -8.82 30.68
C ALA F 368 29.00 -7.59 31.36
N SER F 369 28.21 -7.81 32.41
CA SER F 369 27.58 -6.71 33.12
C SER F 369 27.21 -7.17 34.52
N GLY F 370 26.87 -6.21 35.36
CA GLY F 370 26.36 -6.48 36.69
C GLY F 370 27.36 -6.28 37.79
N GLY F 371 27.28 -5.12 38.45
CA GLY F 371 28.10 -4.85 39.62
C GLY F 371 29.59 -4.87 39.38
N ILE F 372 30.03 -4.53 38.18
CA ILE F 372 31.46 -4.55 37.87
C ILE F 372 31.98 -3.12 37.82
N HIS F 373 33.27 -2.97 38.09
CA HIS F 373 33.93 -1.68 38.06
C HIS F 373 35.36 -1.87 37.62
N VAL F 374 36.19 -0.83 37.81
CA VAL F 374 37.52 -0.81 37.21
C VAL F 374 38.36 -1.98 37.72
N TRP F 375 38.21 -2.33 38.99
CA TRP F 375 39.02 -3.41 39.56
C TRP F 375 38.73 -4.76 38.88
N HIS F 376 37.59 -4.89 38.23
CA HIS F 376 37.27 -6.10 37.49
C HIS F 376 37.89 -6.13 36.10
N MET F 377 38.42 -5.01 35.61
CA MET F 377 38.96 -4.94 34.25
C MET F 377 39.93 -6.06 33.93
N PRO F 378 40.94 -6.37 34.75
CA PRO F 378 41.85 -7.45 34.38
C PRO F 378 41.15 -8.78 34.15
N ALA F 379 40.43 -9.25 35.17
CA ALA F 379 39.74 -10.54 35.06
C ALA F 379 38.86 -10.59 33.82
N LEU F 380 38.01 -9.57 33.64
CA LEU F 380 37.15 -9.53 32.47
C LEU F 380 37.96 -9.69 31.19
N VAL F 381 39.02 -8.90 31.04
CA VAL F 381 39.82 -8.97 29.83
C VAL F 381 40.40 -10.37 29.65
N THR F 382 40.81 -10.98 30.76
CA THR F 382 41.34 -12.34 30.69
C THR F 382 40.25 -13.34 30.32
N ILE F 383 39.04 -13.15 30.85
CA ILE F 383 38.02 -14.17 30.71
C ILE F 383 37.35 -14.07 29.35
N PHE F 384 36.96 -12.87 28.96
CA PHE F 384 36.15 -12.68 27.76
C PHE F 384 36.98 -12.46 26.51
N GLY F 385 38.18 -11.91 26.63
CA GLY F 385 38.94 -11.64 25.44
C GLY F 385 38.39 -10.43 24.70
N ASP F 386 38.82 -10.29 23.45
CA ASP F 386 38.51 -9.09 22.68
C ASP F 386 37.05 -9.05 22.27
N ASP F 387 36.47 -10.19 21.90
CA ASP F 387 35.13 -10.19 21.29
C ASP F 387 34.06 -10.19 22.38
N SER F 388 34.01 -9.09 23.10
CA SER F 388 33.09 -8.95 24.20
C SER F 388 32.71 -7.49 24.37
N VAL F 389 31.60 -7.27 25.06
CA VAL F 389 31.18 -5.94 25.47
C VAL F 389 31.13 -5.95 26.99
N LEU F 390 31.87 -5.04 27.61
CA LEU F 390 31.90 -4.91 29.06
C LEU F 390 31.04 -3.71 29.43
N GLN F 391 29.99 -3.94 30.21
CA GLN F 391 29.02 -2.90 30.53
C GLN F 391 29.16 -2.49 31.99
N PHE F 392 29.39 -1.21 32.20
CA PHE F 392 29.57 -0.62 33.52
C PHE F 392 28.47 0.41 33.73
N GLY F 393 27.31 -0.04 34.21
CA GLY F 393 26.24 0.88 34.50
C GLY F 393 26.55 1.73 35.71
N GLY F 394 26.51 1.11 36.89
CA GLY F 394 26.89 1.83 38.11
C GLY F 394 28.34 2.23 38.13
N GLY F 395 29.21 1.41 37.53
CA GLY F 395 30.63 1.70 37.51
C GLY F 395 31.01 2.94 36.74
N THR F 396 30.10 3.46 35.91
CA THR F 396 30.32 4.70 35.19
C THR F 396 29.55 5.86 35.80
N LEU F 397 28.25 5.68 36.06
CA LEU F 397 27.44 6.75 36.63
C LEU F 397 27.73 6.97 38.10
N GLY F 398 28.26 5.97 38.79
CA GLY F 398 28.63 6.07 40.17
C GLY F 398 29.99 6.68 40.43
N HIS F 399 30.68 7.12 39.39
CA HIS F 399 31.94 7.80 39.56
C HIS F 399 31.72 9.12 40.29
N PRO F 400 32.59 9.48 41.24
CA PRO F 400 32.37 10.73 41.98
C PRO F 400 32.40 11.98 41.13
N TRP F 401 33.01 11.94 39.95
CA TRP F 401 33.11 13.12 39.09
C TRP F 401 32.12 13.11 37.94
N GLY F 402 31.21 12.15 37.90
CA GLY F 402 30.17 12.12 36.88
C GLY F 402 30.45 11.10 35.80
N ASN F 403 29.57 11.11 34.79
CA ASN F 403 29.59 10.07 33.76
C ASN F 403 30.81 10.16 32.88
N ALA F 404 31.21 11.37 32.47
CA ALA F 404 32.33 11.49 31.56
C ALA F 404 33.62 10.99 32.20
N ALA F 405 33.86 11.38 33.44
CA ALA F 405 35.05 10.92 34.16
C ALA F 405 35.01 9.42 34.39
N GLY F 406 33.85 8.87 34.75
CA GLY F 406 33.75 7.44 34.96
C GLY F 406 33.97 6.66 33.68
N ALA F 407 33.43 7.17 32.58
CA ALA F 407 33.66 6.55 31.27
C ALA F 407 35.13 6.59 30.91
N CYS F 408 35.78 7.73 31.15
CA CYS F 408 37.22 7.83 30.86
C CYS F 408 38.02 6.87 31.73
N ALA F 409 37.64 6.73 33.00
CA ALA F 409 38.33 5.80 33.89
C ALA F 409 38.19 4.38 33.38
N ASN F 410 36.97 3.99 33.01
CA ASN F 410 36.76 2.64 32.48
C ASN F 410 37.54 2.42 31.19
N ARG F 411 37.54 3.42 30.30
CA ARG F 411 38.26 3.29 29.04
C ARG F 411 39.76 3.17 29.26
N VAL F 412 40.31 3.99 30.17
CA VAL F 412 41.73 3.92 30.46
C VAL F 412 42.08 2.58 31.09
N ALA F 413 41.25 2.09 32.01
CA ALA F 413 41.51 0.79 32.61
C ALA F 413 41.51 -0.31 31.56
N LEU F 414 40.52 -0.28 30.67
CA LEU F 414 40.45 -1.30 29.63
C LEU F 414 41.65 -1.24 28.71
N GLU F 415 42.03 -0.03 28.29
CA GLU F 415 43.13 0.08 27.34
C GLU F 415 44.46 -0.28 28.00
N ALA F 416 44.63 0.06 29.27
CA ALA F 416 45.83 -0.35 29.99
C ALA F 416 45.91 -1.86 30.12
N CYS F 417 44.78 -2.50 30.47
CA CYS F 417 44.76 -3.96 30.56
C CYS F 417 45.05 -4.59 29.21
N ILE F 418 44.49 -4.05 28.13
CA ILE F 418 44.70 -4.61 26.81
C ILE F 418 46.15 -4.44 26.38
N GLU F 419 46.73 -3.27 26.60
CA GLU F 419 48.13 -3.07 26.23
C GLU F 419 49.05 -3.98 27.04
N ALA F 420 48.78 -4.12 28.34
CA ALA F 420 49.60 -5.00 29.16
C ALA F 420 49.46 -6.45 28.70
N ARG F 421 48.25 -6.87 28.35
CA ARG F 421 48.05 -8.23 27.84
C ARG F 421 48.80 -8.44 26.54
N ASN F 422 48.75 -7.45 25.63
CA ASN F 422 49.49 -7.55 24.38
C ASN F 422 50.98 -7.60 24.63
N GLN F 423 51.46 -6.94 25.69
CA GLN F 423 52.88 -6.98 26.02
C GLN F 423 53.30 -8.27 26.68
N GLY F 424 52.37 -9.16 27.02
CA GLY F 424 52.68 -10.43 27.62
C GLY F 424 52.53 -10.48 29.13
N ILE F 425 52.11 -9.40 29.76
CA ILE F 425 51.95 -9.40 31.22
C ILE F 425 50.82 -10.35 31.59
N PRO F 426 50.95 -11.13 32.66
CA PRO F 426 49.80 -11.87 33.17
C PRO F 426 48.82 -10.95 33.88
N ILE F 427 47.73 -10.60 33.19
CA ILE F 427 46.87 -9.51 33.62
C ILE F 427 46.07 -9.87 34.85
N GLU F 428 45.54 -11.09 34.91
CA GLU F 428 44.73 -11.44 36.07
C GLU F 428 45.58 -11.62 37.32
N LYS F 429 46.84 -12.04 37.16
CA LYS F 429 47.71 -12.21 38.31
C LYS F 429 48.13 -10.86 38.88
N GLU F 430 48.58 -9.94 38.02
CA GLU F 430 48.98 -8.61 38.46
C GLU F 430 48.11 -7.59 37.75
N GLY F 431 46.89 -7.43 38.24
CA GLY F 431 46.00 -6.44 37.68
C GLY F 431 46.11 -5.16 38.46
N LYS F 432 46.40 -5.29 39.75
CA LYS F 432 46.54 -4.13 40.60
C LYS F 432 47.67 -3.22 40.14
N GLU F 433 48.82 -3.79 39.79
CA GLU F 433 49.95 -2.95 39.36
C GLU F 433 49.71 -2.35 37.98
N VAL F 434 49.08 -3.09 37.08
CA VAL F 434 48.75 -2.52 35.77
C VAL F 434 47.80 -1.34 35.94
N LEU F 435 46.76 -1.53 36.76
CA LEU F 435 45.80 -0.46 36.99
C LEU F 435 46.45 0.73 37.70
N THR F 436 47.35 0.47 38.64
CA THR F 436 48.02 1.55 39.36
C THR F 436 48.93 2.36 38.43
N LYS F 437 49.69 1.67 37.58
CA LYS F 437 50.54 2.38 36.62
C LYS F 437 49.69 3.20 35.66
N ALA F 438 48.55 2.66 35.25
CA ALA F 438 47.63 3.44 34.41
C ALA F 438 47.10 4.65 35.14
N ALA F 439 46.67 4.46 36.40
CA ALA F 439 46.10 5.55 37.19
C ALA F 439 47.11 6.63 37.49
N ALA F 440 48.41 6.32 37.41
CA ALA F 440 49.42 7.36 37.55
C ALA F 440 49.24 8.47 36.50
N HIS F 441 48.66 8.14 35.34
CA HIS F 441 48.43 9.13 34.30
C HIS F 441 46.97 9.49 34.13
N SER F 442 46.07 8.91 34.90
CA SER F 442 44.63 9.17 34.76
C SER F 442 44.02 9.46 36.12
N PRO F 443 43.79 10.73 36.46
CA PRO F 443 43.12 11.04 37.74
C PRO F 443 41.74 10.42 37.85
N GLU F 444 41.01 10.35 36.74
CA GLU F 444 39.70 9.71 36.75
C GLU F 444 39.81 8.25 37.19
N LEU F 445 40.79 7.53 36.63
CA LEU F 445 40.99 6.14 37.02
C LEU F 445 41.43 6.02 38.47
N LYS F 446 42.29 6.94 38.93
CA LYS F 446 42.75 6.89 40.30
C LYS F 446 41.59 7.02 41.28
N ILE F 447 40.75 8.03 41.08
CA ILE F 447 39.65 8.22 42.01
C ILE F 447 38.60 7.13 41.84
N ALA F 448 38.46 6.57 40.63
CA ALA F 448 37.58 5.42 40.46
C ALA F 448 38.07 4.22 41.27
N MET F 449 39.38 3.98 41.24
CA MET F 449 39.94 2.88 42.01
C MET F 449 39.75 3.12 43.51
N GLU F 450 39.81 4.39 43.93
CA GLU F 450 39.52 4.69 45.33
C GLU F 450 38.05 4.53 45.66
N THR F 451 37.16 4.71 44.69
CA THR F 451 35.72 4.69 44.97
C THR F 451 35.24 3.29 45.32
N TRP F 452 35.69 2.28 44.59
CA TRP F 452 35.23 0.91 44.78
C TRP F 452 36.40 0.04 45.23
N LYS F 453 36.10 -0.94 46.07
CA LYS F 453 37.14 -1.73 46.72
C LYS F 453 37.79 -2.71 45.73
N GLU F 454 39.03 -3.07 46.03
CA GLU F 454 39.74 -4.08 45.25
C GLU F 454 39.01 -5.42 45.33
N ILE F 455 39.07 -6.15 44.22
CA ILE F 455 38.36 -7.42 44.08
C ILE F 455 39.38 -8.51 43.80
N LYS F 456 39.29 -9.61 44.55
CA LYS F 456 40.13 -10.77 44.32
C LYS F 456 39.31 -11.96 43.84
N LYS G 1 -38.05 -7.20 38.50
CA LYS G 1 -37.65 -8.51 38.01
C LYS G 1 -38.71 -9.09 37.08
N THR G 2 -39.89 -8.47 37.07
CA THR G 2 -40.98 -8.86 36.21
C THR G 2 -41.30 -7.70 35.26
N TYR G 3 -41.74 -8.04 34.06
CA TYR G 3 -42.01 -7.04 33.03
C TYR G 3 -43.44 -6.51 33.20
N SER G 4 -43.55 -5.21 33.41
CA SER G 4 -44.84 -4.52 33.46
C SER G 4 -44.75 -3.29 32.55
N ALA G 5 -45.43 -3.34 31.42
CA ALA G 5 -45.38 -2.24 30.47
C ALA G 5 -46.05 -1.00 31.05
N GLY G 6 -45.62 0.15 30.57
CA GLY G 6 -46.19 1.42 30.98
C GLY G 6 -45.13 2.39 31.49
N VAL G 7 -45.57 3.63 31.66
CA VAL G 7 -44.69 4.71 32.08
C VAL G 7 -44.59 4.71 33.60
N LYS G 8 -43.37 4.84 34.11
CA LYS G 8 -43.13 4.95 35.54
C LYS G 8 -42.18 6.11 35.81
N GLU G 9 -42.20 6.58 37.05
CA GLU G 9 -41.34 7.68 37.46
C GLU G 9 -39.89 7.24 37.52
N TYR G 10 -38.99 8.20 37.26
CA TYR G 10 -37.56 7.94 37.32
C TYR G 10 -37.02 7.92 38.74
N ARG G 11 -37.75 8.47 39.72
CA ARG G 11 -37.19 8.69 41.05
C ARG G 11 -36.93 7.37 41.78
N GLU G 12 -37.84 6.40 41.64
CA GLU G 12 -37.71 5.18 42.45
C GLU G 12 -36.52 4.33 42.05
N THR G 13 -36.04 4.43 40.82
CA THR G 13 -34.94 3.62 40.35
C THR G 13 -33.63 4.39 40.24
N TYR G 14 -33.67 5.62 39.73
CA TYR G 14 -32.47 6.37 39.41
C TYR G 14 -32.10 7.39 40.47
N TRP G 15 -32.77 7.40 41.62
CA TRP G 15 -32.42 8.27 42.73
C TRP G 15 -32.04 7.39 43.91
N MET G 16 -30.75 7.36 44.24
CA MET G 16 -30.21 6.53 45.31
C MET G 16 -29.39 7.41 46.26
N PRO G 17 -30.05 8.08 47.20
CA PRO G 17 -29.33 8.99 48.10
C PRO G 17 -28.30 8.30 48.98
N ASN G 18 -28.41 6.99 49.18
CA ASN G 18 -27.45 6.27 50.00
C ASN G 18 -26.32 5.63 49.20
N TYR G 19 -26.29 5.83 47.88
CA TYR G 19 -25.23 5.26 47.07
C TYR G 19 -23.91 5.93 47.38
N THR G 20 -22.87 5.12 47.58
CA THR G 20 -21.53 5.64 47.76
C THR G 20 -20.76 5.47 46.45
N PRO G 21 -20.29 6.55 45.83
CA PRO G 21 -19.61 6.42 44.55
C PRO G 21 -18.39 5.53 44.65
N LYS G 22 -18.20 4.68 43.64
CA LYS G 22 -17.02 3.84 43.57
C LYS G 22 -15.84 4.64 43.04
N ASP G 23 -14.64 4.13 43.30
CA ASP G 23 -13.45 4.81 42.82
C ASP G 23 -13.34 4.79 41.31
N THR G 24 -14.05 3.90 40.63
CA THR G 24 -14.04 3.84 39.18
C THR G 24 -15.24 4.54 38.55
N ASP G 25 -16.15 5.08 39.34
CA ASP G 25 -17.32 5.73 38.78
C ASP G 25 -16.95 7.05 38.13
N ILE G 26 -17.61 7.37 37.02
CA ILE G 26 -17.61 8.72 36.49
C ILE G 26 -18.68 9.51 37.23
N LEU G 27 -18.30 10.63 37.82
CA LEU G 27 -19.22 11.47 38.57
C LEU G 27 -19.48 12.76 37.81
N ALA G 28 -20.72 13.21 37.83
CA ALA G 28 -21.10 14.44 37.16
C ALA G 28 -21.87 15.32 38.14
N CYS G 29 -21.62 16.61 38.07
CA CYS G 29 -22.37 17.61 38.83
C CYS G 29 -23.16 18.47 37.87
N PHE G 30 -24.48 18.37 37.94
CA PHE G 30 -25.39 19.13 37.09
C PHE G 30 -26.05 20.21 37.93
N LYS G 31 -26.00 21.46 37.46
CA LYS G 31 -26.80 22.52 38.04
C LYS G 31 -28.15 22.51 37.34
N ILE G 32 -29.18 22.09 38.04
CA ILE G 32 -30.49 21.83 37.45
C ILE G 32 -31.42 22.99 37.81
N THR G 33 -31.98 23.63 36.79
CA THR G 33 -33.09 24.55 36.97
C THR G 33 -34.37 23.81 36.64
N PRO G 34 -35.07 23.25 37.62
CA PRO G 34 -36.18 22.35 37.32
C PRO G 34 -37.41 23.09 36.81
N GLN G 35 -38.21 22.38 36.04
CA GLN G 35 -39.52 22.84 35.64
C GLN G 35 -40.40 23.00 36.88
N PRO G 36 -41.20 24.06 36.96
CA PRO G 36 -42.02 24.28 38.15
C PRO G 36 -42.95 23.10 38.42
N GLY G 37 -43.06 22.73 39.69
CA GLY G 37 -43.86 21.60 40.10
C GLY G 37 -43.13 20.28 40.12
N VAL G 38 -41.98 20.19 39.47
CA VAL G 38 -41.19 18.96 39.44
C VAL G 38 -40.30 18.93 40.69
N PRO G 39 -40.39 17.90 41.53
CA PRO G 39 -39.53 17.85 42.71
C PRO G 39 -38.07 17.66 42.32
N ARG G 40 -37.18 18.07 43.22
CA ARG G 40 -35.75 18.03 42.92
C ARG G 40 -35.27 16.61 42.64
N GLU G 41 -35.72 15.64 43.45
CA GLU G 41 -35.26 14.27 43.27
C GLU G 41 -35.72 13.70 41.93
N GLU G 42 -36.94 14.03 41.51
CA GLU G 42 -37.41 13.59 40.21
C GLU G 42 -36.59 14.21 39.09
N ALA G 43 -36.24 15.49 39.22
CA ALA G 43 -35.41 16.14 38.21
C ALA G 43 -34.03 15.51 38.17
N ALA G 44 -33.41 15.31 39.32
CA ALA G 44 -32.09 14.69 39.38
C ALA G 44 -32.13 13.27 38.83
N ALA G 45 -33.15 12.50 39.23
CA ALA G 45 -33.26 11.13 38.74
C ALA G 45 -33.54 11.08 37.25
N ALA G 46 -34.30 12.07 36.74
CA ALA G 46 -34.55 12.11 35.30
C ALA G 46 -33.27 12.38 34.53
N VAL G 47 -32.42 13.26 35.04
CA VAL G 47 -31.14 13.52 34.39
C VAL G 47 -30.26 12.28 34.41
N ALA G 48 -30.24 11.59 35.54
CA ALA G 48 -29.46 10.35 35.64
C ALA G 48 -29.98 9.29 34.68
N ALA G 49 -31.31 9.15 34.59
CA ALA G 49 -31.88 8.11 33.76
C ALA G 49 -31.64 8.37 32.28
N GLU G 50 -31.93 9.58 31.82
CA GLU G 50 -31.84 9.86 30.39
C GLU G 50 -30.41 9.85 29.90
N SER G 51 -29.45 10.08 30.79
CA SER G 51 -28.05 10.11 30.40
C SER G 51 -27.39 8.73 30.42
N SER G 52 -27.97 7.73 31.08
CA SER G 52 -27.28 6.45 31.13
C SER G 52 -28.00 5.29 30.47
N THR G 53 -29.15 4.89 31.03
CA THR G 53 -29.85 3.69 30.57
C THR G 53 -31.36 3.86 30.57
N GLY G 54 -31.86 5.03 30.93
CA GLY G 54 -33.28 5.22 31.09
C GLY G 54 -34.03 5.29 29.79
N THR G 55 -35.34 5.10 29.89
CA THR G 55 -36.25 5.21 28.77
C THR G 55 -37.60 5.67 29.30
N TRP G 56 -38.35 6.38 28.45
CA TRP G 56 -39.56 7.05 28.91
C TRP G 56 -40.66 6.07 29.35
N THR G 57 -40.62 4.83 28.87
CA THR G 57 -41.59 3.82 29.27
C THR G 57 -40.85 2.50 29.52
N THR G 58 -41.40 1.66 30.39
CA THR G 58 -40.74 0.41 30.74
C THR G 58 -40.59 -0.48 29.53
N VAL G 59 -39.40 -1.04 29.36
CA VAL G 59 -39.10 -1.95 28.25
C VAL G 59 -38.66 -3.29 28.81
N TRP G 60 -39.11 -4.36 28.16
CA TRP G 60 -38.82 -5.71 28.66
C TRP G 60 -37.35 -6.08 28.51
N THR G 61 -36.62 -5.44 27.60
CA THR G 61 -35.22 -5.78 27.41
C THR G 61 -34.35 -5.36 28.59
N ASP G 62 -34.87 -4.48 29.46
CA ASP G 62 -34.15 -4.15 30.68
C ASP G 62 -33.87 -5.39 31.52
N LEU G 63 -34.80 -6.35 31.50
CA LEU G 63 -34.67 -7.53 32.33
C LEU G 63 -33.72 -8.56 31.75
N LEU G 64 -33.23 -8.33 30.53
CA LEU G 64 -32.17 -9.18 30.00
C LEU G 64 -30.80 -8.81 30.54
N THR G 65 -30.68 -7.68 31.24
CA THR G 65 -29.40 -7.22 31.74
C THR G 65 -29.56 -6.80 33.19
N ASP G 66 -28.44 -6.38 33.79
CA ASP G 66 -28.40 -6.00 35.20
C ASP G 66 -28.50 -4.49 35.29
N LEU G 67 -29.74 -3.99 35.23
CA LEU G 67 -29.99 -2.56 35.30
C LEU G 67 -29.53 -1.97 36.62
N ASP G 68 -29.59 -2.72 37.72
CA ASP G 68 -29.13 -2.21 38.99
C ASP G 68 -27.66 -1.84 38.96
N TYR G 69 -26.88 -2.49 38.11
CA TYR G 69 -25.47 -2.15 37.99
C TYR G 69 -25.23 -1.04 36.98
N TYR G 70 -25.76 -1.20 35.77
CA TYR G 70 -25.36 -0.33 34.66
C TYR G 70 -25.93 1.07 34.76
N LYS G 71 -27.02 1.27 35.49
CA LYS G 71 -27.68 2.56 35.48
C LYS G 71 -26.81 3.65 36.10
N GLY G 72 -26.98 4.87 35.60
CA GLY G 72 -26.50 6.04 36.32
C GLY G 72 -27.49 6.43 37.40
N ARG G 73 -26.98 6.94 38.51
CA ARG G 73 -27.81 7.21 39.68
C ARG G 73 -27.46 8.56 40.28
N ALA G 74 -28.49 9.33 40.62
CA ALA G 74 -28.28 10.54 41.40
C ALA G 74 -28.16 10.15 42.86
N TYR G 75 -27.07 10.58 43.51
CA TYR G 75 -26.81 10.19 44.87
C TYR G 75 -26.76 11.36 45.84
N ALA G 76 -26.85 12.60 45.35
CA ALA G 76 -26.79 13.75 46.24
C ALA G 76 -27.42 14.94 45.54
N ILE G 77 -28.07 15.78 46.34
CA ILE G 77 -28.61 17.06 45.88
C ILE G 77 -28.15 18.14 46.86
N GLU G 78 -27.63 19.24 46.32
CA GLU G 78 -27.22 20.36 47.14
C GLU G 78 -27.82 21.65 46.61
N ASP G 79 -27.94 22.64 47.49
CA ASP G 79 -28.41 23.95 47.11
C ASP G 79 -27.28 24.74 46.47
N VAL G 80 -27.61 25.49 45.43
CA VAL G 80 -26.64 26.39 44.81
C VAL G 80 -26.50 27.61 45.72
N PRO G 81 -25.28 27.93 46.20
CA PRO G 81 -25.12 29.09 47.07
C PRO G 81 -25.60 30.37 46.40
N GLY G 82 -26.53 31.08 47.05
CA GLY G 82 -27.14 32.22 46.41
C GLY G 82 -28.43 31.85 45.71
N ASP G 83 -28.35 31.60 44.41
CA ASP G 83 -29.51 31.31 43.58
C ASP G 83 -30.32 30.14 44.13
N ASP G 84 -31.64 30.32 44.23
CA ASP G 84 -32.52 29.27 44.70
C ASP G 84 -33.38 28.67 43.60
N THR G 85 -33.28 29.17 42.38
CA THR G 85 -34.05 28.60 41.28
C THR G 85 -33.43 27.29 40.78
N CYS G 86 -32.18 27.05 41.15
CA CYS G 86 -31.45 25.87 40.70
C CYS G 86 -30.84 25.13 41.88
N PHE G 87 -30.41 23.89 41.62
CA PHE G 87 -29.76 23.07 42.62
C PHE G 87 -28.72 22.18 41.93
N TYR G 88 -27.77 21.71 42.73
CA TYR G 88 -26.70 20.84 42.24
C TYR G 88 -27.16 19.39 42.41
N ALA G 89 -27.07 18.61 41.34
CA ALA G 89 -27.31 17.18 41.39
C ALA G 89 -26.01 16.45 41.08
N PHE G 90 -25.67 15.49 41.93
CA PHE G 90 -24.47 14.67 41.76
C PHE G 90 -24.90 13.29 41.31
N ILE G 91 -24.38 12.86 40.16
CA ILE G 91 -24.77 11.61 39.53
C ILE G 91 -23.54 10.77 39.29
N ALA G 92 -23.64 9.48 39.60
CA ALA G 92 -22.56 8.53 39.43
C ALA G 92 -22.88 7.58 38.29
N TYR G 93 -21.89 7.35 37.42
CA TYR G 93 -22.03 6.43 36.31
C TYR G 93 -20.96 5.36 36.43
N PRO G 94 -21.31 4.09 36.36
CA PRO G 94 -20.29 3.05 36.35
C PRO G 94 -19.40 3.17 35.14
N ILE G 95 -18.12 2.82 35.33
CA ILE G 95 -17.15 2.96 34.25
C ILE G 95 -17.49 2.07 33.06
N ASP G 96 -18.24 0.99 33.28
CA ASP G 96 -18.59 0.08 32.19
C ASP G 96 -19.46 0.73 31.13
N LEU G 97 -20.13 1.84 31.46
CA LEU G 97 -21.04 2.46 30.51
C LEU G 97 -20.33 3.08 29.32
N PHE G 98 -19.02 3.27 29.39
CA PHE G 98 -18.31 4.08 28.41
C PHE G 98 -17.26 3.27 27.68
N GLU G 99 -17.09 3.60 26.41
CA GLU G 99 -15.96 3.08 25.66
C GLU G 99 -14.67 3.63 26.24
N GLU G 100 -13.69 2.76 26.43
CA GLU G 100 -12.40 3.18 26.96
C GLU G 100 -11.71 4.14 26.00
N GLY G 101 -11.04 5.13 26.56
CA GLY G 101 -10.27 6.06 25.74
C GLY G 101 -11.10 6.83 24.75
N SER G 102 -12.34 7.17 25.09
CA SER G 102 -13.25 7.84 24.18
C SER G 102 -13.91 9.01 24.91
N VAL G 103 -13.30 10.19 24.83
CA VAL G 103 -13.98 11.38 25.33
C VAL G 103 -15.23 11.64 24.51
N VAL G 104 -15.25 11.20 23.26
CA VAL G 104 -16.44 11.34 22.43
C VAL G 104 -17.61 10.61 23.09
N ASN G 105 -17.38 9.38 23.54
CA ASN G 105 -18.45 8.58 24.13
C ASN G 105 -18.91 9.16 25.46
N VAL G 106 -17.96 9.48 26.34
CA VAL G 106 -18.32 10.01 27.65
C VAL G 106 -19.07 11.32 27.50
N PHE G 107 -18.57 12.18 26.61
CA PHE G 107 -19.20 13.47 26.36
C PHE G 107 -20.59 13.28 25.78
N THR G 108 -20.72 12.38 24.80
CA THR G 108 -22.04 12.12 24.22
C THR G 108 -23.01 11.59 25.26
N SER G 109 -22.55 10.69 26.12
CA SER G 109 -23.44 10.12 27.13
C SER G 109 -23.93 11.18 28.12
N LEU G 110 -23.03 12.06 28.55
CA LEU G 110 -23.40 13.02 29.58
C LEU G 110 -24.28 14.14 29.05
N VAL G 111 -23.95 14.68 27.88
CA VAL G 111 -24.60 15.88 27.37
C VAL G 111 -25.45 15.60 26.13
N GLY G 112 -25.63 14.34 25.77
CA GLY G 112 -26.26 14.02 24.51
C GLY G 112 -27.71 14.48 24.41
N ASN G 113 -28.51 14.20 25.44
CA ASN G 113 -29.93 14.49 25.34
C ASN G 113 -30.56 15.11 26.59
N VAL G 114 -29.88 15.11 27.74
CA VAL G 114 -30.51 15.59 28.96
C VAL G 114 -30.72 17.11 28.94
N PHE G 115 -29.97 17.85 28.13
CA PHE G 115 -30.11 19.30 28.12
C PHE G 115 -31.42 19.75 27.50
N GLY G 116 -32.05 18.92 26.67
CA GLY G 116 -33.34 19.22 26.11
C GLY G 116 -34.50 18.54 26.80
N PHE G 117 -34.28 17.94 27.97
CA PHE G 117 -35.34 17.19 28.62
C PHE G 117 -36.38 18.13 29.19
N LYS G 118 -37.66 17.76 29.03
CA LYS G 118 -38.77 18.62 29.42
C LYS G 118 -38.82 18.90 30.90
N ALA G 119 -38.33 17.98 31.74
CA ALA G 119 -38.45 18.13 33.19
C ALA G 119 -37.59 19.26 33.74
N VAL G 120 -36.67 19.82 32.97
CA VAL G 120 -35.78 20.87 33.44
C VAL G 120 -35.95 22.10 32.56
N ARG G 121 -35.98 23.27 33.19
CA ARG G 121 -35.97 24.52 32.44
C ARG G 121 -34.60 24.78 31.85
N ALA G 122 -33.55 24.60 32.65
CA ALA G 122 -32.18 24.80 32.20
C ALA G 122 -31.29 23.81 32.91
N LEU G 123 -30.14 23.53 32.31
CA LEU G 123 -29.23 22.52 32.83
C LEU G 123 -27.82 22.92 32.49
N ARG G 124 -26.93 22.89 33.48
CA ARG G 124 -25.52 23.16 33.25
C ARG G 124 -24.69 22.04 33.84
N LEU G 125 -23.84 21.44 33.02
CA LEU G 125 -22.87 20.46 33.49
C LEU G 125 -21.71 21.23 34.10
N GLU G 126 -21.59 21.15 35.43
CA GLU G 126 -20.59 21.96 36.13
C GLU G 126 -19.24 21.26 36.20
N ASP G 127 -19.23 19.96 36.49
CA ASP G 127 -17.97 19.26 36.69
C ASP G 127 -18.19 17.78 36.44
N VAL G 128 -17.12 17.11 36.03
CA VAL G 128 -17.12 15.66 35.81
C VAL G 128 -15.88 15.09 36.47
N ARG G 129 -16.08 14.04 37.28
CA ARG G 129 -14.96 13.32 37.89
C ARG G 129 -14.60 12.16 36.99
N PHE G 130 -13.46 12.26 36.31
CA PHE G 130 -12.94 11.13 35.56
C PHE G 130 -12.07 10.29 36.47
N PRO G 131 -12.46 9.06 36.78
CA PRO G 131 -11.63 8.23 37.65
C PRO G 131 -10.29 7.96 37.00
N ILE G 132 -9.26 7.74 37.83
CA ILE G 132 -7.93 7.51 37.28
C ILE G 132 -7.93 6.30 36.38
N ALA G 133 -8.80 5.31 36.65
CA ALA G 133 -8.88 4.14 35.78
C ALA G 133 -9.30 4.53 34.38
N TYR G 134 -10.23 5.48 34.25
CA TYR G 134 -10.60 5.92 32.92
C TYR G 134 -9.56 6.84 32.31
N VAL G 135 -8.94 7.68 33.14
CA VAL G 135 -7.93 8.60 32.64
C VAL G 135 -6.80 7.86 31.94
N MET G 136 -6.39 6.73 32.50
CA MET G 136 -5.29 5.97 31.93
C MET G 136 -5.64 5.29 30.61
N THR G 137 -6.92 5.22 30.24
CA THR G 137 -7.27 4.71 28.93
C THR G 137 -7.19 5.77 27.84
N CYS G 138 -7.04 7.03 28.20
CA CYS G 138 -7.01 8.12 27.24
C CYS G 138 -5.57 8.50 26.93
N ASN G 139 -5.34 8.94 25.69
CA ASN G 139 -3.98 9.26 25.27
C ASN G 139 -3.44 10.48 26.00
N GLY G 140 -4.29 11.47 26.24
CA GLY G 140 -3.85 12.68 26.88
C GLY G 140 -3.01 13.54 25.95
N PRO G 141 -2.36 14.55 26.49
CA PRO G 141 -1.53 15.42 25.66
C PRO G 141 -0.45 14.63 24.95
N PRO G 142 -0.20 14.93 23.67
CA PRO G 142 0.86 14.20 22.96
C PRO G 142 2.21 14.33 23.63
N HIS G 143 2.52 15.50 24.18
CA HIS G 143 3.81 15.68 24.83
C HIS G 143 3.71 16.20 26.26
N GLY G 144 2.89 17.22 26.48
CA GLY G 144 2.79 17.83 27.79
C GLY G 144 3.86 18.88 28.03
N ILE G 145 3.74 19.54 29.18
CA ILE G 145 4.52 20.74 29.45
C ILE G 145 6.01 20.44 29.46
N GLN G 146 6.42 19.43 30.24
CA GLN G 146 7.84 19.18 30.43
C GLN G 146 8.50 18.71 29.14
N VAL G 147 7.84 17.81 28.41
CA VAL G 147 8.39 17.34 27.14
C VAL G 147 8.50 18.49 26.15
N GLU G 148 7.48 19.35 26.11
CA GLU G 148 7.50 20.47 25.18
C GLU G 148 8.64 21.44 25.50
N ARG G 149 8.85 21.74 26.78
CA ARG G 149 9.96 22.62 27.13
C ARG G 149 11.29 22.02 26.72
N ASP G 150 11.44 20.71 26.87
CA ASP G 150 12.66 20.03 26.44
C ASP G 150 12.81 20.09 24.93
N ILE G 151 11.72 19.90 24.19
CA ILE G 151 11.78 19.98 22.73
C ILE G 151 12.17 21.38 22.29
N LEU G 152 11.53 22.38 22.88
CA LEU G 152 11.77 23.76 22.48
C LEU G 152 12.99 24.37 23.15
N ASN G 153 13.54 23.72 24.16
CA ASN G 153 14.69 24.25 24.90
C ASN G 153 14.38 25.62 25.50
N LYS G 154 13.21 25.75 26.10
CA LYS G 154 12.76 27.00 26.71
C LYS G 154 12.34 26.74 28.14
N TYR G 155 12.96 27.43 29.10
CA TYR G 155 12.74 27.16 30.51
C TYR G 155 12.65 28.46 31.28
N GLY G 156 11.97 28.39 32.42
CA GLY G 156 11.99 29.45 33.40
C GLY G 156 11.14 30.66 33.07
N ARG G 157 10.25 30.56 32.10
CA ARG G 157 9.41 31.69 31.73
C ARG G 157 8.23 31.18 30.94
N PRO G 158 7.14 31.93 30.90
CA PRO G 158 6.07 31.62 29.93
C PRO G 158 6.58 31.78 28.52
N LEU G 159 5.97 31.05 27.61
CA LEU G 159 6.24 31.22 26.19
C LEU G 159 5.40 32.38 25.65
N LEU G 160 5.92 33.03 24.61
CA LEU G 160 5.26 34.17 24.00
C LEU G 160 4.80 33.81 22.59
N GLY G 161 3.55 34.14 22.29
CA GLY G 161 3.00 33.89 20.98
C GLY G 161 2.31 35.13 20.42
N CYS G 162 1.82 34.98 19.20
CA CYS G 162 1.13 36.06 18.52
C CYS G 162 0.33 35.49 17.36
N THR G 163 -0.98 35.74 17.36
CA THR G 163 -1.79 35.41 16.20
C THR G 163 -1.57 36.45 15.12
N ILE G 164 -1.32 35.99 13.90
CA ILE G 164 -1.14 36.91 12.78
C ILE G 164 -2.48 37.56 12.45
N LYS G 165 -2.48 38.88 12.32
CA LYS G 165 -3.64 39.65 11.96
C LYS G 165 -3.36 40.44 10.69
N PRO G 166 -4.38 40.76 9.89
CA PRO G 166 -5.82 40.47 10.07
C PRO G 166 -6.12 38.98 10.02
N LYS G 167 -7.22 38.56 10.65
CA LYS G 167 -7.52 37.14 10.72
C LYS G 167 -7.55 36.51 9.33
N LEU G 168 -8.08 37.22 8.35
CA LEU G 168 -8.13 36.75 6.98
C LEU G 168 -7.75 37.88 6.05
N GLY G 169 -7.29 37.53 4.86
CA GLY G 169 -7.05 38.47 3.79
C GLY G 169 -5.61 38.56 3.33
N LEU G 170 -4.65 38.01 4.07
CA LEU G 170 -3.25 38.11 3.67
C LEU G 170 -2.88 36.98 2.73
N SER G 171 -2.05 37.30 1.74
CA SER G 171 -1.46 36.26 0.90
C SER G 171 -0.43 35.48 1.70
N ALA G 172 -0.07 34.31 1.19
CA ALA G 172 0.85 33.44 1.91
C ALA G 172 2.19 34.12 2.15
N LYS G 173 2.74 34.78 1.13
CA LYS G 173 4.05 35.42 1.31
C LYS G 173 3.96 36.59 2.27
N ASN G 174 2.91 37.42 2.17
CA ASN G 174 2.74 38.50 3.13
C ASN G 174 2.51 37.95 4.53
N TYR G 175 1.75 36.87 4.62
CA TYR G 175 1.56 36.19 5.90
C TYR G 175 2.90 35.75 6.48
N GLY G 176 3.74 35.11 5.66
CA GLY G 176 5.03 34.67 6.14
C GLY G 176 5.93 35.83 6.52
N ARG G 177 5.84 36.95 5.82
CA ARG G 177 6.61 38.12 6.19
C ARG G 177 6.23 38.61 7.58
N ALA G 178 4.93 38.64 7.87
CA ALA G 178 4.48 39.03 9.20
C ALA G 178 4.97 38.03 10.25
N VAL G 179 4.95 36.74 9.92
CA VAL G 179 5.44 35.72 10.84
C VAL G 179 6.92 35.94 11.12
N TYR G 180 7.70 36.20 10.07
CA TYR G 180 9.13 36.37 10.24
C TYR G 180 9.44 37.55 11.14
N GLU G 181 8.76 38.68 10.95
CA GLU G 181 9.03 39.86 11.75
C GLU G 181 8.71 39.63 13.21
N CYS G 182 7.60 38.95 13.50
CA CYS G 182 7.26 38.64 14.89
C CYS G 182 8.32 37.75 15.51
N LEU G 183 8.65 36.65 14.84
CA LEU G 183 9.58 35.68 15.43
C LEU G 183 10.97 36.28 15.62
N ARG G 184 11.44 37.06 14.65
CA ARG G 184 12.75 37.67 14.79
C ARG G 184 12.81 38.70 15.90
N GLY G 185 11.65 39.23 16.32
CA GLY G 185 11.62 40.21 17.38
C GLY G 185 11.72 39.63 18.77
N GLY G 186 11.48 38.35 18.93
CA GLY G 186 11.63 37.73 20.23
C GLY G 186 10.50 36.82 20.67
N LEU G 187 9.45 36.72 19.88
CA LEU G 187 8.39 35.79 20.19
C LEU G 187 8.83 34.35 19.95
N ASP G 188 8.34 33.45 20.78
CA ASP G 188 8.58 32.03 20.58
C ASP G 188 7.71 31.47 19.47
N PHE G 189 6.46 31.92 19.40
CA PHE G 189 5.48 31.34 18.50
C PHE G 189 4.75 32.44 17.75
N THR G 190 4.30 32.09 16.56
CA THR G 190 3.22 32.78 15.89
C THR G 190 2.10 31.79 15.69
N LYS G 191 0.93 32.28 15.27
CA LYS G 191 -0.25 31.44 15.30
C LYS G 191 -1.15 31.78 14.13
N ASP G 192 -1.66 30.74 13.47
CA ASP G 192 -2.77 30.94 12.54
C ASP G 192 -4.02 31.29 13.32
N ASP G 193 -4.82 32.19 12.77
CA ASP G 193 -6.14 32.41 13.34
C ASP G 193 -6.98 31.16 13.21
N GLU G 194 -7.99 31.04 14.06
CA GLU G 194 -8.81 29.82 14.09
C GLU G 194 -9.51 29.58 12.77
N ASN G 195 -9.86 30.62 12.03
CA ASN G 195 -10.56 30.45 10.76
C ASN G 195 -9.62 30.47 9.56
N VAL G 196 -8.32 30.53 9.78
CA VAL G 196 -7.35 30.36 8.69
C VAL G 196 -7.16 28.86 8.50
N ASN G 197 -7.82 28.29 7.50
CA ASN G 197 -7.57 26.89 7.14
C ASN G 197 -6.98 26.78 5.75
N SER G 198 -7.74 27.09 4.71
CA SER G 198 -7.22 27.17 3.35
C SER G 198 -8.22 28.01 2.56
N GLN G 199 -7.89 29.26 2.36
CA GLN G 199 -8.79 30.19 1.70
C GLN G 199 -8.32 30.48 0.29
N PRO G 200 -9.21 30.95 -0.57
CA PRO G 200 -8.78 31.28 -1.94
C PRO G 200 -7.64 32.27 -2.00
N PHE G 201 -7.58 33.22 -1.07
CA PHE G 201 -6.49 34.18 -1.06
C PHE G 201 -5.20 33.62 -0.46
N MET G 202 -5.28 32.52 0.28
CA MET G 202 -4.07 31.91 0.85
C MET G 202 -4.35 30.42 1.03
N ARG G 203 -3.93 29.63 0.06
CA ARG G 203 -4.09 28.19 0.16
C ARG G 203 -3.11 27.63 1.18
N TRP G 204 -3.51 26.55 1.85
CA TRP G 204 -2.79 26.11 3.04
C TRP G 204 -1.36 25.71 2.72
N ARG G 205 -1.14 25.03 1.59
CA ARG G 205 0.23 24.59 1.29
C ARG G 205 1.15 25.78 1.11
N GLN G 206 0.67 26.85 0.49
CA GLN G 206 1.47 28.06 0.36
C GLN G 206 1.74 28.70 1.71
N ARG G 207 0.73 28.76 2.58
CA ARG G 207 0.94 29.31 3.90
C ARG G 207 1.96 28.48 4.67
N PHE G 208 1.84 27.16 4.60
CA PHE G 208 2.78 26.30 5.31
C PHE G 208 4.20 26.55 4.82
N ASP G 209 4.38 26.68 3.51
CA ASP G 209 5.71 26.87 2.94
C ASP G 209 6.34 28.17 3.40
N PHE G 210 5.60 29.28 3.30
CA PHE G 210 6.20 30.56 3.62
C PHE G 210 6.35 30.76 5.12
N VAL G 211 5.50 30.10 5.92
CA VAL G 211 5.70 30.12 7.36
C VAL G 211 7.01 29.44 7.72
N MET G 212 7.29 28.29 7.10
CA MET G 212 8.52 27.59 7.41
C MET G 212 9.74 28.36 6.93
N GLU G 213 9.61 29.07 5.82
CA GLU G 213 10.67 29.97 5.39
C GLU G 213 10.91 31.06 6.43
N ALA G 214 9.83 31.61 6.97
CA ALA G 214 9.95 32.62 8.02
C ALA G 214 10.58 32.04 9.29
N ILE G 215 10.15 30.84 9.67
CA ILE G 215 10.67 30.23 10.89
C ILE G 215 12.16 30.00 10.78
N ASP G 216 12.60 29.47 9.63
CA ASP G 216 14.01 29.17 9.45
C ASP G 216 14.86 30.43 9.52
N LYS G 217 14.41 31.50 8.86
CA LYS G 217 15.16 32.74 8.88
C LYS G 217 15.25 33.33 10.28
N ALA G 218 14.14 33.31 11.02
CA ALA G 218 14.13 33.86 12.36
C ALA G 218 15.00 33.03 13.30
N GLU G 219 14.96 31.71 13.17
CA GLU G 219 15.78 30.86 14.03
C GLU G 219 17.27 31.10 13.79
N ARG G 220 17.67 31.23 12.53
CA ARG G 220 19.08 31.51 12.23
C ARG G 220 19.48 32.88 12.73
N GLU G 221 18.57 33.85 12.65
CA GLU G 221 18.90 35.22 13.02
C GLU G 221 19.01 35.37 14.54
N THR G 222 18.12 34.74 15.28
CA THR G 222 18.08 34.90 16.74
C THR G 222 18.80 33.80 17.49
N GLY G 223 18.99 32.63 16.89
CA GLY G 223 19.58 31.52 17.59
C GLY G 223 18.67 30.85 18.59
N GLU G 224 17.37 31.17 18.56
CA GLU G 224 16.39 30.56 19.44
C GLU G 224 15.40 29.77 18.60
N ARG G 225 14.89 28.68 19.17
CA ARG G 225 13.91 27.86 18.47
C ARG G 225 12.60 28.63 18.33
N LYS G 226 12.00 28.53 17.14
CA LYS G 226 10.79 29.25 16.82
C LYS G 226 9.75 28.27 16.31
N GLY G 227 8.49 28.67 16.38
CA GLY G 227 7.41 27.85 15.88
C GLY G 227 6.27 28.73 15.40
N HIS G 228 5.37 28.09 14.66
CA HIS G 228 4.14 28.75 14.24
C HIS G 228 3.06 27.69 14.22
N TYR G 229 1.98 27.91 14.95
CA TYR G 229 0.91 26.91 15.00
C TYR G 229 0.23 26.91 13.64
N LEU G 230 0.60 25.94 12.81
CA LEU G 230 -0.07 25.79 11.52
C LEU G 230 -1.42 25.13 11.75
N ASN G 231 -2.48 25.83 11.36
CA ASN G 231 -3.82 25.30 11.57
C ASN G 231 -4.11 24.19 10.57
N VAL G 232 -4.35 22.99 11.09
CA VAL G 232 -4.69 21.85 10.24
C VAL G 232 -6.18 21.54 10.29
N THR G 233 -6.97 22.38 10.96
CA THR G 233 -8.41 22.20 10.94
C THR G 233 -8.90 22.19 9.51
N ALA G 234 -9.68 21.18 9.15
CA ALA G 234 -9.94 20.88 7.75
C ALA G 234 -11.35 20.35 7.62
N PRO G 235 -11.91 20.36 6.41
CA PRO G 235 -13.28 19.84 6.24
C PRO G 235 -13.45 18.39 6.63
N THR G 236 -12.45 17.55 6.38
CA THR G 236 -12.51 16.12 6.59
C THR G 236 -11.27 15.65 7.32
N PRO G 237 -11.35 14.51 8.02
CA PRO G 237 -10.13 13.98 8.66
C PRO G 237 -9.01 13.69 7.69
N GLU G 238 -9.33 13.23 6.48
CA GLU G 238 -8.29 13.00 5.49
C GLU G 238 -7.56 14.28 5.16
N GLU G 239 -8.30 15.37 5.00
CA GLU G 239 -7.66 16.66 4.74
C GLU G 239 -6.87 17.13 5.95
N MET G 240 -7.40 16.91 7.16
CA MET G 240 -6.68 17.30 8.36
C MET G 240 -5.36 16.57 8.47
N TYR G 241 -5.38 15.25 8.26
CA TYR G 241 -4.14 14.48 8.34
C TYR G 241 -3.18 14.84 7.22
N LYS G 242 -3.70 15.13 6.03
CA LYS G 242 -2.85 15.56 4.93
C LYS G 242 -2.09 16.83 5.29
N ARG G 243 -2.78 17.80 5.89
CA ARG G 243 -2.11 19.03 6.28
C ARG G 243 -1.15 18.80 7.42
N ALA G 244 -1.52 17.94 8.37
CA ALA G 244 -0.59 17.58 9.44
C ALA G 244 0.64 16.89 8.88
N GLU G 245 0.45 15.97 7.92
CA GLU G 245 1.58 15.27 7.35
C GLU G 245 2.52 16.23 6.63
N TYR G 246 1.97 17.18 5.90
CA TYR G 246 2.82 18.15 5.21
C TYR G 246 3.58 19.01 6.20
N ALA G 247 2.91 19.42 7.29
CA ALA G 247 3.60 20.19 8.32
C ALA G 247 4.78 19.41 8.89
N LYS G 248 4.58 18.11 9.14
CA LYS G 248 5.69 17.28 9.56
C LYS G 248 6.76 17.17 8.48
N GLU G 249 6.33 17.06 7.22
CA GLU G 249 7.28 16.91 6.12
C GLU G 249 8.20 18.11 6.01
N ILE G 250 7.66 19.33 6.19
CA ILE G 250 8.46 20.54 6.07
C ILE G 250 9.14 20.92 7.37
N GLY G 251 9.01 20.11 8.42
CA GLY G 251 9.71 20.35 9.65
C GLY G 251 9.02 21.26 10.64
N ALA G 252 7.71 21.46 10.51
CA ALA G 252 7.00 22.30 11.46
C ALA G 252 7.00 21.65 12.84
N PRO G 253 7.41 22.37 13.88
CA PRO G 253 7.43 21.77 15.23
C PRO G 253 6.07 21.68 15.87
N ILE G 254 5.09 22.44 15.43
CA ILE G 254 3.82 22.54 16.15
C ILE G 254 2.71 22.83 15.14
N ILE G 255 1.55 22.23 15.39
CA ILE G 255 0.36 22.47 14.61
C ILE G 255 -0.77 22.85 15.56
N MET G 256 -1.90 23.22 14.99
CA MET G 256 -3.01 23.75 15.75
C MET G 256 -4.30 23.12 15.25
N HIS G 257 -5.26 22.96 16.17
CA HIS G 257 -6.56 22.41 15.82
C HIS G 257 -7.63 23.07 16.66
N ASP G 258 -8.79 23.30 16.05
CA ASP G 258 -9.96 23.81 16.78
C ASP G 258 -10.76 22.60 17.23
N TYR G 259 -10.61 22.21 18.49
CA TYR G 259 -11.10 20.91 18.92
C TYR G 259 -12.62 20.86 19.12
N ILE G 260 -13.28 22.00 19.29
CA ILE G 260 -14.72 21.98 19.42
C ILE G 260 -15.39 22.05 18.06
N THR G 261 -14.96 22.98 17.20
CA THR G 261 -15.57 23.09 15.88
C THR G 261 -15.09 21.98 14.95
N GLY G 262 -13.80 21.63 15.00
CA GLY G 262 -13.34 20.46 14.29
C GLY G 262 -13.95 19.18 14.86
N GLY G 263 -14.10 19.13 16.16
CA GLY G 263 -14.76 18.01 16.80
C GLY G 263 -13.79 17.16 17.60
N PHE G 264 -14.34 16.48 18.61
CA PHE G 264 -13.51 15.68 19.51
C PHE G 264 -12.94 14.46 18.80
N CYS G 265 -13.69 13.88 17.86
CA CYS G 265 -13.18 12.72 17.13
C CYS G 265 -11.93 13.08 16.35
N ALA G 266 -12.01 14.14 15.55
CA ALA G 266 -10.83 14.58 14.80
C ALA G 266 -9.71 14.99 15.72
N ASN G 267 -10.03 15.70 16.81
CA ASN G 267 -8.99 16.15 17.72
C ASN G 267 -8.26 14.98 18.36
N THR G 268 -9.01 13.98 18.85
CA THR G 268 -8.37 12.84 19.47
C THR G 268 -7.48 12.11 18.47
N GLY G 269 -7.97 11.92 17.25
CA GLY G 269 -7.14 11.32 16.23
C GLY G 269 -5.89 12.13 15.95
N LEU G 270 -6.03 13.45 15.89
CA LEU G 270 -4.88 14.31 15.66
C LEU G 270 -3.90 14.25 16.83
N ALA G 271 -4.42 14.22 18.06
CA ALA G 271 -3.55 14.14 19.22
C ALA G 271 -2.73 12.86 19.20
N GLN G 272 -3.35 11.74 18.85
CA GLN G 272 -2.61 10.49 18.71
C GLN G 272 -1.62 10.56 17.56
N TRP G 273 -2.02 11.19 16.46
CA TRP G 273 -1.10 11.40 15.35
C TRP G 273 0.10 12.23 15.79
N CYS G 274 -0.15 13.29 16.58
CA CYS G 274 0.94 14.14 17.03
C CYS G 274 1.90 13.37 17.92
N ARG G 275 1.38 12.50 18.79
CA ARG G 275 2.25 11.66 19.59
C ARG G 275 3.08 10.73 18.70
N ASN G 276 2.46 10.14 17.68
CA ASN G 276 3.15 9.21 16.81
C ASN G 276 4.17 9.89 15.91
N ASN G 277 4.06 11.21 15.72
CA ASN G 277 4.91 11.91 14.77
C ASN G 277 5.73 13.01 15.41
N GLY G 278 5.68 13.16 16.72
CA GLY G 278 6.52 14.12 17.42
C GLY G 278 6.24 15.57 17.11
N VAL G 279 4.98 15.92 16.88
CA VAL G 279 4.59 17.29 16.55
C VAL G 279 3.76 17.83 17.71
N LEU G 280 4.11 19.03 18.17
CA LEU G 280 3.34 19.64 19.25
C LEU G 280 1.95 20.04 18.74
N LEU G 281 0.98 20.01 19.64
CA LEU G 281 -0.42 20.26 19.29
C LEU G 281 -0.96 21.42 20.11
N HIS G 282 -1.23 22.53 19.46
CA HIS G 282 -1.87 23.67 20.10
C HIS G 282 -3.37 23.58 19.84
N ILE G 283 -4.16 23.73 20.89
CA ILE G 283 -5.60 23.56 20.80
C ILE G 283 -6.26 24.93 20.96
N HIS G 284 -7.03 25.32 19.96
CA HIS G 284 -7.85 26.53 20.03
C HIS G 284 -9.27 26.13 20.43
N ARG G 285 -9.87 26.94 21.29
CA ARG G 285 -11.16 26.61 21.88
C ARG G 285 -12.30 27.38 21.22
N ALA G 286 -12.24 27.58 19.91
CA ALA G 286 -13.32 28.25 19.21
C ALA G 286 -14.64 27.56 19.49
N MET G 287 -15.70 28.36 19.67
CA MET G 287 -17.07 27.99 19.99
C MET G 287 -17.26 27.69 21.48
N HIS G 288 -16.22 27.77 22.31
CA HIS G 288 -16.39 27.46 23.73
C HIS G 288 -17.46 28.33 24.36
N ALA G 289 -17.52 29.61 23.99
CA ALA G 289 -18.48 30.53 24.60
C ALA G 289 -19.92 30.18 24.27
N VAL G 290 -20.16 29.50 23.16
CA VAL G 290 -21.51 29.01 22.90
C VAL G 290 -21.93 28.02 23.99
N LEU G 291 -20.97 27.22 24.47
CA LEU G 291 -21.25 26.21 25.47
C LEU G 291 -21.17 26.74 26.90
N ASP G 292 -20.16 27.55 27.21
CA ASP G 292 -19.79 27.78 28.60
C ASP G 292 -20.18 29.15 29.14
N ARG G 293 -20.69 30.07 28.32
CA ARG G 293 -20.91 31.43 28.80
C ARG G 293 -22.13 31.50 29.72
N ASN G 294 -23.22 30.88 29.32
CA ASN G 294 -24.47 31.02 30.07
C ASN G 294 -24.35 30.31 31.42
N PRO G 295 -24.54 31.01 32.54
CA PRO G 295 -24.32 30.37 33.84
C PRO G 295 -25.38 29.36 34.22
N HIS G 296 -26.50 29.28 33.50
CA HIS G 296 -27.56 28.36 33.85
C HIS G 296 -27.79 27.27 32.81
N HIS G 297 -27.23 27.40 31.61
CA HIS G 297 -27.41 26.38 30.59
C HIS G 297 -26.11 26.20 29.83
N GLY G 298 -25.74 24.94 29.62
CA GLY G 298 -24.55 24.65 28.85
C GLY G 298 -23.57 23.77 29.59
N ILE G 299 -22.30 23.85 29.20
CA ILE G 299 -21.25 23.04 29.79
C ILE G 299 -20.16 23.98 30.26
N HIS G 300 -19.84 23.91 31.55
CA HIS G 300 -18.81 24.78 32.09
C HIS G 300 -17.47 24.47 31.42
N PHE G 301 -16.65 25.51 31.26
CA PHE G 301 -15.39 25.32 30.56
C PHE G 301 -14.44 24.40 31.31
N ARG G 302 -14.60 24.25 32.62
CA ARG G 302 -13.73 23.32 33.34
C ARG G 302 -13.99 21.89 32.89
N VAL G 303 -15.21 21.57 32.47
CA VAL G 303 -15.47 20.27 31.88
C VAL G 303 -14.79 20.15 30.53
N LEU G 304 -14.91 21.20 29.70
CA LEU G 304 -14.24 21.20 28.41
C LEU G 304 -12.73 21.16 28.57
N THR G 305 -12.21 21.73 29.66
CA THR G 305 -10.79 21.64 29.93
C THR G 305 -10.38 20.20 30.21
N LYS G 306 -11.14 19.50 31.05
CA LYS G 306 -10.84 18.10 31.33
C LYS G 306 -10.93 17.25 30.07
N ILE G 307 -11.95 17.49 29.26
CA ILE G 307 -12.12 16.74 28.02
C ILE G 307 -10.92 16.94 27.11
N LEU G 308 -10.48 18.19 26.95
CA LEU G 308 -9.36 18.46 26.07
C LEU G 308 -8.09 17.79 26.57
N ARG G 309 -7.84 17.82 27.88
CA ARG G 309 -6.64 17.18 28.39
C ARG G 309 -6.67 15.68 28.11
N LEU G 310 -7.83 15.06 28.26
CA LEU G 310 -7.95 13.64 27.93
C LEU G 310 -7.86 13.41 26.43
N SER G 311 -8.57 14.23 25.65
CA SER G 311 -8.53 14.08 24.20
C SER G 311 -7.13 14.31 23.65
N GLY G 312 -6.44 15.30 24.19
CA GLY G 312 -5.06 15.52 23.81
C GLY G 312 -4.80 16.91 23.27
N GLY G 313 -3.85 17.59 23.89
CA GLY G 313 -3.40 18.88 23.43
C GLY G 313 -2.21 19.31 24.26
N ASP G 314 -1.21 19.90 23.63
CA ASP G 314 -0.07 20.39 24.39
C ASP G 314 -0.28 21.80 24.90
N HIS G 315 -1.09 22.59 24.21
CA HIS G 315 -1.54 23.89 24.66
C HIS G 315 -3.06 23.91 24.65
N LEU G 316 -3.64 24.72 25.52
CA LEU G 316 -5.07 24.97 25.47
C LEU G 316 -5.34 26.42 25.85
N HIS G 317 -6.11 27.10 25.01
CA HIS G 317 -6.56 28.44 25.36
C HIS G 317 -7.45 28.37 26.59
N THR G 318 -7.06 29.09 27.64
CA THR G 318 -7.80 29.12 28.88
C THR G 318 -8.43 30.48 29.17
N GLY G 319 -8.27 31.44 28.28
CA GLY G 319 -8.79 32.77 28.50
C GLY G 319 -7.89 33.61 29.38
N THR G 320 -8.14 34.90 29.37
CA THR G 320 -7.46 35.84 30.25
C THR G 320 -8.38 36.23 31.39
N VAL G 321 -7.80 36.33 32.59
CA VAL G 321 -8.53 36.75 33.77
C VAL G 321 -8.93 38.22 33.72
N VAL G 322 -8.12 39.07 33.10
CA VAL G 322 -8.32 40.51 33.20
C VAL G 322 -9.73 40.88 32.76
N GLY G 323 -10.47 41.56 33.63
CA GLY G 323 -11.83 41.93 33.35
C GLY G 323 -12.89 40.96 33.83
N LYS G 324 -12.53 40.01 34.69
CA LYS G 324 -13.46 39.02 35.19
C LYS G 324 -13.83 39.30 36.64
N LEU G 325 -15.03 38.87 37.02
CA LEU G 325 -15.48 39.02 38.39
C LEU G 325 -14.73 38.05 39.31
N GLU G 326 -14.89 38.25 40.62
CA GLU G 326 -14.18 37.44 41.59
C GLU G 326 -14.55 35.97 41.47
N GLY G 327 -15.84 35.68 41.27
CA GLY G 327 -16.24 34.30 41.03
C GLY G 327 -15.66 33.74 39.74
N ASP G 328 -15.54 34.58 38.71
CA ASP G 328 -14.94 34.16 37.46
C ASP G 328 -13.42 34.07 37.58
N ARG G 329 -12.81 34.93 38.39
CA ARG G 329 -11.39 34.79 38.71
C ARG G 329 -11.07 33.42 39.28
N GLN G 330 -11.81 32.99 40.30
CA GLN G 330 -11.49 31.73 40.95
C GLN G 330 -11.73 30.56 40.03
N ALA G 331 -12.82 30.60 39.25
CA ALA G 331 -13.12 29.51 38.33
C ALA G 331 -12.00 29.35 37.30
N THR G 332 -11.46 30.46 36.81
CA THR G 332 -10.37 30.40 35.85
C THR G 332 -9.13 29.75 36.46
N LEU G 333 -8.78 30.13 37.69
CA LEU G 333 -7.65 29.50 38.35
C LEU G 333 -7.90 28.01 38.55
N GLY G 334 -9.17 27.63 38.73
CA GLY G 334 -9.48 26.22 38.90
C GLY G 334 -9.19 25.40 37.65
N TRP G 335 -9.69 25.85 36.50
CA TRP G 335 -9.50 25.04 35.31
C TRP G 335 -8.09 25.14 34.75
N ILE G 336 -7.35 26.19 35.10
CA ILE G 336 -5.92 26.20 34.80
C ILE G 336 -5.21 25.10 35.57
N ASP G 337 -5.58 24.91 36.84
CA ASP G 337 -5.03 23.80 37.61
C ASP G 337 -5.43 22.46 37.01
N LEU G 338 -6.69 22.33 36.59
CA LEU G 338 -7.14 21.09 35.97
C LEU G 338 -6.35 20.79 34.71
N LEU G 339 -5.91 21.82 34.00
CA LEU G 339 -5.17 21.62 32.76
C LEU G 339 -3.74 21.20 33.01
N ARG G 340 -3.13 21.62 34.11
CA ARG G 340 -1.69 21.51 34.29
C ARG G 340 -1.26 20.61 35.42
N GLU G 341 -2.08 20.43 36.45
CA GLU G 341 -1.64 19.75 37.66
C GLU G 341 -1.88 18.25 37.58
N SER G 342 -1.11 17.51 38.37
CA SER G 342 -1.29 16.06 38.45
C SER G 342 -2.49 15.68 39.31
N TYR G 343 -2.83 16.51 40.29
CA TYR G 343 -3.94 16.24 41.18
C TYR G 343 -4.56 17.57 41.57
N VAL G 344 -5.88 17.66 41.45
CA VAL G 344 -6.61 18.88 41.79
C VAL G 344 -7.65 18.52 42.85
N LYS G 345 -7.51 19.10 44.04
CA LYS G 345 -8.43 18.82 45.12
C LYS G 345 -9.74 19.56 44.93
N GLU G 346 -10.80 19.01 45.51
CA GLU G 346 -12.10 19.66 45.51
C GLU G 346 -11.99 21.04 46.15
N ASP G 347 -12.60 22.03 45.51
CA ASP G 347 -12.55 23.42 45.98
C ASP G 347 -13.82 24.10 45.48
N ARG G 348 -14.82 24.20 46.37
CA ARG G 348 -16.10 24.76 45.96
C ARG G 348 -15.98 26.23 45.55
N SER G 349 -15.04 26.96 46.16
CA SER G 349 -14.85 28.36 45.79
C SER G 349 -14.40 28.49 44.34
N ARG G 350 -13.69 27.48 43.82
CA ARG G 350 -13.27 27.46 42.43
C ARG G 350 -14.25 26.72 41.53
N GLY G 351 -15.36 26.23 42.08
CA GLY G 351 -16.28 25.43 41.31
C GLY G 351 -15.80 24.02 41.02
N ILE G 352 -14.75 23.57 41.71
CA ILE G 352 -14.23 22.22 41.53
C ILE G 352 -14.97 21.32 42.51
N PHE G 353 -15.94 20.57 42.00
CA PHE G 353 -16.79 19.76 42.86
C PHE G 353 -16.20 18.41 43.20
N PHE G 354 -15.19 17.97 42.47
CA PHE G 354 -14.61 16.65 42.67
C PHE G 354 -13.10 16.76 42.69
N ASP G 355 -12.47 15.87 43.46
CA ASP G 355 -11.04 15.66 43.31
C ASP G 355 -10.78 15.04 41.94
N GLN G 356 -9.84 15.61 41.20
CA GLN G 356 -9.49 15.09 39.89
C GLN G 356 -8.05 14.60 39.94
N ASP G 357 -7.87 13.29 39.81
CA ASP G 357 -6.55 12.69 39.74
C ASP G 357 -6.18 12.48 38.27
N TRP G 358 -5.03 13.01 37.89
CA TRP G 358 -4.53 12.81 36.54
C TRP G 358 -3.42 11.76 36.47
N GLY G 359 -2.97 11.26 37.62
CA GLY G 359 -1.89 10.30 37.61
C GLY G 359 -0.66 10.89 36.96
N ALA G 360 -0.06 10.12 36.06
CA ALA G 360 1.14 10.55 35.35
C ALA G 360 0.83 11.23 34.03
N MET G 361 -0.43 11.47 33.72
CA MET G 361 -0.78 12.14 32.48
C MET G 361 -0.25 13.56 32.54
N PRO G 362 0.58 13.99 31.60
CA PRO G 362 1.17 15.33 31.71
C PRO G 362 0.12 16.41 31.53
N GLY G 363 0.43 17.59 32.06
CA GLY G 363 -0.41 18.73 31.86
C GLY G 363 -0.10 19.45 30.56
N ALA G 364 -0.98 20.36 30.20
CA ALA G 364 -0.81 21.17 29.00
C ALA G 364 -0.55 22.61 29.37
N PHE G 365 0.13 23.33 28.48
CA PHE G 365 0.32 24.76 28.68
C PHE G 365 -1.03 25.47 28.70
N ALA G 366 -1.20 26.38 29.64
CA ALA G 366 -2.35 27.26 29.65
C ALA G 366 -2.04 28.46 28.75
N VAL G 367 -2.96 28.77 27.85
CA VAL G 367 -2.73 29.82 26.87
C VAL G 367 -3.60 31.01 27.22
N ALA G 368 -2.98 32.17 27.37
CA ALA G 368 -3.67 33.42 27.62
C ALA G 368 -3.65 34.26 26.35
N SER G 369 -4.81 34.79 25.97
CA SER G 369 -4.91 35.59 24.76
C SER G 369 -6.14 36.47 24.85
N GLY G 370 -6.23 37.42 23.92
CA GLY G 370 -7.41 38.24 23.79
C GLY G 370 -7.26 39.64 24.36
N GLY G 371 -6.97 40.60 23.49
CA GLY G 371 -6.93 42.00 23.87
C GLY G 371 -5.92 42.34 24.94
N ILE G 372 -4.82 41.60 25.01
CA ILE G 372 -3.81 41.84 26.04
C ILE G 372 -2.62 42.55 25.40
N HIS G 373 -1.89 43.31 26.22
CA HIS G 373 -0.72 44.03 25.75
C HIS G 373 0.28 44.10 26.91
N VAL G 374 1.28 44.97 26.76
CA VAL G 374 2.42 44.96 27.67
C VAL G 374 1.99 45.27 29.10
N TRP G 375 0.99 46.13 29.26
CA TRP G 375 0.53 46.49 30.60
C TRP G 375 -0.08 45.30 31.33
N HIS G 376 -0.51 44.27 30.61
CA HIS G 376 -1.05 43.08 31.24
C HIS G 376 0.02 42.10 31.70
N MET G 377 1.28 42.28 31.27
CA MET G 377 2.34 41.34 31.60
C MET G 377 2.44 41.03 33.09
N PRO G 378 2.46 42.02 34.00
CA PRO G 378 2.56 41.68 35.43
C PRO G 378 1.43 40.80 35.92
N ALA G 379 0.20 41.09 35.50
CA ALA G 379 -0.93 40.27 35.92
C ALA G 379 -0.85 38.87 35.33
N LEU G 380 -0.49 38.77 34.06
CA LEU G 380 -0.43 37.47 33.40
C LEU G 380 0.62 36.56 34.03
N VAL G 381 1.79 37.12 34.33
CA VAL G 381 2.85 36.34 34.95
C VAL G 381 2.42 35.84 36.31
N THR G 382 1.77 36.71 37.09
CA THR G 382 1.31 36.32 38.43
C THR G 382 0.25 35.24 38.37
N ILE G 383 -0.76 35.40 37.51
CA ILE G 383 -1.86 34.46 37.45
C ILE G 383 -1.42 33.12 36.86
N PHE G 384 -0.71 33.16 35.73
CA PHE G 384 -0.44 31.94 35.00
C PHE G 384 0.85 31.24 35.39
N GLY G 385 1.84 31.99 35.86
CA GLY G 385 3.09 31.34 36.18
C GLY G 385 3.86 30.98 34.92
N ASP G 386 4.85 30.12 35.11
CA ASP G 386 5.79 29.82 34.02
C ASP G 386 5.14 28.95 32.95
N ASP G 387 4.31 27.99 33.34
CA ASP G 387 3.82 26.99 32.39
C ASP G 387 2.60 27.52 31.64
N SER G 388 2.86 28.54 30.84
CA SER G 388 1.79 29.19 30.09
C SER G 388 2.35 29.75 28.80
N VAL G 389 1.46 30.01 27.86
CA VAL G 389 1.78 30.71 26.62
C VAL G 389 0.95 31.99 26.62
N LEU G 390 1.61 33.13 26.49
CA LEU G 390 0.95 34.41 26.43
C LEU G 390 0.93 34.88 24.99
N GLN G 391 -0.25 35.06 24.43
CA GLN G 391 -0.41 35.37 23.02
C GLN G 391 -0.84 36.82 22.86
N PHE G 392 -0.04 37.59 22.12
CA PHE G 392 -0.30 39.00 21.85
C PHE G 392 -0.45 39.16 20.35
N GLY G 393 -1.67 38.97 19.86
CA GLY G 393 -1.93 39.18 18.45
C GLY G 393 -1.89 40.65 18.08
N GLY G 394 -2.90 41.40 18.51
CA GLY G 394 -2.89 42.84 18.29
C GLY G 394 -1.79 43.54 19.04
N GLY G 395 -1.43 43.04 20.22
CA GLY G 395 -0.39 43.66 21.03
C GLY G 395 0.98 43.61 20.39
N THR G 396 1.18 42.77 19.37
CA THR G 396 2.43 42.71 18.63
C THR G 396 2.33 43.38 17.28
N LEU G 397 1.29 43.05 16.50
CA LEU G 397 1.15 43.63 15.17
C LEU G 397 0.67 45.07 15.24
N GLY G 398 0.06 45.49 16.34
CA GLY G 398 -0.38 46.84 16.54
C GLY G 398 0.66 47.78 17.10
N HIS G 399 1.89 47.33 17.26
CA HIS G 399 2.96 48.21 17.68
C HIS G 399 3.22 49.26 16.61
N PRO G 400 3.47 50.51 16.98
CA PRO G 400 3.68 51.56 15.96
C PRO G 400 4.90 51.32 15.09
N TRP G 401 5.87 50.52 15.52
CA TRP G 401 7.07 50.28 14.75
C TRP G 401 7.08 48.94 14.04
N GLY G 402 5.98 48.20 14.08
CA GLY G 402 5.88 46.94 13.37
C GLY G 402 6.01 45.74 14.29
N ASN G 403 6.03 44.57 13.66
CA ASN G 403 5.97 43.31 14.41
C ASN G 403 7.24 43.06 15.21
N ALA G 404 8.40 43.30 14.60
CA ALA G 404 9.66 42.98 15.27
C ALA G 404 9.83 43.81 16.54
N ALA G 405 9.54 45.11 16.46
CA ALA G 405 9.60 45.95 17.64
C ALA G 405 8.53 45.54 18.65
N GLY G 406 7.32 45.26 18.18
CA GLY G 406 6.27 44.83 19.08
C GLY G 406 6.60 43.51 19.77
N ALA G 407 7.21 42.59 19.02
CA ALA G 407 7.66 41.34 19.63
C ALA G 407 8.73 41.60 20.67
N CYS G 408 9.68 42.48 20.37
CA CYS G 408 10.74 42.78 21.32
C CYS G 408 10.19 43.44 22.57
N ALA G 409 9.21 44.33 22.41
CA ALA G 409 8.60 44.98 23.56
C ALA G 409 7.93 43.96 24.47
N ASN G 410 7.18 43.03 23.88
CA ASN G 410 6.54 42.00 24.69
C ASN G 410 7.56 41.09 25.34
N ARG G 411 8.62 40.74 24.61
CA ARG G 411 9.66 39.88 25.18
C ARG G 411 10.40 40.57 26.32
N VAL G 412 10.71 41.85 26.16
CA VAL G 412 11.36 42.60 27.23
C VAL G 412 10.44 42.72 28.43
N ALA G 413 9.16 43.01 28.19
CA ALA G 413 8.21 43.14 29.28
C ALA G 413 8.08 41.83 30.05
N LEU G 414 8.02 40.71 29.33
CA LEU G 414 7.92 39.42 30.00
C LEU G 414 9.16 39.12 30.82
N GLU G 415 10.34 39.32 30.23
CA GLU G 415 11.57 38.96 30.93
C GLU G 415 11.81 39.89 32.12
N ALA G 416 11.44 41.16 31.99
CA ALA G 416 11.52 42.07 33.13
C ALA G 416 10.60 41.62 34.26
N CYS G 417 9.37 41.24 33.93
CA CYS G 417 8.45 40.76 34.95
C CYS G 417 8.96 39.47 35.57
N ILE G 418 9.50 38.56 34.77
CA ILE G 418 10.00 37.29 35.30
C ILE G 418 11.19 37.54 36.21
N GLU G 419 12.14 38.37 35.77
CA GLU G 419 13.30 38.65 36.60
C GLU G 419 12.90 39.32 37.90
N ALA G 420 11.98 40.28 37.83
CA ALA G 420 11.51 40.93 39.04
C ALA G 420 10.78 39.96 39.95
N ARG G 421 9.99 39.05 39.37
CA ARG G 421 9.32 38.03 40.17
C ARG G 421 10.34 37.13 40.85
N ASN G 422 11.38 36.72 40.11
CA ASN G 422 12.41 35.87 40.71
C ASN G 422 13.15 36.60 41.82
N GLN G 423 13.24 37.92 41.75
CA GLN G 423 13.90 38.70 42.77
C GLN G 423 13.04 38.93 44.00
N GLY G 424 11.78 38.52 43.97
CA GLY G 424 10.89 38.66 45.10
C GLY G 424 9.98 39.87 45.06
N ILE G 425 10.07 40.68 44.01
CA ILE G 425 9.20 41.86 43.89
C ILE G 425 7.76 41.40 43.77
N PRO G 426 6.80 42.06 44.43
CA PRO G 426 5.39 41.78 44.12
C PRO G 426 4.99 42.39 42.79
N ILE G 427 4.91 41.54 41.77
CA ILE G 427 4.82 42.03 40.40
C ILE G 427 3.45 42.64 40.11
N GLU G 428 2.38 42.01 40.60
CA GLU G 428 1.06 42.56 40.31
C GLU G 428 0.81 43.86 41.05
N LYS G 429 1.41 44.04 42.23
CA LYS G 429 1.24 45.28 42.97
C LYS G 429 1.98 46.42 42.30
N GLU G 430 3.25 46.22 41.96
CA GLU G 430 4.05 47.24 41.31
C GLU G 430 4.47 46.72 39.93
N GLY G 431 3.55 46.78 38.99
CA GLY G 431 3.84 46.35 37.64
C GLY G 431 4.30 47.53 36.82
N LYS G 432 3.74 48.70 37.12
CA LYS G 432 4.13 49.91 36.39
C LYS G 432 5.61 50.23 36.57
N GLU G 433 6.11 50.14 37.80
CA GLU G 433 7.51 50.47 38.04
C GLU G 433 8.45 49.42 37.46
N VAL G 434 8.06 48.14 37.50
CA VAL G 434 8.87 47.12 36.86
C VAL G 434 8.95 47.35 35.36
N LEU G 435 7.80 47.63 34.74
CA LEU G 435 7.77 47.90 33.31
C LEU G 435 8.50 49.20 32.98
N THR G 436 8.30 50.23 33.80
CA THR G 436 8.94 51.51 33.53
C THR G 436 10.46 51.41 33.59
N LYS G 437 10.99 50.69 34.58
CA LYS G 437 12.42 50.50 34.66
C LYS G 437 12.95 49.73 33.46
N ALA G 438 12.21 48.72 33.02
CA ALA G 438 12.61 47.98 31.82
C ALA G 438 12.56 48.87 30.59
N ALA G 439 11.54 49.72 30.49
CA ALA G 439 11.39 50.59 29.33
C ALA G 439 12.55 51.58 29.20
N ALA G 440 13.33 51.79 30.26
CA ALA G 440 14.47 52.68 30.18
C ALA G 440 15.53 52.16 29.22
N HIS G 441 15.69 50.85 29.15
CA HIS G 441 16.65 50.24 28.25
C HIS G 441 16.02 49.67 26.97
N SER G 442 14.71 49.78 26.81
CA SER G 442 14.02 49.23 25.66
C SER G 442 13.13 50.29 25.03
N PRO G 443 13.59 50.97 23.97
CA PRO G 443 12.71 51.93 23.30
C PRO G 443 11.46 51.29 22.73
N GLU G 444 11.55 50.03 22.29
CA GLU G 444 10.35 49.34 21.80
C GLU G 444 9.32 49.20 22.89
N LEU G 445 9.73 48.84 24.10
CA LEU G 445 8.80 48.72 25.21
C LEU G 445 8.24 50.08 25.60
N LYS G 446 9.08 51.11 25.58
CA LYS G 446 8.63 52.43 25.99
C LYS G 446 7.47 52.93 25.14
N ILE G 447 7.61 52.83 23.82
CA ILE G 447 6.55 53.32 22.95
C ILE G 447 5.36 52.36 22.95
N ALA G 448 5.60 51.07 23.23
CA ALA G 448 4.49 50.15 23.40
C ALA G 448 3.62 50.55 24.59
N MET G 449 4.26 50.95 25.69
CA MET G 449 3.51 51.36 26.87
C MET G 449 2.69 52.61 26.59
N GLU G 450 3.19 53.48 25.70
CA GLU G 450 2.44 54.67 25.34
C GLU G 450 1.29 54.35 24.37
N THR G 451 1.44 53.29 23.58
CA THR G 451 0.42 52.98 22.57
C THR G 451 -0.90 52.56 23.21
N TRP G 452 -0.83 51.72 24.24
CA TRP G 452 -2.02 51.19 24.89
C TRP G 452 -2.08 51.67 26.32
N LYS G 453 -3.29 51.95 26.79
CA LYS G 453 -3.47 52.60 28.08
C LYS G 453 -3.14 51.65 29.23
N GLU G 454 -2.69 52.23 30.34
CA GLU G 454 -2.41 51.45 31.54
C GLU G 454 -3.67 50.77 32.06
N ILE G 455 -3.48 49.59 32.64
CA ILE G 455 -4.57 48.80 33.20
C ILE G 455 -4.43 48.82 34.72
N LYS G 456 -5.49 49.22 35.40
CA LYS G 456 -5.48 49.28 36.86
C LYS G 456 -5.94 47.98 37.48
N LYS H 1 -47.90 15.82 -19.31
CA LYS H 1 -48.68 15.47 -20.49
C LYS H 1 -48.70 13.97 -20.73
N THR H 2 -49.09 13.57 -21.93
CA THR H 2 -49.26 12.18 -22.31
C THR H 2 -48.17 11.77 -23.29
N TYR H 3 -48.07 10.47 -23.50
CA TYR H 3 -47.07 9.91 -24.41
C TYR H 3 -47.67 9.75 -25.79
N SER H 4 -47.06 10.40 -26.78
CA SER H 4 -47.45 10.26 -28.18
C SER H 4 -46.19 10.00 -28.99
N ALA H 5 -46.02 8.77 -29.45
CA ALA H 5 -44.83 8.40 -30.20
C ALA H 5 -44.80 9.13 -31.55
N GLY H 6 -43.59 9.31 -32.06
CA GLY H 6 -43.39 9.93 -33.36
C GLY H 6 -42.46 11.12 -33.27
N VAL H 7 -42.06 11.59 -34.45
CA VAL H 7 -41.13 12.68 -34.60
C VAL H 7 -41.87 14.00 -34.50
N LYS H 8 -41.33 14.94 -33.71
CA LYS H 8 -41.89 16.27 -33.59
C LYS H 8 -40.77 17.30 -33.74
N GLU H 9 -41.17 18.53 -34.06
CA GLU H 9 -40.22 19.61 -34.23
C GLU H 9 -39.62 20.02 -32.88
N TYR H 10 -38.38 20.49 -32.93
CA TYR H 10 -37.69 20.97 -31.75
C TYR H 10 -38.13 22.37 -31.32
N ARG H 11 -38.76 23.14 -32.22
CA ARG H 11 -39.00 24.55 -31.95
C ARG H 11 -40.01 24.75 -30.82
N GLU H 12 -41.06 23.93 -30.78
CA GLU H 12 -42.14 24.20 -29.84
C GLU H 12 -41.73 23.97 -28.39
N THR H 13 -40.71 23.15 -28.14
CA THR H 13 -40.27 22.84 -26.78
C THR H 13 -38.97 23.52 -26.41
N TYR H 14 -38.00 23.54 -27.31
CA TYR H 14 -36.65 24.00 -26.99
C TYR H 14 -36.38 25.43 -27.43
N TRP H 15 -37.40 26.15 -27.91
CA TRP H 15 -37.25 27.56 -28.26
C TRP H 15 -38.17 28.37 -27.35
N MET H 16 -37.58 29.10 -26.41
CA MET H 16 -38.32 29.88 -25.42
C MET H 16 -37.80 31.31 -25.44
N PRO H 17 -38.30 32.13 -26.37
CA PRO H 17 -37.80 33.51 -26.48
C PRO H 17 -38.07 34.37 -25.26
N ASN H 18 -39.01 34.01 -24.41
CA ASN H 18 -39.30 34.78 -23.21
C ASN H 18 -38.57 34.27 -21.98
N TYR H 19 -37.74 33.24 -22.12
CA TYR H 19 -37.01 32.72 -20.97
C TYR H 19 -35.97 33.72 -20.51
N THR H 20 -35.93 33.95 -19.20
CA THR H 20 -34.92 34.80 -18.60
C THR H 20 -33.86 33.91 -17.96
N PRO H 21 -32.61 33.96 -18.40
CA PRO H 21 -31.59 33.08 -17.84
C PRO H 21 -31.44 33.27 -16.34
N LYS H 22 -31.30 32.15 -15.63
CA LYS H 22 -31.05 32.20 -14.20
C LYS H 22 -29.58 32.48 -13.94
N ASP H 23 -29.30 32.96 -12.73
CA ASP H 23 -27.92 33.24 -12.35
C ASP H 23 -27.07 32.00 -12.28
N THR H 24 -27.67 30.83 -12.18
CA THR H 24 -26.93 29.57 -12.14
C THR H 24 -26.90 28.86 -13.49
N ASP H 25 -27.54 29.41 -14.52
CA ASP H 25 -27.55 28.77 -15.82
C ASP H 25 -26.17 28.87 -16.49
N ILE H 26 -25.79 27.81 -17.19
CA ILE H 26 -24.69 27.89 -18.14
C ILE H 26 -25.26 28.43 -19.45
N LEU H 27 -24.69 29.51 -19.94
CA LEU H 27 -25.15 30.13 -21.18
C LEU H 27 -24.14 29.87 -22.29
N ALA H 28 -24.63 29.60 -23.48
CA ALA H 28 -23.78 29.36 -24.64
C ALA H 28 -24.25 30.23 -25.79
N CYS H 29 -23.30 30.76 -26.55
CA CYS H 29 -23.58 31.48 -27.78
C CYS H 29 -23.04 30.66 -28.94
N PHE H 30 -23.91 30.32 -29.87
CA PHE H 30 -23.55 29.53 -31.06
C PHE H 30 -23.75 30.40 -32.29
N LYS H 31 -22.71 30.57 -33.08
CA LYS H 31 -22.85 31.12 -34.42
C LYS H 31 -23.28 29.99 -35.34
N ILE H 32 -24.51 30.05 -35.84
CA ILE H 32 -25.13 28.99 -36.59
C ILE H 32 -25.20 29.42 -38.05
N THR H 33 -24.63 28.61 -38.94
CA THR H 33 -24.86 28.71 -40.37
C THR H 33 -25.86 27.62 -40.71
N PRO H 34 -27.15 27.92 -40.81
CA PRO H 34 -28.16 26.86 -40.94
C PRO H 34 -28.25 26.31 -42.35
N GLN H 35 -28.74 25.09 -42.44
CA GLN H 35 -29.05 24.47 -43.71
C GLN H 35 -30.17 25.25 -44.39
N PRO H 36 -30.09 25.49 -45.70
CA PRO H 36 -31.11 26.28 -46.37
C PRO H 36 -32.49 25.68 -46.21
N GLY H 37 -33.48 26.54 -46.00
CA GLY H 37 -34.84 26.12 -45.76
C GLY H 37 -35.20 25.94 -44.30
N VAL H 38 -34.22 25.80 -43.43
CA VAL H 38 -34.46 25.62 -41.99
C VAL H 38 -34.56 27.01 -41.36
N PRO H 39 -35.67 27.32 -40.69
CA PRO H 39 -35.78 28.63 -40.04
C PRO H 39 -34.81 28.76 -38.88
N ARG H 40 -34.49 30.01 -38.53
CA ARG H 40 -33.50 30.26 -37.49
C ARG H 40 -33.91 29.67 -36.16
N GLU H 41 -35.18 29.85 -35.78
CA GLU H 41 -35.65 29.33 -34.50
C GLU H 41 -35.57 27.82 -34.45
N GLU H 42 -35.88 27.15 -35.57
CA GLU H 42 -35.77 25.69 -35.60
C GLU H 42 -34.33 25.25 -35.42
N ALA H 43 -33.39 25.94 -36.07
CA ALA H 43 -31.99 25.57 -35.92
C ALA H 43 -31.50 25.78 -34.49
N ALA H 44 -31.86 26.92 -33.89
CA ALA H 44 -31.45 27.19 -32.52
C ALA H 44 -32.05 26.16 -31.55
N ALA H 45 -33.33 25.85 -31.72
CA ALA H 45 -33.98 24.87 -30.86
C ALA H 45 -33.37 23.49 -31.06
N ALA H 46 -33.01 23.14 -32.30
CA ALA H 46 -32.34 21.87 -32.54
C ALA H 46 -31.00 21.80 -31.83
N VAL H 47 -30.24 22.89 -31.87
CA VAL H 47 -28.96 22.91 -31.17
C VAL H 47 -29.18 22.73 -29.67
N ALA H 48 -30.15 23.44 -29.11
CA ALA H 48 -30.44 23.35 -27.69
C ALA H 48 -30.85 21.92 -27.31
N ALA H 49 -31.74 21.32 -28.10
CA ALA H 49 -32.24 19.98 -27.79
C ALA H 49 -31.13 18.95 -27.89
N GLU H 50 -30.37 18.97 -28.97
CA GLU H 50 -29.33 17.98 -29.16
C GLU H 50 -28.20 18.15 -28.14
N SER H 51 -28.00 19.37 -27.65
CA SER H 51 -26.97 19.59 -26.66
C SER H 51 -27.44 19.30 -25.23
N SER H 52 -28.74 19.27 -24.95
CA SER H 52 -29.09 19.02 -23.55
C SER H 52 -29.85 17.74 -23.26
N THR H 53 -31.08 17.62 -23.76
CA THR H 53 -31.95 16.50 -23.41
C THR H 53 -32.77 16.00 -24.58
N GLY H 54 -32.60 16.57 -25.75
CA GLY H 54 -33.44 16.24 -26.87
C GLY H 54 -33.14 14.88 -27.47
N THR H 55 -34.11 14.41 -28.25
CA THR H 55 -33.99 13.17 -29.00
C THR H 55 -34.81 13.30 -30.27
N TRP H 56 -34.40 12.56 -31.31
CA TRP H 56 -34.97 12.77 -32.64
C TRP H 56 -36.44 12.36 -32.72
N THR H 57 -36.91 11.49 -31.82
CA THR H 57 -38.30 11.09 -31.78
C THR H 57 -38.76 11.05 -30.33
N THR H 58 -40.05 11.28 -30.13
CA THR H 58 -40.59 11.34 -28.77
C THR H 58 -40.40 10.02 -28.04
N VAL H 59 -39.91 10.08 -26.81
CA VAL H 59 -39.71 8.91 -25.97
C VAL H 59 -40.54 9.06 -24.71
N TRP H 60 -41.12 7.94 -24.26
CA TRP H 60 -42.00 7.96 -23.10
C TRP H 60 -41.24 8.26 -21.81
N THR H 61 -39.96 7.90 -21.74
CA THR H 61 -39.20 8.13 -20.52
C THR H 61 -39.08 9.61 -20.18
N ASP H 62 -39.26 10.49 -21.17
CA ASP H 62 -39.30 11.92 -20.90
C ASP H 62 -40.33 12.25 -19.83
N LEU H 63 -41.44 11.52 -19.82
CA LEU H 63 -42.52 11.82 -18.88
C LEU H 63 -42.24 11.29 -17.49
N LEU H 64 -41.14 10.54 -17.30
CA LEU H 64 -40.75 10.15 -15.96
C LEU H 64 -40.01 11.26 -15.23
N THR H 65 -39.64 12.34 -15.93
CA THR H 65 -38.85 13.40 -15.34
C THR H 65 -39.46 14.74 -15.73
N ASP H 66 -38.86 15.82 -15.21
CA ASP H 66 -39.36 17.18 -15.44
C ASP H 66 -38.56 17.79 -16.58
N LEU H 67 -38.97 17.47 -17.80
CA LEU H 67 -38.32 17.99 -18.98
C LEU H 67 -38.37 19.51 -19.06
N ASP H 68 -39.45 20.12 -18.57
CA ASP H 68 -39.54 21.58 -18.59
C ASP H 68 -38.41 22.22 -17.80
N TYR H 69 -37.90 21.54 -16.79
CA TYR H 69 -36.77 22.09 -16.05
C TYR H 69 -35.43 21.73 -16.66
N TYR H 70 -35.20 20.45 -16.94
CA TYR H 70 -33.86 19.99 -17.28
C TYR H 70 -33.41 20.42 -18.67
N LYS H 71 -34.34 20.71 -19.58
CA LYS H 71 -33.96 20.95 -20.96
C LYS H 71 -33.12 22.21 -21.10
N GLY H 72 -32.23 22.21 -22.09
CA GLY H 72 -31.62 23.44 -22.56
C GLY H 72 -32.56 24.13 -23.53
N ARG H 73 -32.53 25.46 -23.51
CA ARG H 73 -33.49 26.24 -24.28
C ARG H 73 -32.79 27.40 -24.97
N ALA H 74 -33.13 27.62 -26.23
CA ALA H 74 -32.69 28.82 -26.93
C ALA H 74 -33.62 29.96 -26.56
N TYR H 75 -33.06 31.05 -26.08
CA TYR H 75 -33.86 32.18 -25.60
C TYR H 75 -33.64 33.47 -26.38
N ALA H 76 -32.70 33.49 -27.32
CA ALA H 76 -32.45 34.70 -28.07
C ALA H 76 -31.75 34.36 -29.37
N ILE H 77 -32.07 35.11 -30.42
CA ILE H 77 -31.40 35.04 -31.70
C ILE H 77 -31.03 36.45 -32.13
N GLU H 78 -29.78 36.63 -32.55
CA GLU H 78 -29.29 37.91 -33.03
C GLU H 78 -28.62 37.73 -34.39
N ASP H 79 -28.51 38.83 -35.12
CA ASP H 79 -27.82 38.82 -36.39
C ASP H 79 -26.32 38.97 -36.16
N VAL H 80 -25.52 38.24 -36.93
CA VAL H 80 -24.07 38.40 -36.90
C VAL H 80 -23.73 39.68 -37.65
N PRO H 81 -23.06 40.64 -37.01
CA PRO H 81 -22.67 41.87 -37.72
C PRO H 81 -21.82 41.58 -38.94
N GLY H 82 -22.25 42.05 -40.11
CA GLY H 82 -21.58 41.70 -41.33
C GLY H 82 -22.23 40.50 -42.01
N ASP H 83 -21.68 39.31 -41.76
CA ASP H 83 -22.14 38.08 -42.40
C ASP H 83 -23.63 37.84 -42.15
N ASP H 84 -24.37 37.52 -43.20
CA ASP H 84 -25.79 37.24 -43.06
C ASP H 84 -26.13 35.77 -43.28
N THR H 85 -25.13 34.92 -43.55
CA THR H 85 -25.39 33.50 -43.71
C THR H 85 -25.52 32.81 -42.35
N CYS H 86 -25.08 33.48 -41.28
CA CYS H 86 -25.10 32.92 -39.95
C CYS H 86 -25.81 33.85 -38.98
N PHE H 87 -26.16 33.32 -37.81
CA PHE H 87 -26.79 34.10 -36.76
C PHE H 87 -26.34 33.57 -35.40
N TYR H 88 -26.40 34.44 -34.40
CA TYR H 88 -26.05 34.07 -33.02
C TYR H 88 -27.29 33.52 -32.34
N ALA H 89 -27.17 32.35 -31.73
CA ALA H 89 -28.21 31.77 -30.91
C ALA H 89 -27.71 31.67 -29.48
N PHE H 90 -28.50 32.13 -28.53
CA PHE H 90 -28.15 32.10 -27.12
C PHE H 90 -28.99 31.02 -26.45
N ILE H 91 -28.33 30.08 -25.81
CA ILE H 91 -28.97 28.92 -25.22
C ILE H 91 -28.61 28.84 -23.75
N ALA H 92 -29.60 28.55 -22.92
CA ALA H 92 -29.41 28.42 -21.48
C ALA H 92 -29.59 26.97 -21.06
N TYR H 93 -28.71 26.50 -20.19
CA TYR H 93 -28.75 25.15 -19.67
C TYR H 93 -28.79 25.24 -18.15
N PRO H 94 -29.71 24.57 -17.50
CA PRO H 94 -29.70 24.56 -16.03
C PRO H 94 -28.43 23.91 -15.51
N ILE H 95 -27.96 24.42 -14.37
CA ILE H 95 -26.72 23.92 -13.79
C ILE H 95 -26.82 22.44 -13.42
N ASP H 96 -28.04 21.94 -13.18
CA ASP H 96 -28.22 20.54 -12.80
C ASP H 96 -27.79 19.58 -13.90
N LEU H 97 -27.71 20.04 -15.14
CA LEU H 97 -27.38 19.13 -16.24
C LEU H 97 -25.95 18.62 -16.19
N PHE H 98 -25.09 19.23 -15.39
CA PHE H 98 -23.66 18.97 -15.48
C PHE H 98 -23.12 18.41 -14.18
N GLU H 99 -22.14 17.52 -14.31
CA GLU H 99 -21.37 17.11 -13.15
C GLU H 99 -20.57 18.29 -12.62
N GLU H 100 -20.60 18.47 -11.30
CA GLU H 100 -19.86 19.55 -10.69
C GLU H 100 -18.36 19.35 -10.89
N GLY H 101 -17.66 20.46 -11.11
CA GLY H 101 -16.21 20.41 -11.23
C GLY H 101 -15.72 19.56 -12.37
N SER H 102 -16.45 19.52 -13.48
CA SER H 102 -16.12 18.67 -14.62
C SER H 102 -16.20 19.50 -15.89
N VAL H 103 -15.09 20.12 -16.29
CA VAL H 103 -15.05 20.75 -17.61
C VAL H 103 -15.21 19.69 -18.69
N VAL H 104 -14.82 18.45 -18.41
CA VAL H 104 -15.03 17.37 -19.36
C VAL H 104 -16.52 17.23 -19.67
N ASN H 105 -17.35 17.21 -18.62
CA ASN H 105 -18.78 17.01 -18.81
C ASN H 105 -19.42 18.19 -19.53
N VAL H 106 -19.09 19.41 -19.10
CA VAL H 106 -19.70 20.60 -19.73
C VAL H 106 -19.30 20.66 -21.19
N PHE H 107 -18.02 20.40 -21.47
CA PHE H 107 -17.52 20.42 -22.83
C PHE H 107 -18.21 19.36 -23.68
N THR H 108 -18.32 18.13 -23.15
CA THR H 108 -18.97 17.06 -23.89
C THR H 108 -20.42 17.40 -24.17
N SER H 109 -21.11 17.98 -23.19
CA SER H 109 -22.51 18.33 -23.38
C SER H 109 -22.67 19.41 -24.45
N LEU H 110 -21.81 20.42 -24.43
CA LEU H 110 -21.98 21.55 -25.34
C LEU H 110 -21.56 21.20 -26.76
N VAL H 111 -20.44 20.51 -26.93
CA VAL H 111 -19.85 20.31 -28.25
C VAL H 111 -19.87 18.85 -28.68
N GLY H 112 -20.54 17.99 -27.92
CA GLY H 112 -20.44 16.56 -28.18
C GLY H 112 -20.99 16.14 -29.53
N ASN H 113 -22.19 16.60 -29.87
CA ASN H 113 -22.82 16.12 -31.08
C ASN H 113 -23.50 17.17 -31.94
N VAL H 114 -23.69 18.40 -31.45
CA VAL H 114 -24.43 19.40 -32.22
C VAL H 114 -23.65 19.87 -33.44
N PHE H 115 -22.32 19.74 -33.44
CA PHE H 115 -21.55 20.24 -34.58
C PHE H 115 -21.73 19.39 -35.83
N GLY H 116 -22.19 18.16 -35.69
CA GLY H 116 -22.49 17.32 -36.82
C GLY H 116 -23.95 17.24 -37.18
N PHE H 117 -24.80 18.07 -36.60
CA PHE H 117 -26.23 17.99 -36.82
C PHE H 117 -26.56 18.49 -38.22
N LYS H 118 -27.42 17.74 -38.92
CA LYS H 118 -27.72 18.02 -40.32
C LYS H 118 -28.46 19.33 -40.52
N ALA H 119 -29.13 19.85 -39.49
CA ALA H 119 -29.91 21.07 -39.64
C ALA H 119 -29.05 22.31 -39.81
N VAL H 120 -27.74 22.23 -39.56
CA VAL H 120 -26.86 23.36 -39.66
C VAL H 120 -25.76 23.05 -40.66
N ARG H 121 -25.45 24.03 -41.51
CA ARG H 121 -24.29 23.90 -42.38
C ARG H 121 -23.00 23.98 -41.57
N ALA H 122 -22.92 24.94 -40.66
CA ALA H 122 -21.73 25.10 -39.84
C ALA H 122 -22.14 25.62 -38.47
N LEU H 123 -21.26 25.42 -37.49
CA LEU H 123 -21.58 25.79 -36.12
C LEU H 123 -20.29 26.18 -35.43
N ARG H 124 -20.30 27.32 -34.74
CA ARG H 124 -19.16 27.74 -33.97
C ARG H 124 -19.60 28.13 -32.57
N LEU H 125 -19.03 27.49 -31.55
CA LEU H 125 -19.28 27.89 -30.18
C LEU H 125 -18.44 29.13 -29.90
N GLU H 126 -19.11 30.28 -29.77
CA GLU H 126 -18.40 31.55 -29.60
C GLU H 126 -18.06 31.82 -28.15
N ASP H 127 -19.00 31.58 -27.23
CA ASP H 127 -18.77 31.94 -25.84
C ASP H 127 -19.65 31.07 -24.95
N VAL H 128 -19.19 30.86 -23.72
CA VAL H 128 -19.94 30.13 -22.71
C VAL H 128 -19.89 30.92 -21.42
N ARG H 129 -21.05 31.13 -20.80
CA ARG H 129 -21.13 31.78 -19.50
C ARG H 129 -21.13 30.69 -18.44
N PHE H 130 -20.03 30.58 -17.70
CA PHE H 130 -20.00 29.70 -16.55
C PHE H 130 -20.45 30.47 -15.33
N PRO H 131 -21.58 30.11 -14.72
CA PRO H 131 -22.03 30.84 -13.54
C PRO H 131 -21.04 30.66 -12.40
N ILE H 132 -20.98 31.65 -11.51
CA ILE H 132 -20.03 31.59 -10.41
C ILE H 132 -20.27 30.34 -9.58
N ALA H 133 -21.52 29.89 -9.46
CA ALA H 133 -21.81 28.68 -8.71
C ALA H 133 -21.11 27.48 -9.32
N TYR H 134 -21.05 27.39 -10.64
CA TYR H 134 -20.31 26.29 -11.26
C TYR H 134 -18.81 26.53 -11.18
N VAL H 135 -18.38 27.79 -11.33
CA VAL H 135 -16.95 28.09 -11.27
C VAL H 135 -16.36 27.63 -9.95
N MET H 136 -17.08 27.84 -8.86
CA MET H 136 -16.57 27.46 -7.54
C MET H 136 -16.47 25.96 -7.33
N THR H 137 -17.08 25.15 -8.19
CA THR H 137 -16.90 23.70 -8.09
C THR H 137 -15.65 23.21 -8.79
N CYS H 138 -14.99 24.05 -9.58
CA CYS H 138 -13.81 23.67 -10.33
C CYS H 138 -12.55 24.06 -9.59
N ASN H 139 -11.50 23.26 -9.74
CA ASN H 139 -10.26 23.53 -9.01
C ASN H 139 -9.59 24.81 -9.49
N GLY H 140 -9.64 25.08 -10.78
CA GLY H 140 -9.00 26.25 -11.33
C GLY H 140 -7.49 26.10 -11.34
N PRO H 141 -6.77 27.19 -11.59
CA PRO H 141 -5.31 27.13 -11.62
C PRO H 141 -4.76 26.60 -10.31
N PRO H 142 -3.76 25.73 -10.35
CA PRO H 142 -3.18 25.24 -9.09
C PRO H 142 -2.64 26.35 -8.22
N HIS H 143 -2.05 27.38 -8.82
CA HIS H 143 -1.50 28.46 -8.02
C HIS H 143 -2.00 29.85 -8.44
N GLY H 144 -2.01 30.13 -9.74
CA GLY H 144 -2.41 31.43 -10.21
C GLY H 144 -1.26 32.43 -10.20
N ILE H 145 -1.54 33.63 -10.72
CA ILE H 145 -0.49 34.59 -11.03
C ILE H 145 0.23 35.03 -9.76
N GLN H 146 -0.52 35.44 -8.74
CA GLN H 146 0.11 36.02 -7.56
C GLN H 146 0.90 34.98 -6.79
N VAL H 147 0.32 33.80 -6.61
CA VAL H 147 1.03 32.73 -5.90
C VAL H 147 2.29 32.35 -6.66
N GLU H 148 2.20 32.29 -7.99
CA GLU H 148 3.38 31.94 -8.79
C GLU H 148 4.46 32.99 -8.66
N ARG H 149 4.09 34.28 -8.69
CA ARG H 149 5.10 35.33 -8.53
C ARG H 149 5.75 35.24 -7.16
N ASP H 150 4.97 34.91 -6.13
CA ASP H 150 5.53 34.74 -4.80
C ASP H 150 6.49 33.55 -4.75
N ILE H 151 6.12 32.44 -5.40
CA ILE H 151 6.97 31.26 -5.42
C ILE H 151 8.29 31.56 -6.13
N LEU H 152 8.20 32.21 -7.29
CA LEU H 152 9.37 32.49 -8.10
C LEU H 152 10.12 33.73 -7.67
N ASN H 153 9.52 34.55 -6.80
CA ASN H 153 10.13 35.79 -6.34
C ASN H 153 10.45 36.71 -7.52
N LYS H 154 9.50 36.85 -8.43
CA LYS H 154 9.66 37.69 -9.62
C LYS H 154 8.48 38.64 -9.72
N TYR H 155 8.77 39.93 -9.76
CA TYR H 155 7.72 40.95 -9.70
C TYR H 155 8.03 42.07 -10.68
N GLY H 156 6.98 42.77 -11.09
CA GLY H 156 7.12 44.01 -11.80
C GLY H 156 7.49 43.89 -13.27
N ARG H 157 7.41 42.70 -13.85
CA ARG H 157 7.77 42.51 -15.24
C ARG H 157 7.17 41.21 -15.73
N PRO H 158 6.99 41.06 -17.03
CA PRO H 158 6.68 39.75 -17.58
C PRO H 158 7.84 38.79 -17.35
N LEU H 159 7.51 37.51 -17.25
CA LEU H 159 8.54 36.50 -17.20
C LEU H 159 9.02 36.18 -18.61
N LEU H 160 10.25 35.70 -18.72
CA LEU H 160 10.86 35.38 -19.99
C LEU H 160 11.12 33.89 -20.08
N GLY H 161 10.71 33.29 -21.19
CA GLY H 161 10.90 31.88 -21.42
C GLY H 161 11.48 31.63 -22.80
N CYS H 162 11.71 30.35 -23.07
CA CYS H 162 12.33 29.95 -24.32
C CYS H 162 12.15 28.45 -24.53
N THR H 163 11.54 28.08 -25.65
CA THR H 163 11.47 26.68 -26.01
C THR H 163 12.79 26.24 -26.60
N ILE H 164 13.32 25.12 -26.13
CA ILE H 164 14.57 24.59 -26.66
C ILE H 164 14.32 24.08 -28.07
N LYS H 165 15.18 24.48 -29.00
CA LYS H 165 15.13 24.05 -30.38
C LYS H 165 16.45 23.37 -30.75
N PRO H 166 16.45 22.43 -31.70
CA PRO H 166 15.32 21.94 -32.50
C PRO H 166 14.27 21.23 -31.67
N LYS H 167 13.03 21.20 -32.15
CA LYS H 167 11.95 20.59 -31.36
C LYS H 167 12.29 19.17 -30.96
N LEU H 168 12.91 18.41 -31.85
CA LEU H 168 13.32 17.05 -31.58
C LEU H 168 14.72 16.82 -32.13
N GLY H 169 15.42 15.86 -31.56
CA GLY H 169 16.69 15.41 -32.07
C GLY H 169 17.87 15.57 -31.12
N LEU H 170 17.72 16.34 -30.05
CA LEU H 170 18.83 16.56 -29.13
C LEU H 170 18.89 15.45 -28.08
N SER H 171 20.10 15.05 -27.72
CA SER H 171 20.28 14.14 -26.60
C SER H 171 20.01 14.90 -25.30
N ALA H 172 19.81 14.14 -24.22
CA ALA H 172 19.46 14.75 -22.95
C ALA H 172 20.54 15.71 -22.48
N LYS H 173 21.82 15.33 -22.60
CA LYS H 173 22.88 16.19 -22.12
C LYS H 173 23.01 17.45 -22.96
N ASN H 174 22.91 17.32 -24.29
CA ASN H 174 22.96 18.51 -25.14
C ASN H 174 21.75 19.40 -24.88
N TYR H 175 20.59 18.79 -24.70
CA TYR H 175 19.40 19.53 -24.31
C TYR H 175 19.63 20.33 -23.04
N GLY H 176 20.19 19.68 -22.02
CA GLY H 176 20.48 20.36 -20.78
C GLY H 176 21.50 21.46 -20.93
N ARG H 177 22.48 21.27 -21.82
CA ARG H 177 23.46 22.33 -22.08
C ARG H 177 22.77 23.55 -22.67
N ALA H 178 21.88 23.34 -23.63
CA ALA H 178 21.12 24.45 -24.20
C ALA H 178 20.29 25.14 -23.12
N VAL H 179 19.65 24.35 -22.27
CA VAL H 179 18.84 24.91 -21.18
C VAL H 179 19.70 25.76 -20.27
N TYR H 180 20.88 25.25 -19.92
CA TYR H 180 21.77 25.97 -19.02
C TYR H 180 22.20 27.30 -19.62
N GLU H 181 22.57 27.29 -20.90
CA GLU H 181 23.01 28.53 -21.53
C GLU H 181 21.88 29.55 -21.57
N CYS H 182 20.66 29.13 -21.94
CA CYS H 182 19.54 30.04 -21.94
C CYS H 182 19.28 30.62 -20.56
N LEU H 183 19.23 29.75 -19.54
CA LEU H 183 18.89 30.22 -18.20
C LEU H 183 19.97 31.14 -17.63
N ARG H 184 21.23 30.80 -17.84
CA ARG H 184 22.31 31.66 -17.36
C ARG H 184 22.35 32.99 -18.10
N GLY H 185 21.80 33.04 -19.32
CA GLY H 185 21.76 34.31 -20.02
C GLY H 185 20.80 35.32 -19.45
N GLY H 186 19.78 34.88 -18.72
CA GLY H 186 18.86 35.82 -18.10
C GLY H 186 17.40 35.46 -18.23
N LEU H 187 17.10 34.37 -18.91
CA LEU H 187 15.71 33.93 -19.01
C LEU H 187 15.26 33.34 -17.68
N ASP H 188 13.97 33.51 -17.39
CA ASP H 188 13.38 32.88 -16.22
C ASP H 188 13.11 31.40 -16.46
N PHE H 189 12.67 31.06 -17.66
CA PHE H 189 12.19 29.72 -17.96
C PHE H 189 12.81 29.23 -19.26
N THR H 190 12.97 27.92 -19.34
CA THR H 190 13.08 27.23 -20.61
C THR H 190 11.91 26.26 -20.71
N LYS H 191 11.73 25.68 -21.89
CA LYS H 191 10.50 24.95 -22.13
C LYS H 191 10.78 23.75 -23.02
N ASP H 192 10.21 22.61 -22.67
CA ASP H 192 10.14 21.50 -23.60
C ASP H 192 9.19 21.82 -24.73
N ASP H 193 9.53 21.42 -25.94
CA ASP H 193 8.57 21.50 -27.03
C ASP H 193 7.38 20.60 -26.73
N GLU H 194 6.25 20.91 -27.36
CA GLU H 194 5.02 20.18 -27.08
C GLU H 194 5.15 18.70 -27.42
N ASN H 195 5.95 18.35 -28.42
CA ASN H 195 6.10 16.96 -28.80
C ASN H 195 7.30 16.28 -28.18
N VAL H 196 8.02 16.97 -27.29
CA VAL H 196 9.08 16.33 -26.49
C VAL H 196 8.39 15.66 -25.31
N ASN H 197 8.19 14.35 -25.39
CA ASN H 197 7.69 13.61 -24.23
C ASN H 197 8.73 12.59 -23.74
N SER H 198 9.01 11.55 -24.53
CA SER H 198 10.08 10.62 -24.23
C SER H 198 10.41 9.91 -25.54
N GLN H 199 11.46 10.35 -26.18
CA GLN H 199 11.81 9.82 -27.49
C GLN H 199 13.01 8.91 -27.38
N PRO H 200 13.21 8.02 -28.36
CA PRO H 200 14.39 7.14 -28.31
C PRO H 200 15.70 7.90 -28.19
N PHE H 201 15.81 9.07 -28.81
CA PHE H 201 17.04 9.84 -28.70
C PHE H 201 17.16 10.59 -27.40
N MET H 202 16.06 10.78 -26.65
CA MET H 202 16.14 11.46 -25.37
C MET H 202 14.99 10.94 -24.51
N ARG H 203 15.28 9.96 -23.66
CA ARG H 203 14.27 9.45 -22.76
C ARG H 203 13.99 10.46 -21.66
N TRP H 204 12.75 10.45 -21.17
CA TRP H 204 12.28 11.55 -20.35
C TRP H 204 13.07 11.67 -19.06
N ARG H 205 13.43 10.55 -18.43
CA ARG H 205 14.14 10.63 -17.16
C ARG H 205 15.50 11.31 -17.33
N GLN H 206 16.21 10.99 -18.42
CA GLN H 206 17.48 11.65 -18.70
C GLN H 206 17.30 13.14 -18.94
N ARG H 207 16.27 13.51 -19.70
CA ARG H 207 16.01 14.93 -19.93
C ARG H 207 15.72 15.65 -18.62
N PHE H 208 14.90 15.04 -17.77
CA PHE H 208 14.58 15.66 -16.48
C PHE H 208 15.84 15.86 -15.66
N ASP H 209 16.71 14.83 -15.61
CA ASP H 209 17.92 14.92 -14.82
C ASP H 209 18.83 16.03 -15.31
N PHE H 210 19.09 16.07 -16.61
CA PHE H 210 20.04 17.06 -17.11
C PHE H 210 19.45 18.46 -17.10
N VAL H 211 18.14 18.59 -17.26
CA VAL H 211 17.50 19.88 -17.10
C VAL H 211 17.65 20.38 -15.68
N MET H 212 17.49 19.50 -14.69
CA MET H 212 17.65 19.94 -13.30
C MET H 212 19.10 20.32 -13.01
N GLU H 213 20.05 19.59 -13.59
CA GLU H 213 21.44 19.98 -13.46
C GLU H 213 21.67 21.39 -14.02
N ALA H 214 21.12 21.65 -15.20
CA ALA H 214 21.25 22.96 -15.82
C ALA H 214 20.60 24.04 -14.95
N ILE H 215 19.41 23.76 -14.42
CA ILE H 215 18.70 24.73 -13.60
C ILE H 215 19.51 25.07 -12.36
N ASP H 216 20.05 24.06 -11.70
CA ASP H 216 20.84 24.30 -10.50
C ASP H 216 22.06 25.16 -10.82
N LYS H 217 22.77 24.82 -11.90
CA LYS H 217 23.96 25.60 -12.24
C LYS H 217 23.60 27.03 -12.56
N ALA H 218 22.54 27.26 -13.33
CA ALA H 218 22.16 28.61 -13.70
C ALA H 218 21.69 29.41 -12.49
N GLU H 219 20.93 28.78 -11.58
CA GLU H 219 20.49 29.48 -10.39
C GLU H 219 21.66 29.88 -9.51
N ARG H 220 22.64 28.99 -9.36
CA ARG H 220 23.82 29.33 -8.56
C ARG H 220 24.61 30.45 -9.23
N GLU H 221 24.68 30.43 -10.56
CA GLU H 221 25.49 31.41 -11.28
C GLU H 221 24.85 32.80 -11.25
N THR H 222 23.54 32.88 -11.44
CA THR H 222 22.86 34.16 -11.56
C THR H 222 22.24 34.64 -10.25
N GLY H 223 21.98 33.76 -9.30
CA GLY H 223 21.29 34.16 -8.10
C GLY H 223 19.82 34.42 -8.27
N GLU H 224 19.24 34.05 -9.41
CA GLU H 224 17.82 34.20 -9.66
C GLU H 224 17.19 32.82 -9.82
N ARG H 225 15.93 32.71 -9.40
CA ARG H 225 15.23 31.45 -9.53
C ARG H 225 14.96 31.13 -11.00
N LYS H 226 15.17 29.87 -11.37
CA LYS H 226 15.04 29.43 -12.74
C LYS H 226 14.10 28.24 -12.80
N GLY H 227 13.55 28.00 -13.97
CA GLY H 227 12.68 26.86 -14.17
C GLY H 227 12.76 26.38 -15.60
N HIS H 228 12.22 25.18 -15.80
CA HIS H 228 12.11 24.62 -17.14
C HIS H 228 10.83 23.81 -17.16
N TYR H 229 9.92 24.12 -18.08
CA TYR H 229 8.66 23.38 -18.12
C TYR H 229 8.96 21.99 -18.62
N LEU H 230 9.06 21.04 -17.69
CA LEU H 230 9.24 19.65 -18.08
C LEU H 230 7.91 19.09 -18.57
N ASN H 231 7.89 18.64 -19.81
CA ASN H 231 6.66 18.13 -20.40
C ASN H 231 6.35 16.75 -19.83
N VAL H 232 5.22 16.63 -19.15
CA VAL H 232 4.78 15.36 -18.59
C VAL H 232 3.67 14.74 -19.43
N THR H 233 3.34 15.33 -20.57
CA THR H 233 2.37 14.72 -21.47
C THR H 233 2.84 13.32 -21.83
N ALA H 234 1.96 12.35 -21.68
CA ALA H 234 2.36 10.95 -21.66
C ALA H 234 1.27 10.12 -22.30
N PRO H 235 1.57 8.89 -22.71
CA PRO H 235 0.53 8.05 -23.33
C PRO H 235 -0.64 7.76 -22.41
N THR H 236 -0.41 7.59 -21.12
CA THR H 236 -1.42 7.19 -20.16
C THR H 236 -1.35 8.09 -18.94
N PRO H 237 -2.44 8.20 -18.17
CA PRO H 237 -2.38 8.99 -16.94
C PRO H 237 -1.36 8.46 -15.96
N GLU H 238 -1.17 7.15 -15.88
CA GLU H 238 -0.16 6.60 -14.99
C GLU H 238 1.22 7.10 -15.36
N GLU H 239 1.54 7.12 -16.65
CA GLU H 239 2.82 7.63 -17.10
C GLU H 239 2.96 9.13 -16.85
N MET H 240 1.87 9.88 -17.08
CA MET H 240 1.90 11.32 -16.82
C MET H 240 2.18 11.60 -15.35
N TYR H 241 1.50 10.89 -14.46
CA TYR H 241 1.70 11.08 -13.03
C TYR H 241 3.08 10.62 -12.61
N LYS H 242 3.60 9.55 -13.22
CA LYS H 242 4.96 9.11 -12.91
C LYS H 242 5.96 10.20 -13.26
N ARG H 243 5.82 10.80 -14.44
CA ARG H 243 6.75 11.86 -14.83
C ARG H 243 6.59 13.08 -13.95
N ALA H 244 5.37 13.44 -13.59
CA ALA H 244 5.15 14.56 -12.68
C ALA H 244 5.78 14.26 -11.31
N GLU H 245 5.61 13.04 -10.82
CA GLU H 245 6.18 12.68 -9.52
C GLU H 245 7.70 12.74 -9.56
N TYR H 246 8.31 12.29 -10.66
CA TYR H 246 9.76 12.39 -10.74
C TYR H 246 10.21 13.85 -10.81
N ALA H 247 9.47 14.68 -11.54
CA ALA H 247 9.80 16.10 -11.58
C ALA H 247 9.75 16.71 -10.19
N LYS H 248 8.73 16.35 -9.42
CA LYS H 248 8.66 16.80 -8.03
C LYS H 248 9.83 16.27 -7.22
N GLU H 249 10.18 15.01 -7.43
CA GLU H 249 11.24 14.37 -6.66
C GLU H 249 12.58 15.06 -6.86
N ILE H 250 12.88 15.46 -8.10
CA ILE H 250 14.15 16.12 -8.40
C ILE H 250 14.09 17.62 -8.17
N GLY H 251 12.98 18.15 -7.68
CA GLY H 251 12.88 19.55 -7.33
C GLY H 251 12.50 20.48 -8.46
N ALA H 252 11.88 19.97 -9.52
CA ALA H 252 11.45 20.84 -10.61
C ALA H 252 10.33 21.75 -10.13
N PRO H 253 10.46 23.07 -10.33
CA PRO H 253 9.41 23.98 -9.88
C PRO H 253 8.18 24.00 -10.77
N ILE H 254 8.28 23.55 -12.01
CA ILE H 254 7.20 23.73 -12.97
C ILE H 254 7.23 22.59 -13.97
N ILE H 255 6.04 22.15 -14.36
CA ILE H 255 5.88 21.14 -15.39
C ILE H 255 4.92 21.69 -16.45
N MET H 256 4.76 20.92 -17.51
CA MET H 256 4.01 21.37 -18.67
C MET H 256 3.12 20.23 -19.15
N HIS H 257 1.96 20.60 -19.70
CA HIS H 257 1.03 19.61 -20.23
C HIS H 257 0.34 20.20 -21.46
N ASP H 258 0.10 19.34 -22.45
CA ASP H 258 -0.69 19.72 -23.62
C ASP H 258 -2.13 19.35 -23.34
N TYR H 259 -2.94 20.32 -22.94
CA TYR H 259 -4.25 20.01 -22.37
C TYR H 259 -5.29 19.61 -23.40
N ILE H 260 -5.10 19.95 -24.67
CA ILE H 260 -6.05 19.52 -25.68
C ILE H 260 -5.70 18.14 -26.22
N THR H 261 -4.43 17.93 -26.58
CA THR H 261 -4.03 16.63 -27.10
C THR H 261 -3.91 15.60 -25.99
N GLY H 262 -3.36 15.97 -24.84
CA GLY H 262 -3.41 15.09 -23.70
C GLY H 262 -4.84 14.86 -23.22
N GLY H 263 -5.66 15.88 -23.27
CA GLY H 263 -7.06 15.75 -22.94
C GLY H 263 -7.41 16.46 -21.65
N PHE H 264 -8.68 16.85 -21.55
CA PHE H 264 -9.14 17.60 -20.40
C PHE H 264 -9.16 16.77 -19.12
N CYS H 265 -9.44 15.48 -19.24
CA CYS H 265 -9.44 14.61 -18.06
C CYS H 265 -8.05 14.55 -17.44
N ALA H 266 -7.05 14.22 -18.25
CA ALA H 266 -5.68 14.18 -17.76
C ALA H 266 -5.24 15.54 -17.26
N ASN H 267 -5.62 16.61 -17.97
CA ASN H 267 -5.20 17.93 -17.55
C ASN H 267 -5.79 18.32 -16.21
N THR H 268 -7.08 18.05 -16.00
CA THR H 268 -7.69 18.37 -14.72
C THR H 268 -7.06 17.56 -13.60
N GLY H 269 -6.84 16.27 -13.83
CA GLY H 269 -6.14 15.47 -12.84
C GLY H 269 -4.77 16.02 -12.53
N LEU H 270 -4.04 16.45 -13.56
CA LEU H 270 -2.70 16.98 -13.35
C LEU H 270 -2.75 18.31 -12.62
N ALA H 271 -3.75 19.15 -12.89
CA ALA H 271 -3.86 20.42 -12.20
C ALA H 271 -4.13 20.21 -10.72
N GLN H 272 -5.01 19.25 -10.40
CA GLN H 272 -5.23 18.92 -8.99
C GLN H 272 -3.97 18.35 -8.35
N TRP H 273 -3.25 17.51 -9.08
CA TRP H 273 -1.99 16.98 -8.58
C TRP H 273 -0.99 18.10 -8.31
N CYS H 274 -0.91 19.08 -9.21
CA CYS H 274 -0.01 20.21 -9.05
C CYS H 274 -0.38 21.03 -7.83
N ARG H 275 -1.67 21.25 -7.60
CA ARG H 275 -2.10 21.91 -6.37
C ARG H 275 -1.68 21.11 -5.15
N ASN H 276 -1.86 19.79 -5.20
CA ASN H 276 -1.53 18.95 -4.06
C ASN H 276 -0.04 18.83 -3.81
N ASN H 277 0.79 19.12 -4.81
CA ASN H 277 2.23 18.89 -4.71
C ASN H 277 3.05 20.15 -4.90
N GLY H 278 2.40 21.31 -5.03
CA GLY H 278 3.12 22.58 -5.10
C GLY H 278 3.99 22.75 -6.33
N VAL H 279 3.56 22.25 -7.46
CA VAL H 279 4.31 22.35 -8.71
C VAL H 279 3.53 23.24 -9.66
N LEU H 280 4.20 24.21 -10.26
CA LEU H 280 3.54 25.07 -11.23
C LEU H 280 3.21 24.29 -12.49
N LEU H 281 2.13 24.69 -13.16
CA LEU H 281 1.62 23.97 -14.32
C LEU H 281 1.54 24.92 -15.51
N HIS H 282 2.40 24.70 -16.49
CA HIS H 282 2.35 25.44 -17.75
C HIS H 282 1.52 24.65 -18.75
N ILE H 283 0.58 25.30 -19.40
CA ILE H 283 -0.33 24.63 -20.31
C ILE H 283 -0.01 25.05 -21.73
N HIS H 284 0.29 24.08 -22.57
CA HIS H 284 0.48 24.30 -23.99
C HIS H 284 -0.81 23.97 -24.71
N ARG H 285 -1.15 24.79 -25.70
CA ARG H 285 -2.44 24.68 -26.38
C ARG H 285 -2.30 24.02 -27.75
N ALA H 286 -1.44 23.01 -27.86
CA ALA H 286 -1.33 22.27 -29.10
C ALA H 286 -2.69 21.75 -29.54
N MET H 287 -2.94 21.83 -30.85
CA MET H 287 -4.17 21.45 -31.54
C MET H 287 -5.24 22.54 -31.46
N HIS H 288 -5.00 23.65 -30.78
CA HIS H 288 -6.04 24.67 -30.65
C HIS H 288 -6.52 25.15 -32.01
N ALA H 289 -5.60 25.30 -32.97
CA ALA H 289 -5.96 25.83 -34.28
C ALA H 289 -6.86 24.90 -35.07
N VAL H 290 -6.83 23.60 -34.76
CA VAL H 290 -7.80 22.69 -35.38
C VAL H 290 -9.21 23.08 -34.98
N LEU H 291 -9.38 23.53 -33.74
CA LEU H 291 -10.70 23.89 -33.21
C LEU H 291 -11.09 25.33 -33.51
N ASP H 292 -10.17 26.28 -33.38
CA ASP H 292 -10.53 27.68 -33.26
C ASP H 292 -10.23 28.53 -34.49
N ARG H 293 -9.54 27.99 -35.50
CA ARG H 293 -9.12 28.84 -36.61
C ARG H 293 -10.29 29.20 -37.52
N ASN H 294 -11.11 28.23 -37.86
CA ASN H 294 -12.18 28.46 -38.82
C ASN H 294 -13.24 29.37 -38.23
N PRO H 295 -13.54 30.53 -38.83
CA PRO H 295 -14.48 31.47 -38.21
C PRO H 295 -15.92 31.01 -38.24
N HIS H 296 -16.26 29.96 -38.98
CA HIS H 296 -17.63 29.51 -39.09
C HIS H 296 -17.87 28.13 -38.49
N HIS H 297 -16.82 27.38 -38.20
CA HIS H 297 -16.99 26.05 -37.63
C HIS H 297 -15.91 25.80 -36.59
N GLY H 298 -16.32 25.28 -35.44
CA GLY H 298 -15.38 24.95 -34.40
C GLY H 298 -15.69 25.60 -33.08
N ILE H 299 -14.69 25.77 -32.24
CA ILE H 299 -14.85 26.34 -30.91
C ILE H 299 -13.89 27.50 -30.79
N HIS H 300 -14.41 28.68 -30.51
CA HIS H 300 -13.56 29.85 -30.39
C HIS H 300 -12.59 29.68 -29.23
N PHE H 301 -11.40 30.25 -29.40
CA PHE H 301 -10.37 30.05 -28.38
C PHE H 301 -10.72 30.69 -27.04
N ARG H 302 -11.65 31.65 -27.00
CA ARG H 302 -12.04 32.18 -25.70
C ARG H 302 -12.76 31.13 -24.86
N VAL H 303 -13.54 30.26 -25.51
CA VAL H 303 -14.15 29.14 -24.80
C VAL H 303 -13.08 28.20 -24.27
N LEU H 304 -12.09 27.88 -25.10
CA LEU H 304 -10.99 27.02 -24.65
C LEU H 304 -10.20 27.68 -23.52
N THR H 305 -10.10 29.01 -23.54
CA THR H 305 -9.43 29.73 -22.46
C THR H 305 -10.20 29.57 -21.15
N LYS H 306 -11.52 29.77 -21.20
CA LYS H 306 -12.32 29.56 -20.00
C LYS H 306 -12.22 28.13 -19.50
N ILE H 307 -12.27 27.17 -20.43
CA ILE H 307 -12.17 25.77 -20.06
C ILE H 307 -10.84 25.48 -19.39
N LEU H 308 -9.76 26.03 -19.94
CA LEU H 308 -8.44 25.78 -19.34
C LEU H 308 -8.35 26.41 -17.96
N ARG H 309 -8.88 27.63 -17.80
CA ARG H 309 -8.81 28.25 -16.49
C ARG H 309 -9.57 27.43 -15.46
N LEU H 310 -10.72 26.88 -15.83
CA LEU H 310 -11.46 26.03 -14.91
C LEU H 310 -10.75 24.72 -14.65
N SER H 311 -10.26 24.08 -15.72
CA SER H 311 -9.57 22.80 -15.58
C SER H 311 -8.28 22.94 -14.78
N GLY H 312 -7.55 24.03 -15.00
CA GLY H 312 -6.39 24.30 -14.21
C GLY H 312 -5.13 24.47 -15.01
N GLY H 313 -4.46 25.59 -14.80
CA GLY H 313 -3.19 25.87 -15.41
C GLY H 313 -2.67 27.17 -14.86
N ASP H 314 -1.37 27.24 -14.57
CA ASP H 314 -0.79 28.49 -14.09
C ASP H 314 -0.35 29.39 -15.23
N HIS H 315 0.00 28.80 -16.37
CA HIS H 315 0.27 29.53 -17.60
C HIS H 315 -0.64 28.98 -18.69
N LEU H 316 -0.97 29.82 -19.66
CA LEU H 316 -1.67 29.33 -20.84
C LEU H 316 -1.18 30.10 -22.05
N HIS H 317 -0.78 29.38 -23.10
CA HIS H 317 -0.45 30.02 -24.35
C HIS H 317 -1.67 30.72 -24.92
N THR H 318 -1.55 32.03 -25.14
CA THR H 318 -2.63 32.83 -25.67
C THR H 318 -2.35 33.35 -27.07
N GLY H 319 -1.21 33.03 -27.65
CA GLY H 319 -0.87 33.48 -28.98
C GLY H 319 -0.26 34.86 -28.98
N THR H 320 0.35 35.20 -30.11
CA THR H 320 0.91 36.53 -30.32
C THR H 320 -0.06 37.38 -31.10
N VAL H 321 -0.15 38.66 -30.72
CA VAL H 321 -1.07 39.59 -31.34
C VAL H 321 -0.50 40.19 -32.63
N VAL H 322 0.82 40.25 -32.77
CA VAL H 322 1.44 40.96 -33.88
C VAL H 322 1.00 40.31 -35.20
N GLY H 323 0.61 41.15 -36.15
CA GLY H 323 0.18 40.67 -37.45
C GLY H 323 -1.28 40.29 -37.54
N LYS H 324 -2.09 40.63 -36.54
CA LYS H 324 -3.50 40.27 -36.53
C LYS H 324 -4.37 41.47 -36.90
N LEU H 325 -5.56 41.19 -37.41
CA LEU H 325 -6.51 42.23 -37.71
C LEU H 325 -7.10 42.80 -36.42
N GLU H 326 -7.83 43.92 -36.57
CA GLU H 326 -8.38 44.59 -35.40
C GLU H 326 -9.37 43.70 -34.66
N GLY H 327 -10.21 42.98 -35.40
CA GLY H 327 -11.11 42.03 -34.76
C GLY H 327 -10.37 40.94 -34.03
N ASP H 328 -9.33 40.40 -34.65
CA ASP H 328 -8.50 39.38 -34.00
C ASP H 328 -7.73 39.97 -32.83
N ARG H 329 -7.21 41.19 -32.98
CA ARG H 329 -6.56 41.88 -31.86
C ARG H 329 -7.51 42.00 -30.67
N GLN H 330 -8.72 42.48 -30.92
CA GLN H 330 -9.69 42.65 -29.83
C GLN H 330 -10.08 41.32 -29.21
N ALA H 331 -10.27 40.29 -30.04
CA ALA H 331 -10.60 38.98 -29.50
C ALA H 331 -9.48 38.45 -28.61
N THR H 332 -8.23 38.65 -29.03
CA THR H 332 -7.11 38.22 -28.23
C THR H 332 -7.05 38.95 -26.89
N LEU H 333 -7.27 40.27 -26.91
CA LEU H 333 -7.31 41.01 -25.66
C LEU H 333 -8.43 40.51 -24.77
N GLY H 334 -9.57 40.17 -25.37
CA GLY H 334 -10.68 39.66 -24.58
C GLY H 334 -10.36 38.34 -23.90
N TRP H 335 -9.78 37.40 -24.63
CA TRP H 335 -9.50 36.13 -23.97
C TRP H 335 -8.31 36.21 -23.03
N ILE H 336 -7.39 37.15 -23.22
CA ILE H 336 -6.38 37.40 -22.21
C ILE H 336 -7.03 37.88 -20.92
N ASP H 337 -8.01 38.79 -21.03
CA ASP H 337 -8.75 39.22 -19.86
C ASP H 337 -9.49 38.06 -19.21
N LEU H 338 -10.11 37.20 -20.03
CA LEU H 338 -10.79 36.03 -19.48
C LEU H 338 -9.83 35.13 -18.74
N LEU H 339 -8.59 35.03 -19.21
CA LEU H 339 -7.60 34.19 -18.55
C LEU H 339 -7.12 34.80 -17.23
N ARG H 340 -7.05 36.12 -17.15
CA ARG H 340 -6.35 36.73 -16.02
C ARG H 340 -7.23 37.49 -15.04
N GLU H 341 -8.39 37.98 -15.46
CA GLU H 341 -9.14 38.89 -14.62
C GLU H 341 -10.15 38.16 -13.73
N SER H 342 -10.53 38.83 -12.65
CA SER H 342 -11.54 38.29 -11.74
C SER H 342 -12.95 38.44 -12.30
N TYR H 343 -13.19 39.47 -13.11
CA TYR H 343 -14.50 39.71 -13.70
C TYR H 343 -14.29 40.33 -15.06
N VAL H 344 -14.96 39.78 -16.07
CA VAL H 344 -14.86 40.27 -17.43
C VAL H 344 -16.26 40.65 -17.90
N LYS H 345 -16.45 41.93 -18.21
CA LYS H 345 -17.75 42.41 -18.64
C LYS H 345 -18.00 42.04 -20.10
N GLU H 346 -19.28 41.94 -20.45
CA GLU H 346 -19.67 41.72 -21.83
C GLU H 346 -19.13 42.83 -22.72
N ASP H 347 -18.56 42.44 -23.86
CA ASP H 347 -17.95 43.39 -24.79
C ASP H 347 -18.05 42.77 -26.18
N ARG H 348 -19.05 43.19 -26.95
CA ARG H 348 -19.28 42.59 -28.27
C ARG H 348 -18.12 42.86 -29.21
N SER H 349 -17.44 43.99 -29.05
CA SER H 349 -16.29 44.30 -29.90
C SER H 349 -15.17 43.29 -29.69
N ARG H 350 -15.07 42.72 -28.49
CA ARG H 350 -14.10 41.69 -28.18
C ARG H 350 -14.64 40.28 -28.37
N GLY H 351 -15.88 40.14 -28.81
CA GLY H 351 -16.50 38.84 -28.91
C GLY H 351 -16.92 38.24 -27.59
N ILE H 352 -16.93 39.03 -26.52
CA ILE H 352 -17.33 38.55 -25.20
C ILE H 352 -18.83 38.76 -25.08
N PHE H 353 -19.60 37.69 -25.25
CA PHE H 353 -21.04 37.80 -25.28
C PHE H 353 -21.67 37.78 -23.89
N PHE H 354 -20.93 37.37 -22.87
CA PHE H 354 -21.47 37.23 -21.53
C PHE H 354 -20.51 37.85 -20.53
N ASP H 355 -21.07 38.39 -19.45
CA ASP H 355 -20.26 38.71 -18.29
C ASP H 355 -19.74 37.40 -17.69
N GLN H 356 -18.45 37.33 -17.43
CA GLN H 356 -17.85 36.15 -16.83
C GLN H 356 -17.30 36.54 -15.46
N ASP H 357 -17.90 35.98 -14.42
CA ASP H 357 -17.43 36.18 -13.06
C ASP H 357 -16.56 34.99 -12.67
N TRP H 358 -15.34 35.29 -12.23
CA TRP H 358 -14.44 34.25 -11.74
C TRP H 358 -14.36 34.19 -10.23
N GLY H 359 -15.00 35.14 -9.54
CA GLY H 359 -14.92 35.15 -8.10
C GLY H 359 -13.48 35.28 -7.65
N ALA H 360 -13.09 34.44 -6.69
CA ALA H 360 -11.75 34.45 -6.16
C ALA H 360 -10.83 33.48 -6.88
N MET H 361 -11.28 32.84 -7.94
CA MET H 361 -10.43 31.92 -8.67
C MET H 361 -9.30 32.71 -9.31
N PRO H 362 -8.04 32.39 -9.03
CA PRO H 362 -6.95 33.19 -9.56
C PRO H 362 -6.84 33.08 -11.06
N GLY H 363 -6.24 34.10 -11.67
CA GLY H 363 -5.94 34.06 -13.08
C GLY H 363 -4.65 33.35 -13.37
N ALA H 364 -4.44 33.05 -14.64
CA ALA H 364 -3.22 32.40 -15.11
C ALA H 364 -2.41 33.38 -15.93
N PHE H 365 -1.10 33.14 -15.98
CA PHE H 365 -0.25 33.92 -16.85
C PHE H 365 -0.64 33.71 -18.31
N ALA H 366 -0.68 34.80 -19.07
CA ALA H 366 -0.84 34.72 -20.51
C ALA H 366 0.53 34.54 -21.13
N VAL H 367 0.65 33.58 -22.03
CA VAL H 367 1.94 33.23 -22.62
C VAL H 367 1.94 33.68 -24.08
N ALA H 368 2.92 34.48 -24.45
CA ALA H 368 3.11 34.91 -25.82
C ALA H 368 4.29 34.16 -26.42
N SER H 369 4.10 33.59 -27.60
CA SER H 369 5.16 32.83 -28.25
C SER H 369 4.88 32.75 -29.73
N GLY H 370 5.90 32.36 -30.48
CA GLY H 370 5.75 32.12 -31.90
C GLY H 370 6.37 33.19 -32.78
N GLY H 371 7.58 32.94 -33.25
CA GLY H 371 8.23 33.82 -34.21
C GLY H 371 8.46 35.22 -33.71
N ILE H 372 8.70 35.41 -32.43
CA ILE H 372 8.91 36.74 -31.87
C ILE H 372 10.38 36.90 -31.52
N HIS H 373 10.84 38.15 -31.54
CA HIS H 373 12.22 38.48 -31.21
C HIS H 373 12.24 39.84 -30.54
N VAL H 374 13.44 40.42 -30.42
CA VAL H 374 13.62 41.61 -29.59
C VAL H 374 12.78 42.77 -30.10
N TRP H 375 12.63 42.89 -31.42
CA TRP H 375 11.85 43.99 -31.98
C TRP H 375 10.38 43.92 -31.57
N HIS H 376 9.90 42.76 -31.16
CA HIS H 376 8.53 42.64 -30.68
C HIS H 376 8.38 43.03 -29.22
N MET H 377 9.48 43.22 -28.49
CA MET H 377 9.41 43.52 -27.06
C MET H 377 8.48 44.68 -26.72
N PRO H 378 8.54 45.83 -27.39
CA PRO H 378 7.62 46.92 -27.03
C PRO H 378 6.16 46.52 -27.11
N ALA H 379 5.73 46.08 -28.30
CA ALA H 379 4.34 45.70 -28.51
C ALA H 379 3.89 44.69 -27.46
N LEU H 380 4.65 43.61 -27.29
CA LEU H 380 4.31 42.60 -26.31
C LEU H 380 4.09 43.23 -24.94
N VAL H 381 5.04 44.06 -24.49
CA VAL H 381 4.91 44.66 -23.17
C VAL H 381 3.66 45.52 -23.10
N THR H 382 3.35 46.22 -24.19
CA THR H 382 2.14 47.02 -24.23
C THR H 382 0.89 46.15 -24.20
N ILE H 383 0.91 45.03 -24.91
CA ILE H 383 -0.31 44.26 -25.10
C ILE H 383 -0.58 43.39 -23.87
N PHE H 384 0.43 42.68 -23.39
CA PHE H 384 0.23 41.70 -22.35
C PHE H 384 0.39 42.27 -20.94
N GLY H 385 1.18 43.31 -20.78
CA GLY H 385 1.38 43.81 -19.44
C GLY H 385 2.31 42.89 -18.64
N ASP H 386 2.31 43.10 -17.33
CA ASP H 386 3.26 42.40 -16.46
C ASP H 386 2.92 40.93 -16.32
N ASP H 387 1.63 40.59 -16.23
CA ASP H 387 1.24 39.22 -15.87
C ASP H 387 1.23 38.34 -17.13
N SER H 388 2.41 38.14 -17.68
CA SER H 388 2.55 37.37 -18.91
C SER H 388 3.90 36.70 -18.92
N VAL H 389 4.01 35.67 -19.75
CA VAL H 389 5.28 35.02 -20.05
C VAL H 389 5.53 35.19 -21.54
N LEU H 390 6.67 35.78 -21.88
CA LEU H 390 7.06 35.99 -23.26
C LEU H 390 8.10 34.93 -23.61
N GLN H 391 7.80 34.08 -24.59
CA GLN H 391 8.66 32.97 -24.92
C GLN H 391 9.35 33.21 -26.26
N PHE H 392 10.67 33.16 -26.24
CA PHE H 392 11.50 33.38 -27.41
C PHE H 392 12.30 32.11 -27.65
N GLY H 393 11.71 31.17 -28.39
CA GLY H 393 12.44 29.97 -28.75
C GLY H 393 13.53 30.25 -29.76
N GLY H 394 13.14 30.52 -31.01
CA GLY H 394 14.11 30.89 -32.01
C GLY H 394 14.82 32.19 -31.71
N GLY H 395 14.12 33.13 -31.07
CA GLY H 395 14.70 34.42 -30.73
C GLY H 395 15.85 34.34 -29.75
N THR H 396 16.00 33.22 -29.06
CA THR H 396 17.11 33.02 -28.13
C THR H 396 18.16 32.07 -28.70
N LEU H 397 17.75 30.88 -29.16
CA LEU H 397 18.68 29.94 -29.75
C LEU H 397 19.24 30.44 -31.08
N GLY H 398 18.53 31.32 -31.78
CA GLY H 398 18.95 31.85 -33.04
C GLY H 398 19.84 33.06 -32.97
N HIS H 399 20.23 33.48 -31.77
CA HIS H 399 21.18 34.57 -31.64
C HIS H 399 22.53 34.15 -32.20
N PRO H 400 23.22 35.04 -32.92
CA PRO H 400 24.51 34.65 -33.51
C PRO H 400 25.58 34.27 -32.50
N TRP H 401 25.45 34.69 -31.25
CA TRP H 401 26.45 34.40 -30.23
C TRP H 401 26.03 33.28 -29.28
N GLY H 402 24.91 32.62 -29.55
CA GLY H 402 24.49 31.49 -28.75
C GLY H 402 23.37 31.85 -27.78
N ASN H 403 23.03 30.86 -26.95
CA ASN H 403 21.86 30.96 -26.10
C ASN H 403 22.02 32.00 -25.00
N ALA H 404 23.20 32.03 -24.36
CA ALA H 404 23.38 32.96 -23.25
C ALA H 404 23.29 34.41 -23.72
N ALA H 405 23.92 34.72 -24.85
CA ALA H 405 23.86 36.07 -25.39
C ALA H 405 22.44 36.41 -25.84
N GLY H 406 21.75 35.48 -26.48
CA GLY H 406 20.38 35.75 -26.90
C GLY H 406 19.45 35.96 -25.73
N ALA H 407 19.62 35.16 -24.68
CA ALA H 407 18.85 35.34 -23.46
C ALA H 407 19.12 36.70 -22.83
N CYS H 408 20.40 37.09 -22.78
CA CYS H 408 20.74 38.40 -22.23
C CYS H 408 20.13 39.51 -23.07
N ALA H 409 20.16 39.37 -24.39
CA ALA H 409 19.56 40.38 -25.26
C ALA H 409 18.07 40.51 -25.01
N ASN H 410 17.37 39.38 -24.92
CA ASN H 410 15.93 39.42 -24.65
C ASN H 410 15.65 40.02 -23.28
N ARG H 411 16.46 39.66 -22.28
CA ARG H 411 16.25 40.20 -20.93
C ARG H 411 16.49 41.70 -20.89
N VAL H 412 17.55 42.17 -21.56
CA VAL H 412 17.83 43.60 -21.60
C VAL H 412 16.72 44.33 -22.34
N ALA H 413 16.25 43.78 -23.45
CA ALA H 413 15.16 44.42 -24.18
C ALA H 413 13.91 44.52 -23.31
N LEU H 414 13.58 43.43 -22.62
CA LEU H 414 12.39 43.45 -21.77
C LEU H 414 12.53 44.47 -20.65
N GLU H 415 13.70 44.49 -20.00
CA GLU H 415 13.87 45.39 -18.86
C GLU H 415 13.91 46.84 -19.31
N ALA H 416 14.49 47.11 -20.47
CA ALA H 416 14.48 48.46 -21.02
C ALA H 416 13.06 48.90 -21.35
N CYS H 417 12.28 48.02 -21.98
CA CYS H 417 10.89 48.35 -22.28
C CYS H 417 10.10 48.59 -21.00
N ILE H 418 10.32 47.75 -19.98
CA ILE H 418 9.58 47.91 -18.73
C ILE H 418 9.96 49.21 -18.04
N GLU H 419 11.25 49.53 -17.98
CA GLU H 419 11.66 50.77 -17.34
C GLU H 419 11.12 51.98 -18.08
N ALA H 420 11.17 51.95 -19.42
CA ALA H 420 10.63 53.05 -20.20
C ALA H 420 9.13 53.19 -19.99
N ARG H 421 8.40 52.06 -19.92
CA ARG H 421 6.97 52.11 -19.65
C ARG H 421 6.69 52.71 -18.28
N ASN H 422 7.46 52.29 -17.27
CA ASN H 422 7.30 52.85 -15.93
C ASN H 422 7.59 54.34 -15.91
N GLN H 423 8.53 54.80 -16.74
CA GLN H 423 8.84 56.21 -16.82
C GLN H 423 7.80 57.01 -17.58
N GLY H 424 6.83 56.35 -18.22
CA GLY H 424 5.77 57.04 -18.93
C GLY H 424 5.95 57.14 -20.42
N ILE H 425 7.02 56.57 -20.96
CA ILE H 425 7.26 56.62 -22.41
C ILE H 425 6.17 55.82 -23.12
N PRO H 426 5.65 56.28 -24.26
CA PRO H 426 4.78 55.41 -25.07
C PRO H 426 5.60 54.35 -25.79
N ILE H 427 5.58 53.13 -25.26
CA ILE H 427 6.54 52.11 -25.68
C ILE H 427 6.25 51.59 -27.08
N GLU H 428 4.98 51.36 -27.41
CA GLU H 428 4.70 50.84 -28.74
C GLU H 428 4.92 51.88 -29.83
N LYS H 429 4.74 53.16 -29.50
CA LYS H 429 4.97 54.22 -30.48
C LYS H 429 6.45 54.39 -30.77
N GLU H 430 7.27 54.49 -29.73
CA GLU H 430 8.71 54.63 -29.87
C GLU H 430 9.38 53.44 -29.20
N GLY H 431 9.37 52.31 -29.88
CA GLY H 431 10.03 51.13 -29.38
C GLY H 431 11.44 51.06 -29.92
N LYS H 432 11.61 51.56 -31.14
CA LYS H 432 12.92 51.54 -31.77
C LYS H 432 13.93 52.35 -30.98
N GLU H 433 13.56 53.55 -30.52
CA GLU H 433 14.51 54.36 -29.78
C GLU H 433 14.79 53.80 -28.39
N VAL H 434 13.79 53.24 -27.72
CA VAL H 434 14.03 52.60 -26.43
C VAL H 434 15.00 51.44 -26.60
N LEU H 435 14.76 50.60 -27.61
CA LEU H 435 15.63 49.46 -27.85
C LEU H 435 17.03 49.91 -28.25
N THR H 436 17.15 50.97 -29.04
CA THR H 436 18.45 51.46 -29.46
C THR H 436 19.24 52.02 -28.28
N LYS H 437 18.58 52.80 -27.42
CA LYS H 437 19.24 53.31 -26.23
C LYS H 437 19.70 52.17 -25.33
N ALA H 438 18.87 51.12 -25.21
CA ALA H 438 19.29 49.95 -24.44
C ALA H 438 20.48 49.26 -25.09
N ALA H 439 20.44 49.09 -26.41
CA ALA H 439 21.50 48.40 -27.13
C ALA H 439 22.81 49.16 -27.07
N ALA H 440 22.76 50.46 -26.80
CA ALA H 440 24.00 51.21 -26.59
C ALA H 440 24.84 50.62 -25.47
N HIS H 441 24.21 49.97 -24.48
CA HIS H 441 24.92 49.37 -23.37
C HIS H 441 24.95 47.84 -23.42
N SER H 442 24.31 47.23 -24.42
CA SER H 442 24.23 45.77 -24.50
C SER H 442 24.63 45.31 -25.90
N PRO H 443 25.87 44.86 -26.09
CA PRO H 443 26.27 44.32 -27.40
C PRO H 443 25.41 43.15 -27.86
N GLU H 444 25.00 42.30 -26.91
CA GLU H 444 24.11 41.19 -27.26
C GLU H 444 22.82 41.71 -27.88
N LEU H 445 22.23 42.72 -27.25
CA LEU H 445 20.99 43.29 -27.80
C LEU H 445 21.23 43.96 -29.14
N LYS H 446 22.37 44.64 -29.30
CA LYS H 446 22.66 45.30 -30.57
C LYS H 446 22.72 44.29 -31.70
N ILE H 447 23.49 43.22 -31.52
CA ILE H 447 23.61 42.24 -32.60
C ILE H 447 22.32 41.46 -32.78
N ALA H 448 21.53 41.29 -31.70
CA ALA H 448 20.21 40.68 -31.86
C ALA H 448 19.32 41.55 -32.72
N MET H 449 19.33 42.86 -32.50
CA MET H 449 18.53 43.77 -33.31
C MET H 449 18.99 43.74 -34.77
N GLU H 450 20.30 43.56 -34.98
CA GLU H 450 20.79 43.42 -36.36
C GLU H 450 20.39 42.09 -36.97
N THR H 451 20.20 41.05 -36.15
CA THR H 451 19.94 39.71 -36.69
C THR H 451 18.56 39.62 -37.32
N TRP H 452 17.54 40.18 -36.66
CA TRP H 452 16.17 40.08 -37.14
C TRP H 452 15.66 41.47 -37.49
N LYS H 453 14.81 41.53 -38.52
CA LYS H 453 14.39 42.81 -39.07
C LYS H 453 13.39 43.51 -38.15
N GLU H 454 13.37 44.83 -38.25
CA GLU H 454 12.42 45.63 -37.50
C GLU H 454 10.99 45.29 -37.93
N ILE H 455 10.07 45.39 -36.98
CA ILE H 455 8.66 45.09 -37.20
C ILE H 455 7.86 46.38 -37.06
N LYS H 456 7.04 46.68 -38.05
CA LYS H 456 6.15 47.84 -38.05
C LYS H 456 6.92 49.14 -37.84
N LYS I 1 -9.22 -27.89 -45.64
CA LYS I 1 -9.22 -29.34 -45.83
C LYS I 1 -9.99 -30.05 -44.73
N THR I 2 -9.88 -31.38 -44.72
CA THR I 2 -10.63 -32.22 -43.81
C THR I 2 -9.69 -32.84 -42.78
N TYR I 3 -10.29 -33.47 -41.77
CA TYR I 3 -9.53 -34.09 -40.70
C TYR I 3 -9.27 -35.55 -41.03
N SER I 4 -7.98 -35.92 -41.08
CA SER I 4 -7.57 -37.31 -41.25
C SER I 4 -6.53 -37.63 -40.19
N ALA I 5 -6.93 -38.44 -39.21
CA ALA I 5 -6.03 -38.78 -38.11
C ALA I 5 -4.86 -39.63 -38.62
N GLY I 6 -3.76 -39.55 -37.90
CA GLY I 6 -2.58 -40.34 -38.22
C GLY I 6 -1.34 -39.47 -38.39
N VAL I 7 -0.21 -40.15 -38.45
CA VAL I 7 1.09 -39.50 -38.55
C VAL I 7 1.38 -39.18 -40.02
N LYS I 8 1.83 -37.96 -40.28
CA LYS I 8 2.24 -37.54 -41.62
C LYS I 8 3.60 -36.87 -41.55
N GLU I 9 4.26 -36.82 -42.71
CA GLU I 9 5.57 -36.20 -42.81
C GLU I 9 5.45 -34.69 -42.63
N TYR I 10 6.51 -34.10 -42.09
CA TYR I 10 6.58 -32.65 -41.93
C TYR I 10 6.93 -31.91 -43.21
N ARG I 11 7.47 -32.60 -44.22
CA ARG I 11 8.03 -31.92 -45.37
C ARG I 11 6.96 -31.26 -46.23
N GLU I 12 5.80 -31.90 -46.40
CA GLU I 12 4.82 -31.37 -47.34
C GLU I 12 4.18 -30.08 -46.85
N THR I 13 4.14 -29.84 -45.55
CA THR I 13 3.51 -28.65 -45.00
C THR I 13 4.53 -27.59 -44.57
N TYR I 14 5.61 -28.00 -43.90
CA TYR I 14 6.52 -27.07 -43.27
C TYR I 14 7.77 -26.79 -44.09
N TRP I 15 7.84 -27.30 -45.32
CA TRP I 15 8.95 -27.00 -46.22
C TRP I 15 8.39 -26.25 -47.43
N MET I 16 8.69 -24.96 -47.52
CA MET I 16 8.19 -24.09 -48.58
C MET I 16 9.37 -23.38 -49.23
N PRO I 17 10.06 -24.04 -50.17
CA PRO I 17 11.24 -23.42 -50.79
C PRO I 17 10.95 -22.15 -51.56
N ASN I 18 9.70 -21.91 -51.96
CA ASN I 18 9.34 -20.71 -52.69
C ASN I 18 8.82 -19.59 -51.80
N TYR I 19 8.79 -19.79 -50.49
CA TYR I 19 8.31 -18.76 -49.59
C TYR I 19 9.28 -17.59 -49.55
N THR I 20 8.76 -16.38 -49.67
CA THR I 20 9.56 -15.18 -49.54
C THR I 20 9.32 -14.60 -48.15
N PRO I 21 10.35 -14.49 -47.31
CA PRO I 21 10.13 -13.98 -45.96
C PRO I 21 9.54 -12.58 -45.97
N LYS I 22 8.59 -12.36 -45.07
CA LYS I 22 8.01 -11.04 -44.91
C LYS I 22 8.92 -10.16 -44.06
N ASP I 23 8.74 -8.85 -44.18
CA ASP I 23 9.54 -7.93 -43.40
C ASP I 23 9.28 -8.04 -41.91
N THR I 24 8.15 -8.60 -41.51
CA THR I 24 7.83 -8.79 -40.10
C THR I 24 8.15 -10.20 -39.60
N ASP I 25 8.62 -11.09 -40.46
CA ASP I 25 8.91 -12.44 -40.03
C ASP I 25 10.13 -12.48 -39.14
N ILE I 26 10.10 -13.36 -38.14
CA ILE I 26 11.31 -13.74 -37.43
C ILE I 26 11.98 -14.85 -38.23
N LEU I 27 13.24 -14.66 -38.58
CA LEU I 27 14.00 -15.64 -39.35
C LEU I 27 15.05 -16.30 -38.47
N ALA I 28 15.23 -17.59 -38.64
CA ALA I 28 16.22 -18.34 -37.89
C ALA I 28 17.08 -19.14 -38.85
N CYS I 29 18.37 -19.22 -38.56
CA CYS I 29 19.30 -20.06 -39.29
C CYS I 29 19.80 -21.16 -38.37
N PHE I 30 19.44 -22.40 -38.68
CA PHE I 30 19.83 -23.56 -37.91
C PHE I 30 20.89 -24.33 -38.69
N LYS I 31 22.02 -24.63 -38.05
CA LYS I 31 22.98 -25.57 -38.61
C LYS I 31 22.57 -26.96 -38.17
N ILE I 32 22.07 -27.77 -39.10
CA ILE I 32 21.46 -29.05 -38.80
C ILE I 32 22.43 -30.16 -39.15
N THR I 33 22.74 -31.01 -38.17
CA THR I 33 23.44 -32.25 -38.41
C THR I 33 22.39 -33.36 -38.42
N PRO I 34 21.88 -33.76 -39.58
CA PRO I 34 20.73 -34.67 -39.60
C PRO I 34 21.11 -36.10 -39.22
N GLN I 35 20.14 -36.80 -38.68
CA GLN I 35 20.27 -38.23 -38.43
C GLN I 35 20.41 -38.97 -39.77
N PRO I 36 21.29 -39.96 -39.86
CA PRO I 36 21.51 -40.63 -41.14
C PRO I 36 20.22 -41.23 -41.69
N GLY I 37 20.03 -41.07 -43.00
CA GLY I 37 18.84 -41.53 -43.67
C GLY I 37 17.74 -40.49 -43.78
N VAL I 38 17.78 -39.45 -42.98
CA VAL I 38 16.77 -38.39 -43.00
C VAL I 38 17.17 -37.37 -44.05
N PRO I 39 16.33 -37.10 -45.05
CA PRO I 39 16.68 -36.09 -46.05
C PRO I 39 16.73 -34.70 -45.45
N ARG I 40 17.47 -33.81 -46.11
CA ARG I 40 17.68 -32.47 -45.58
C ARG I 40 16.37 -31.72 -45.43
N GLU I 41 15.50 -31.80 -46.44
CA GLU I 41 14.23 -31.06 -46.40
C GLU I 41 13.36 -31.56 -45.26
N GLU I 42 13.34 -32.87 -45.03
CA GLU I 42 12.59 -33.40 -43.90
C GLU I 42 13.15 -32.91 -42.58
N ALA I 43 14.47 -32.85 -42.45
CA ALA I 43 15.08 -32.35 -41.23
C ALA I 43 14.76 -30.88 -41.02
N ALA I 44 14.91 -30.08 -42.08
CA ALA I 44 14.60 -28.66 -41.98
C ALA I 44 13.12 -28.44 -41.67
N ALA I 45 12.24 -29.18 -42.33
CA ALA I 45 10.81 -29.04 -42.08
C ALA I 45 10.44 -29.52 -40.69
N ALA I 46 11.13 -30.54 -40.18
CA ALA I 46 10.87 -31.00 -38.83
C ALA I 46 11.25 -29.94 -37.81
N VAL I 47 12.37 -29.25 -38.02
CA VAL I 47 12.77 -28.18 -37.11
C VAL I 47 11.76 -27.04 -37.15
N ALA I 48 11.29 -26.70 -38.36
CA ALA I 48 10.28 -25.65 -38.49
C ALA I 48 8.99 -26.05 -37.80
N ALA I 49 8.56 -27.30 -37.97
CA ALA I 49 7.28 -27.74 -37.41
C ALA I 49 7.32 -27.77 -35.89
N GLU I 50 8.34 -28.39 -35.31
CA GLU I 50 8.37 -28.58 -33.88
C GLU I 50 8.56 -27.26 -33.13
N SER I 51 9.14 -26.27 -33.81
CA SER I 51 9.39 -24.99 -33.17
C SER I 51 8.22 -24.03 -33.28
N SER I 52 7.25 -24.26 -34.16
CA SER I 52 6.18 -23.28 -34.27
C SER I 52 4.79 -23.81 -33.93
N THR I 53 4.26 -24.74 -34.73
CA THR I 53 2.88 -25.19 -34.58
C THR I 53 2.74 -26.68 -34.83
N GLY I 54 3.82 -27.39 -35.09
CA GLY I 54 3.72 -28.77 -35.49
C GLY I 54 3.42 -29.70 -34.33
N THR I 55 2.98 -30.90 -34.70
CA THR I 55 2.72 -31.97 -33.75
C THR I 55 2.98 -33.29 -34.45
N TRP I 56 3.34 -34.31 -33.65
CA TRP I 56 3.82 -35.56 -34.23
C TRP I 56 2.74 -36.32 -34.99
N THR I 57 1.46 -36.05 -34.70
CA THR I 57 0.35 -36.69 -35.41
C THR I 57 -0.71 -35.65 -35.70
N THR I 58 -1.47 -35.86 -36.76
CA THR I 58 -2.48 -34.88 -37.16
C THR I 58 -3.54 -34.71 -36.08
N VAL I 59 -3.87 -33.46 -35.78
CA VAL I 59 -4.87 -33.13 -34.78
C VAL I 59 -5.98 -32.32 -35.43
N TRP I 60 -7.22 -32.58 -35.02
CA TRP I 60 -8.37 -31.94 -35.64
C TRP I 60 -8.47 -30.45 -35.29
N THR I 61 -7.90 -30.04 -34.16
CA THR I 61 -7.96 -28.63 -33.78
C THR I 61 -7.13 -27.76 -34.72
N ASP I 62 -6.26 -28.40 -35.52
CA ASP I 62 -5.54 -27.69 -36.57
C ASP I 62 -6.48 -26.93 -37.49
N LEU I 63 -7.63 -27.53 -37.79
CA LEU I 63 -8.55 -26.98 -38.76
C LEU I 63 -9.45 -25.91 -38.17
N LEU I 64 -9.37 -25.67 -36.87
CA LEU I 64 -10.07 -24.53 -36.28
C LEU I 64 -9.33 -23.21 -36.54
N THR I 65 -8.12 -23.27 -37.05
CA THR I 65 -7.31 -22.08 -37.24
C THR I 65 -6.62 -22.14 -38.60
N ASP I 66 -5.90 -21.08 -38.94
CA ASP I 66 -5.25 -20.94 -40.24
C ASP I 66 -3.76 -21.21 -40.07
N LEU I 67 -3.39 -22.50 -40.06
CA LEU I 67 -1.98 -22.80 -39.94
C LEU I 67 -1.20 -22.59 -41.23
N ASP I 68 -1.88 -22.40 -42.36
CA ASP I 68 -1.16 -21.90 -43.53
C ASP I 68 -0.49 -20.57 -43.22
N TYR I 69 -1.08 -19.79 -42.31
CA TYR I 69 -0.46 -18.54 -41.89
C TYR I 69 0.46 -18.73 -40.69
N TYR I 70 -0.03 -19.37 -39.63
CA TYR I 70 0.67 -19.35 -38.36
C TYR I 70 1.93 -20.20 -38.35
N LYS I 71 2.04 -21.21 -39.21
CA LYS I 71 3.14 -22.14 -39.13
C LYS I 71 4.48 -21.47 -39.42
N GLY I 72 5.52 -21.99 -38.79
CA GLY I 72 6.87 -21.70 -39.24
C GLY I 72 7.22 -22.59 -40.42
N ARG I 73 8.02 -22.06 -41.33
CA ARG I 73 8.33 -22.75 -42.57
C ARG I 73 9.80 -22.64 -42.90
N ALA I 74 10.40 -23.76 -43.31
CA ALA I 74 11.74 -23.73 -43.85
C ALA I 74 11.66 -23.32 -45.32
N TYR I 75 12.40 -22.28 -45.69
CA TYR I 75 12.33 -21.74 -47.03
C TYR I 75 13.64 -21.82 -47.79
N ALA I 76 14.72 -22.27 -47.16
CA ALA I 76 16.00 -22.36 -47.84
C ALA I 76 16.89 -23.34 -47.11
N ILE I 77 17.71 -24.05 -47.87
CA ILE I 77 18.74 -24.93 -47.34
C ILE I 77 20.05 -24.60 -48.05
N GLU I 78 21.12 -24.43 -47.29
CA GLU I 78 22.43 -24.18 -47.85
C GLU I 78 23.45 -25.13 -47.25
N ASP I 79 24.53 -25.36 -47.99
CA ASP I 79 25.63 -26.17 -47.51
C ASP I 79 26.51 -25.37 -46.58
N VAL I 80 26.98 -25.99 -45.51
CA VAL I 80 27.94 -25.36 -44.61
C VAL I 80 29.30 -25.37 -45.29
N PRO I 81 29.94 -24.21 -45.48
CA PRO I 81 31.27 -24.20 -46.10
C PRO I 81 32.27 -25.05 -45.33
N GLY I 82 32.90 -26.01 -46.00
CA GLY I 82 33.74 -26.95 -45.30
C GLY I 82 32.99 -28.21 -44.93
N ASP I 83 32.49 -28.28 -43.70
CA ASP I 83 31.81 -29.46 -43.19
C ASP I 83 30.62 -29.84 -44.06
N ASP I 84 30.55 -31.11 -44.44
CA ASP I 84 29.44 -31.61 -45.24
C ASP I 84 28.48 -32.49 -44.44
N THR I 85 28.76 -32.73 -43.16
CA THR I 85 27.84 -33.51 -42.36
C THR I 85 26.66 -32.67 -41.89
N CYS I 86 26.77 -31.34 -41.98
CA CYS I 86 25.72 -30.43 -41.57
C CYS I 86 25.33 -29.50 -42.71
N PHE I 87 24.17 -28.87 -42.56
CA PHE I 87 23.68 -27.89 -43.52
C PHE I 87 22.94 -26.79 -42.79
N TYR I 88 22.82 -25.65 -43.46
CA TYR I 88 22.13 -24.49 -42.92
C TYR I 88 20.66 -24.55 -43.37
N ALA I 89 19.74 -24.45 -42.43
CA ALA I 89 18.33 -24.35 -42.72
C ALA I 89 17.83 -22.98 -42.30
N PHE I 90 17.14 -22.30 -43.20
CA PHE I 90 16.57 -20.98 -42.93
C PHE I 90 15.07 -21.13 -42.76
N ILE I 91 14.57 -20.69 -41.62
CA ILE I 91 13.17 -20.88 -41.26
C ILE I 91 12.56 -19.52 -40.93
N ALA I 92 11.36 -19.28 -41.42
CA ALA I 92 10.65 -18.04 -41.20
C ALA I 92 9.45 -18.29 -40.28
N TYR I 93 9.27 -17.41 -39.30
CA TYR I 93 8.17 -17.50 -38.37
C TYR I 93 7.39 -16.19 -38.44
N PRO I 94 6.07 -16.25 -38.62
CA PRO I 94 5.28 -15.02 -38.59
C PRO I 94 5.36 -14.36 -37.23
N ILE I 95 5.33 -13.03 -37.24
CA ILE I 95 5.46 -12.27 -35.99
C ILE I 95 4.33 -12.58 -35.03
N ASP I 96 3.17 -13.02 -35.53
CA ASP I 96 2.02 -13.29 -34.66
C ASP I 96 2.29 -14.43 -33.69
N LEU I 97 3.27 -15.29 -33.97
CA LEU I 97 3.51 -16.45 -33.12
C LEU I 97 4.04 -16.07 -31.75
N PHE I 98 4.50 -14.85 -31.55
CA PHE I 98 5.26 -14.50 -30.36
C PHE I 98 4.56 -13.41 -29.57
N GLU I 99 4.68 -13.50 -28.24
CA GLU I 99 4.29 -12.40 -27.39
C GLU I 99 5.19 -11.20 -27.65
N GLU I 100 4.58 -10.03 -27.78
CA GLU I 100 5.35 -8.81 -28.02
C GLU I 100 6.24 -8.51 -26.81
N GLY I 101 7.44 -8.02 -27.09
CA GLY I 101 8.35 -7.60 -26.04
C GLY I 101 8.74 -8.72 -25.09
N SER I 102 8.86 -9.94 -25.61
CA SER I 102 9.15 -11.11 -24.78
C SER I 102 10.27 -11.91 -25.45
N VAL I 103 11.52 -11.61 -25.09
CA VAL I 103 12.61 -12.47 -25.53
C VAL I 103 12.46 -13.85 -24.92
N VAL I 104 11.80 -13.95 -23.77
CA VAL I 104 11.54 -15.24 -23.16
C VAL I 104 10.72 -16.10 -24.11
N ASN I 105 9.67 -15.53 -24.69
CA ASN I 105 8.79 -16.29 -25.57
C ASN I 105 9.49 -16.68 -26.87
N VAL I 106 10.16 -15.71 -27.51
CA VAL I 106 10.83 -16.00 -28.77
C VAL I 106 11.90 -17.04 -28.56
N PHE I 107 12.68 -16.89 -27.49
CA PHE I 107 13.74 -17.83 -27.17
C PHE I 107 13.16 -19.22 -26.87
N THR I 108 12.09 -19.26 -26.08
CA THR I 108 11.47 -20.55 -25.79
C THR I 108 10.94 -21.21 -27.05
N SER I 109 10.33 -20.43 -27.94
CA SER I 109 9.78 -21.02 -29.16
C SER I 109 10.87 -21.60 -30.05
N LEU I 110 11.98 -20.88 -30.19
CA LEU I 110 13.02 -21.30 -31.13
C LEU I 110 13.81 -22.48 -30.60
N VAL I 111 14.19 -22.47 -29.32
CA VAL I 111 15.12 -23.44 -28.78
C VAL I 111 14.46 -24.37 -27.76
N GLY I 112 13.14 -24.30 -27.63
CA GLY I 112 12.48 -25.02 -26.55
C GLY I 112 12.60 -26.53 -26.65
N ASN I 113 12.35 -27.09 -27.85
CA ASN I 113 12.33 -28.54 -27.96
C ASN I 113 13.01 -29.10 -29.20
N VAL I 114 13.35 -28.29 -30.20
CA VAL I 114 13.91 -28.83 -31.43
C VAL I 114 15.31 -29.40 -31.23
N PHE I 115 16.04 -28.95 -30.19
CA PHE I 115 17.40 -29.43 -30.01
C PHE I 115 17.45 -30.88 -29.55
N GLY I 116 16.36 -31.41 -29.02
CA GLY I 116 16.26 -32.80 -28.66
C GLY I 116 15.54 -33.67 -29.65
N PHE I 117 15.24 -33.15 -30.85
CA PHE I 117 14.49 -33.91 -31.83
C PHE I 117 15.33 -35.04 -32.40
N LYS I 118 14.72 -36.23 -32.52
CA LYS I 118 15.44 -37.42 -32.94
C LYS I 118 15.90 -37.35 -34.40
N ALA I 119 15.27 -36.51 -35.22
CA ALA I 119 15.62 -36.45 -36.62
C ALA I 119 16.97 -35.80 -36.88
N VAL I 120 17.57 -35.17 -35.87
CA VAL I 120 18.84 -34.49 -36.02
C VAL I 120 19.83 -35.06 -35.01
N ARG I 121 21.05 -35.30 -35.46
CA ARG I 121 22.12 -35.67 -34.54
C ARG I 121 22.50 -34.48 -33.66
N ALA I 122 22.67 -33.31 -34.26
CA ALA I 122 23.03 -32.10 -33.54
C ALA I 122 22.38 -30.92 -34.22
N LEU I 123 22.23 -29.83 -33.47
CA LEU I 123 21.53 -28.66 -33.96
C LEU I 123 22.16 -27.43 -33.33
N ARG I 124 22.48 -26.43 -34.14
CA ARG I 124 22.99 -25.18 -33.62
C ARG I 124 22.20 -24.03 -34.22
N LEU I 125 21.64 -23.20 -33.34
CA LEU I 125 20.98 -21.97 -33.77
C LEU I 125 22.07 -20.94 -34.05
N GLU I 126 22.26 -20.61 -35.33
CA GLU I 126 23.36 -19.74 -35.72
C GLU I 126 22.98 -18.27 -35.64
N ASP I 127 21.79 -17.91 -36.11
CA ASP I 127 21.41 -16.52 -36.18
C ASP I 127 19.89 -16.42 -36.18
N VAL I 128 19.39 -15.29 -35.69
CA VAL I 128 17.97 -14.99 -35.68
C VAL I 128 17.78 -13.57 -36.19
N ARG I 129 16.89 -13.39 -37.16
CA ARG I 129 16.54 -12.08 -37.65
C ARG I 129 15.33 -11.57 -36.88
N PHE I 130 15.54 -10.60 -36.00
CA PHE I 130 14.43 -9.95 -35.34
C PHE I 130 13.96 -8.79 -36.20
N PRO I 131 12.74 -8.83 -36.73
CA PRO I 131 12.28 -7.71 -37.55
C PRO I 131 12.17 -6.45 -36.72
N ILE I 132 12.33 -5.31 -37.37
CA ILE I 132 12.29 -4.04 -36.64
C ILE I 132 10.95 -3.89 -35.93
N ALA I 133 9.87 -4.45 -36.49
CA ALA I 133 8.58 -4.39 -35.84
C ALA I 133 8.61 -5.08 -34.48
N TYR I 134 9.31 -6.21 -34.39
CA TYR I 134 9.41 -6.86 -33.09
C TYR I 134 10.41 -6.16 -32.18
N VAL I 135 11.49 -5.64 -32.76
CA VAL I 135 12.50 -4.96 -31.95
C VAL I 135 11.89 -3.81 -31.18
N MET I 136 10.99 -3.05 -31.82
CA MET I 136 10.38 -1.90 -31.17
C MET I 136 9.42 -2.27 -30.05
N THR I 137 9.02 -3.54 -29.93
CA THR I 137 8.23 -3.95 -28.79
C THR I 137 9.06 -4.27 -27.56
N CYS I 138 10.37 -4.37 -27.71
CA CYS I 138 11.26 -4.73 -26.61
C CYS I 138 11.86 -3.48 -25.99
N ASN I 139 12.10 -3.54 -24.68
CA ASN I 139 12.62 -2.37 -23.98
C ASN I 139 14.04 -2.03 -24.41
N GLY I 140 14.86 -3.04 -24.67
CA GLY I 140 16.24 -2.81 -25.04
C GLY I 140 17.06 -2.34 -23.86
N PRO I 141 18.27 -1.86 -24.12
CA PRO I 141 19.13 -1.39 -23.04
C PRO I 141 18.46 -0.27 -22.26
N PRO I 142 18.56 -0.28 -20.94
CA PRO I 142 17.95 0.81 -20.16
C PRO I 142 18.48 2.18 -20.55
N HIS I 143 19.77 2.28 -20.87
CA HIS I 143 20.33 3.57 -21.23
C HIS I 143 21.06 3.56 -22.57
N GLY I 144 21.91 2.57 -22.79
CA GLY I 144 22.72 2.51 -24.00
C GLY I 144 23.99 3.34 -23.89
N ILE I 145 24.81 3.23 -24.94
CA ILE I 145 26.17 3.74 -24.89
C ILE I 145 26.19 5.25 -24.67
N GLN I 146 25.44 5.98 -25.50
CA GLN I 146 25.53 7.43 -25.46
C GLN I 146 24.98 7.99 -24.15
N VAL I 147 23.85 7.46 -23.70
CA VAL I 147 23.28 7.92 -22.43
C VAL I 147 24.23 7.62 -21.28
N GLU I 148 24.83 6.43 -21.30
CA GLU I 148 25.75 6.06 -20.23
C GLU I 148 26.98 6.97 -20.20
N ARG I 149 27.55 7.28 -21.36
CA ARG I 149 28.69 8.20 -21.39
C ARG I 149 28.30 9.57 -20.83
N ASP I 150 27.09 10.03 -21.14
CA ASP I 150 26.62 11.30 -20.60
C ASP I 150 26.45 11.21 -19.09
N ILE I 151 25.90 10.11 -18.59
CA ILE I 151 25.72 9.94 -17.15
C ILE I 151 27.07 9.92 -16.45
N LEU I 152 28.02 9.16 -17.00
CA LEU I 152 29.32 9.01 -16.37
C LEU I 152 30.27 10.13 -16.71
N ASN I 153 29.95 10.97 -17.69
CA ASN I 153 30.82 12.06 -18.13
C ASN I 153 32.18 11.53 -18.57
N LYS I 154 32.17 10.46 -19.35
CA LYS I 154 33.40 9.82 -19.84
C LYS I 154 33.31 9.68 -21.35
N TYR I 155 34.27 10.25 -22.06
CA TYR I 155 34.23 10.31 -23.52
C TYR I 155 35.59 10.03 -24.10
N GLY I 156 35.59 9.56 -25.35
CA GLY I 156 36.79 9.46 -26.14
C GLY I 156 37.72 8.32 -25.80
N ARG I 157 37.26 7.34 -25.03
CA ARG I 157 38.11 6.23 -24.65
C ARG I 157 37.23 5.09 -24.17
N PRO I 158 37.74 3.85 -24.22
CA PRO I 158 37.04 2.77 -23.52
C PRO I 158 37.05 3.02 -22.02
N LEU I 159 36.05 2.46 -21.36
CA LEU I 159 36.03 2.48 -19.91
C LEU I 159 36.86 1.34 -19.36
N LEU I 160 37.40 1.53 -18.16
CA LEU I 160 38.26 0.55 -17.53
C LEU I 160 37.57 -0.01 -16.29
N GLY I 161 37.58 -1.34 -16.16
CA GLY I 161 36.98 -2.00 -15.03
C GLY I 161 37.93 -3.02 -14.44
N CYS I 162 37.46 -3.64 -13.35
CA CYS I 162 38.25 -4.65 -12.66
C CYS I 162 37.32 -5.45 -11.76
N THR I 163 37.29 -6.77 -11.96
CA THR I 163 36.59 -7.64 -11.03
C THR I 163 37.43 -7.82 -9.78
N ILE I 164 36.81 -7.66 -8.61
CA ILE I 164 37.53 -7.88 -7.36
C ILE I 164 37.79 -9.36 -7.20
N LYS I 165 39.02 -9.71 -6.87
CA LYS I 165 39.50 -11.06 -6.63
C LYS I 165 40.11 -11.13 -5.24
N PRO I 166 40.07 -12.30 -4.59
CA PRO I 166 39.54 -13.59 -5.03
C PRO I 166 38.04 -13.53 -5.27
N LYS I 167 37.51 -14.40 -6.13
CA LYS I 167 36.10 -14.35 -6.47
C LYS I 167 35.24 -14.43 -5.22
N LEU I 168 35.63 -15.25 -4.25
CA LEU I 168 34.93 -15.37 -3.00
C LEU I 168 35.93 -15.41 -1.86
N GLY I 169 35.48 -15.04 -0.67
CA GLY I 169 36.25 -15.18 0.54
C GLY I 169 36.54 -13.88 1.27
N LEU I 170 36.35 -12.73 0.65
CA LEU I 170 36.65 -11.47 1.30
C LEU I 170 35.47 -10.98 2.12
N SER I 171 35.77 -10.40 3.28
CA SER I 171 34.75 -9.71 4.05
C SER I 171 34.35 -8.42 3.35
N ALA I 172 33.20 -7.88 3.74
CA ALA I 172 32.69 -6.69 3.08
C ALA I 172 33.66 -5.52 3.18
N LYS I 173 34.23 -5.30 4.36
CA LYS I 173 35.14 -4.16 4.53
C LYS I 173 36.43 -4.38 3.73
N ASN I 174 36.99 -5.59 3.77
CA ASN I 174 38.16 -5.88 2.95
C ASN I 174 37.85 -5.77 1.47
N TYR I 175 36.66 -6.23 1.09
CA TYR I 175 36.20 -6.07 -0.28
C TYR I 175 36.15 -4.60 -0.67
N GLY I 176 35.57 -3.77 0.18
CA GLY I 176 35.50 -2.35 -0.10
C GLY I 176 36.86 -1.70 -0.16
N ARG I 177 37.79 -2.14 0.68
CA ARG I 177 39.15 -1.62 0.62
C ARG I 177 39.78 -1.90 -0.74
N ALA I 178 39.60 -3.13 -1.24
CA ALA I 178 40.11 -3.45 -2.57
C ALA I 178 39.45 -2.59 -3.64
N VAL I 179 38.14 -2.37 -3.50
CA VAL I 179 37.43 -1.53 -4.46
C VAL I 179 38.00 -0.11 -4.43
N TYR I 180 38.21 0.43 -3.24
CA TYR I 180 38.71 1.79 -3.12
C TYR I 180 40.07 1.95 -3.78
N GLU I 181 40.98 0.99 -3.54
CA GLU I 181 42.31 1.10 -4.11
C GLU I 181 42.28 1.05 -5.63
N CYS I 182 41.46 0.18 -6.20
CA CYS I 182 41.34 0.12 -7.65
C CYS I 182 40.81 1.44 -8.21
N LEU I 183 39.71 1.93 -7.65
CA LEU I 183 39.07 3.12 -8.18
C LEU I 183 39.96 4.35 -8.04
N ARG I 184 40.64 4.48 -6.91
CA ARG I 184 41.51 5.63 -6.71
C ARG I 184 42.72 5.59 -7.64
N GLY I 185 43.07 4.42 -8.18
CA GLY I 185 44.20 4.31 -9.08
C GLY I 185 43.91 4.74 -10.49
N GLY I 186 42.65 4.83 -10.88
CA GLY I 186 42.32 5.31 -12.21
C GLY I 186 41.29 4.50 -12.96
N LEU I 187 40.84 3.40 -12.39
CA LEU I 187 39.78 2.63 -13.03
C LEU I 187 38.45 3.36 -12.92
N ASP I 188 37.63 3.21 -13.95
CA ASP I 188 36.28 3.75 -13.90
C ASP I 188 35.36 2.89 -13.06
N PHE I 189 35.52 1.57 -13.15
CA PHE I 189 34.60 0.62 -12.55
C PHE I 189 35.37 -0.44 -11.78
N THR I 190 34.73 -0.95 -10.75
CA THR I 190 35.05 -2.25 -10.20
C THR I 190 33.83 -3.13 -10.34
N LYS I 191 33.99 -4.42 -10.07
CA LYS I 191 32.94 -5.36 -10.44
C LYS I 191 32.87 -6.47 -9.41
N ASP I 192 31.65 -6.82 -9.00
CA ASP I 192 31.44 -8.06 -8.28
C ASP I 192 31.66 -9.24 -9.20
N ASP I 193 32.27 -10.30 -8.68
CA ASP I 193 32.31 -11.54 -9.44
C ASP I 193 30.90 -12.07 -9.65
N GLU I 194 30.73 -12.90 -10.68
CA GLU I 194 29.41 -13.38 -11.03
C GLU I 194 28.79 -14.20 -9.90
N ASN I 195 29.59 -14.89 -9.09
CA ASN I 195 29.04 -15.70 -8.01
C ASN I 195 29.04 -14.97 -6.67
N VAL I 196 29.41 -13.70 -6.64
CA VAL I 196 29.25 -12.89 -5.44
C VAL I 196 27.82 -12.38 -5.42
N ASN I 197 26.95 -13.03 -4.65
CA ASN I 197 25.59 -12.51 -4.46
C ASN I 197 25.36 -12.12 -3.01
N SER I 198 25.31 -13.08 -2.09
CA SER I 198 25.24 -12.79 -0.66
C SER I 198 25.71 -14.05 0.05
N GLN I 199 26.95 -14.06 0.47
CA GLN I 199 27.54 -15.23 1.09
C GLN I 199 27.66 -15.05 2.58
N PRO I 200 27.78 -16.14 3.34
CA PRO I 200 27.93 -16.01 4.79
C PRO I 200 29.11 -15.15 5.19
N PHE I 201 30.21 -15.17 4.43
CA PHE I 201 31.36 -14.34 4.76
C PHE I 201 31.18 -12.90 4.34
N MET I 202 30.25 -12.60 3.43
CA MET I 202 30.01 -11.22 3.02
C MET I 202 28.55 -11.11 2.59
N ARG I 203 27.70 -10.67 3.49
CA ARG I 203 26.30 -10.46 3.15
C ARG I 203 26.15 -9.25 2.25
N TRP I 204 25.15 -9.29 1.37
CA TRP I 204 25.09 -8.33 0.29
C TRP I 204 24.94 -6.90 0.79
N ARG I 205 24.13 -6.69 1.83
CA ARG I 205 23.94 -5.33 2.30
C ARG I 205 25.24 -4.73 2.81
N GLN I 206 26.06 -5.54 3.48
CA GLN I 206 27.36 -5.07 3.94
C GLN I 206 28.27 -4.76 2.76
N ARG I 207 28.28 -5.62 1.75
CA ARG I 207 29.09 -5.36 0.56
C ARG I 207 28.65 -4.08 -0.13
N PHE I 208 27.33 -3.88 -0.26
CA PHE I 208 26.83 -2.68 -0.91
C PHE I 208 27.27 -1.44 -0.14
N ASP I 209 27.20 -1.49 1.19
CA ASP I 209 27.55 -0.34 2.01
C ASP I 209 29.01 0.03 1.86
N PHE I 210 29.91 -0.95 1.98
CA PHE I 210 31.33 -0.62 1.96
C PHE I 210 31.81 -0.31 0.56
N VAL I 211 31.15 -0.86 -0.46
CA VAL I 211 31.47 -0.47 -1.83
C VAL I 211 31.15 1.01 -2.04
N MET I 212 29.99 1.44 -1.56
CA MET I 212 29.62 2.85 -1.74
C MET I 212 30.53 3.77 -0.94
N GLU I 213 30.99 3.31 0.23
CA GLU I 213 31.99 4.07 0.96
C GLU I 213 33.28 4.19 0.15
N ALA I 214 33.68 3.09 -0.50
CA ALA I 214 34.86 3.13 -1.35
C ALA I 214 34.67 4.04 -2.55
N ILE I 215 33.49 3.98 -3.18
CA ILE I 215 33.23 4.79 -4.36
C ILE I 215 33.30 6.27 -4.01
N ASP I 216 32.67 6.65 -2.90
CA ASP I 216 32.64 8.05 -2.51
C ASP I 216 34.05 8.58 -2.23
N LYS I 217 34.86 7.80 -1.53
CA LYS I 217 36.21 8.24 -1.23
C LYS I 217 37.05 8.38 -2.50
N ALA I 218 36.92 7.42 -3.42
CA ALA I 218 37.70 7.49 -4.65
C ALA I 218 37.26 8.64 -5.53
N GLU I 219 35.95 8.91 -5.60
CA GLU I 219 35.45 10.02 -6.41
C GLU I 219 35.94 11.35 -5.88
N ARG I 220 35.93 11.52 -4.55
CA ARG I 220 36.42 12.77 -3.97
C ARG I 220 37.92 12.91 -4.18
N GLU I 221 38.65 11.80 -4.14
CA GLU I 221 40.10 11.85 -4.24
C GLU I 221 40.55 12.14 -5.66
N THR I 222 39.89 11.54 -6.65
CA THR I 222 40.30 11.67 -8.05
C THR I 222 39.52 12.73 -8.81
N GLY I 223 38.33 13.10 -8.36
CA GLY I 223 37.51 14.03 -9.10
C GLY I 223 36.86 13.44 -10.34
N GLU I 224 36.89 12.12 -10.49
CA GLU I 224 36.25 11.44 -11.60
C GLU I 224 35.14 10.55 -11.08
N ARG I 225 34.10 10.40 -11.89
CA ARG I 225 32.98 9.54 -11.49
C ARG I 225 33.42 8.09 -11.48
N LYS I 226 32.99 7.37 -10.45
CA LYS I 226 33.38 5.98 -10.25
C LYS I 226 32.13 5.14 -10.08
N GLY I 227 32.27 3.83 -10.32
CA GLY I 227 31.17 2.93 -10.14
C GLY I 227 31.69 1.56 -9.75
N HIS I 228 30.76 0.73 -9.29
CA HIS I 228 31.07 -0.66 -9.00
C HIS I 228 29.82 -1.46 -9.33
N TYR I 229 29.95 -2.46 -10.21
CA TYR I 229 28.77 -3.24 -10.58
C TYR I 229 28.38 -4.09 -9.38
N LEU I 230 27.39 -3.64 -8.64
CA LEU I 230 26.86 -4.42 -7.54
C LEU I 230 25.99 -5.53 -8.09
N ASN I 231 26.37 -6.77 -7.80
CA ASN I 231 25.64 -7.92 -8.32
C ASN I 231 24.32 -8.06 -7.56
N VAL I 232 23.21 -7.95 -8.28
CA VAL I 232 21.89 -8.13 -7.69
C VAL I 232 21.30 -9.49 -8.05
N THR I 233 22.06 -10.35 -8.72
CA THR I 233 21.59 -11.69 -8.99
C THR I 233 21.22 -12.37 -7.67
N ALA I 234 20.03 -12.93 -7.61
CA ALA I 234 19.43 -13.30 -6.34
C ALA I 234 18.61 -14.57 -6.53
N PRO I 235 18.29 -15.28 -5.46
CA PRO I 235 17.48 -16.50 -5.61
C PRO I 235 16.11 -16.26 -6.23
N THR I 236 15.46 -15.14 -5.93
CA THR I 236 14.12 -14.84 -6.35
C THR I 236 14.06 -13.44 -6.92
N PRO I 237 13.06 -13.14 -7.76
CA PRO I 237 12.92 -11.76 -8.24
C PRO I 237 12.70 -10.75 -7.14
N GLU I 238 11.98 -11.13 -6.09
CA GLU I 238 11.78 -10.21 -4.97
C GLU I 238 13.11 -9.85 -4.33
N GLU I 239 13.97 -10.84 -4.15
CA GLU I 239 15.30 -10.57 -3.61
C GLU I 239 16.13 -9.74 -4.58
N MET I 240 16.03 -10.02 -5.87
CA MET I 240 16.78 -9.26 -6.86
C MET I 240 16.36 -7.79 -6.84
N TYR I 241 15.05 -7.53 -6.81
CA TYR I 241 14.57 -6.16 -6.79
C TYR I 241 14.92 -5.47 -5.47
N LYS I 242 14.88 -6.22 -4.37
CA LYS I 242 15.27 -5.65 -3.09
C LYS I 242 16.71 -5.17 -3.12
N ARG I 243 17.61 -5.97 -3.68
CA ARG I 243 19.00 -5.57 -3.76
C ARG I 243 19.18 -4.41 -4.74
N ALA I 244 18.45 -4.43 -5.85
CA ALA I 244 18.48 -3.30 -6.77
C ALA I 244 17.97 -2.04 -6.11
N GLU I 245 16.87 -2.15 -5.35
CA GLU I 245 16.33 -0.98 -4.68
C GLU I 245 17.32 -0.40 -3.68
N TYR I 246 18.00 -1.27 -2.92
CA TYR I 246 18.97 -0.76 -1.97
C TYR I 246 20.15 -0.10 -2.67
N ALA I 247 20.59 -0.67 -3.79
CA ALA I 247 21.65 -0.04 -4.56
C ALA I 247 21.25 1.36 -5.01
N LYS I 248 20.01 1.50 -5.48
CA LYS I 248 19.50 2.82 -5.81
C LYS I 248 19.43 3.72 -4.59
N GLU I 249 19.01 3.15 -3.45
CA GLU I 249 18.86 3.95 -2.24
C GLU I 249 20.19 4.54 -1.79
N ILE I 250 21.28 3.76 -1.88
CA ILE I 250 22.58 4.24 -1.45
C ILE I 250 23.32 4.98 -2.55
N GLY I 251 22.71 5.20 -3.69
CA GLY I 251 23.30 5.98 -4.74
C GLY I 251 24.22 5.25 -5.68
N ALA I 252 24.12 3.93 -5.78
CA ALA I 252 24.95 3.18 -6.71
C ALA I 252 24.57 3.52 -8.14
N PRO I 253 25.54 3.91 -8.98
CA PRO I 253 25.20 4.26 -10.36
C PRO I 253 24.95 3.07 -11.26
N ILE I 254 25.41 1.88 -10.90
CA ILE I 254 25.37 0.74 -11.80
C ILE I 254 25.23 -0.53 -10.99
N ILE I 255 24.46 -1.47 -11.52
CA ILE I 255 24.31 -2.79 -10.94
C ILE I 255 24.61 -3.83 -12.02
N MET I 256 24.63 -5.09 -11.60
CA MET I 256 25.06 -6.17 -12.46
C MET I 256 24.10 -7.34 -12.31
N HIS I 257 23.92 -8.09 -13.39
CA HIS I 257 23.05 -9.25 -13.36
C HIS I 257 23.62 -10.33 -14.28
N ASP I 258 23.49 -11.58 -13.87
CA ASP I 258 23.87 -12.72 -14.71
C ASP I 258 22.62 -13.14 -15.46
N TYR I 259 22.50 -12.73 -16.72
CA TYR I 259 21.22 -12.84 -17.42
C TYR I 259 20.90 -14.25 -17.88
N ILE I 260 21.89 -15.13 -18.01
CA ILE I 260 21.59 -16.50 -18.40
C ILE I 260 21.27 -17.36 -17.18
N THR I 261 22.11 -17.29 -16.14
CA THR I 261 21.85 -18.08 -14.94
C THR I 261 20.72 -17.49 -14.12
N GLY I 262 20.66 -16.17 -13.99
CA GLY I 262 19.50 -15.55 -13.38
C GLY I 262 18.26 -15.76 -14.22
N GLY I 263 18.40 -15.72 -15.54
CA GLY I 263 17.31 -15.99 -16.43
C GLY I 263 16.83 -14.75 -17.16
N PHE I 264 16.25 -14.97 -18.33
CA PHE I 264 15.80 -13.87 -19.16
C PHE I 264 14.62 -13.13 -18.55
N CYS I 265 13.74 -13.84 -17.85
CA CYS I 265 12.60 -13.18 -17.22
C CYS I 265 13.07 -12.18 -16.18
N ALA I 266 13.92 -12.61 -15.26
CA ALA I 266 14.46 -11.70 -14.26
C ALA I 266 15.24 -10.57 -14.90
N ASN I 267 16.05 -10.90 -15.92
CA ASN I 267 16.86 -9.86 -16.55
C ASN I 267 16.00 -8.80 -17.21
N THR I 268 14.98 -9.22 -17.96
CA THR I 268 14.12 -8.25 -18.61
C THR I 268 13.42 -7.37 -17.59
N GLY I 269 12.92 -7.97 -16.51
CA GLY I 269 12.33 -7.17 -15.46
C GLY I 269 13.32 -6.21 -14.85
N LEU I 270 14.55 -6.66 -14.63
CA LEU I 270 15.57 -5.78 -14.07
C LEU I 270 15.92 -4.66 -15.04
N ALA I 271 16.01 -4.97 -16.33
CA ALA I 271 16.32 -3.95 -17.32
C ALA I 271 15.25 -2.87 -17.34
N GLN I 272 13.98 -3.26 -17.27
CA GLN I 272 12.91 -2.27 -17.18
C GLN I 272 12.98 -1.51 -15.87
N TRP I 273 13.30 -2.19 -14.78
CA TRP I 273 13.50 -1.51 -13.50
C TRP I 273 14.63 -0.49 -13.60
N CYS I 274 15.73 -0.86 -14.25
CA CYS I 274 16.85 0.05 -14.39
C CYS I 274 16.46 1.28 -15.19
N ARG I 275 15.68 1.11 -16.25
CA ARG I 275 15.19 2.26 -16.99
C ARG I 275 14.32 3.14 -16.11
N ASN I 276 13.44 2.53 -15.32
CA ASN I 276 12.53 3.29 -14.48
C ASN I 276 13.23 3.99 -13.32
N ASN I 277 14.44 3.55 -12.97
CA ASN I 277 15.11 4.07 -11.79
C ASN I 277 16.47 4.69 -12.09
N GLY I 278 16.83 4.79 -13.37
CA GLY I 278 18.06 5.48 -13.77
C GLY I 278 19.33 4.83 -13.29
N VAL I 279 19.37 3.50 -13.25
CA VAL I 279 20.55 2.77 -12.81
C VAL I 279 21.10 2.01 -14.01
N LEU I 280 22.41 2.12 -14.23
CA LEU I 280 23.04 1.39 -15.31
C LEU I 280 23.04 -0.10 -15.02
N LEU I 281 22.98 -0.91 -16.07
CA LEU I 281 22.86 -2.36 -15.94
C LEU I 281 24.01 -3.02 -16.68
N HIS I 282 24.91 -3.63 -15.93
CA HIS I 282 25.99 -4.43 -16.50
C HIS I 282 25.55 -5.89 -16.54
N ILE I 283 25.72 -6.53 -17.68
CA ILE I 283 25.25 -7.90 -17.87
C ILE I 283 26.45 -8.81 -17.96
N HIS I 284 26.49 -9.80 -17.07
CA HIS I 284 27.49 -10.85 -17.11
C HIS I 284 26.90 -12.07 -17.80
N ARG I 285 27.70 -12.71 -18.63
CA ARG I 285 27.23 -13.81 -19.48
C ARG I 285 27.63 -15.17 -18.94
N ALA I 286 27.59 -15.35 -17.63
CA ALA I 286 27.86 -16.66 -17.04
C ALA I 286 26.97 -17.72 -17.66
N MET I 287 27.53 -18.90 -17.90
CA MET I 287 26.94 -20.07 -18.55
C MET I 287 26.94 -19.98 -20.07
N HIS I 288 27.39 -18.86 -20.67
CA HIS I 288 27.31 -18.75 -22.12
C HIS I 288 28.04 -19.90 -22.81
N ALA I 289 29.19 -20.30 -22.27
CA ALA I 289 29.99 -21.35 -22.90
C ALA I 289 29.29 -22.71 -22.88
N VAL I 290 28.38 -22.94 -21.94
CA VAL I 290 27.58 -24.15 -21.99
C VAL I 290 26.74 -24.17 -23.25
N LEU I 291 26.26 -23.00 -23.67
CA LEU I 291 25.40 -22.89 -24.85
C LEU I 291 26.18 -22.74 -26.15
N ASP I 292 27.23 -21.91 -26.16
CA ASP I 292 27.78 -21.42 -27.41
C ASP I 292 29.11 -22.03 -27.81
N ARG I 293 29.74 -22.84 -26.97
CA ARG I 293 31.09 -23.31 -27.28
C ARG I 293 31.08 -24.37 -28.38
N ASN I 294 30.19 -25.33 -28.28
CA ASN I 294 30.20 -26.46 -29.21
C ASN I 294 29.78 -25.99 -30.61
N PRO I 295 30.61 -26.16 -31.63
CA PRO I 295 30.29 -25.62 -32.96
C PRO I 295 29.16 -26.35 -33.66
N HIS I 296 28.72 -27.50 -33.17
CA HIS I 296 27.68 -28.27 -33.83
C HIS I 296 26.39 -28.37 -33.02
N HIS I 297 26.42 -28.04 -31.73
CA HIS I 297 25.23 -28.13 -30.92
C HIS I 297 25.18 -26.94 -29.96
N GLY I 298 24.00 -26.32 -29.87
CA GLY I 298 23.83 -25.22 -28.95
C GLY I 298 23.32 -23.97 -29.63
N ILE I 299 23.58 -22.82 -29.01
CA ILE I 299 23.13 -21.53 -29.51
C ILE I 299 24.34 -20.64 -29.64
N HIS I 300 24.58 -20.13 -30.85
CA HIS I 300 25.72 -19.26 -31.06
C HIS I 300 25.59 -18.00 -30.22
N PHE I 301 26.72 -17.48 -29.75
CA PHE I 301 26.67 -16.32 -28.88
C PHE I 301 26.11 -15.09 -29.57
N ARG I 302 26.18 -15.02 -30.90
CA ARG I 302 25.59 -13.86 -31.57
C ARG I 302 24.07 -13.84 -31.39
N VAL I 303 23.44 -15.00 -31.24
CA VAL I 303 22.03 -15.03 -30.91
C VAL I 303 21.82 -14.55 -29.47
N LEU I 304 22.65 -15.02 -28.55
CA LEU I 304 22.56 -14.57 -27.18
C LEU I 304 22.86 -13.08 -27.06
N THR I 305 23.71 -12.56 -27.95
CA THR I 305 23.96 -11.12 -27.97
C THR I 305 22.71 -10.35 -28.38
N LYS I 306 22.04 -10.81 -29.42
CA LYS I 306 20.80 -10.16 -29.84
C LYS I 306 19.74 -10.23 -28.75
N ILE I 307 19.62 -11.38 -28.11
CA ILE I 307 18.64 -11.55 -27.05
C ILE I 307 18.92 -10.57 -25.92
N LEU I 308 20.18 -10.46 -25.52
CA LEU I 308 20.52 -9.56 -24.40
C LEU I 308 20.22 -8.11 -24.76
N ARG I 309 20.53 -7.70 -25.99
CA ARG I 309 20.25 -6.32 -26.36
C ARG I 309 18.76 -6.04 -26.31
N LEU I 310 17.94 -6.98 -26.75
CA LEU I 310 16.50 -6.82 -26.66
C LEU I 310 16.02 -6.90 -25.22
N SER I 311 16.53 -7.88 -24.46
CA SER I 311 16.13 -8.02 -23.06
C SER I 311 16.55 -6.81 -22.26
N GLY I 312 17.74 -6.30 -22.51
CA GLY I 312 18.16 -5.08 -21.87
C GLY I 312 19.45 -5.22 -21.09
N GLY I 313 20.42 -4.38 -21.43
CA GLY I 313 21.67 -4.31 -20.71
C GLY I 313 22.47 -3.15 -21.24
N ASP I 314 23.13 -2.41 -20.36
CA ASP I 314 23.97 -1.32 -20.82
C ASP I 314 25.38 -1.78 -21.17
N HIS I 315 25.85 -2.84 -20.53
CA HIS I 315 27.10 -3.51 -20.87
C HIS I 315 26.80 -4.98 -21.13
N LEU I 316 27.62 -5.60 -21.95
CA LEU I 316 27.55 -7.05 -22.13
C LEU I 316 28.96 -7.59 -22.34
N HIS I 317 29.31 -8.61 -21.57
CA HIS I 317 30.57 -9.31 -21.80
C HIS I 317 30.55 -9.96 -23.17
N THR I 318 31.52 -9.60 -24.00
CA THR I 318 31.61 -10.14 -25.35
C THR I 318 32.82 -11.03 -25.56
N GLY I 319 33.65 -11.22 -24.55
CA GLY I 319 34.83 -12.05 -24.67
C GLY I 319 36.02 -11.30 -25.23
N THR I 320 37.18 -11.92 -25.11
CA THR I 320 38.42 -11.38 -25.66
C THR I 320 38.80 -12.17 -26.90
N VAL I 321 39.34 -11.45 -27.90
CA VAL I 321 39.80 -12.05 -29.13
C VAL I 321 41.06 -12.88 -28.95
N VAL I 322 41.96 -12.47 -28.05
CA VAL I 322 43.28 -13.10 -27.95
C VAL I 322 43.11 -14.58 -27.68
N GLY I 323 43.77 -15.41 -28.49
CA GLY I 323 43.66 -16.85 -28.36
C GLY I 323 42.56 -17.48 -29.17
N LYS I 324 41.97 -16.76 -30.12
CA LYS I 324 40.88 -17.28 -30.93
C LYS I 324 41.34 -17.52 -32.36
N LEU I 325 40.70 -18.47 -33.02
CA LEU I 325 41.00 -18.75 -34.42
C LEU I 325 40.52 -17.60 -35.30
N GLU I 326 41.00 -17.60 -36.55
CA GLU I 326 40.66 -16.52 -37.47
C GLU I 326 39.16 -16.48 -37.74
N GLY I 327 38.53 -17.65 -37.87
CA GLY I 327 37.08 -17.68 -37.98
C GLY I 327 36.39 -17.18 -36.73
N ASP I 328 36.96 -17.46 -35.56
CA ASP I 328 36.40 -16.98 -34.31
C ASP I 328 36.65 -15.48 -34.12
N ARG I 329 37.77 -14.98 -34.65
CA ARG I 329 38.02 -13.54 -34.64
C ARG I 329 36.93 -12.79 -35.38
N GLN I 330 36.57 -13.25 -36.58
CA GLN I 330 35.55 -12.55 -37.36
C GLN I 330 34.19 -12.65 -36.68
N ALA I 331 33.86 -13.83 -36.13
CA ALA I 331 32.58 -13.98 -35.45
C ALA I 331 32.46 -13.03 -34.27
N THR I 332 33.56 -12.84 -33.53
CA THR I 332 33.54 -11.91 -32.41
C THR I 332 33.28 -10.48 -32.86
N LEU I 333 33.94 -10.06 -33.94
CA LEU I 333 33.68 -8.72 -34.47
C LEU I 333 32.24 -8.59 -34.93
N GLY I 334 31.64 -9.69 -35.38
CA GLY I 334 30.25 -9.65 -35.82
C GLY I 334 29.30 -9.36 -34.68
N TRP I 335 29.42 -10.10 -33.57
CA TRP I 335 28.47 -9.91 -32.49
C TRP I 335 28.76 -8.66 -31.67
N ILE I 336 29.98 -8.14 -31.74
CA ILE I 336 30.23 -6.81 -31.18
C ILE I 336 29.46 -5.76 -31.96
N ASP I 337 29.42 -5.89 -33.29
CA ASP I 337 28.61 -4.99 -34.10
C ASP I 337 27.13 -5.15 -33.79
N LEU I 338 26.67 -6.39 -33.62
CA LEU I 338 25.27 -6.63 -33.28
C LEU I 338 24.92 -5.98 -31.94
N LEU I 339 25.89 -5.90 -31.03
CA LEU I 339 25.61 -5.31 -29.72
C LEU I 339 25.55 -3.80 -29.76
N ARG I 340 26.27 -3.17 -30.67
CA ARG I 340 26.50 -1.73 -30.59
C ARG I 340 25.92 -0.93 -31.75
N GLU I 341 25.77 -1.53 -32.93
CA GLU I 341 25.42 -0.78 -34.12
C GLU I 341 23.91 -0.69 -34.30
N SER I 342 23.49 0.35 -35.04
CA SER I 342 22.08 0.53 -35.35
C SER I 342 21.62 -0.41 -36.46
N TYR I 343 22.52 -0.79 -37.35
CA TYR I 343 22.20 -1.68 -38.46
C TYR I 343 23.42 -2.53 -38.77
N VAL I 344 23.22 -3.84 -38.88
CA VAL I 344 24.30 -4.76 -39.16
C VAL I 344 23.93 -5.53 -40.43
N LYS I 345 24.74 -5.37 -41.46
CA LYS I 345 24.47 -6.02 -42.74
C LYS I 345 24.88 -7.49 -42.68
N GLU I 346 24.22 -8.30 -43.51
CA GLU I 346 24.59 -9.70 -43.65
C GLU I 346 26.05 -9.82 -44.06
N ASP I 347 26.77 -10.73 -43.40
CA ASP I 347 28.19 -10.93 -43.65
C ASP I 347 28.50 -12.39 -43.30
N ARG I 348 28.55 -13.24 -44.32
CA ARG I 348 28.76 -14.66 -44.08
C ARG I 348 30.11 -14.95 -43.45
N SER I 349 31.12 -14.13 -43.77
CA SER I 349 32.44 -14.32 -43.17
C SER I 349 32.40 -14.13 -41.66
N ARG I 350 31.49 -13.29 -41.17
CA ARG I 350 31.30 -13.07 -39.75
C ARG I 350 30.23 -13.97 -39.16
N GLY I 351 29.63 -14.84 -39.96
CA GLY I 351 28.53 -15.65 -39.48
C GLY I 351 27.22 -14.92 -39.33
N ILE I 352 27.12 -13.70 -39.87
CA ILE I 352 25.90 -12.91 -39.80
C ILE I 352 25.06 -13.28 -41.01
N PHE I 353 24.04 -14.11 -40.80
CA PHE I 353 23.25 -14.62 -41.91
C PHE I 353 22.13 -13.69 -42.32
N PHE I 354 21.78 -12.71 -41.49
CA PHE I 354 20.67 -11.82 -41.77
C PHE I 354 21.08 -10.38 -41.50
N ASP I 355 20.51 -9.47 -42.27
CA ASP I 355 20.56 -8.06 -41.90
C ASP I 355 19.78 -7.87 -40.60
N GLN I 356 20.38 -7.20 -39.63
CA GLN I 356 19.71 -6.93 -38.36
C GLN I 356 19.56 -5.42 -38.23
N ASP I 357 18.31 -4.97 -38.26
CA ASP I 357 17.99 -3.56 -38.04
C ASP I 357 17.61 -3.38 -36.58
N TRP I 358 18.28 -2.44 -35.92
CA TRP I 358 17.95 -2.10 -34.54
C TRP I 358 17.16 -0.81 -34.43
N GLY I 359 16.97 -0.09 -35.53
CA GLY I 359 16.26 1.17 -35.47
C GLY I 359 16.97 2.12 -34.53
N ALA I 360 16.20 2.75 -33.65
CA ALA I 360 16.73 3.70 -32.69
C ALA I 360 17.08 3.06 -31.37
N MET I 361 16.98 1.74 -31.26
CA MET I 361 17.34 1.08 -30.02
C MET I 361 18.84 1.25 -29.78
N PRO I 362 19.26 1.83 -28.66
CA PRO I 362 20.67 2.10 -28.46
C PRO I 362 21.48 0.81 -28.32
N GLY I 363 22.76 0.91 -28.62
CA GLY I 363 23.67 -0.20 -28.40
C GLY I 363 24.18 -0.23 -26.98
N ALA I 364 24.80 -1.36 -26.64
CA ALA I 364 25.39 -1.56 -25.33
C ALA I 364 26.91 -1.58 -25.45
N PHE I 365 27.58 -1.23 -24.37
CA PHE I 365 29.03 -1.35 -24.32
C PHE I 365 29.43 -2.81 -24.46
N ALA I 366 30.45 -3.05 -25.29
CA ALA I 366 31.06 -4.36 -25.37
C ALA I 366 32.11 -4.47 -24.28
N VAL I 367 32.06 -5.55 -23.51
CA VAL I 367 32.94 -5.72 -22.36
C VAL I 367 33.97 -6.78 -22.71
N ALA I 368 35.25 -6.42 -22.57
CA ALA I 368 36.36 -7.36 -22.75
C ALA I 368 36.94 -7.71 -21.40
N SER I 369 37.12 -9.01 -21.15
CA SER I 369 37.67 -9.46 -19.88
C SER I 369 38.26 -10.84 -20.06
N GLY I 370 39.01 -11.27 -19.05
CA GLY I 370 39.53 -12.62 -19.00
C GLY I 370 41.00 -12.73 -19.33
N GLY I 371 41.83 -12.79 -18.29
CA GLY I 371 43.25 -13.03 -18.46
C GLY I 371 43.98 -11.97 -19.28
N ILE I 372 43.53 -10.73 -19.23
CA ILE I 372 44.16 -9.67 -20.01
C ILE I 372 44.96 -8.77 -19.08
N HIS I 373 45.99 -8.15 -19.64
CA HIS I 373 46.84 -7.25 -18.88
C HIS I 373 47.32 -6.14 -19.82
N VAL I 374 48.33 -5.39 -19.37
CA VAL I 374 48.72 -4.16 -20.06
C VAL I 374 49.18 -4.45 -21.48
N TRP I 375 49.83 -5.59 -21.69
CA TRP I 375 50.32 -5.92 -23.03
C TRP I 375 49.19 -6.13 -24.02
N HIS I 376 47.98 -6.40 -23.54
CA HIS I 376 46.84 -6.56 -24.42
C HIS I 376 46.19 -5.23 -24.81
N MET I 377 46.56 -4.13 -24.15
CA MET I 377 45.93 -2.84 -24.42
C MET I 377 45.92 -2.46 -25.89
N PRO I 378 47.03 -2.55 -26.63
CA PRO I 378 46.98 -2.17 -28.05
C PRO I 378 45.98 -2.98 -28.86
N ALA I 379 45.94 -4.29 -28.63
CA ALA I 379 44.99 -5.14 -29.36
C ALA I 379 43.56 -4.80 -28.98
N LEU I 380 43.31 -4.61 -27.68
CA LEU I 380 41.95 -4.35 -27.21
C LEU I 380 41.42 -3.05 -27.77
N VAL I 381 42.24 -2.00 -27.77
CA VAL I 381 41.81 -0.70 -28.30
C VAL I 381 41.49 -0.81 -29.78
N THR I 382 42.33 -1.53 -30.53
CA THR I 382 42.11 -1.68 -31.97
C THR I 382 40.83 -2.46 -32.25
N ILE I 383 40.64 -3.59 -31.57
CA ILE I 383 39.48 -4.45 -31.85
C ILE I 383 38.18 -3.79 -31.39
N PHE I 384 38.16 -3.28 -30.16
CA PHE I 384 36.91 -2.85 -29.56
C PHE I 384 36.59 -1.39 -29.82
N GLY I 385 37.59 -0.54 -29.98
CA GLY I 385 37.28 0.85 -30.16
C GLY I 385 36.85 1.51 -28.85
N ASP I 386 36.28 2.70 -28.98
CA ASP I 386 35.98 3.50 -27.81
C ASP I 386 34.82 2.93 -27.00
N ASP I 387 33.79 2.41 -27.67
CA ASP I 387 32.56 2.03 -26.98
C ASP I 387 32.69 0.63 -26.39
N SER I 388 33.58 0.53 -25.41
CA SER I 388 33.85 -0.76 -24.79
C SER I 388 34.27 -0.53 -23.35
N VAL I 389 34.17 -1.59 -22.56
CA VAL I 389 34.69 -1.63 -21.20
C VAL I 389 35.74 -2.72 -21.16
N LEU I 390 36.95 -2.35 -20.76
CA LEU I 390 38.05 -3.30 -20.65
C LEU I 390 38.23 -3.63 -19.17
N GLN I 391 38.06 -4.89 -18.80
CA GLN I 391 38.08 -5.31 -17.41
C GLN I 391 39.34 -6.10 -17.12
N PHE I 392 40.11 -5.63 -16.16
CA PHE I 392 41.38 -6.23 -15.74
C PHE I 392 41.23 -6.64 -14.28
N GLY I 393 40.70 -7.83 -14.04
CA GLY I 393 40.61 -8.33 -12.68
C GLY I 393 41.97 -8.68 -12.11
N GLY I 394 42.56 -9.77 -12.60
CA GLY I 394 43.90 -10.12 -12.19
C GLY I 394 44.94 -9.11 -12.62
N GLY I 395 44.74 -8.49 -13.78
CA GLY I 395 45.69 -7.52 -14.29
C GLY I 395 45.82 -6.27 -13.44
N THR I 396 44.88 -6.03 -12.53
CA THR I 396 44.96 -4.92 -11.60
C THR I 396 45.35 -5.37 -10.20
N LEU I 397 44.68 -6.38 -9.67
CA LEU I 397 44.99 -6.84 -8.32
C LEU I 397 46.27 -7.64 -8.26
N GLY I 398 46.73 -8.17 -9.39
CA GLY I 398 47.97 -8.90 -9.48
C GLY I 398 49.20 -8.04 -9.68
N HIS I 399 49.04 -6.72 -9.69
CA HIS I 399 50.19 -5.84 -9.78
C HIS I 399 51.04 -5.98 -8.53
N PRO I 400 52.36 -5.98 -8.67
CA PRO I 400 53.23 -6.16 -7.49
C PRO I 400 53.09 -5.06 -6.46
N TRP I 401 52.59 -3.89 -6.82
CA TRP I 401 52.47 -2.77 -5.89
C TRP I 401 51.04 -2.56 -5.39
N GLY I 402 50.12 -3.44 -5.73
CA GLY I 402 48.76 -3.35 -5.24
C GLY I 402 47.80 -2.81 -6.29
N ASN I 403 46.56 -2.61 -5.84
CA ASN I 403 45.47 -2.27 -6.76
C ASN I 403 45.64 -0.87 -7.34
N ALA I 404 46.00 0.10 -6.50
CA ALA I 404 46.07 1.48 -6.99
C ALA I 404 47.14 1.63 -8.06
N ALA I 405 48.31 1.05 -7.85
CA ALA I 405 49.34 1.07 -8.87
C ALA I 405 48.92 0.29 -10.10
N GLY I 406 48.31 -0.88 -9.90
CA GLY I 406 47.84 -1.66 -11.03
C GLY I 406 46.77 -0.94 -11.82
N ALA I 407 45.86 -0.25 -11.13
CA ALA I 407 44.87 0.56 -11.81
C ALA I 407 45.52 1.68 -12.60
N CYS I 408 46.51 2.35 -12.00
CA CYS I 408 47.19 3.43 -12.70
C CYS I 408 47.93 2.93 -13.92
N ALA I 409 48.57 1.76 -13.82
CA ALA I 409 49.27 1.18 -14.95
C ALA I 409 48.31 0.90 -16.10
N ASN I 410 47.16 0.31 -15.80
CA ASN I 410 46.18 0.06 -16.85
C ASN I 410 45.63 1.35 -17.42
N ARG I 411 45.38 2.34 -16.57
CA ARG I 411 44.87 3.62 -17.06
C ARG I 411 45.89 4.33 -17.95
N VAL I 412 47.16 4.31 -17.55
CA VAL I 412 48.20 4.92 -18.37
C VAL I 412 48.35 4.18 -19.69
N ALA I 413 48.33 2.83 -19.63
CA ALA I 413 48.45 2.06 -20.85
C ALA I 413 47.29 2.34 -21.81
N LEU I 414 46.07 2.45 -21.28
CA LEU I 414 44.93 2.75 -22.13
C LEU I 414 45.05 4.12 -22.76
N GLU I 415 45.37 5.13 -21.94
CA GLU I 415 45.41 6.50 -22.45
C GLU I 415 46.57 6.68 -23.43
N ALA I 416 47.69 6.01 -23.20
CA ALA I 416 48.79 6.04 -24.16
C ALA I 416 48.37 5.42 -25.49
N CYS I 417 47.69 4.28 -25.44
CA CYS I 417 47.22 3.65 -26.67
C CYS I 417 46.19 4.52 -27.38
N ILE I 418 45.28 5.15 -26.61
CA ILE I 418 44.27 5.99 -27.23
C ILE I 418 44.91 7.22 -27.86
N GLU I 419 45.83 7.87 -27.15
CA GLU I 419 46.49 9.05 -27.70
C GLU I 419 47.29 8.68 -28.95
N ALA I 420 48.01 7.57 -28.91
CA ALA I 420 48.76 7.13 -30.08
C ALA I 420 47.82 6.79 -31.23
N ARG I 421 46.69 6.16 -30.94
CA ARG I 421 45.72 5.87 -31.98
C ARG I 421 45.17 7.16 -32.59
N ASN I 422 44.86 8.15 -31.75
CA ASN I 422 44.37 9.42 -32.27
C ASN I 422 45.42 10.12 -33.11
N GLN I 423 46.70 9.87 -32.84
CA GLN I 423 47.77 10.48 -33.62
C GLN I 423 48.04 9.77 -34.93
N GLY I 424 47.35 8.66 -35.20
CA GLY I 424 47.52 7.93 -36.43
C GLY I 424 48.48 6.76 -36.38
N ILE I 425 49.09 6.51 -35.22
CA ILE I 425 50.03 5.39 -35.09
C ILE I 425 49.27 4.08 -35.29
N PRO I 426 49.82 3.09 -36.00
CA PRO I 426 49.21 1.76 -36.00
C PRO I 426 49.48 1.05 -34.68
N ILE I 427 48.46 1.02 -33.82
CA ILE I 427 48.68 0.63 -32.42
C ILE I 427 48.92 -0.86 -32.29
N GLU I 428 48.18 -1.69 -33.04
CA GLU I 428 48.39 -3.12 -32.90
C GLU I 428 49.72 -3.57 -33.50
N LYS I 429 50.21 -2.85 -34.51
CA LYS I 429 51.49 -3.21 -35.11
C LYS I 429 52.65 -2.87 -34.19
N GLU I 430 52.65 -1.65 -33.65
CA GLU I 430 53.70 -1.21 -32.73
C GLU I 430 53.04 -0.88 -31.40
N GLY I 431 52.73 -1.92 -30.63
CA GLY I 431 52.15 -1.73 -29.33
C GLY I 431 53.22 -1.66 -28.26
N LYS I 432 54.30 -2.42 -28.48
CA LYS I 432 55.39 -2.42 -27.52
C LYS I 432 56.04 -1.04 -27.38
N GLU I 433 56.29 -0.37 -28.51
CA GLU I 433 56.93 0.94 -28.45
C GLU I 433 56.00 2.00 -27.87
N VAL I 434 54.70 1.92 -28.16
CA VAL I 434 53.77 2.85 -27.54
C VAL I 434 53.74 2.65 -26.04
N LEU I 435 53.66 1.39 -25.60
CA LEU I 435 53.65 1.10 -24.17
C LEU I 435 54.99 1.45 -23.53
N THR I 436 56.09 1.15 -24.22
CA THR I 436 57.42 1.43 -23.65
C THR I 436 57.64 2.92 -23.45
N LYS I 437 57.23 3.74 -24.43
CA LYS I 437 57.36 5.18 -24.27
C LYS I 437 56.51 5.69 -23.12
N ALA I 438 55.30 5.14 -22.96
CA ALA I 438 54.46 5.52 -21.84
C ALA I 438 55.08 5.08 -20.52
N ALA I 439 55.67 3.89 -20.49
CA ALA I 439 56.28 3.39 -19.26
C ALA I 439 57.44 4.25 -18.78
N ALA I 440 57.99 5.09 -19.65
CA ALA I 440 59.08 5.97 -19.23
C ALA I 440 58.61 6.98 -18.19
N HIS I 441 57.36 7.43 -18.28
CA HIS I 441 56.81 8.37 -17.32
C HIS I 441 55.92 7.72 -16.28
N SER I 442 55.72 6.41 -16.34
CA SER I 442 54.85 5.71 -15.40
C SER I 442 55.57 4.51 -14.81
N PRO I 443 56.14 4.64 -13.61
CA PRO I 443 56.76 3.49 -12.96
C PRO I 443 55.78 2.34 -12.73
N GLU I 444 54.51 2.65 -12.47
CA GLU I 444 53.51 1.60 -12.29
C GLU I 444 53.36 0.78 -13.56
N LEU I 445 53.31 1.45 -14.72
CA LEU I 445 53.20 0.74 -15.98
C LEU I 445 54.46 -0.06 -16.27
N LYS I 446 55.62 0.51 -15.94
CA LYS I 446 56.88 -0.17 -16.24
C LYS I 446 56.96 -1.52 -15.55
N ILE I 447 56.66 -1.57 -14.25
CA ILE I 447 56.75 -2.83 -13.52
C ILE I 447 55.59 -3.75 -13.89
N ALA I 448 54.46 -3.18 -14.29
CA ALA I 448 53.36 -4.01 -14.79
C ALA I 448 53.79 -4.75 -16.05
N MET I 449 54.50 -4.07 -16.94
CA MET I 449 54.97 -4.72 -18.17
C MET I 449 55.96 -5.83 -17.86
N GLU I 450 56.71 -5.69 -16.78
CA GLU I 450 57.64 -6.75 -16.38
C GLU I 450 56.92 -7.91 -15.71
N THR I 451 55.80 -7.65 -15.04
CA THR I 451 55.10 -8.70 -14.31
C THR I 451 54.53 -9.75 -15.25
N TRP I 452 53.95 -9.34 -16.36
CA TRP I 452 53.33 -10.25 -17.31
C TRP I 452 54.04 -10.13 -18.65
N LYS I 453 54.19 -11.27 -19.33
CA LYS I 453 55.02 -11.32 -20.52
C LYS I 453 54.32 -10.70 -21.72
N GLU I 454 55.13 -10.32 -22.71
CA GLU I 454 54.60 -9.76 -23.94
C GLU I 454 53.71 -10.77 -24.66
N ILE I 455 52.76 -10.26 -25.44
CA ILE I 455 51.77 -11.07 -26.13
C ILE I 455 52.10 -11.09 -27.61
N LYS I 456 52.12 -12.28 -28.20
CA LYS I 456 52.30 -12.44 -29.63
C LYS I 456 51.76 -13.79 -30.11
N MET J 1 -17.42 -43.43 -36.29
CA MET J 1 -17.27 -42.18 -35.57
C MET J 1 -18.53 -41.88 -34.77
N GLN J 2 -18.44 -41.98 -33.45
CA GLN J 2 -19.62 -41.84 -32.60
C GLN J 2 -19.40 -40.73 -31.58
N ASP J 3 -20.52 -40.20 -31.09
CA ASP J 3 -20.50 -39.21 -30.03
C ASP J 3 -20.02 -39.85 -28.73
N TYR J 4 -19.34 -39.06 -27.90
CA TYR J 4 -18.71 -39.60 -26.72
C TYR J 4 -19.70 -40.06 -25.65
N ASN J 5 -20.91 -39.49 -25.61
CA ASN J 5 -21.95 -39.88 -24.66
C ASN J 5 -21.49 -39.64 -23.22
N SER J 6 -21.33 -38.35 -22.91
CA SER J 6 -21.16 -37.88 -21.55
C SER J 6 -21.87 -36.55 -21.44
N SER J 7 -22.60 -36.34 -20.34
CA SER J 7 -23.35 -35.11 -20.21
C SER J 7 -23.57 -34.80 -18.74
N LEU J 8 -23.91 -33.54 -18.46
CA LEU J 8 -24.17 -33.12 -17.09
C LEU J 8 -25.41 -33.79 -16.51
N GLU J 9 -26.40 -34.06 -17.36
CA GLU J 9 -27.66 -34.63 -16.87
C GLU J 9 -27.62 -36.15 -16.75
N ASP J 10 -26.80 -36.82 -17.55
CA ASP J 10 -26.70 -38.28 -17.50
C ASP J 10 -25.87 -38.66 -16.28
N VAL J 11 -26.52 -39.29 -15.29
CA VAL J 11 -25.83 -39.66 -14.06
C VAL J 11 -24.76 -40.72 -14.30
N ASN J 12 -24.86 -41.49 -15.37
CA ASN J 12 -23.83 -42.46 -15.70
C ASN J 12 -22.53 -41.80 -16.16
N SER J 13 -22.54 -40.50 -16.41
CA SER J 13 -21.33 -39.81 -16.82
C SER J 13 -20.36 -39.61 -15.66
N ARG J 14 -20.85 -39.66 -14.42
CA ARG J 14 -19.99 -39.43 -13.28
C ARG J 14 -18.98 -40.55 -13.12
N LYS J 15 -17.75 -40.19 -12.79
CA LYS J 15 -16.68 -41.14 -12.56
C LYS J 15 -16.19 -41.00 -11.13
N PHE J 16 -15.51 -42.03 -10.65
CA PHE J 16 -15.18 -42.13 -9.24
C PHE J 16 -13.74 -42.59 -9.05
N GLY J 17 -12.84 -41.98 -9.81
CA GLY J 17 -11.43 -42.25 -9.63
C GLY J 17 -10.92 -43.48 -10.34
N THR J 18 -9.87 -44.09 -9.80
CA THR J 18 -9.19 -45.18 -10.47
C THR J 18 -10.13 -46.36 -10.70
N PHE J 19 -10.07 -46.91 -11.91
CA PHE J 19 -10.84 -48.06 -12.39
C PHE J 19 -12.31 -47.74 -12.65
N SER J 20 -12.72 -46.47 -12.56
CA SER J 20 -14.09 -46.13 -12.89
C SER J 20 -14.35 -46.08 -14.39
N TYR J 21 -13.29 -46.08 -15.21
CA TYR J 21 -13.45 -46.17 -16.66
C TYR J 21 -13.40 -47.60 -17.17
N LEU J 22 -13.26 -48.56 -16.29
CA LEU J 22 -13.34 -49.98 -16.58
C LEU J 22 -14.71 -50.51 -16.17
N PRO J 23 -15.10 -51.69 -16.67
CA PRO J 23 -16.36 -52.27 -16.21
C PRO J 23 -16.35 -52.50 -14.71
N ALA J 24 -17.54 -52.46 -14.11
CA ALA J 24 -17.68 -52.61 -12.67
C ALA J 24 -17.03 -53.90 -12.20
N MET J 25 -16.26 -53.80 -11.14
CA MET J 25 -15.48 -54.94 -10.67
C MET J 25 -16.39 -56.02 -10.10
N ASP J 26 -16.09 -57.26 -10.46
CA ASP J 26 -16.76 -58.42 -9.88
C ASP J 26 -15.99 -58.88 -8.64
N ALA J 27 -16.46 -59.96 -8.03
CA ALA J 27 -15.84 -60.45 -6.80
C ALA J 27 -14.38 -60.85 -7.03
N GLU J 28 -14.11 -61.50 -8.16
CA GLU J 28 -12.75 -61.94 -8.46
C GLU J 28 -11.81 -60.76 -8.64
N ARG J 29 -12.27 -59.70 -9.32
CA ARG J 29 -11.41 -58.55 -9.53
C ARG J 29 -11.18 -57.79 -8.22
N ILE J 30 -12.20 -57.72 -7.36
CA ILE J 30 -12.03 -57.06 -6.07
C ILE J 30 -11.00 -57.80 -5.23
N ARG J 31 -11.06 -59.13 -5.21
CA ARG J 31 -10.12 -59.92 -4.41
C ARG J 31 -8.69 -59.69 -4.88
N LYS J 32 -8.47 -59.62 -6.19
CA LYS J 32 -7.13 -59.39 -6.71
C LYS J 32 -6.60 -58.03 -6.27
N GLN J 33 -7.49 -57.03 -6.21
CA GLN J 33 -7.07 -55.71 -5.73
C GLN J 33 -6.77 -55.74 -4.24
N VAL J 34 -7.57 -56.49 -3.47
CA VAL J 34 -7.27 -56.64 -2.04
C VAL J 34 -5.93 -57.34 -1.86
N GLU J 35 -5.67 -58.37 -2.66
CA GLU J 35 -4.39 -59.07 -2.58
C GLU J 35 -3.23 -58.13 -2.91
N TYR J 36 -3.43 -57.26 -3.89
CA TYR J 36 -2.37 -56.30 -4.24
C TYR J 36 -2.08 -55.36 -3.08
N ILE J 37 -3.13 -54.88 -2.41
CA ILE J 37 -2.95 -53.98 -1.27
C ILE J 37 -2.17 -54.70 -0.16
N VAL J 38 -2.55 -55.94 0.13
CA VAL J 38 -1.86 -56.70 1.17
C VAL J 38 -0.41 -56.96 0.78
N SER J 39 -0.18 -57.31 -0.49
CA SER J 39 1.17 -57.61 -0.94
C SER J 39 2.10 -56.41 -0.80
N LYS J 40 1.56 -55.19 -0.91
CA LYS J 40 2.37 -54.00 -0.74
C LYS J 40 2.64 -53.67 0.71
N GLY J 41 2.01 -54.38 1.65
CA GLY J 41 2.10 -54.03 3.04
C GLY J 41 1.24 -52.85 3.44
N TRP J 42 0.32 -52.42 2.58
CA TRP J 42 -0.54 -51.30 2.89
C TRP J 42 -1.69 -51.75 3.80
N ASN J 43 -2.24 -50.79 4.53
CA ASN J 43 -3.29 -51.07 5.48
C ASN J 43 -4.65 -50.92 4.80
N PRO J 44 -5.43 -51.98 4.67
CA PRO J 44 -6.72 -51.86 3.99
C PRO J 44 -7.70 -51.03 4.80
N ALA J 45 -8.57 -50.33 4.07
CA ALA J 45 -9.61 -49.54 4.71
C ALA J 45 -10.80 -49.47 3.78
N ILE J 46 -11.96 -49.21 4.36
CA ILE J 46 -13.22 -49.12 3.63
C ILE J 46 -13.83 -47.75 3.93
N GLU J 47 -14.16 -47.02 2.88
CA GLU J 47 -14.97 -45.82 3.01
C GLU J 47 -16.16 -45.89 2.08
N HIS J 48 -17.17 -45.11 2.41
CA HIS J 48 -18.40 -45.08 1.65
C HIS J 48 -18.98 -43.68 1.73
N THR J 49 -19.82 -43.35 0.75
CA THR J 49 -20.49 -42.06 0.75
C THR J 49 -21.72 -42.14 -0.14
N GLU J 50 -22.64 -41.23 0.10
CA GLU J 50 -23.76 -41.09 -0.79
C GLU J 50 -23.26 -40.60 -2.15
N PRO J 51 -23.82 -41.10 -3.25
CA PRO J 51 -23.28 -40.73 -4.58
C PRO J 51 -23.25 -39.25 -4.85
N GLU J 52 -24.18 -38.47 -4.29
CA GLU J 52 -24.18 -37.03 -4.52
C GLU J 52 -22.98 -36.35 -3.88
N HIS J 53 -22.40 -36.97 -2.85
CA HIS J 53 -21.27 -36.39 -2.13
C HIS J 53 -19.96 -37.07 -2.48
N ALA J 54 -19.90 -37.74 -3.62
CA ALA J 54 -18.70 -38.48 -4.00
C ALA J 54 -17.52 -37.58 -4.32
N PHE J 55 -17.75 -36.30 -4.62
CA PHE J 55 -16.68 -35.37 -4.91
C PHE J 55 -15.90 -34.96 -3.67
N ASP J 56 -16.46 -35.15 -2.48
CA ASP J 56 -15.86 -34.65 -1.25
C ASP J 56 -14.51 -35.31 -1.00
N HIS J 57 -13.62 -34.55 -0.35
CA HIS J 57 -12.33 -35.10 0.04
C HIS J 57 -12.49 -36.23 1.03
N TYR J 58 -13.43 -36.10 1.96
CA TYR J 58 -13.61 -37.06 3.04
C TYR J 58 -14.91 -37.82 2.82
N TRP J 59 -14.80 -39.13 2.64
CA TRP J 59 -15.94 -40.01 2.66
C TRP J 59 -16.15 -40.49 4.10
N TYR J 60 -17.22 -41.23 4.34
CA TYR J 60 -17.42 -41.83 5.65
C TYR J 60 -16.48 -43.02 5.80
N MET J 61 -15.73 -43.04 6.89
CA MET J 61 -14.94 -44.22 7.19
C MET J 61 -15.85 -45.32 7.71
N TRP J 62 -15.70 -46.51 7.16
CA TRP J 62 -16.38 -47.69 7.69
C TRP J 62 -15.51 -48.27 8.80
N LYS J 63 -15.89 -48.00 10.04
CA LYS J 63 -15.11 -48.43 11.22
C LYS J 63 -13.71 -47.80 11.12
N LEU J 64 -12.68 -48.55 11.40
CA LEU J 64 -11.30 -48.08 11.33
C LEU J 64 -10.55 -48.83 10.24
N PRO J 65 -9.45 -48.27 9.74
CA PRO J 65 -8.62 -49.04 8.81
C PRO J 65 -8.15 -50.33 9.47
N MET J 66 -8.15 -51.41 8.71
CA MET J 66 -7.74 -52.71 9.21
C MET J 66 -6.22 -52.77 9.23
N PHE J 67 -5.64 -52.07 10.20
CA PHE J 67 -4.19 -51.95 10.29
C PHE J 67 -3.55 -53.31 10.48
N GLY J 68 -2.52 -53.58 9.69
CA GLY J 68 -1.80 -54.85 9.80
C GLY J 68 -2.58 -56.06 9.40
N GLU J 69 -3.72 -55.89 8.73
CA GLU J 69 -4.58 -56.99 8.36
C GLU J 69 -4.11 -57.58 7.04
N THR J 70 -3.80 -58.87 7.04
CA THR J 70 -3.35 -59.56 5.84
C THR J 70 -4.32 -60.64 5.37
N ASN J 71 -5.42 -60.85 6.08
CA ASN J 71 -6.40 -61.85 5.68
C ASN J 71 -7.32 -61.24 4.63
N VAL J 72 -7.18 -61.72 3.38
CA VAL J 72 -7.95 -61.16 2.28
C VAL J 72 -9.45 -61.37 2.52
N ASP J 73 -9.82 -62.54 3.03
CA ASP J 73 -11.24 -62.83 3.25
C ASP J 73 -11.84 -61.90 4.30
N ALA J 74 -11.08 -61.59 5.35
CA ALA J 74 -11.55 -60.67 6.37
C ALA J 74 -11.80 -59.28 5.79
N ILE J 75 -10.90 -58.82 4.93
CA ILE J 75 -11.08 -57.51 4.29
C ILE J 75 -12.33 -57.53 3.40
N LEU J 76 -12.51 -58.61 2.64
CA LEU J 76 -13.65 -58.69 1.74
C LEU J 76 -14.96 -58.69 2.50
N LYS J 77 -15.02 -59.38 3.65
CA LYS J 77 -16.25 -59.41 4.42
C LYS J 77 -16.56 -58.06 5.03
N GLU J 78 -15.52 -57.29 5.40
CA GLU J 78 -15.74 -55.94 5.89
C GLU J 78 -16.33 -55.05 4.80
N ALA J 79 -15.80 -55.15 3.59
CA ALA J 79 -16.34 -54.37 2.48
C ALA J 79 -17.78 -54.77 2.18
N GLU J 80 -18.08 -56.07 2.23
CA GLU J 80 -19.44 -56.53 2.01
C GLU J 80 -20.37 -56.04 3.12
N ALA J 81 -19.88 -56.04 4.36
CA ALA J 81 -20.69 -55.54 5.48
C ALA J 81 -21.03 -54.08 5.29
N CYS J 82 -20.06 -53.26 4.87
CA CYS J 82 -20.34 -51.86 4.59
C CYS J 82 -21.37 -51.72 3.48
N HIS J 83 -21.25 -52.55 2.44
CA HIS J 83 -22.19 -52.50 1.33
C HIS J 83 -23.59 -52.86 1.79
N LYS J 84 -23.72 -53.88 2.65
CA LYS J 84 -25.04 -54.26 3.15
C LYS J 84 -25.63 -53.16 4.02
N ALA J 85 -24.82 -52.54 4.87
CA ALA J 85 -25.33 -51.51 5.78
C ALA J 85 -25.75 -50.25 5.03
N HIS J 86 -25.08 -49.95 3.91
CA HIS J 86 -25.36 -48.75 3.12
C HIS J 86 -25.48 -49.15 1.65
N PRO J 87 -26.58 -49.81 1.28
CA PRO J 87 -26.69 -50.34 -0.09
C PRO J 87 -26.74 -49.28 -1.17
N ASN J 88 -27.11 -48.04 -0.84
CA ASN J 88 -27.20 -46.97 -1.83
C ASN J 88 -25.92 -46.16 -1.96
N ASN J 89 -24.88 -46.51 -1.22
CA ASN J 89 -23.65 -45.72 -1.19
C ASN J 89 -22.58 -46.36 -2.05
N HIS J 90 -21.73 -45.52 -2.64
CA HIS J 90 -20.49 -46.00 -3.21
C HIS J 90 -19.61 -46.51 -2.09
N VAL J 91 -18.93 -47.62 -2.33
CA VAL J 91 -18.03 -48.19 -1.35
C VAL J 91 -16.63 -48.23 -1.93
N ARG J 92 -15.67 -47.66 -1.22
CA ARG J 92 -14.31 -47.54 -1.70
C ARG J 92 -13.39 -48.45 -0.91
N LEU J 93 -12.47 -49.10 -1.62
CA LEU J 93 -11.42 -49.89 -1.02
C LEU J 93 -10.12 -49.09 -1.09
N ILE J 94 -9.42 -48.99 0.02
CA ILE J 94 -8.26 -48.13 0.16
C ILE J 94 -7.11 -48.92 0.75
N GLY J 95 -5.92 -48.74 0.20
CA GLY J 95 -4.71 -49.21 0.83
C GLY J 95 -3.89 -48.04 1.33
N TYR J 96 -3.81 -47.88 2.65
CA TYR J 96 -3.05 -46.78 3.23
C TYR J 96 -1.57 -47.14 3.27
N ASP J 97 -0.75 -46.29 2.67
CA ASP J 97 0.70 -46.42 2.72
C ASP J 97 1.20 -45.51 3.84
N ASN J 98 1.47 -46.10 5.00
CA ASN J 98 1.87 -45.28 6.14
C ASN J 98 3.28 -44.73 6.00
N TYR J 99 4.13 -45.35 5.17
CA TYR J 99 5.48 -44.83 5.00
C TYR J 99 5.51 -43.58 4.15
N ALA J 100 4.78 -43.57 3.04
CA ALA J 100 4.63 -42.36 2.25
C ALA J 100 3.54 -41.44 2.78
N GLN J 101 2.72 -41.93 3.71
CA GLN J 101 1.55 -41.21 4.21
C GLN J 101 0.65 -40.77 3.06
N THR J 102 0.33 -41.73 2.21
CA THR J 102 -0.60 -41.51 1.12
C THR J 102 -1.48 -42.74 1.02
N LYS J 103 -2.49 -42.65 0.17
CA LYS J 103 -3.27 -43.82 -0.19
C LYS J 103 -2.57 -44.48 -1.37
N GLY J 104 -1.94 -45.63 -1.12
CA GLY J 104 -1.31 -46.36 -2.20
C GLY J 104 -2.29 -46.82 -3.25
N ALA J 105 -3.52 -47.10 -2.83
CA ALA J 105 -4.58 -47.51 -3.74
C ALA J 105 -5.91 -46.97 -3.23
N GLU J 106 -6.80 -46.66 -4.17
CA GLU J 106 -8.15 -46.21 -3.84
C GLU J 106 -9.03 -46.53 -5.04
N MET J 107 -10.12 -47.25 -4.81
CA MET J 107 -11.00 -47.61 -5.90
C MET J 107 -12.39 -47.90 -5.34
N VAL J 108 -13.40 -47.55 -6.11
CA VAL J 108 -14.78 -47.87 -5.76
C VAL J 108 -15.04 -49.31 -6.17
N ILE J 109 -15.40 -50.16 -5.21
CA ILE J 109 -15.60 -51.58 -5.47
C ILE J 109 -17.09 -51.88 -5.53
N TYR J 110 -17.91 -51.06 -4.88
CA TYR J 110 -19.35 -51.17 -4.94
C TYR J 110 -19.92 -49.83 -5.36
N ARG J 111 -20.55 -49.79 -6.52
CA ARG J 111 -21.13 -48.56 -7.03
C ARG J 111 -22.56 -48.41 -6.53
N GLY J 112 -22.88 -47.22 -6.05
CA GLY J 112 -24.21 -46.89 -5.61
C GLY J 112 -25.06 -46.29 -6.71
N LYS J 113 -26.11 -45.59 -6.31
CA LYS J 113 -26.98 -44.87 -7.24
C LYS J 113 -27.63 -45.81 -8.25
N MET K 1 -52.17 -1.41 -28.05
CA MET K 1 -51.09 -1.37 -27.05
C MET K 1 -51.16 -2.59 -26.14
N GLN K 2 -50.19 -3.50 -26.29
CA GLN K 2 -50.23 -4.76 -25.57
C GLN K 2 -48.98 -4.93 -24.72
N ASP K 3 -49.13 -5.72 -23.67
CA ASP K 3 -48.00 -6.10 -22.82
C ASP K 3 -47.02 -6.97 -23.60
N TYR K 4 -45.73 -6.85 -23.25
CA TYR K 4 -44.71 -7.53 -24.04
C TYR K 4 -44.73 -9.04 -23.86
N ASN K 5 -45.20 -9.55 -22.74
CA ASN K 5 -45.30 -10.99 -22.50
C ASN K 5 -43.92 -11.66 -22.52
N SER K 6 -43.13 -11.28 -21.52
CA SER K 6 -41.89 -11.96 -21.20
C SER K 6 -41.75 -11.95 -19.70
N SER K 7 -41.33 -13.08 -19.12
CA SER K 7 -41.25 -13.16 -17.67
C SER K 7 -40.23 -14.21 -17.28
N LEU K 8 -39.78 -14.12 -16.02
CA LEU K 8 -38.81 -15.07 -15.51
C LEU K 8 -39.38 -16.48 -15.41
N GLU K 9 -40.68 -16.61 -15.10
CA GLU K 9 -41.28 -17.92 -14.93
C GLU K 9 -41.72 -18.55 -16.24
N ASP K 10 -42.05 -17.76 -17.25
CA ASP K 10 -42.48 -18.29 -18.54
C ASP K 10 -41.25 -18.80 -19.29
N VAL K 11 -41.17 -20.12 -19.47
CA VAL K 11 -40.02 -20.72 -20.14
C VAL K 11 -39.92 -20.32 -21.60
N ASN K 12 -41.02 -19.93 -22.22
CA ASN K 12 -40.99 -19.46 -23.60
C ASN K 12 -40.31 -18.10 -23.73
N SER K 13 -40.03 -17.42 -22.62
CA SER K 13 -39.34 -16.14 -22.69
C SER K 13 -37.86 -16.30 -23.01
N ARG K 14 -37.29 -17.48 -22.78
CA ARG K 14 -35.88 -17.69 -23.02
C ARG K 14 -35.57 -17.63 -24.51
N LYS K 15 -34.46 -16.99 -24.85
CA LYS K 15 -34.00 -16.88 -26.22
C LYS K 15 -32.64 -17.55 -26.33
N PHE K 16 -32.26 -17.87 -27.57
CA PHE K 16 -31.09 -18.71 -27.80
C PHE K 16 -30.27 -18.15 -28.96
N GLY K 17 -30.04 -16.85 -28.94
CA GLY K 17 -29.15 -16.23 -29.91
C GLY K 17 -29.81 -15.90 -31.23
N THR K 18 -29.01 -15.89 -32.29
CA THR K 18 -29.48 -15.43 -33.59
C THR K 18 -30.64 -16.29 -34.08
N PHE K 19 -31.66 -15.61 -34.61
CA PHE K 19 -32.88 -16.17 -35.18
C PHE K 19 -33.84 -16.74 -34.13
N SER K 20 -33.56 -16.57 -32.84
CA SER K 20 -34.50 -17.01 -31.83
C SER K 20 -35.69 -16.10 -31.67
N TYR K 21 -35.65 -14.90 -32.24
CA TYR K 21 -36.79 -14.00 -32.25
C TYR K 21 -37.65 -14.16 -33.50
N LEU K 22 -37.29 -15.06 -34.37
CA LEU K 22 -38.06 -15.44 -35.54
C LEU K 22 -38.79 -16.75 -35.26
N PRO K 23 -39.81 -17.08 -36.06
CA PRO K 23 -40.47 -18.38 -35.89
C PRO K 23 -39.47 -19.52 -36.05
N ALA K 24 -39.75 -20.63 -35.38
CA ALA K 24 -38.87 -21.79 -35.40
C ALA K 24 -38.61 -22.23 -36.84
N MET K 25 -37.35 -22.49 -37.15
CA MET K 25 -36.97 -22.80 -38.52
C MET K 25 -37.51 -24.15 -38.95
N ASP K 26 -38.05 -24.19 -40.17
CA ASP K 26 -38.46 -25.44 -40.78
C ASP K 26 -37.29 -26.03 -41.58
N ALA K 27 -37.55 -27.16 -42.24
CA ALA K 27 -36.48 -27.84 -42.96
C ALA K 27 -35.91 -26.98 -44.07
N GLU K 28 -36.77 -26.26 -44.79
CA GLU K 28 -36.31 -25.42 -45.89
C GLU K 28 -35.45 -24.27 -45.39
N ARG K 29 -35.84 -23.66 -44.27
CA ARG K 29 -35.04 -22.56 -43.74
C ARG K 29 -33.70 -23.05 -43.19
N ILE K 30 -33.68 -24.24 -42.60
CA ILE K 30 -32.42 -24.80 -42.11
C ILE K 30 -31.47 -25.06 -43.26
N ARG K 31 -31.99 -25.60 -44.36
CA ARG K 31 -31.14 -25.91 -45.50
C ARG K 31 -30.51 -24.66 -46.09
N LYS K 32 -31.28 -23.56 -46.16
CA LYS K 32 -30.74 -22.32 -46.69
C LYS K 32 -29.63 -21.78 -45.79
N GLN K 33 -29.75 -21.98 -44.48
CA GLN K 33 -28.69 -21.56 -43.57
C GLN K 33 -27.46 -22.44 -43.74
N VAL K 34 -27.65 -23.74 -43.95
CA VAL K 34 -26.53 -24.63 -44.22
C VAL K 34 -25.84 -24.22 -45.51
N GLU K 35 -26.64 -23.90 -46.54
CA GLU K 35 -26.07 -23.46 -47.80
C GLU K 35 -25.26 -22.17 -47.63
N TYR K 36 -25.75 -21.26 -46.80
CA TYR K 36 -25.02 -20.03 -46.54
C TYR K 36 -23.68 -20.32 -45.89
N ILE K 37 -23.66 -21.23 -44.92
CA ILE K 37 -22.42 -21.58 -44.24
C ILE K 37 -21.42 -22.16 -45.24
N VAL K 38 -21.89 -23.08 -46.09
CA VAL K 38 -21.02 -23.69 -47.08
C VAL K 38 -20.52 -22.65 -48.08
N SER K 39 -21.40 -21.75 -48.50
CA SER K 39 -21.01 -20.74 -49.49
C SER K 39 -19.92 -19.83 -48.95
N LYS K 40 -19.88 -19.60 -47.65
CA LYS K 40 -18.83 -18.78 -47.06
C LYS K 40 -17.52 -19.52 -46.89
N GLY K 41 -17.50 -20.83 -47.16
CA GLY K 41 -16.32 -21.62 -46.88
C GLY K 41 -16.13 -21.96 -45.43
N TRP K 42 -17.14 -21.74 -44.59
CA TRP K 42 -17.03 -22.05 -43.18
C TRP K 42 -17.23 -23.54 -42.95
N ASN K 43 -16.71 -24.01 -41.82
CA ASN K 43 -16.78 -25.42 -41.49
C ASN K 43 -18.01 -25.69 -40.65
N PRO K 44 -18.96 -26.48 -41.14
CA PRO K 44 -20.18 -26.73 -40.37
C PRO K 44 -19.89 -27.55 -39.13
N ALA K 45 -20.67 -27.29 -38.08
CA ALA K 45 -20.56 -28.06 -36.86
C ALA K 45 -21.92 -28.08 -36.18
N ILE K 46 -22.10 -29.09 -35.34
CA ILE K 46 -23.34 -29.29 -34.59
C ILE K 46 -23.01 -29.34 -33.12
N GLU K 47 -23.68 -28.52 -32.33
CA GLU K 47 -23.64 -28.63 -30.88
C GLU K 47 -25.04 -28.71 -30.33
N HIS K 48 -25.13 -29.25 -29.12
CA HIS K 48 -26.41 -29.44 -28.45
C HIS K 48 -26.18 -29.30 -26.96
N THR K 49 -27.25 -29.00 -26.24
CA THR K 49 -27.19 -28.89 -24.80
C THR K 49 -28.59 -29.03 -24.23
N GLU K 50 -28.64 -29.40 -22.95
CA GLU K 50 -29.91 -29.37 -22.24
C GLU K 50 -30.39 -27.93 -22.14
N PRO K 51 -31.68 -27.67 -22.27
CA PRO K 51 -32.16 -26.28 -22.27
C PRO K 51 -31.79 -25.51 -21.02
N GLU K 52 -31.68 -26.17 -19.88
CA GLU K 52 -31.32 -25.44 -18.65
C GLU K 52 -29.89 -24.93 -18.70
N HIS K 53 -29.04 -25.54 -19.52
CA HIS K 53 -27.63 -25.16 -19.62
C HIS K 53 -27.34 -24.39 -20.89
N ALA K 54 -28.35 -23.81 -21.51
CA ALA K 54 -28.17 -23.11 -22.78
C ALA K 54 -27.35 -21.83 -22.64
N PHE K 55 -27.25 -21.28 -21.44
CA PHE K 55 -26.47 -20.07 -21.22
C PHE K 55 -24.96 -20.32 -21.26
N ASP K 56 -24.54 -21.57 -21.13
CA ASP K 56 -23.12 -21.87 -21.00
C ASP K 56 -22.36 -21.51 -22.26
N HIS K 57 -21.09 -21.14 -22.09
CA HIS K 57 -20.24 -20.86 -23.23
C HIS K 57 -20.04 -22.09 -24.09
N TYR K 58 -19.90 -23.25 -23.48
CA TYR K 58 -19.59 -24.49 -24.19
C TYR K 58 -20.80 -25.40 -24.14
N TRP K 59 -21.36 -25.70 -25.31
CA TRP K 59 -22.35 -26.74 -25.45
C TRP K 59 -21.63 -28.06 -25.71
N TYR K 60 -22.37 -29.15 -25.78
CA TYR K 60 -21.79 -30.42 -26.17
C TYR K 60 -21.55 -30.43 -27.67
N MET K 61 -20.33 -30.75 -28.08
CA MET K 61 -20.06 -30.95 -29.49
C MET K 61 -20.65 -32.28 -29.93
N TRP K 62 -21.39 -32.26 -31.03
CA TRP K 62 -21.86 -33.49 -31.66
C TRP K 62 -20.75 -33.97 -32.60
N LYS K 63 -20.00 -34.97 -32.16
CA LYS K 63 -18.85 -35.50 -32.92
C LYS K 63 -17.86 -34.37 -33.12
N LEU K 64 -17.29 -34.23 -34.31
CA LEU K 64 -16.35 -33.18 -34.63
C LEU K 64 -16.94 -32.25 -35.69
N PRO K 65 -16.43 -31.03 -35.80
CA PRO K 65 -16.87 -30.17 -36.90
C PRO K 65 -16.58 -30.85 -38.23
N MET K 66 -17.53 -30.73 -39.16
CA MET K 66 -17.40 -31.34 -40.48
C MET K 66 -16.49 -30.45 -41.34
N PHE K 67 -15.20 -30.53 -41.04
CA PHE K 67 -14.22 -29.68 -41.70
C PHE K 67 -14.19 -29.96 -43.20
N GLY K 68 -14.22 -28.89 -44.00
CA GLY K 68 -14.18 -29.03 -45.43
C GLY K 68 -15.38 -29.68 -46.05
N GLU K 69 -16.47 -29.82 -45.31
CA GLU K 69 -17.66 -30.49 -45.80
C GLU K 69 -18.53 -29.51 -46.56
N THR K 70 -18.82 -29.82 -47.82
CA THR K 70 -19.65 -28.97 -48.66
C THR K 70 -20.96 -29.63 -49.07
N ASN K 71 -21.20 -30.87 -48.65
CA ASN K 71 -22.43 -31.56 -48.98
C ASN K 71 -23.52 -31.13 -48.00
N VAL K 72 -24.48 -30.36 -48.49
CA VAL K 72 -25.52 -29.83 -47.62
C VAL K 72 -26.34 -30.95 -47.00
N ASP K 73 -26.64 -31.98 -47.79
CA ASP K 73 -27.44 -33.09 -47.28
C ASP K 73 -26.71 -33.84 -46.17
N ALA K 74 -25.40 -34.01 -46.30
CA ALA K 74 -24.63 -34.66 -45.25
C ALA K 74 -24.67 -33.87 -43.95
N ILE K 75 -24.57 -32.55 -44.04
CA ILE K 75 -24.66 -31.70 -42.85
C ILE K 75 -26.04 -31.83 -42.22
N LEU K 76 -27.09 -31.82 -43.04
CA LEU K 76 -28.45 -31.89 -42.52
C LEU K 76 -28.69 -33.22 -41.81
N LYS K 77 -28.16 -34.32 -42.35
CA LYS K 77 -28.36 -35.61 -41.72
C LYS K 77 -27.61 -35.70 -40.39
N GLU K 78 -26.45 -35.04 -40.28
CA GLU K 78 -25.75 -35.00 -39.00
C GLU K 78 -26.56 -34.24 -37.96
N ALA K 79 -27.14 -33.11 -38.35
CA ALA K 79 -27.98 -32.35 -37.42
C ALA K 79 -29.19 -33.16 -37.00
N GLU K 80 -29.81 -33.86 -37.94
CA GLU K 80 -30.95 -34.70 -37.62
C GLU K 80 -30.55 -35.85 -36.70
N ALA K 81 -29.38 -36.43 -36.93
CA ALA K 81 -28.89 -37.51 -36.08
C ALA K 81 -28.69 -37.03 -34.65
N CYS K 82 -28.12 -35.84 -34.48
CA CYS K 82 -27.96 -35.28 -33.14
C CYS K 82 -29.33 -35.05 -32.50
N HIS K 83 -30.29 -34.56 -33.28
CA HIS K 83 -31.63 -34.33 -32.76
C HIS K 83 -32.28 -35.61 -32.29
N LYS K 84 -32.14 -36.69 -33.07
CA LYS K 84 -32.73 -37.97 -32.65
C LYS K 84 -32.04 -38.52 -31.41
N ALA K 85 -30.71 -38.40 -31.34
CA ALA K 85 -29.99 -38.94 -30.19
C ALA K 85 -30.30 -38.18 -28.91
N HIS K 86 -30.60 -36.89 -29.02
CA HIS K 86 -30.90 -36.04 -27.86
C HIS K 86 -32.15 -35.23 -28.15
N PRO K 87 -33.32 -35.87 -28.14
CA PRO K 87 -34.56 -35.19 -28.54
C PRO K 87 -34.96 -34.04 -27.63
N ASN K 88 -34.50 -34.01 -26.38
CA ASN K 88 -34.87 -32.95 -25.45
C ASN K 88 -33.89 -31.79 -25.44
N ASN K 89 -32.86 -31.83 -26.27
CA ASN K 89 -31.82 -30.81 -26.26
C ASN K 89 -32.01 -29.81 -27.39
N HIS K 90 -31.61 -28.57 -27.12
CA HIS K 90 -31.45 -27.61 -28.20
C HIS K 90 -30.30 -28.07 -29.08
N VAL K 91 -30.47 -27.92 -30.39
CA VAL K 91 -29.43 -28.31 -31.34
C VAL K 91 -29.03 -27.06 -32.12
N ARG K 92 -27.73 -26.78 -32.14
CA ARG K 92 -27.21 -25.58 -32.76
C ARG K 92 -26.43 -25.94 -34.01
N LEU K 93 -26.62 -25.13 -35.06
CA LEU K 93 -25.84 -25.23 -36.28
C LEU K 93 -24.82 -24.10 -36.29
N ILE K 94 -23.56 -24.44 -36.55
CA ILE K 94 -22.46 -23.50 -36.44
C ILE K 94 -21.63 -23.54 -37.71
N GLY K 95 -21.24 -22.37 -38.19
CA GLY K 95 -20.24 -22.28 -39.23
C GLY K 95 -18.96 -21.70 -38.66
N TYR K 96 -17.92 -22.52 -38.55
CA TYR K 96 -16.65 -22.05 -38.02
C TYR K 96 -15.86 -21.33 -39.10
N ASP K 97 -15.47 -20.09 -38.82
CA ASP K 97 -14.61 -19.31 -39.71
C ASP K 97 -13.18 -19.46 -39.18
N ASN K 98 -12.41 -20.34 -39.80
CA ASN K 98 -11.07 -20.59 -39.31
C ASN K 98 -10.11 -19.44 -39.59
N TYR K 99 -10.41 -18.59 -40.57
CA TYR K 99 -9.53 -17.46 -40.86
C TYR K 99 -9.66 -16.36 -39.83
N ALA K 100 -10.89 -16.02 -39.44
CA ALA K 100 -11.10 -15.08 -38.35
C ALA K 100 -11.05 -15.75 -36.98
N GLN K 101 -11.06 -17.07 -36.94
CA GLN K 101 -11.14 -17.84 -35.71
C GLN K 101 -12.33 -17.40 -34.87
N THR K 102 -13.48 -17.39 -35.52
CA THR K 102 -14.74 -17.07 -34.87
C THR K 102 -15.79 -18.00 -35.45
N LYS K 103 -16.97 -17.97 -34.85
CA LYS K 103 -18.12 -18.63 -35.43
C LYS K 103 -18.77 -17.63 -36.38
N GLY K 104 -18.64 -17.88 -37.69
CA GLY K 104 -19.29 -17.02 -38.65
C GLY K 104 -20.79 -17.04 -38.54
N ALA K 105 -21.35 -18.18 -38.10
CA ALA K 105 -22.78 -18.32 -37.90
C ALA K 105 -23.02 -19.27 -36.75
N GLU K 106 -24.11 -19.02 -36.03
CA GLU K 106 -24.53 -19.88 -34.93
C GLU K 106 -26.01 -19.69 -34.73
N MET K 107 -26.77 -20.78 -34.78
CA MET K 107 -28.21 -20.68 -34.62
C MET K 107 -28.76 -22.00 -34.13
N VAL K 108 -29.79 -21.93 -33.30
CA VAL K 108 -30.49 -23.12 -32.85
C VAL K 108 -31.47 -23.54 -33.94
N ILE K 109 -31.31 -24.76 -34.46
CA ILE K 109 -32.14 -25.24 -35.55
C ILE K 109 -33.19 -26.20 -35.02
N TYR K 110 -32.91 -26.83 -33.89
CA TYR K 110 -33.88 -27.69 -33.22
C TYR K 110 -34.02 -27.22 -31.79
N ARG K 111 -35.21 -26.74 -31.44
CA ARG K 111 -35.47 -26.28 -30.09
C ARG K 111 -35.90 -27.43 -29.20
N GLY K 112 -35.34 -27.47 -28.00
CA GLY K 112 -35.66 -28.49 -27.03
C GLY K 112 -36.80 -28.08 -26.12
N LYS K 113 -36.81 -28.64 -24.92
CA LYS K 113 -37.80 -28.36 -23.87
C LYS K 113 -39.23 -28.43 -24.38
N MET L 1 -51.86 -11.87 26.08
CA MET L 1 -50.50 -11.91 25.55
C MET L 1 -50.33 -13.07 24.58
N GLN L 2 -50.17 -12.74 23.30
CA GLN L 2 -50.15 -13.77 22.26
C GLN L 2 -48.86 -13.68 21.45
N ASP L 3 -48.50 -14.81 20.86
CA ASP L 3 -47.35 -14.88 19.97
C ASP L 3 -47.63 -14.08 18.69
N TYR L 4 -46.57 -13.51 18.12
CA TYR L 4 -46.75 -12.61 16.99
C TYR L 4 -47.18 -13.32 15.71
N ASN L 5 -46.85 -14.61 15.55
CA ASN L 5 -47.26 -15.39 14.40
C ASN L 5 -46.69 -14.81 13.10
N SER L 6 -45.37 -14.88 13.00
CA SER L 6 -44.66 -14.64 11.77
C SER L 6 -43.49 -15.60 11.71
N SER L 7 -43.26 -16.20 10.54
CA SER L 7 -42.21 -17.20 10.45
C SER L 7 -41.70 -17.27 9.02
N LEU L 8 -40.51 -17.87 8.87
CA LEU L 8 -39.91 -18.01 7.55
C LEU L 8 -40.73 -18.96 6.66
N GLU L 9 -41.33 -19.99 7.24
CA GLU L 9 -42.07 -20.97 6.46
C GLU L 9 -43.50 -20.54 6.15
N ASP L 10 -44.10 -19.71 7.01
CA ASP L 10 -45.47 -19.25 6.77
C ASP L 10 -45.45 -18.19 5.67
N VAL L 11 -46.02 -18.54 4.51
CA VAL L 11 -46.02 -17.63 3.38
C VAL L 11 -46.83 -16.37 3.65
N ASN L 12 -47.81 -16.44 4.56
CA ASN L 12 -48.57 -15.25 4.90
C ASN L 12 -47.75 -14.23 5.70
N SER L 13 -46.56 -14.60 6.14
CA SER L 13 -45.70 -13.66 6.85
C SER L 13 -45.11 -12.62 5.92
N ARG L 14 -45.03 -12.90 4.63
CA ARG L 14 -44.43 -11.96 3.70
C ARG L 14 -45.27 -10.71 3.56
N LYS L 15 -44.61 -9.56 3.51
CA LYS L 15 -45.27 -8.27 3.35
C LYS L 15 -44.76 -7.63 2.05
N PHE L 16 -45.53 -6.67 1.56
CA PHE L 16 -45.30 -6.12 0.23
C PHE L 16 -45.41 -4.60 0.26
N GLY L 17 -44.80 -3.98 1.24
CA GLY L 17 -44.72 -2.54 1.28
C GLY L 17 -45.93 -1.87 1.89
N THR L 18 -46.19 -0.64 1.47
CA THR L 18 -47.23 0.17 2.08
C THR L 18 -48.60 -0.50 1.96
N PHE L 19 -49.34 -0.48 3.07
CA PHE L 19 -50.69 -1.02 3.23
C PHE L 19 -50.73 -2.55 3.27
N SER L 20 -49.58 -3.22 3.30
CA SER L 20 -49.59 -4.67 3.42
C SER L 20 -49.86 -5.15 4.84
N TYR L 21 -49.80 -4.26 5.83
CA TYR L 21 -50.18 -4.60 7.20
C TYR L 21 -51.63 -4.28 7.50
N LEU L 22 -52.37 -3.79 6.52
CA LEU L 22 -53.81 -3.58 6.59
C LEU L 22 -54.52 -4.71 5.87
N PRO L 23 -55.82 -4.89 6.11
CA PRO L 23 -56.56 -5.90 5.36
C PRO L 23 -56.51 -5.63 3.87
N ALA L 24 -56.60 -6.70 3.09
CA ALA L 24 -56.52 -6.59 1.64
C ALA L 24 -57.54 -5.59 1.12
N MET L 25 -57.10 -4.72 0.22
CA MET L 25 -57.95 -3.64 -0.26
C MET L 25 -59.08 -4.18 -1.13
N ASP L 26 -60.28 -3.66 -0.90
CA ASP L 26 -61.42 -3.95 -1.74
C ASP L 26 -61.49 -2.92 -2.87
N ALA L 27 -62.52 -3.04 -3.72
CA ALA L 27 -62.63 -2.15 -4.87
C ALA L 27 -62.76 -0.69 -4.44
N GLU L 28 -63.53 -0.44 -3.38
CA GLU L 28 -63.73 0.93 -2.92
C GLU L 28 -62.43 1.54 -2.40
N ARG L 29 -61.63 0.76 -1.67
CA ARG L 29 -60.37 1.29 -1.15
C ARG L 29 -59.37 1.51 -2.28
N ILE L 30 -59.36 0.64 -3.28
CA ILE L 30 -58.46 0.84 -4.42
C ILE L 30 -58.81 2.12 -5.16
N ARG L 31 -60.10 2.38 -5.37
CA ARG L 31 -60.51 3.56 -6.09
C ARG L 31 -60.09 4.83 -5.35
N LYS L 32 -60.21 4.83 -4.03
CA LYS L 32 -59.80 6.01 -3.26
C LYS L 32 -58.30 6.24 -3.39
N GLN L 33 -57.51 5.17 -3.47
CA GLN L 33 -56.08 5.33 -3.67
C GLN L 33 -55.78 5.84 -5.07
N VAL L 34 -56.51 5.37 -6.07
CA VAL L 34 -56.35 5.89 -7.42
C VAL L 34 -56.71 7.38 -7.46
N GLU L 35 -57.80 7.75 -6.78
CA GLU L 35 -58.19 9.15 -6.73
C GLU L 35 -57.11 9.99 -6.06
N TYR L 36 -56.49 9.47 -5.01
CA TYR L 36 -55.41 10.20 -4.35
C TYR L 36 -54.24 10.43 -5.30
N ILE L 37 -53.87 9.41 -6.07
CA ILE L 37 -52.77 9.54 -7.02
C ILE L 37 -53.09 10.61 -8.05
N VAL L 38 -54.31 10.57 -8.59
CA VAL L 38 -54.72 11.56 -9.59
C VAL L 38 -54.74 12.96 -8.98
N SER L 39 -55.26 13.09 -7.75
CA SER L 39 -55.35 14.39 -7.11
C SER L 39 -53.98 15.03 -6.92
N LYS L 40 -52.94 14.21 -6.73
CA LYS L 40 -51.59 14.73 -6.58
C LYS L 40 -50.95 15.12 -7.90
N GLY L 41 -51.60 14.82 -9.03
CA GLY L 41 -51.00 15.02 -10.31
C GLY L 41 -49.97 13.98 -10.68
N TRP L 42 -49.90 12.87 -9.95
CA TRP L 42 -48.95 11.83 -10.25
C TRP L 42 -49.45 10.96 -11.41
N ASN L 43 -48.51 10.30 -12.07
CA ASN L 43 -48.83 9.49 -13.23
C ASN L 43 -49.08 8.05 -12.78
N PRO L 44 -50.28 7.53 -12.96
CA PRO L 44 -50.56 6.17 -12.52
C PRO L 44 -49.81 5.14 -13.35
N ALA L 45 -49.45 4.04 -12.70
CA ALA L 45 -48.79 2.95 -13.39
C ALA L 45 -49.12 1.65 -12.69
N ILE L 46 -49.02 0.57 -13.44
CA ILE L 46 -49.31 -0.78 -12.94
C ILE L 46 -48.08 -1.63 -13.14
N GLU L 47 -47.63 -2.27 -12.08
CA GLU L 47 -46.62 -3.31 -12.17
C GLU L 47 -47.10 -4.58 -11.48
N HIS L 48 -46.49 -5.68 -11.89
CA HIS L 48 -46.86 -6.99 -11.36
C HIS L 48 -45.61 -7.86 -11.34
N THR L 49 -45.65 -8.88 -10.50
CA THR L 49 -44.54 -9.82 -10.43
C THR L 49 -45.03 -11.11 -9.80
N GLU L 50 -44.30 -12.18 -10.06
CA GLU L 50 -44.55 -13.42 -9.37
C GLU L 50 -44.23 -13.24 -7.89
N PRO L 51 -45.02 -13.83 -6.99
CA PRO L 51 -44.80 -13.57 -5.55
C PRO L 51 -43.41 -13.94 -5.06
N GLU L 52 -42.76 -14.93 -5.67
CA GLU L 52 -41.41 -15.30 -5.23
C GLU L 52 -40.41 -14.21 -5.55
N HIS L 53 -40.69 -13.37 -6.53
CA HIS L 53 -39.76 -12.31 -6.95
C HIS L 53 -40.21 -10.94 -6.48
N ALA L 54 -41.05 -10.88 -5.44
CA ALA L 54 -41.58 -9.61 -4.97
C ALA L 54 -40.53 -8.73 -4.31
N PHE L 55 -39.40 -9.30 -3.89
CA PHE L 55 -38.34 -8.52 -3.27
C PHE L 55 -37.56 -7.70 -4.28
N ASP L 56 -37.66 -8.02 -5.57
CA ASP L 56 -36.83 -7.38 -6.59
C ASP L 56 -37.13 -5.89 -6.69
N HIS L 57 -36.10 -5.12 -7.04
CA HIS L 57 -36.30 -3.70 -7.28
C HIS L 57 -37.25 -3.44 -8.43
N TYR L 58 -37.15 -4.24 -9.49
CA TYR L 58 -37.92 -4.04 -10.70
C TYR L 58 -38.95 -5.15 -10.83
N TRP L 59 -40.22 -4.76 -10.82
CA TRP L 59 -41.29 -5.67 -11.18
C TRP L 59 -41.53 -5.56 -12.68
N TYR L 60 -42.44 -6.38 -13.20
CA TYR L 60 -42.82 -6.24 -14.59
C TYR L 60 -43.74 -5.05 -14.75
N MET L 61 -43.39 -4.15 -15.66
CA MET L 61 -44.28 -3.05 -16.00
C MET L 61 -45.44 -3.58 -16.85
N TRP L 62 -46.66 -3.24 -16.45
CA TRP L 62 -47.83 -3.56 -17.24
C TRP L 62 -48.03 -2.43 -18.26
N LYS L 63 -47.62 -2.67 -19.49
CA LYS L 63 -47.67 -1.67 -20.57
C LYS L 63 -46.80 -0.48 -20.13
N LEU L 64 -47.26 0.74 -20.33
CA LEU L 64 -46.53 1.94 -19.94
C LEU L 64 -47.30 2.68 -18.85
N PRO L 65 -46.64 3.53 -18.07
CA PRO L 65 -47.36 4.38 -17.14
C PRO L 65 -48.39 5.23 -17.89
N MET L 66 -49.57 5.36 -17.29
CA MET L 66 -50.65 6.13 -17.89
C MET L 66 -50.39 7.61 -17.65
N PHE L 67 -49.42 8.14 -18.39
CA PHE L 67 -48.99 9.52 -18.19
C PHE L 67 -50.13 10.49 -18.46
N GLY L 68 -50.32 11.44 -17.55
CA GLY L 68 -51.36 12.43 -17.70
C GLY L 68 -52.78 11.90 -17.63
N GLU L 69 -52.96 10.67 -17.17
CA GLU L 69 -54.27 10.05 -17.12
C GLU L 69 -54.97 10.46 -15.83
N THR L 70 -56.16 11.04 -15.95
CA THR L 70 -56.95 11.45 -14.80
C THR L 70 -58.27 10.71 -14.69
N ASN L 71 -58.57 9.80 -15.60
CA ASN L 71 -59.81 9.02 -15.54
C ASN L 71 -59.59 7.85 -14.58
N VAL L 72 -60.25 7.92 -13.42
CA VAL L 72 -60.06 6.89 -12.40
C VAL L 72 -60.53 5.53 -12.93
N ASP L 73 -61.65 5.50 -13.65
CA ASP L 73 -62.17 4.25 -14.16
C ASP L 73 -61.21 3.61 -15.17
N ALA L 74 -60.58 4.43 -16.01
CA ALA L 74 -59.60 3.90 -16.96
C ALA L 74 -58.42 3.27 -16.24
N ILE L 75 -57.94 3.90 -15.17
CA ILE L 75 -56.85 3.33 -14.40
C ILE L 75 -57.27 2.01 -13.76
N LEU L 76 -58.48 1.97 -13.21
CA LEU L 76 -58.96 0.77 -12.54
C LEU L 76 -59.09 -0.38 -13.52
N LYS L 77 -59.56 -0.12 -14.74
CA LYS L 77 -59.70 -1.19 -15.72
C LYS L 77 -58.35 -1.71 -16.19
N GLU L 78 -57.34 -0.83 -16.24
CA GLU L 78 -56.00 -1.29 -16.58
C GLU L 78 -55.45 -2.21 -15.49
N ALA L 79 -55.66 -1.85 -14.22
CA ALA L 79 -55.22 -2.70 -13.13
C ALA L 79 -55.95 -4.04 -13.15
N GLU L 80 -57.25 -4.01 -13.44
CA GLU L 80 -58.01 -5.24 -13.52
C GLU L 80 -57.54 -6.10 -14.68
N ALA L 81 -57.24 -5.47 -15.81
CA ALA L 81 -56.74 -6.21 -16.97
C ALA L 81 -55.42 -6.91 -16.65
N CYS L 82 -54.51 -6.22 -15.96
CA CYS L 82 -53.27 -6.86 -15.55
C CYS L 82 -53.54 -8.03 -14.62
N HIS L 83 -54.51 -7.87 -13.71
CA HIS L 83 -54.85 -8.95 -12.79
C HIS L 83 -55.38 -10.17 -13.54
N LYS L 84 -56.24 -9.96 -14.53
CA LYS L 84 -56.76 -11.09 -15.30
C LYS L 84 -55.66 -11.76 -16.11
N ALA L 85 -54.77 -10.97 -16.73
CA ALA L 85 -53.72 -11.55 -17.54
C ALA L 85 -52.72 -12.34 -16.70
N HIS L 86 -52.51 -11.96 -15.46
CA HIS L 86 -51.55 -12.61 -14.57
C HIS L 86 -52.22 -12.85 -13.21
N PRO L 87 -53.16 -13.80 -13.15
CA PRO L 87 -53.93 -14.00 -11.91
C PRO L 87 -53.11 -14.44 -10.71
N ASN L 88 -51.94 -15.04 -10.92
CA ASN L 88 -51.12 -15.50 -9.81
C ASN L 88 -50.09 -14.48 -9.35
N ASN L 89 -50.08 -13.29 -9.94
CA ASN L 89 -49.06 -12.29 -9.64
C ASN L 89 -49.61 -11.23 -8.69
N HIS L 90 -48.74 -10.70 -7.85
CA HIS L 90 -49.04 -9.48 -7.14
C HIS L 90 -49.16 -8.35 -8.15
N VAL L 91 -50.12 -7.46 -7.95
CA VAL L 91 -50.32 -6.32 -8.82
C VAL L 91 -50.17 -5.06 -8.00
N ARG L 92 -49.30 -4.16 -8.45
CA ARG L 92 -48.98 -2.95 -7.72
C ARG L 92 -49.53 -1.74 -8.45
N LEU L 93 -50.10 -0.81 -7.69
CA LEU L 93 -50.53 0.48 -8.19
C LEU L 93 -49.51 1.52 -7.77
N ILE L 94 -49.06 2.33 -8.73
CA ILE L 94 -47.97 3.27 -8.52
C ILE L 94 -48.39 4.65 -9.01
N GLY L 95 -48.07 5.66 -8.22
CA GLY L 95 -48.16 7.03 -8.69
C GLY L 95 -46.78 7.62 -8.88
N TYR L 96 -46.37 7.85 -10.11
CA TYR L 96 -45.06 8.41 -10.39
C TYR L 96 -45.09 9.91 -10.20
N ASP L 97 -44.20 10.43 -9.36
CA ASP L 97 -44.02 11.86 -9.16
C ASP L 97 -42.84 12.29 -10.04
N ASN L 98 -43.14 12.85 -11.20
CA ASN L 98 -42.07 13.21 -12.12
C ASN L 98 -41.28 14.42 -11.66
N TYR L 99 -41.84 15.25 -10.79
CA TYR L 99 -41.10 16.41 -10.31
C TYR L 99 -40.05 16.04 -9.28
N ALA L 100 -40.38 15.15 -8.34
CA ALA L 100 -39.41 14.63 -7.42
C ALA L 100 -38.64 13.44 -8.00
N GLN L 101 -39.11 12.89 -9.11
CA GLN L 101 -38.56 11.68 -9.71
C GLN L 101 -38.52 10.54 -8.69
N THR L 102 -39.67 10.33 -8.08
CA THR L 102 -39.85 9.24 -7.14
C THR L 102 -41.23 8.66 -7.37
N LYS L 103 -41.51 7.54 -6.73
CA LYS L 103 -42.86 7.02 -6.67
C LYS L 103 -43.55 7.68 -5.50
N GLY L 104 -44.50 8.58 -5.80
CA GLY L 104 -45.26 9.21 -4.73
C GLY L 104 -46.09 8.22 -3.96
N ALA L 105 -46.54 7.16 -4.62
CA ALA L 105 -47.31 6.11 -3.99
C ALA L 105 -46.98 4.78 -4.64
N GLU L 106 -47.04 3.72 -3.84
CA GLU L 106 -46.82 2.36 -4.34
C GLU L 106 -47.52 1.41 -3.38
N MET L 107 -48.40 0.57 -3.90
CA MET L 107 -49.12 -0.36 -3.05
C MET L 107 -49.59 -1.54 -3.88
N VAL L 108 -49.60 -2.71 -3.26
CA VAL L 108 -50.13 -3.91 -3.90
C VAL L 108 -51.64 -3.88 -3.75
N ILE L 109 -52.36 -3.89 -4.87
CA ILE L 109 -53.81 -3.80 -4.86
C ILE L 109 -54.42 -5.17 -5.11
N TYR L 110 -53.68 -6.05 -5.76
CA TYR L 110 -54.09 -7.43 -5.97
C TYR L 110 -52.99 -8.34 -5.47
N ARG L 111 -53.29 -9.11 -4.44
CA ARG L 111 -52.31 -10.04 -3.88
C ARG L 111 -52.35 -11.37 -4.62
N GLY L 112 -51.18 -11.89 -4.94
CA GLY L 112 -51.05 -13.17 -5.60
C GLY L 112 -50.93 -14.31 -4.61
N LYS L 113 -50.36 -15.41 -5.09
CA LYS L 113 -50.12 -16.64 -4.32
C LYS L 113 -51.37 -17.09 -3.56
N MET M 1 37.46 17.13 42.54
CA MET M 1 36.41 17.07 41.53
C MET M 1 36.68 18.07 40.42
N GLN M 2 37.04 17.58 39.24
CA GLN M 2 37.44 18.45 38.15
C GLN M 2 36.60 18.21 36.91
N ASP M 3 36.54 19.23 36.07
CA ASP M 3 35.86 19.13 34.78
C ASP M 3 36.59 18.15 33.88
N TYR M 4 35.84 17.47 33.01
CA TYR M 4 36.42 16.41 32.21
C TYR M 4 37.38 16.91 31.13
N ASN M 5 37.22 18.15 30.67
CA ASN M 5 38.11 18.74 29.66
C ASN M 5 38.05 17.95 28.35
N SER M 6 36.87 18.03 27.73
CA SER M 6 36.67 17.57 26.36
C SER M 6 35.65 18.49 25.72
N SER M 7 35.90 18.89 24.48
CA SER M 7 35.00 19.83 23.83
C SER M 7 35.12 19.67 22.32
N LEU M 8 34.11 20.21 21.62
CA LEU M 8 34.11 20.15 20.16
C LEU M 8 35.23 20.98 19.56
N GLU M 9 35.55 22.13 20.16
CA GLU M 9 36.59 22.99 19.62
C GLU M 9 38.00 22.54 19.98
N ASP M 10 38.18 21.88 21.12
CA ASP M 10 39.51 21.42 21.53
C ASP M 10 39.90 20.23 20.67
N VAL M 11 40.90 20.42 19.80
CA VAL M 11 41.31 19.36 18.89
C VAL M 11 41.92 18.18 19.64
N ASN M 12 42.46 18.40 20.83
CA ASN M 12 42.99 17.30 21.63
C ASN M 12 41.89 16.39 22.17
N SER M 13 40.62 16.78 22.04
CA SER M 13 39.54 15.92 22.48
C SER M 13 39.33 14.73 21.57
N ARG M 14 39.79 14.82 20.32
CA ARG M 14 39.57 13.73 19.38
C ARG M 14 40.37 12.50 19.78
N LYS M 15 39.75 11.34 19.64
CA LYS M 15 40.37 10.06 19.94
C LYS M 15 40.41 9.23 18.67
N PHE M 16 41.28 8.23 18.66
CA PHE M 16 41.58 7.48 17.45
C PHE M 16 41.63 5.98 17.73
N GLY M 17 40.65 5.50 18.48
CA GLY M 17 40.52 4.07 18.70
C GLY M 17 41.37 3.54 19.83
N THR M 18 41.75 2.27 19.72
CA THR M 18 42.42 1.58 20.82
C THR M 18 43.74 2.27 21.16
N PHE M 19 43.97 2.45 22.46
CA PHE M 19 45.15 3.05 23.07
C PHE M 19 45.24 4.56 22.89
N SER M 20 44.18 5.20 22.37
CA SER M 20 44.19 6.65 22.26
C SER M 20 43.88 7.34 23.59
N TYR M 21 43.41 6.60 24.59
CA TYR M 21 43.22 7.14 25.92
C TYR M 21 44.41 6.93 26.82
N LEU M 22 45.46 6.31 26.32
CA LEU M 22 46.73 6.16 26.98
C LEU M 22 47.71 7.20 26.46
N PRO M 23 48.81 7.44 27.17
CA PRO M 23 49.83 8.37 26.64
C PRO M 23 50.36 7.87 25.31
N ALA M 24 50.79 8.82 24.48
CA ALA M 24 51.29 8.49 23.15
C ALA M 24 52.42 7.47 23.23
N MET M 25 52.34 6.45 22.38
CA MET M 25 53.29 5.36 22.45
C MET M 25 54.67 5.82 22.02
N ASP M 26 55.68 5.40 22.77
CA ASP M 26 57.06 5.63 22.40
C ASP M 26 57.53 4.47 21.53
N ALA M 27 58.79 4.55 21.07
CA ALA M 27 59.33 3.51 20.20
C ALA M 27 59.27 2.14 20.89
N GLU M 28 59.55 2.11 22.19
CA GLU M 28 59.60 0.86 22.92
C GLU M 28 58.21 0.22 23.01
N ARG M 29 57.18 1.02 23.26
CA ARG M 29 55.82 0.49 23.34
C ARG M 29 55.32 0.03 21.98
N ILE M 30 55.71 0.72 20.92
CA ILE M 30 55.30 0.31 19.57
C ILE M 30 55.85 -1.07 19.26
N ARG M 31 57.11 -1.32 19.64
CA ARG M 31 57.75 -2.60 19.31
C ARG M 31 57.01 -3.76 19.94
N LYS M 32 56.60 -3.64 21.21
CA LYS M 32 55.85 -4.73 21.83
C LYS M 32 54.51 -4.95 21.13
N GLN M 33 53.88 -3.89 20.65
CA GLN M 33 52.65 -4.08 19.90
C GLN M 33 52.91 -4.79 18.57
N VAL M 34 54.02 -4.44 17.91
CA VAL M 34 54.40 -5.17 16.70
C VAL M 34 54.70 -6.63 17.03
N GLU M 35 55.40 -6.86 18.14
CA GLU M 35 55.70 -8.23 18.55
C GLU M 35 54.43 -9.00 18.84
N TYR M 36 53.44 -8.35 19.46
CA TYR M 36 52.18 -9.01 19.74
C TYR M 36 51.48 -9.41 18.45
N ILE M 37 51.48 -8.53 17.46
CA ILE M 37 50.85 -8.83 16.18
C ILE M 37 51.52 -10.03 15.53
N VAL M 38 52.85 -10.04 15.53
CA VAL M 38 53.60 -11.15 14.93
C VAL M 38 53.33 -12.44 15.70
N SER M 39 53.29 -12.37 17.03
CA SER M 39 53.08 -13.56 17.84
C SER M 39 51.73 -14.21 17.56
N LYS M 40 50.72 -13.41 17.19
CA LYS M 40 49.42 -13.96 16.87
C LYS M 40 49.36 -14.54 15.47
N GLY M 41 50.41 -14.38 14.68
CA GLY M 41 50.37 -14.79 13.29
C GLY M 41 49.61 -13.84 12.39
N TRP M 42 49.29 -12.65 12.86
CA TRP M 42 48.57 -11.68 12.06
C TRP M 42 49.52 -10.99 11.08
N ASN M 43 48.93 -10.46 10.01
CA ASN M 43 49.72 -9.81 8.98
C ASN M 43 49.82 -8.33 9.26
N PRO M 44 51.01 -7.80 9.51
CA PRO M 44 51.12 -6.38 9.83
C PRO M 44 50.81 -5.51 8.62
N ALA M 45 50.25 -4.34 8.90
CA ALA M 45 49.96 -3.38 7.85
C ALA M 45 50.03 -1.98 8.44
N ILE M 46 50.26 -1.01 7.56
CA ILE M 46 50.36 0.39 7.93
C ILE M 46 49.34 1.17 7.12
N GLU M 47 48.52 1.95 7.81
CA GLU M 47 47.67 2.93 7.17
C GLU M 47 47.89 4.29 7.79
N HIS M 48 47.51 5.31 7.03
CA HIS M 48 47.66 6.69 7.46
C HIS M 48 46.55 7.51 6.85
N THR M 49 46.29 8.65 7.48
CA THR M 49 45.28 9.56 6.96
C THR M 49 45.51 10.94 7.54
N GLU M 50 44.97 11.94 6.84
CA GLU M 50 44.95 13.28 7.39
C GLU M 50 44.07 13.29 8.63
N PRO M 51 44.45 14.03 9.68
CA PRO M 51 43.66 13.98 10.92
C PRO M 51 42.20 14.37 10.75
N GLU M 52 41.89 15.25 9.79
CA GLU M 52 40.49 15.63 9.59
C GLU M 52 39.66 14.47 9.06
N HIS M 53 40.29 13.50 8.42
CA HIS M 53 39.59 12.37 7.83
C HIS M 53 39.75 11.09 8.64
N ALA M 54 40.11 11.22 9.91
CA ALA M 54 40.37 10.05 10.75
C ALA M 54 39.12 9.24 11.04
N PHE M 55 37.93 9.83 10.90
CA PHE M 55 36.68 9.12 11.14
C PHE M 55 36.35 8.13 10.03
N ASP M 56 36.97 8.27 8.86
CA ASP M 56 36.60 7.47 7.70
C ASP M 56 36.87 5.99 7.96
N HIS M 57 36.05 5.14 7.34
CA HIS M 57 36.27 3.70 7.41
C HIS M 57 37.59 3.31 6.78
N TYR M 58 37.95 3.95 5.67
CA TYR M 58 39.13 3.58 4.90
C TYR M 58 40.17 4.70 5.03
N TRP M 59 41.31 4.35 5.62
CA TRP M 59 42.47 5.22 5.59
C TRP M 59 43.29 4.89 4.35
N TYR M 60 44.35 5.66 4.10
CA TYR M 60 45.25 5.33 3.02
C TYR M 60 46.11 4.15 3.43
N MET M 61 46.16 3.12 2.59
CA MET M 61 47.09 2.04 2.82
C MET M 61 48.49 2.49 2.45
N TRP M 62 49.44 2.25 3.34
CA TRP M 62 50.86 2.48 3.04
C TRP M 62 51.38 1.21 2.37
N LYS M 63 51.51 1.25 1.05
CA LYS M 63 51.95 0.10 0.25
C LYS M 63 50.94 -1.03 0.46
N LEU M 64 51.39 -2.25 0.65
CA LEU M 64 50.54 -3.41 0.88
C LEU M 64 50.79 -3.95 2.28
N PRO M 65 49.84 -4.70 2.84
CA PRO M 65 50.10 -5.38 4.10
C PRO M 65 51.32 -6.30 3.96
N MET M 66 52.15 -6.31 4.99
CA MET M 66 53.37 -7.12 4.99
C MET M 66 52.99 -8.57 5.33
N PHE M 67 52.37 -9.23 4.34
CA PHE M 67 51.86 -10.57 4.56
C PHE M 67 52.98 -11.53 4.91
N GLY M 68 52.77 -12.33 5.96
CA GLY M 68 53.75 -13.31 6.37
C GLY M 68 55.03 -12.73 6.93
N GLU M 69 55.04 -11.44 7.24
CA GLU M 69 56.25 -10.77 7.72
C GLU M 69 56.35 -10.96 9.23
N THR M 70 57.47 -11.53 9.67
CA THR M 70 57.71 -11.75 11.09
C THR M 70 58.90 -10.97 11.63
N ASN M 71 59.57 -10.19 10.78
CA ASN M 71 60.70 -9.38 11.23
C ASN M 71 60.17 -8.09 11.83
N VAL M 72 60.30 -7.95 13.15
CA VAL M 72 59.76 -6.79 13.84
C VAL M 72 60.44 -5.52 13.36
N ASP M 73 61.75 -5.57 13.13
CA ASP M 73 62.48 -4.39 12.70
C ASP M 73 62.02 -3.92 11.32
N ALA M 74 61.75 -4.87 10.42
CA ALA M 74 61.25 -4.51 9.10
C ALA M 74 59.91 -3.80 9.18
N ILE M 75 59.02 -4.30 10.04
CA ILE M 75 57.72 -3.65 10.23
C ILE M 75 57.90 -2.24 10.78
N LEU M 76 58.79 -2.09 11.77
CA LEU M 76 58.99 -0.78 12.37
C LEU M 76 59.54 0.22 11.37
N LYS M 77 60.46 -0.22 10.50
CA LYS M 77 61.02 0.70 9.51
C LYS M 77 59.97 1.10 8.47
N GLU M 78 59.05 0.20 8.15
CA GLU M 78 57.95 0.56 7.24
C GLU M 78 57.05 1.62 7.87
N ALA M 79 56.73 1.46 9.15
CA ALA M 79 55.91 2.45 9.83
C ALA M 79 56.64 3.79 9.90
N GLU M 80 57.94 3.77 10.18
CA GLU M 80 58.72 5.01 10.21
C GLU M 80 58.78 5.65 8.84
N ALA M 81 58.92 4.84 7.79
CA ALA M 81 58.93 5.38 6.43
C ALA M 81 57.62 6.08 6.09
N CYS M 82 56.50 5.48 6.48
CA CYS M 82 55.21 6.14 6.26
C CYS M 82 55.13 7.45 7.03
N HIS M 83 55.63 7.44 8.26
CA HIS M 83 55.63 8.65 9.07
C HIS M 83 56.46 9.75 8.44
N LYS M 84 57.64 9.42 7.91
CA LYS M 84 58.47 10.42 7.26
C LYS M 84 57.82 10.96 6.00
N ALA M 85 57.19 10.08 5.20
CA ALA M 85 56.58 10.51 3.95
C ALA M 85 55.36 11.40 4.20
N HIS M 86 54.65 11.17 5.29
CA HIS M 86 53.44 11.93 5.63
C HIS M 86 53.51 12.37 7.08
N PRO M 87 54.37 13.35 7.37
CA PRO M 87 54.60 13.74 8.78
C PRO M 87 53.38 14.34 9.46
N ASN M 88 52.40 14.86 8.72
CA ASN M 88 51.23 15.46 9.32
C ASN M 88 50.07 14.49 9.47
N ASN M 89 50.25 13.22 9.12
CA ASN M 89 49.17 12.25 9.13
C ASN M 89 49.26 11.35 10.36
N HIS M 90 48.11 10.93 10.84
CA HIS M 90 48.06 9.83 11.80
C HIS M 90 48.53 8.57 11.09
N VAL M 91 49.32 7.76 11.78
CA VAL M 91 49.81 6.51 11.22
C VAL M 91 49.31 5.37 12.10
N ARG M 92 48.66 4.40 11.48
CA ARG M 92 48.04 3.30 12.19
C ARG M 92 48.81 2.01 11.93
N LEU M 93 48.98 1.22 12.99
CA LEU M 93 49.54 -0.12 12.89
C LEU M 93 48.41 -1.12 13.01
N ILE M 94 48.36 -2.07 12.09
CA ILE M 94 47.24 -3.01 11.97
C ILE M 94 47.78 -4.43 11.91
N GLY M 95 47.14 -5.33 12.63
CA GLY M 95 47.37 -6.74 12.45
C GLY M 95 46.16 -7.40 11.82
N TYR M 96 46.28 -7.81 10.57
CA TYR M 96 45.16 -8.45 9.88
C TYR M 96 45.07 -9.92 10.27
N ASP M 97 43.91 -10.32 10.76
CA ASP M 97 43.62 -11.72 11.07
C ASP M 97 42.88 -12.29 9.87
N ASN M 98 43.60 -13.02 9.02
CA ASN M 98 42.98 -13.54 7.82
C ASN M 98 42.02 -14.69 8.10
N TYR M 99 42.17 -15.37 9.23
CA TYR M 99 41.26 -16.48 9.54
C TYR M 99 39.90 -15.98 9.99
N ALA M 100 39.86 -14.97 10.85
CA ALA M 100 38.61 -14.33 11.21
C ALA M 100 38.18 -13.27 10.21
N GLN M 101 39.07 -12.88 9.31
CA GLN M 101 38.84 -11.78 8.37
C GLN M 101 38.43 -10.51 9.11
N THR M 102 39.24 -10.18 10.10
CA THR M 102 39.07 -8.96 10.86
C THR M 102 40.45 -8.38 11.11
N LYS M 103 40.48 -7.17 11.63
CA LYS M 103 41.71 -6.60 12.15
C LYS M 103 41.86 -7.06 13.60
N GLY M 104 42.80 -7.96 13.83
CA GLY M 104 43.06 -8.41 15.19
C GLY M 104 43.55 -7.29 16.08
N ALA M 105 44.24 -6.31 15.50
CA ALA M 105 44.73 -5.16 16.24
C ALA M 105 44.74 -3.96 15.32
N GLU M 106 44.50 -2.79 15.90
CA GLU M 106 44.54 -1.53 15.17
C GLU M 106 44.83 -0.42 16.17
N MET M 107 45.87 0.35 15.93
CA MET M 107 46.22 1.42 16.85
C MET M 107 47.02 2.49 16.12
N VAL M 108 46.82 3.73 16.51
CA VAL M 108 47.60 4.83 15.98
C VAL M 108 48.92 4.88 16.72
N ILE M 109 50.02 4.74 15.98
CA ILE M 109 51.34 4.70 16.60
C ILE M 109 52.05 6.04 16.41
N TYR M 110 51.66 6.79 15.39
CA TYR M 110 52.17 8.13 15.17
C TYR M 110 50.98 9.07 15.03
N ARG M 111 50.87 10.02 15.96
CA ARG M 111 49.77 10.97 15.94
C ARG M 111 50.15 12.18 15.11
N GLY M 112 49.21 12.62 14.28
CA GLY M 112 49.39 13.80 13.46
C GLY M 112 48.92 15.06 14.15
N LYS M 113 48.65 16.08 13.34
CA LYS M 113 48.16 17.39 13.79
C LYS M 113 48.97 17.95 14.96
N MET N 1 10.29 56.37 15.02
CA MET N 1 10.16 55.09 14.33
C MET N 1 11.50 54.61 13.81
N GLN N 2 12.04 53.56 14.43
CA GLN N 2 13.38 53.10 14.11
C GLN N 2 13.35 51.66 13.63
N ASP N 3 14.37 51.32 12.84
CA ASP N 3 14.57 49.95 12.40
C ASP N 3 14.93 49.07 13.60
N TYR N 4 14.52 47.80 13.52
CA TYR N 4 14.67 46.92 14.68
C TYR N 4 16.12 46.55 14.97
N ASN N 5 17.00 46.57 13.97
CA ASN N 5 18.41 46.27 14.15
C ASN N 5 18.62 44.84 14.66
N SER N 6 18.28 43.91 13.78
CA SER N 6 18.62 42.50 13.95
C SER N 6 18.89 41.93 12.58
N SER N 7 19.95 41.13 12.45
CA SER N 7 20.31 40.61 11.15
C SER N 7 21.09 39.31 11.32
N LEU N 8 21.16 38.55 10.22
CA LEU N 8 21.89 37.28 10.25
C LEU N 8 23.38 37.49 10.45
N GLU N 9 23.94 38.57 9.90
CA GLU N 9 25.38 38.80 10.00
C GLU N 9 25.79 39.47 11.29
N ASP N 10 24.90 40.24 11.93
CA ASP N 10 25.23 40.91 13.18
C ASP N 10 25.20 39.87 14.31
N VAL N 11 26.36 39.55 14.86
CA VAL N 11 26.44 38.53 15.90
C VAL N 11 25.72 38.95 17.18
N ASN N 12 25.54 40.25 17.39
CA ASN N 12 24.79 40.70 18.55
C ASN N 12 23.29 40.42 18.44
N SER N 13 22.83 39.97 17.27
CA SER N 13 21.43 39.63 17.12
C SER N 13 21.07 38.32 17.79
N ARG N 14 22.07 37.46 18.04
CA ARG N 14 21.79 36.16 18.64
C ARG N 14 21.32 36.32 20.08
N LYS N 15 20.33 35.53 20.45
CA LYS N 15 19.78 35.52 21.80
C LYS N 15 19.98 34.14 22.40
N PHE N 16 19.89 34.07 23.72
CA PHE N 16 20.30 32.88 24.45
C PHE N 16 19.29 32.55 25.54
N GLY N 17 18.01 32.63 25.19
CA GLY N 17 16.97 32.23 26.11
C GLY N 17 16.55 33.29 27.10
N THR N 18 16.08 32.86 28.27
CA THR N 18 15.49 33.76 29.24
C THR N 18 16.52 34.80 29.69
N PHE N 19 16.07 36.06 29.75
CA PHE N 19 16.82 37.24 30.18
C PHE N 19 17.87 37.70 29.16
N SER N 20 17.89 37.11 27.97
CA SER N 20 18.82 37.59 26.95
C SER N 20 18.33 38.85 26.26
N TYR N 21 17.09 39.24 26.47
CA TYR N 21 16.58 40.51 25.96
C TYR N 21 16.70 41.64 26.97
N LEU N 22 17.24 41.36 28.14
CA LEU N 22 17.57 42.33 29.16
C LEU N 22 19.06 42.64 29.11
N PRO N 23 19.49 43.74 29.73
CA PRO N 23 20.92 44.02 29.80
C PRO N 23 21.67 42.89 30.50
N ALA N 24 22.92 42.71 30.13
CA ALA N 24 23.74 41.63 30.69
C ALA N 24 23.75 41.72 32.21
N MET N 25 23.56 40.58 32.86
CA MET N 25 23.44 40.55 34.31
C MET N 25 24.76 40.89 34.97
N ASP N 26 24.71 41.73 36.00
CA ASP N 26 25.87 42.00 36.82
C ASP N 26 25.93 41.01 37.97
N ALA N 27 26.96 41.13 38.81
CA ALA N 27 27.11 40.20 39.92
C ALA N 27 25.89 40.22 40.83
N GLU N 28 25.35 41.41 41.08
CA GLU N 28 24.23 41.53 42.00
C GLU N 28 22.99 40.85 41.44
N ARG N 29 22.72 41.01 40.15
CA ARG N 29 21.56 40.37 39.54
C ARG N 29 21.71 38.85 39.48
N ILE N 30 22.93 38.36 39.27
CA ILE N 30 23.16 36.92 39.26
C ILE N 30 22.85 36.32 40.61
N ARG N 31 23.29 36.99 41.68
CA ARG N 31 23.08 36.46 43.02
C ARG N 31 21.60 36.30 43.33
N LYS N 32 20.77 37.28 42.94
CA LYS N 32 19.34 37.16 43.18
C LYS N 32 18.73 35.99 42.41
N GLN N 33 19.25 35.71 41.22
CA GLN N 33 18.77 34.54 40.48
C GLN N 33 19.20 33.25 41.16
N VAL N 34 20.42 33.22 41.69
CA VAL N 34 20.87 32.06 42.45
C VAL N 34 20.00 31.89 43.69
N GLU N 35 19.70 32.99 44.38
CA GLU N 35 18.84 32.93 45.55
C GLU N 35 17.46 32.41 45.19
N TYR N 36 16.93 32.83 44.04
CA TYR N 36 15.63 32.35 43.62
C TYR N 36 15.65 30.85 43.39
N ILE N 37 16.71 30.35 42.75
CA ILE N 37 16.82 28.92 42.50
C ILE N 37 16.85 28.15 43.82
N VAL N 38 17.65 28.63 44.77
CA VAL N 38 17.75 27.97 46.07
C VAL N 38 16.41 28.03 46.80
N SER N 39 15.74 29.17 46.75
CA SER N 39 14.47 29.32 47.46
C SER N 39 13.43 28.34 46.94
N LYS N 40 13.49 27.98 45.66
CA LYS N 40 12.55 27.02 45.11
C LYS N 40 12.90 25.58 45.46
N GLY N 41 14.05 25.35 46.09
CA GLY N 41 14.51 24.00 46.32
C GLY N 41 15.08 23.33 45.11
N TRP N 42 15.36 24.07 44.04
CA TRP N 42 15.93 23.49 42.84
C TRP N 42 17.43 23.28 43.01
N ASN N 43 17.96 22.36 42.22
CA ASN N 43 19.37 22.01 42.30
C ASN N 43 20.16 22.86 41.32
N PRO N 44 21.06 23.72 41.80
CA PRO N 44 21.82 24.57 40.88
C PRO N 44 22.78 23.76 40.03
N ALA N 45 23.00 24.25 38.81
CA ALA N 45 23.95 23.62 37.92
C ALA N 45 24.51 24.68 36.98
N ILE N 46 25.70 24.39 36.46
CA ILE N 46 26.40 25.27 35.55
C ILE N 46 26.68 24.52 34.26
N GLU N 47 26.28 25.10 33.14
CA GLU N 47 26.69 24.63 31.84
C GLU N 47 27.30 25.75 31.04
N HIS N 48 28.10 25.37 30.05
CA HIS N 48 28.78 26.31 29.20
C HIS N 48 28.93 25.71 27.81
N THR N 49 29.10 26.57 26.82
CA THR N 49 29.30 26.12 25.47
C THR N 49 29.97 27.23 24.67
N GLU N 50 30.60 26.83 23.58
CA GLU N 50 31.10 27.81 22.63
C GLU N 50 29.92 28.54 22.01
N PRO N 51 30.04 29.84 21.76
CA PRO N 51 28.87 30.59 21.25
C PRO N 51 28.33 30.06 19.94
N GLU N 52 29.17 29.46 19.09
CA GLU N 52 28.66 28.93 17.83
C GLU N 52 27.75 27.74 18.04
N HIS N 53 27.89 27.05 19.17
CA HIS N 53 27.11 25.84 19.45
C HIS N 53 26.02 26.11 20.48
N ALA N 54 25.63 27.37 20.67
CA ALA N 54 24.65 27.71 21.69
C ALA N 54 23.25 27.20 21.37
N PHE N 55 22.98 26.88 20.11
CA PHE N 55 21.67 26.36 19.73
C PHE N 55 21.46 24.91 20.18
N ASP N 56 22.53 24.20 20.50
CA ASP N 56 22.43 22.77 20.79
C ASP N 56 21.59 22.51 22.02
N HIS N 57 20.92 21.36 22.04
CA HIS N 57 20.16 20.96 23.20
C HIS N 57 21.05 20.76 24.41
N TYR N 58 22.24 20.19 24.21
CA TYR N 58 23.14 19.83 25.29
C TYR N 58 24.36 20.75 25.25
N TRP N 59 24.53 21.53 26.30
CA TRP N 59 25.76 22.27 26.51
C TRP N 59 26.72 21.38 27.30
N TYR N 60 27.94 21.86 27.52
CA TYR N 60 28.86 21.14 28.37
C TYR N 60 28.46 21.35 29.83
N MET N 61 28.32 20.26 30.57
CA MET N 61 28.12 20.38 32.00
C MET N 61 29.43 20.76 32.67
N TRP N 62 29.39 21.76 33.52
CA TRP N 62 30.53 22.11 34.36
C TRP N 62 30.45 21.25 35.62
N LYS N 63 31.26 20.20 35.66
CA LYS N 63 31.26 19.24 36.78
C LYS N 63 29.86 18.62 36.86
N LEU N 64 29.31 18.47 38.05
CA LEU N 64 27.99 17.91 38.25
C LEU N 64 27.06 18.97 38.83
N PRO N 65 25.75 18.81 38.69
CA PRO N 65 24.83 19.73 39.38
C PRO N 65 25.09 19.69 40.88
N MET N 66 25.04 20.88 41.50
CA MET N 66 25.29 21.00 42.94
C MET N 66 24.02 20.60 43.68
N PHE N 67 23.77 19.28 43.71
CA PHE N 67 22.55 18.76 44.29
C PHE N 67 22.46 19.10 45.76
N GLY N 68 21.31 19.60 46.19
CA GLY N 68 21.10 19.94 47.58
C GLY N 68 21.92 21.10 48.09
N GLU N 69 22.53 21.86 47.19
CA GLU N 69 23.40 22.97 47.58
C GLU N 69 22.55 24.21 47.81
N THR N 70 22.65 24.78 49.01
CA THR N 70 21.92 25.99 49.36
C THR N 70 22.82 27.18 49.65
N ASN N 71 24.15 27.01 49.57
CA ASN N 71 25.07 28.11 49.81
C ASN N 71 25.20 28.92 48.53
N VAL N 72 24.66 30.14 48.54
CA VAL N 72 24.66 30.98 47.34
C VAL N 72 26.08 31.30 46.93
N ASP N 73 26.96 31.57 47.89
CA ASP N 73 28.34 31.92 47.56
C ASP N 73 29.06 30.76 46.90
N ALA N 74 28.80 29.54 47.36
CA ALA N 74 29.43 28.36 46.74
C ALA N 74 28.99 28.22 45.29
N ILE N 75 27.70 28.44 45.02
CA ILE N 75 27.21 28.37 43.64
C ILE N 75 27.86 29.44 42.78
N LEU N 76 27.97 30.66 43.32
CA LEU N 76 28.55 31.75 42.55
C LEU N 76 30.02 31.49 42.22
N LYS N 77 30.76 30.91 43.17
CA LYS N 77 32.18 30.63 42.90
C LYS N 77 32.33 29.53 41.86
N GLU N 78 31.40 28.57 41.82
CA GLU N 78 31.46 27.55 40.79
C GLU N 78 31.21 28.15 39.41
N ALA N 79 30.23 29.06 39.30
CA ALA N 79 29.97 29.73 38.04
C ALA N 79 31.17 30.56 37.60
N GLU N 80 31.79 31.26 38.55
CA GLU N 80 32.98 32.04 38.23
C GLU N 80 34.13 31.15 37.80
N ALA N 81 34.28 29.99 38.46
CA ALA N 81 35.33 29.06 38.08
C ALA N 81 35.14 28.56 36.66
N CYS N 82 33.91 28.24 36.28
CA CYS N 82 33.64 27.83 34.91
C CYS N 82 33.96 28.97 33.94
N HIS N 83 33.60 30.20 34.31
CA HIS N 83 33.89 31.35 33.46
C HIS N 83 35.39 31.52 33.27
N LYS N 84 36.17 31.38 34.34
CA LYS N 84 37.62 31.52 34.23
C LYS N 84 38.22 30.42 33.37
N ALA N 85 37.74 29.18 33.53
CA ALA N 85 38.30 28.07 32.77
C ALA N 85 37.96 28.16 31.29
N HIS N 86 36.81 28.74 30.96
CA HIS N 86 36.35 28.87 29.57
C HIS N 86 35.90 30.30 29.32
N PRO N 87 36.85 31.24 29.24
CA PRO N 87 36.48 32.66 29.14
C PRO N 87 35.73 33.03 27.87
N ASN N 88 35.84 32.25 26.80
CA ASN N 88 35.17 32.55 25.55
C ASN N 88 33.81 31.89 25.42
N ASN N 89 33.36 31.17 26.43
CA ASN N 89 32.12 30.42 26.36
C ASN N 89 30.99 31.15 27.07
N HIS N 90 29.78 30.97 26.56
CA HIS N 90 28.60 31.34 27.31
C HIS N 90 28.50 30.43 28.52
N VAL N 91 28.12 31.00 29.66
CA VAL N 91 27.97 30.22 30.88
C VAL N 91 26.52 30.35 31.34
N ARG N 92 25.88 29.21 31.57
CA ARG N 92 24.47 29.16 31.91
C ARG N 92 24.30 28.72 33.35
N LEU N 93 23.38 29.38 34.05
CA LEU N 93 22.97 28.99 35.39
C LEU N 93 21.62 28.29 35.29
N ILE N 94 21.52 27.13 35.91
CA ILE N 94 20.35 26.27 35.78
C ILE N 94 19.86 25.86 37.16
N GLY N 95 18.55 25.90 37.35
CA GLY N 95 17.94 25.28 38.51
C GLY N 95 17.16 24.05 38.10
N TYR N 96 17.64 22.88 38.47
CA TYR N 96 16.96 21.64 38.11
C TYR N 96 15.82 21.38 39.09
N ASP N 97 14.62 21.21 38.55
CA ASP N 97 13.44 20.84 39.34
C ASP N 97 13.29 19.33 39.21
N ASN N 98 13.74 18.59 40.22
CA ASN N 98 13.69 17.14 40.13
C ASN N 98 12.28 16.59 40.27
N TYR N 99 11.36 17.34 40.86
CA TYR N 99 9.99 16.85 41.00
C TYR N 99 9.23 16.92 39.69
N ALA N 100 9.36 18.03 38.96
CA ALA N 100 8.79 18.11 37.63
C ALA N 100 9.70 17.52 36.57
N GLN N 101 10.95 17.22 36.92
CA GLN N 101 11.96 16.77 35.97
C GLN N 101 12.09 17.73 34.81
N THR N 102 12.23 19.01 35.14
CA THR N 102 12.47 20.05 34.16
C THR N 102 13.51 20.99 34.74
N LYS N 103 13.96 21.92 33.91
CA LYS N 103 14.77 23.02 34.39
C LYS N 103 13.83 24.12 34.84
N GLY N 104 13.73 24.32 36.15
CA GLY N 104 12.90 25.40 36.66
C GLY N 104 13.39 26.76 36.23
N ALA N 105 14.69 26.90 36.05
CA ALA N 105 15.29 28.14 35.59
C ALA N 105 16.50 27.82 34.72
N GLU N 106 16.74 28.68 33.74
CA GLU N 106 17.91 28.55 32.88
C GLU N 106 18.21 29.93 32.31
N MET N 107 19.43 30.41 32.50
CA MET N 107 19.78 31.73 32.00
C MET N 107 21.29 31.81 31.81
N VAL N 108 21.70 32.54 30.79
CA VAL N 108 23.12 32.79 30.55
C VAL N 108 23.54 33.93 31.47
N ILE N 109 24.52 33.65 32.34
CA ILE N 109 24.97 34.64 33.32
C ILE N 109 26.29 35.25 32.87
N TYR N 110 27.04 34.53 32.05
CA TYR N 110 28.27 35.04 31.46
C TYR N 110 28.19 34.86 29.96
N ARG N 111 28.19 35.97 29.23
CA ARG N 111 28.12 35.92 27.77
C ARG N 111 29.52 35.78 27.20
N GLY N 112 29.65 34.91 26.20
CA GLY N 112 30.91 34.62 25.57
C GLY N 112 31.26 35.62 24.49
N LYS N 113 31.91 35.11 23.44
CA LYS N 113 32.39 35.87 22.28
C LYS N 113 32.92 37.26 22.64
N MET O 1 31.85 38.12 -32.25
CA MET O 1 31.39 36.98 -31.47
C MET O 1 32.18 36.86 -30.19
N GLN O 2 31.56 37.18 -29.05
CA GLN O 2 32.28 37.23 -27.79
C GLN O 2 31.65 36.27 -26.78
N ASP O 3 32.48 35.85 -25.83
CA ASP O 3 32.01 35.02 -24.73
C ASP O 3 31.07 35.82 -23.83
N TYR O 4 30.11 35.12 -23.23
CA TYR O 4 29.06 35.82 -22.49
C TYR O 4 29.57 36.45 -21.19
N ASN O 5 30.63 35.92 -20.59
CA ASN O 5 31.22 36.46 -19.37
C ASN O 5 30.21 36.43 -18.21
N SER O 6 29.90 35.21 -17.82
CA SER O 6 29.18 34.95 -16.58
C SER O 6 29.74 33.66 -16.00
N SER O 7 29.96 33.64 -14.68
CA SER O 7 30.57 32.47 -14.07
C SER O 7 30.16 32.39 -12.62
N LEU O 8 30.32 31.19 -12.05
CA LEU O 8 29.99 30.97 -10.65
C LEU O 8 30.91 31.75 -9.73
N GLU O 9 32.17 31.96 -10.13
CA GLU O 9 33.13 32.63 -9.27
C GLU O 9 33.12 34.14 -9.41
N ASP O 10 32.71 34.66 -10.56
CA ASP O 10 32.64 36.10 -10.76
C ASP O 10 31.40 36.64 -10.05
N VAL O 11 31.63 37.44 -8.99
CA VAL O 11 30.52 37.97 -8.20
C VAL O 11 29.66 38.93 -9.01
N ASN O 12 30.20 39.54 -10.06
CA ASN O 12 29.41 40.42 -10.90
C ASN O 12 28.39 39.66 -11.74
N SER O 13 28.46 38.33 -11.77
CA SER O 13 27.49 37.54 -12.52
C SER O 13 26.14 37.49 -11.83
N ARG O 14 26.10 37.73 -10.52
CA ARG O 14 24.84 37.64 -9.79
C ARG O 14 23.89 38.76 -10.21
N LYS O 15 22.62 38.41 -10.35
CA LYS O 15 21.57 39.34 -10.71
C LYS O 15 20.55 39.40 -9.59
N PHE O 16 19.77 40.47 -9.58
CA PHE O 16 18.89 40.76 -8.45
C PHE O 16 17.51 41.19 -8.94
N GLY O 17 16.98 40.47 -9.89
CA GLY O 17 15.62 40.71 -10.34
C GLY O 17 15.48 41.80 -11.37
N THR O 18 14.32 42.45 -11.39
CA THR O 18 14.00 43.42 -12.42
C THR O 18 14.99 44.57 -12.42
N PHE O 19 15.44 44.94 -13.62
CA PHE O 19 16.37 46.04 -13.91
C PHE O 19 17.81 45.73 -13.52
N SER O 20 18.11 44.50 -13.10
CA SER O 20 19.49 44.15 -12.79
C SER O 20 20.32 43.88 -14.03
N TYR O 21 19.70 43.74 -15.20
CA TYR O 21 20.42 43.62 -16.45
C TYR O 21 20.62 44.95 -17.15
N LEU O 22 20.17 46.04 -16.54
CA LEU O 22 20.39 47.40 -16.99
C LEU O 22 21.50 48.02 -16.14
N PRO O 23 22.09 49.13 -16.60
CA PRO O 23 23.09 49.81 -15.76
C PRO O 23 22.48 50.25 -14.45
N ALA O 24 23.34 50.34 -13.43
CA ALA O 24 22.89 50.70 -12.09
C ALA O 24 22.14 52.02 -12.13
N MET O 25 21.00 52.07 -11.45
CA MET O 25 20.14 53.24 -11.51
C MET O 25 20.77 54.42 -10.79
N ASP O 26 20.68 55.59 -11.42
CA ASP O 26 21.11 56.83 -10.79
C ASP O 26 19.91 57.44 -10.06
N ALA O 27 20.13 58.62 -9.46
CA ALA O 27 19.08 59.25 -8.68
C ALA O 27 17.86 59.58 -9.53
N GLU O 28 18.08 60.04 -10.76
CA GLU O 28 16.96 60.39 -11.63
C GLU O 28 16.14 59.16 -12.00
N ARG O 29 16.80 58.04 -12.29
CA ARG O 29 16.07 56.84 -12.64
C ARG O 29 15.31 56.27 -11.43
N ILE O 30 15.89 56.37 -10.25
CA ILE O 30 15.21 55.91 -9.04
C ILE O 30 13.94 56.72 -8.81
N ARG O 31 14.04 58.05 -8.97
CA ARG O 31 12.89 58.90 -8.73
C ARG O 31 11.75 58.57 -9.69
N LYS O 32 12.07 58.31 -10.96
CA LYS O 32 11.04 57.95 -11.92
C LYS O 32 10.35 56.64 -11.54
N GLN O 33 11.10 55.70 -10.98
CA GLN O 33 10.49 54.46 -10.52
C GLN O 33 9.62 54.69 -9.29
N VAL O 34 10.05 55.58 -8.38
CA VAL O 34 9.22 55.93 -7.25
C VAL O 34 7.94 56.60 -7.72
N GLU O 35 8.05 57.50 -8.70
CA GLU O 35 6.87 58.16 -9.24
C GLU O 35 5.92 57.15 -9.87
N TYR O 36 6.46 56.14 -10.56
CA TYR O 36 5.62 55.12 -11.14
C TYR O 36 4.85 54.35 -10.07
N ILE O 37 5.52 54.00 -8.98
CA ILE O 37 4.88 53.29 -7.89
C ILE O 37 3.74 54.12 -7.31
N VAL O 38 4.01 55.40 -7.07
CA VAL O 38 2.98 56.29 -6.51
C VAL O 38 1.83 56.44 -7.49
N SER O 39 2.14 56.60 -8.78
CA SER O 39 1.08 56.79 -9.77
C SER O 39 0.14 55.59 -9.84
N LYS O 40 0.64 54.39 -9.55
CA LYS O 40 -0.21 53.21 -9.54
C LYS O 40 -1.04 53.08 -8.28
N GLY O 41 -0.82 53.94 -7.29
CA GLY O 41 -1.47 53.79 -6.01
C GLY O 41 -0.88 52.72 -5.14
N TRP O 42 0.30 52.20 -5.49
CA TRP O 42 0.93 51.17 -4.69
C TRP O 42 1.61 51.78 -3.47
N ASN O 43 1.81 50.94 -2.46
CA ASN O 43 2.40 51.40 -1.21
C ASN O 43 3.90 51.19 -1.27
N PRO O 44 4.71 52.24 -1.22
CA PRO O 44 6.15 52.07 -1.30
C PRO O 44 6.71 51.39 -0.07
N ALA O 45 7.78 50.62 -0.27
CA ALA O 45 8.44 49.97 0.84
C ALA O 45 9.91 49.79 0.49
N ILE O 46 10.73 49.67 1.52
CA ILE O 46 12.17 49.49 1.38
C ILE O 46 12.56 48.22 2.09
N GLU O 47 13.26 47.34 1.38
CA GLU O 47 13.92 46.20 1.99
C GLU O 47 15.38 46.17 1.61
N HIS O 48 16.16 45.48 2.44
CA HIS O 48 17.58 45.38 2.25
C HIS O 48 18.05 44.02 2.76
N THR O 49 19.19 43.59 2.27
CA THR O 49 19.77 42.33 2.72
C THR O 49 21.25 42.31 2.40
N GLU O 50 21.98 41.48 3.12
CA GLU O 50 23.36 41.24 2.76
C GLU O 50 23.42 40.55 1.41
N PRO O 51 24.38 40.88 0.56
CA PRO O 51 24.39 40.32 -0.80
C PRO O 51 24.44 38.80 -0.84
N GLU O 52 25.05 38.16 0.16
CA GLU O 52 25.10 36.69 0.15
C GLU O 52 23.72 36.08 0.37
N HIS O 53 22.80 36.82 0.97
CA HIS O 53 21.45 36.32 1.26
C HIS O 53 20.41 36.90 0.32
N ALA O 54 20.83 37.39 -0.83
CA ALA O 54 19.91 38.03 -1.77
C ALA O 54 18.93 37.06 -2.40
N PHE O 55 19.24 35.76 -2.38
CA PHE O 55 18.34 34.77 -2.95
C PHE O 55 17.11 34.51 -2.07
N ASP O 56 17.16 34.91 -0.81
CA ASP O 56 16.09 34.56 0.14
C ASP O 56 14.77 35.21 -0.26
N HIS O 57 13.69 34.52 0.07
CA HIS O 57 12.36 35.09 -0.17
C HIS O 57 12.14 36.36 0.62
N TYR O 58 12.63 36.40 1.86
CA TYR O 58 12.39 37.51 2.76
C TYR O 58 13.68 38.27 2.98
N TRP O 59 13.71 39.53 2.57
CA TRP O 59 14.77 40.44 2.93
C TRP O 59 14.40 41.12 4.24
N TYR O 60 15.31 41.93 4.77
CA TYR O 60 14.98 42.72 5.95
C TYR O 60 14.10 43.89 5.53
N MET O 61 12.97 44.05 6.20
CA MET O 61 12.16 45.23 6.00
C MET O 61 12.82 46.42 6.67
N TRP O 62 12.94 47.52 5.95
CA TRP O 62 13.39 48.79 6.52
C TRP O 62 12.17 49.49 7.09
N LYS O 63 12.01 49.42 8.40
CA LYS O 63 10.84 49.99 9.10
C LYS O 63 9.58 49.31 8.54
N LEU O 64 8.54 50.06 8.27
CA LEU O 64 7.29 49.54 7.72
C LEU O 64 7.06 50.11 6.33
N PRO O 65 6.25 49.44 5.51
CA PRO O 65 5.87 50.04 4.23
C PRO O 65 5.21 51.39 4.46
N MET O 66 5.56 52.35 3.60
CA MET O 66 5.02 53.71 3.70
C MET O 66 3.63 53.73 3.09
N PHE O 67 2.69 53.15 3.83
CA PHE O 67 1.32 53.00 3.35
C PHE O 67 0.70 54.35 3.08
N GLY O 68 0.07 54.48 1.91
CA GLY O 68 -0.59 55.72 1.54
C GLY O 68 0.33 56.89 1.31
N GLU O 69 1.63 56.65 1.19
CA GLU O 69 2.60 57.72 1.04
C GLU O 69 2.72 58.08 -0.44
N THR O 70 2.48 59.35 -0.75
CA THR O 70 2.57 59.84 -2.12
C THR O 70 3.67 60.88 -2.31
N ASN O 71 4.41 61.22 -1.26
CA ASN O 71 5.50 62.19 -1.37
C ASN O 71 6.74 61.46 -1.87
N VAL O 72 7.13 61.74 -3.12
CA VAL O 72 8.27 61.05 -3.72
C VAL O 72 9.55 61.33 -2.95
N ASP O 73 9.72 62.58 -2.49
CA ASP O 73 10.93 62.94 -1.77
C ASP O 73 11.02 62.20 -0.44
N ALA O 74 9.90 62.02 0.25
CA ALA O 74 9.91 61.27 1.50
C ALA O 74 10.32 59.82 1.27
N ILE O 75 9.82 59.20 0.19
CA ILE O 75 10.20 57.84 -0.12
C ILE O 75 11.70 57.76 -0.42
N LEU O 76 12.21 58.72 -1.19
CA LEU O 76 13.62 58.70 -1.57
C LEU O 76 14.52 58.86 -0.35
N LYS O 77 14.12 59.71 0.60
CA LYS O 77 14.94 59.89 1.80
C LYS O 77 14.92 58.64 2.68
N GLU O 78 13.80 57.91 2.70
CA GLU O 78 13.77 56.66 3.43
C GLU O 78 14.71 55.63 2.82
N ALA O 79 14.71 55.53 1.48
CA ALA O 79 15.63 54.62 0.81
C ALA O 79 17.08 55.00 1.06
N GLU O 80 17.37 56.31 1.02
CA GLU O 80 18.73 56.77 1.28
C GLU O 80 19.13 56.49 2.72
N ALA O 81 18.20 56.67 3.66
CA ALA O 81 18.48 56.37 5.06
C ALA O 81 18.82 54.90 5.27
N CYS O 82 18.08 54.01 4.62
CA CYS O 82 18.40 52.59 4.70
C CYS O 82 19.77 52.32 4.11
N HIS O 83 20.11 52.98 3.01
CA HIS O 83 21.41 52.81 2.39
C HIS O 83 22.53 53.25 3.32
N LYS O 84 22.36 54.39 4.00
CA LYS O 84 23.38 54.85 4.93
C LYS O 84 23.53 53.90 6.11
N ALA O 85 22.41 53.41 6.65
CA ALA O 85 22.48 52.54 7.82
C ALA O 85 23.11 51.20 7.49
N HIS O 86 22.95 50.73 6.26
CA HIS O 86 23.48 49.43 5.83
C HIS O 86 24.19 49.61 4.49
N PRO O 87 25.36 50.24 4.50
CA PRO O 87 26.03 50.57 3.23
C PRO O 87 26.49 49.36 2.43
N ASN O 88 26.65 48.20 3.05
CA ASN O 88 27.09 47.00 2.34
C ASN O 88 25.95 46.14 1.84
N ASN O 89 24.70 46.57 2.04
CA ASN O 89 23.55 45.76 1.69
C ASN O 89 22.93 46.23 0.39
N HIS O 90 22.36 45.29 -0.36
CA HIS O 90 21.47 45.64 -1.44
C HIS O 90 20.23 46.29 -0.86
N VAL O 91 19.73 47.33 -1.51
CA VAL O 91 18.53 48.01 -1.07
C VAL O 91 17.49 47.92 -2.16
N ARG O 92 16.31 47.43 -1.82
CA ARG O 92 15.24 47.19 -2.78
C ARG O 92 14.12 48.19 -2.57
N LEU O 93 13.60 48.69 -3.68
CA LEU O 93 12.40 49.53 -3.67
C LEU O 93 11.22 48.68 -4.14
N ILE O 94 10.13 48.73 -3.38
CA ILE O 94 8.98 47.86 -3.61
C ILE O 94 7.72 48.70 -3.65
N GLY O 95 6.85 48.39 -4.60
CA GLY O 95 5.50 48.91 -4.59
C GLY O 95 4.51 47.81 -4.28
N TYR O 96 3.91 47.84 -3.09
CA TYR O 96 2.94 46.82 -2.72
C TYR O 96 1.58 47.14 -3.33
N ASP O 97 1.04 46.18 -4.07
CA ASP O 97 -0.30 46.27 -4.63
C ASP O 97 -1.22 45.52 -3.68
N ASN O 98 -1.93 46.26 -2.82
CA ASN O 98 -2.78 45.61 -1.83
C ASN O 98 -4.03 45.00 -2.44
N TYR O 99 -4.45 45.45 -3.62
CA TYR O 99 -5.64 44.90 -4.24
C TYR O 99 -5.37 43.53 -4.85
N ALA O 100 -4.25 43.37 -5.55
CA ALA O 100 -3.83 42.07 -6.04
C ALA O 100 -3.07 41.27 -4.98
N GLN O 101 -2.68 41.91 -3.89
CA GLN O 101 -1.83 41.31 -2.86
C GLN O 101 -0.57 40.72 -3.47
N THR O 102 0.11 41.56 -4.24
CA THR O 102 1.38 41.22 -4.83
C THR O 102 2.26 42.45 -4.75
N LYS O 103 3.53 42.27 -5.10
CA LYS O 103 4.43 43.39 -5.29
C LYS O 103 4.27 43.85 -6.74
N GLY O 104 3.64 45.01 -6.92
CA GLY O 104 3.51 45.55 -8.26
C GLY O 104 4.85 45.89 -8.88
N ALA O 105 5.82 46.26 -8.06
CA ALA O 105 7.16 46.56 -8.51
C ALA O 105 8.16 46.14 -7.45
N GLU O 106 9.34 45.73 -7.90
CA GLU O 106 10.43 45.37 -7.00
C GLU O 106 11.72 45.54 -7.76
N MET O 107 12.64 46.32 -7.23
CA MET O 107 13.91 46.54 -7.91
C MET O 107 14.96 46.96 -6.90
N VAL O 108 16.19 46.53 -7.14
CA VAL O 108 17.32 46.95 -6.31
C VAL O 108 17.77 48.32 -6.80
N ILE O 109 17.73 49.31 -5.90
CA ILE O 109 18.07 50.67 -6.27
C ILE O 109 19.47 51.01 -5.77
N TYR O 110 19.93 50.31 -4.74
CA TYR O 110 21.28 50.46 -4.23
C TYR O 110 21.92 49.08 -4.19
N ARG O 111 22.99 48.90 -4.96
CA ARG O 111 23.67 47.62 -4.99
C ARG O 111 24.74 47.58 -3.92
N GLY O 112 24.84 46.45 -3.24
CA GLY O 112 25.81 46.24 -2.18
C GLY O 112 27.12 45.69 -2.70
N LYS O 113 27.78 44.90 -1.86
CA LYS O 113 29.06 44.24 -2.13
C LYS O 113 30.06 45.15 -2.84
N MET P 1 59.04 -1.11 -4.69
CA MET P 1 57.66 -1.02 -4.22
C MET P 1 57.41 0.32 -3.56
N GLN P 2 56.61 1.17 -4.19
CA GLN P 2 56.39 2.53 -3.72
C GLN P 2 54.92 2.80 -3.48
N ASP P 3 54.66 3.76 -2.59
CA ASP P 3 53.31 4.21 -2.33
C ASP P 3 52.74 4.91 -3.54
N TYR P 4 51.41 4.81 -3.72
CA TYR P 4 50.81 5.31 -4.94
C TYR P 4 50.80 6.83 -5.05
N ASN P 5 50.83 7.55 -3.92
CA ASN P 5 50.86 9.01 -3.90
C ASN P 5 49.60 9.60 -4.56
N SER P 6 48.48 9.36 -3.88
CA SER P 6 47.22 10.02 -4.17
C SER P 6 46.49 10.22 -2.85
N SER P 7 45.91 11.40 -2.67
CA SER P 7 45.25 11.68 -1.40
C SER P 7 44.18 12.74 -1.61
N LEU P 8 43.26 12.83 -0.65
CA LEU P 8 42.20 13.82 -0.72
C LEU P 8 42.73 15.23 -0.59
N GLU P 9 43.82 15.41 0.14
CA GLU P 9 44.36 16.75 0.38
C GLU P 9 45.32 17.21 -0.70
N ASP P 10 45.99 16.29 -1.38
CA ASP P 10 46.92 16.65 -2.45
C ASP P 10 46.12 17.01 -3.69
N VAL P 11 46.17 18.29 -4.07
CA VAL P 11 45.40 18.76 -5.22
C VAL P 11 45.87 18.14 -6.52
N ASN P 12 47.12 17.69 -6.59
CA ASN P 12 47.60 17.02 -7.80
C ASN P 12 46.99 15.64 -7.99
N SER P 13 46.26 15.13 -7.00
CA SER P 13 45.61 13.84 -7.14
C SER P 13 44.39 13.91 -8.05
N ARG P 14 43.82 15.10 -8.23
CA ARG P 14 42.61 15.22 -9.05
C ARG P 14 42.94 14.94 -10.51
N LYS P 15 42.04 14.23 -11.17
CA LYS P 15 42.15 13.90 -12.58
C LYS P 15 40.98 14.49 -13.33
N PHE P 16 41.13 14.63 -14.64
CA PHE P 16 40.18 15.38 -15.45
C PHE P 16 39.87 14.63 -16.74
N GLY P 17 39.62 13.33 -16.62
CA GLY P 17 39.17 12.56 -17.76
C GLY P 17 40.30 12.05 -18.64
N THR P 18 39.99 11.87 -19.92
CA THR P 18 40.91 11.24 -20.84
C THR P 18 42.21 12.04 -20.96
N PHE P 19 43.33 11.34 -20.91
CA PHE P 19 44.70 11.84 -21.03
C PHE P 19 45.18 12.59 -19.78
N SER P 20 44.40 12.59 -18.70
CA SER P 20 44.87 13.22 -17.47
C SER P 20 45.87 12.37 -16.71
N TYR P 21 46.02 11.10 -17.08
CA TYR P 21 47.05 10.25 -16.49
C TYR P 21 48.34 10.25 -17.29
N LEU P 22 48.38 10.99 -18.38
CA LEU P 22 49.58 11.23 -19.17
C LEU P 22 50.17 12.58 -18.82
N PRO P 23 51.43 12.83 -19.18
CA PRO P 23 52.00 14.15 -18.95
C PRO P 23 51.19 15.23 -19.66
N ALA P 24 51.21 16.43 -19.09
CA ALA P 24 50.44 17.54 -19.65
C ALA P 24 50.80 17.76 -21.11
N MET P 25 49.78 17.92 -21.94
CA MET P 25 50.00 18.03 -23.38
C MET P 25 50.70 19.33 -23.73
N ASP P 26 51.69 19.24 -24.61
CA ASP P 26 52.35 20.41 -25.15
C ASP P 26 51.59 20.86 -26.40
N ALA P 27 52.04 21.98 -26.99
CA ALA P 27 51.37 22.50 -28.16
C ALA P 27 51.33 21.47 -29.28
N GLU P 28 52.40 20.70 -29.44
CA GLU P 28 52.49 19.74 -30.53
C GLU P 28 51.50 18.60 -30.34
N ARG P 29 51.35 18.10 -29.10
CA ARG P 29 50.40 17.03 -28.84
C ARG P 29 48.96 17.51 -28.98
N ILE P 30 48.69 18.76 -28.61
CA ILE P 30 47.35 19.31 -28.77
C ILE P 30 46.96 19.33 -30.24
N ARG P 31 47.89 19.71 -31.10
CA ARG P 31 47.57 19.84 -32.53
C ARG P 31 47.14 18.52 -33.12
N LYS P 32 47.82 17.42 -32.79
CA LYS P 32 47.40 16.12 -33.33
C LYS P 32 46.03 15.72 -32.81
N GLN P 33 45.70 16.09 -31.57
CA GLN P 33 44.36 15.82 -31.08
C GLN P 33 43.32 16.63 -31.84
N VAL P 34 43.65 17.90 -32.14
CA VAL P 34 42.75 18.69 -32.98
C VAL P 34 42.64 18.08 -34.36
N GLU P 35 43.76 17.63 -34.93
CA GLU P 35 43.73 16.99 -36.23
C GLU P 35 42.88 15.72 -36.22
N TYR P 36 42.97 14.96 -35.13
CA TYR P 36 42.17 13.75 -35.02
C TYR P 36 40.68 14.09 -35.01
N ILE P 37 40.30 15.13 -34.27
CA ILE P 37 38.91 15.54 -34.21
C ILE P 37 38.41 15.94 -35.59
N VAL P 38 39.21 16.73 -36.30
CA VAL P 38 38.83 17.17 -37.65
C VAL P 38 38.74 15.97 -38.59
N SER P 39 39.69 15.05 -38.50
CA SER P 39 39.70 13.89 -39.39
C SER P 39 38.45 13.04 -39.22
N LYS P 40 37.89 13.01 -38.01
CA LYS P 40 36.67 12.25 -37.78
C LYS P 40 35.42 12.98 -38.28
N GLY P 41 35.55 14.22 -38.71
CA GLY P 41 34.39 15.02 -39.05
C GLY P 41 33.64 15.56 -37.86
N TRP P 42 34.23 15.49 -36.66
CA TRP P 42 33.56 16.00 -35.47
C TRP P 42 33.70 17.51 -35.40
N ASN P 43 32.78 18.12 -34.66
CA ASN P 43 32.75 19.57 -34.55
C ASN P 43 33.56 20.00 -33.33
N PRO P 44 34.65 20.73 -33.51
CA PRO P 44 35.46 21.13 -32.36
C PRO P 44 34.73 22.11 -31.46
N ALA P 45 35.03 22.04 -30.17
CA ALA P 45 34.45 22.97 -29.23
C ALA P 45 35.42 23.14 -28.07
N ILE P 46 35.29 24.27 -27.38
CA ILE P 46 36.13 24.60 -26.25
C ILE P 46 35.23 24.86 -25.05
N GLU P 47 35.51 24.18 -23.95
CA GLU P 47 34.90 24.50 -22.67
C GLU P 47 35.96 24.71 -21.62
N HIS P 48 35.58 25.41 -20.57
CA HIS P 48 36.49 25.74 -19.48
C HIS P 48 35.68 25.83 -18.20
N THR P 49 36.37 25.66 -17.08
CA THR P 49 35.72 25.77 -15.79
C THR P 49 36.78 26.03 -14.73
N GLU P 50 36.32 26.59 -13.61
CA GLU P 50 37.20 26.71 -12.46
C GLU P 50 37.54 25.32 -11.96
N PRO P 51 38.78 25.09 -11.52
CA PRO P 51 39.18 23.73 -11.13
C PRO P 51 38.32 23.12 -10.03
N GLU P 52 37.77 23.94 -9.13
CA GLU P 52 36.94 23.40 -8.07
C GLU P 52 35.63 22.83 -8.61
N HIS P 53 35.21 23.29 -9.78
CA HIS P 53 33.94 22.86 -10.37
C HIS P 53 34.15 21.89 -11.53
N ALA P 54 35.32 21.24 -11.59
CA ALA P 54 35.63 20.37 -12.71
C ALA P 54 34.79 19.09 -12.73
N PHE P 55 34.19 18.72 -11.60
CA PHE P 55 33.35 17.53 -11.55
C PHE P 55 32.01 17.73 -12.22
N ASP P 56 31.60 18.98 -12.45
CA ASP P 56 30.25 19.26 -12.95
C ASP P 56 30.06 18.68 -14.34
N HIS P 57 28.82 18.30 -14.63
CA HIS P 57 28.48 17.83 -15.97
C HIS P 57 28.68 18.92 -17.01
N TYR P 58 28.35 20.16 -16.68
CA TYR P 58 28.38 21.26 -17.62
C TYR P 58 29.51 22.22 -17.23
N TRP P 59 30.49 22.35 -18.12
CA TRP P 59 31.48 23.40 -17.99
C TRP P 59 30.97 24.63 -18.73
N TYR P 60 31.72 25.73 -18.64
CA TYR P 60 31.37 26.91 -19.41
C TYR P 60 31.75 26.68 -20.86
N MET P 61 30.81 26.91 -21.77
CA MET P 61 31.14 26.89 -23.18
C MET P 61 31.89 28.16 -23.54
N TRP P 62 33.01 28.00 -24.25
CA TRP P 62 33.73 29.14 -24.80
C TRP P 62 33.11 29.44 -26.17
N LYS P 63 32.27 30.47 -26.21
CA LYS P 63 31.54 30.86 -27.43
C LYS P 63 30.67 29.66 -27.84
N LEU P 64 30.62 29.33 -29.12
CA LEU P 64 29.86 28.22 -29.64
C LEU P 64 30.80 27.18 -30.23
N PRO P 65 30.34 25.92 -30.35
CA PRO P 65 31.15 24.93 -31.05
C PRO P 65 31.45 25.40 -32.47
N MET P 66 32.69 25.18 -32.91
CA MET P 66 33.11 25.59 -34.25
C MET P 66 32.60 24.56 -35.26
N PHE P 67 31.29 24.64 -35.51
CA PHE P 67 30.65 23.67 -36.38
C PHE P 67 31.21 23.72 -37.78
N GLY P 68 31.53 22.55 -38.33
CA GLY P 68 32.07 22.47 -39.67
C GLY P 68 33.44 23.05 -39.85
N GLU P 69 34.14 23.34 -38.76
CA GLU P 69 35.45 23.98 -38.83
C GLU P 69 36.52 22.91 -39.02
N THR P 70 37.31 23.05 -40.09
CA THR P 70 38.37 22.11 -40.39
C THR P 70 39.76 22.75 -40.33
N ASN P 71 39.85 24.04 -40.05
CA ASN P 71 41.14 24.71 -39.96
C ASN P 71 41.72 24.47 -38.57
N VAL P 72 42.78 23.66 -38.50
CA VAL P 72 43.37 23.29 -37.22
C VAL P 72 43.90 24.53 -36.50
N ASP P 73 44.51 25.45 -37.24
CA ASP P 73 45.08 26.64 -36.62
C ASP P 73 43.99 27.52 -36.02
N ALA P 74 42.84 27.62 -36.70
CA ALA P 74 41.73 28.40 -36.14
C ALA P 74 41.24 27.81 -34.84
N ILE P 75 41.13 26.48 -34.77
CA ILE P 75 40.72 25.82 -33.53
C ILE P 75 41.73 26.08 -32.43
N LEU P 76 43.02 25.98 -32.75
CA LEU P 76 44.06 26.17 -31.74
C LEU P 76 44.05 27.59 -31.20
N LYS P 77 43.82 28.58 -32.06
CA LYS P 77 43.79 29.96 -31.59
C LYS P 77 42.57 30.23 -30.72
N GLU P 78 41.46 29.55 -30.99
CA GLU P 78 40.28 29.68 -30.12
C GLU P 78 40.58 29.10 -28.74
N ALA P 79 41.23 27.95 -28.69
CA ALA P 79 41.59 27.37 -27.40
C ALA P 79 42.56 28.26 -26.65
N GLU P 80 43.54 28.83 -27.36
CA GLU P 80 44.47 29.75 -26.72
C GLU P 80 43.77 31.01 -26.22
N ALA P 81 42.81 31.51 -26.99
CA ALA P 81 42.06 32.68 -26.57
C ALA P 81 41.29 32.41 -25.29
N CYS P 82 40.65 31.25 -25.18
CA CYS P 82 39.97 30.88 -23.96
C CYS P 82 40.95 30.79 -22.80
N HIS P 83 42.13 30.23 -23.05
CA HIS P 83 43.14 30.11 -22.00
C HIS P 83 43.59 31.47 -21.51
N LYS P 84 43.81 32.42 -22.42
CA LYS P 84 44.21 33.76 -21.99
C LYS P 84 43.11 34.47 -21.23
N ALA P 85 41.86 34.33 -21.68
CA ALA P 85 40.76 34.99 -21.02
C ALA P 85 40.51 34.45 -19.62
N HIS P 86 40.79 33.15 -19.41
CA HIS P 86 40.57 32.49 -18.13
C HIS P 86 41.81 31.70 -17.76
N PRO P 87 42.89 32.37 -17.37
CA PRO P 87 44.15 31.67 -17.14
C PRO P 87 44.13 30.68 -15.98
N ASN P 88 43.21 30.82 -15.04
CA ASN P 88 43.15 29.92 -13.90
C ASN P 88 42.21 28.74 -14.12
N ASN P 89 41.59 28.63 -15.28
CA ASN P 89 40.59 27.60 -15.53
C ASN P 89 41.21 26.45 -16.33
N HIS P 90 40.69 25.25 -16.07
CA HIS P 90 40.94 24.13 -16.97
C HIS P 90 40.27 24.43 -18.29
N VAL P 91 40.93 24.09 -19.39
CA VAL P 91 40.38 24.29 -20.71
C VAL P 91 40.28 22.94 -21.41
N ARG P 92 39.09 22.62 -21.89
CA ARG P 92 38.81 21.32 -22.49
C ARG P 92 38.62 21.48 -23.99
N LEU P 93 39.19 20.54 -24.74
CA LEU P 93 38.97 20.42 -26.18
C LEU P 93 38.00 19.27 -26.42
N ILE P 94 36.97 19.53 -27.21
CA ILE P 94 35.88 18.59 -27.42
C ILE P 94 35.63 18.41 -28.90
N GLY P 95 35.44 17.17 -29.31
CA GLY P 95 34.93 16.89 -30.64
C GLY P 95 33.51 16.37 -30.56
N TYR P 96 32.54 17.16 -31.00
CA TYR P 96 31.14 16.74 -30.96
C TYR P 96 30.83 15.85 -32.15
N ASP P 97 30.33 14.65 -31.87
CA ASP P 97 29.87 13.72 -32.90
C ASP P 97 28.37 13.89 -33.01
N ASN P 98 27.93 14.65 -34.02
CA ASN P 98 26.51 14.93 -34.15
C ASN P 98 25.71 13.72 -34.61
N TYR P 99 26.35 12.74 -35.26
CA TYR P 99 25.62 11.56 -35.71
C TYR P 99 25.30 10.62 -34.55
N ALA P 100 26.25 10.38 -33.66
CA ALA P 100 25.98 9.62 -32.45
C ALA P 100 25.41 10.49 -31.34
N GLN P 101 25.45 11.80 -31.49
CA GLN P 101 25.04 12.75 -30.45
C GLN P 101 25.79 12.47 -29.15
N THR P 102 27.10 12.40 -29.29
CA THR P 102 27.98 12.22 -28.14
C THR P 102 29.21 13.08 -28.39
N LYS P 103 30.04 13.19 -27.36
CA LYS P 103 31.36 13.79 -27.53
C LYS P 103 32.30 12.68 -27.98
N GLY P 104 32.71 12.73 -29.24
CA GLY P 104 33.66 11.75 -29.73
C GLY P 104 35.00 11.85 -29.03
N ALA P 105 35.36 13.04 -28.58
CA ALA P 105 36.60 13.26 -27.85
C ALA P 105 36.39 14.36 -26.85
N GLU P 106 37.09 14.27 -25.73
CA GLU P 106 37.06 15.29 -24.69
C GLU P 106 38.35 15.17 -23.90
N MET P 107 39.08 16.26 -23.78
CA MET P 107 40.34 16.23 -23.06
C MET P 107 40.69 17.64 -22.59
N VAL P 108 41.30 17.72 -21.41
CA VAL P 108 41.80 18.99 -20.90
C VAL P 108 43.14 19.27 -21.55
N ILE P 109 43.23 20.39 -22.26
CA ILE P 109 44.44 20.73 -22.99
C ILE P 109 45.23 21.79 -22.23
N TYR P 110 44.54 22.57 -21.40
CA TYR P 110 45.18 23.55 -20.54
C TYR P 110 44.73 23.30 -19.11
N ARG P 111 45.66 22.92 -18.26
CA ARG P 111 45.35 22.64 -16.86
C ARG P 111 45.45 23.92 -16.05
N GLY P 112 44.45 24.16 -15.21
CA GLY P 112 44.41 25.30 -14.33
C GLY P 112 45.02 25.00 -12.98
N LYS P 113 44.61 25.79 -11.98
CA LYS P 113 45.02 25.64 -10.59
C LYS P 113 46.53 25.63 -10.42
#